data_7ND1
#
_entry.id   7ND1
#
loop_
_entity.id
_entity.type
_entity.pdbx_description
1 polymer 'E3 ubiquitin-protein ligase RING2'
2 polymer 'Polycomb complex protein BMI-1'
3 non-polymer 'ZINC ION'
4 non-polymer '3-(2-chlorophenyl)-4-ethyl-5-(1~{H}-indol-4-yl)-1~{H}-pyrrole-2-carboxylic acid'
#
loop_
_entity_poly.entity_id
_entity_poly.type
_entity_poly.pdbx_seq_one_letter_code
_entity_poly.pdbx_strand_id
1 'polypeptide(L)'
;GPTQPLSKTWELSLYELQRTPQEAITDGLEIVVSPRSLHSELMCPICLDMLKNTMTTKECLHRFCADCIITALRSGNKEC
PTCRKKLVSKRSLRPDPNFDALISKIYPSMHR
;
A
2 'polypeptide(L)'
;TTRIKITELNPHLMCVLCGGYFIDATTIIECLHSFCKTCIVRYLETSKYCPICDVQVHKTRPLLNIRSDKTLQDIVYKLV
PGLFKNEMKRRRDFYAAHPSA
;
H
#
# COMPACT_ATOMS: atom_id res chain seq x y z
N THR A 9 -8.75 13.68 9.92
CA THR A 9 -8.49 14.68 8.87
C THR A 9 -7.17 14.41 8.18
N TRP A 10 -7.14 14.75 6.89
CA TRP A 10 -6.00 14.55 6.01
C TRP A 10 -5.38 15.89 5.66
N GLU A 11 -5.01 16.66 6.67
CA GLU A 11 -4.40 17.96 6.43
C GLU A 11 -2.93 17.73 6.04
N LEU A 12 -2.47 18.38 4.97
CA LEU A 12 -1.10 18.19 4.48
C LEU A 12 -0.18 19.20 5.16
N SER A 13 0.90 18.69 5.79
CA SER A 13 1.88 19.55 6.45
C SER A 13 2.60 20.40 5.42
N LEU A 14 3.32 21.42 5.89
CA LEU A 14 4.11 22.23 4.97
C LEU A 14 4.97 21.37 4.06
N TYR A 15 5.65 20.37 4.63
CA TYR A 15 6.44 19.48 3.81
C TYR A 15 5.57 18.84 2.73
N GLU A 16 4.49 18.16 3.15
CA GLU A 16 3.63 17.45 2.20
C GLU A 16 3.06 18.40 1.15
N LEU A 17 2.80 19.64 1.53
CA LEU A 17 2.20 20.57 0.59
C LEU A 17 3.10 20.80 -0.60
N GLN A 18 4.39 21.03 -0.37
CA GLN A 18 5.32 21.24 -1.45
C GLN A 18 6.24 20.04 -1.80
N ARG A 19 5.98 18.81 -1.32
CA ARG A 19 6.88 17.70 -1.65
C ARG A 19 6.87 17.43 -3.16
N THR A 20 7.99 16.92 -3.65
CA THR A 20 8.25 16.57 -5.05
C THR A 20 8.20 15.07 -5.26
N PRO A 21 8.08 14.62 -6.50
CA PRO A 21 8.21 13.18 -6.76
C PRO A 21 9.53 12.64 -6.27
N GLN A 22 9.49 11.37 -5.86
CA GLN A 22 10.69 10.55 -5.60
C GLN A 22 10.97 9.78 -6.88
N GLU A 23 11.97 10.24 -7.65
CA GLU A 23 12.24 9.70 -8.98
C GLU A 23 12.50 8.20 -8.94
N ALA A 24 11.88 7.49 -9.87
CA ALA A 24 12.06 6.05 -9.94
C ALA A 24 13.37 5.70 -10.62
N ILE A 25 13.68 4.42 -10.65
CA ILE A 25 14.96 3.92 -11.15
C ILE A 25 14.73 3.15 -12.45
N THR A 26 15.22 3.72 -13.55
CA THR A 26 15.29 3.14 -14.90
C THR A 26 16.64 2.47 -15.19
N ASP A 27 17.59 2.66 -14.29
CA ASP A 27 18.96 2.17 -14.41
C ASP A 27 19.02 0.65 -14.61
N GLY A 28 18.06 -0.12 -14.09
CA GLY A 28 18.16 -1.57 -14.22
C GLY A 28 19.09 -2.20 -13.20
N LEU A 29 19.05 -1.71 -11.98
CA LEU A 29 19.66 -2.40 -10.86
C LEU A 29 18.81 -3.61 -10.51
N GLU A 30 19.42 -4.58 -9.84
CA GLU A 30 18.71 -5.79 -9.41
C GLU A 30 18.78 -5.93 -7.90
N ILE A 31 17.67 -6.27 -7.29
CA ILE A 31 17.61 -6.47 -5.85
C ILE A 31 17.56 -7.97 -5.59
N VAL A 32 18.14 -8.39 -4.46
CA VAL A 32 18.15 -9.79 -4.06
C VAL A 32 17.14 -10.00 -2.93
N VAL A 33 16.34 -11.05 -3.04
CA VAL A 33 15.19 -11.25 -2.16
C VAL A 33 15.04 -12.73 -1.83
N SER A 34 15.23 -13.10 -0.57
CA SER A 34 15.04 -14.44 -0.04
C SER A 34 13.59 -14.67 0.41
N PRO A 35 13.15 -15.93 0.58
CA PRO A 35 11.81 -16.18 1.16
C PRO A 35 11.66 -15.67 2.58
N ARG A 36 12.77 -15.39 3.25
CA ARG A 36 12.80 -14.80 4.58
C ARG A 36 12.73 -13.29 4.53
N SER A 37 13.38 -12.68 3.54
CA SER A 37 13.37 -11.24 3.42
C SER A 37 11.97 -10.76 3.04
N LEU A 38 11.54 -9.65 3.64
CA LEU A 38 10.17 -9.14 3.54
C LEU A 38 9.10 -10.10 4.10
N HIS A 39 9.48 -11.11 4.87
CA HIS A 39 8.48 -12.11 5.22
C HIS A 39 7.44 -11.54 6.17
N SER A 40 7.81 -10.53 6.96
CA SER A 40 6.85 -9.95 7.90
C SER A 40 5.62 -9.41 7.19
N GLU A 41 5.75 -9.04 5.92
CA GLU A 41 4.70 -8.36 5.17
C GLU A 41 3.95 -9.29 4.23
N LEU A 42 4.50 -10.46 3.94
CA LEU A 42 3.96 -11.34 2.93
C LEU A 42 3.32 -12.58 3.50
N MET A 43 3.38 -12.78 4.82
CA MET A 43 2.91 -14.01 5.42
C MET A 43 1.52 -13.75 6.00
N CYS A 44 0.58 -14.58 5.61
CA CYS A 44 -0.71 -14.67 6.26
C CYS A 44 -0.50 -15.10 7.71
N PRO A 45 -0.85 -14.27 8.69
CA PRO A 45 -0.62 -14.67 10.10
C PRO A 45 -1.50 -15.84 10.56
N ILE A 46 -2.26 -16.43 9.63
CA ILE A 46 -3.10 -17.58 9.90
C ILE A 46 -2.23 -18.81 9.61
N CYS A 47 -1.72 -18.89 8.38
CA CYS A 47 -1.03 -20.08 7.91
C CYS A 47 0.48 -19.93 7.72
N LEU A 48 1.04 -18.73 7.90
CA LEU A 48 2.48 -18.55 7.97
C LEU A 48 3.22 -19.15 6.78
N ASP A 49 2.57 -19.20 5.63
CA ASP A 49 3.14 -19.40 4.30
C ASP A 49 2.84 -18.16 3.46
N MET A 50 3.08 -18.28 2.16
CA MET A 50 2.83 -17.17 1.25
C MET A 50 1.35 -16.92 1.03
N LEU A 51 1.00 -15.65 0.91
CA LEU A 51 -0.39 -15.30 0.62
C LEU A 51 -0.80 -15.86 -0.73
N LYS A 52 -1.85 -16.69 -0.71
CA LYS A 52 -2.54 -17.18 -1.90
C LYS A 52 -3.97 -16.66 -1.82
N ASN A 53 -4.49 -16.19 -2.96
CA ASN A 53 -5.80 -15.55 -3.03
C ASN A 53 -6.00 -14.54 -1.89
N THR A 54 -5.40 -13.36 -2.02
CA THR A 54 -5.35 -12.43 -0.91
C THR A 54 -6.69 -11.74 -0.69
N MET A 55 -6.96 -11.41 0.56
CA MET A 55 -8.13 -10.66 0.98
C MET A 55 -7.67 -9.50 1.82
N THR A 56 -8.40 -8.41 1.80
CA THR A 56 -8.03 -7.24 2.58
C THR A 56 -9.25 -6.71 3.30
N THR A 57 -9.07 -6.27 4.55
CA THR A 57 -10.15 -5.65 5.30
C THR A 57 -10.22 -4.18 4.92
N LYS A 58 -11.44 -3.70 4.64
CA LYS A 58 -11.65 -2.33 4.18
C LYS A 58 -11.48 -1.29 5.28
N GLU A 59 -11.61 -1.68 6.53
CA GLU A 59 -11.52 -0.72 7.62
C GLU A 59 -10.09 -0.44 8.03
N CYS A 60 -9.18 -1.36 7.72
CA CYS A 60 -7.82 -1.34 8.23
C CYS A 60 -6.76 -1.82 7.24
N LEU A 61 -7.14 -2.24 6.04
CA LEU A 61 -6.20 -2.61 5.01
C LEU A 61 -5.21 -3.67 5.50
N HIS A 62 -5.76 -4.79 5.92
CA HIS A 62 -4.98 -5.92 6.37
C HIS A 62 -5.24 -7.08 5.43
N ARG A 63 -4.17 -7.76 5.02
CA ARG A 63 -4.25 -8.80 4.00
C ARG A 63 -4.22 -10.19 4.62
N PHE A 64 -5.05 -11.09 4.11
CA PHE A 64 -5.06 -12.48 4.52
C PHE A 64 -5.40 -13.36 3.32
N CYS A 65 -5.27 -14.67 3.50
CA CYS A 65 -5.69 -15.61 2.46
C CYS A 65 -7.20 -15.70 2.39
N ALA A 66 -7.73 -15.77 1.17
CA ALA A 66 -9.16 -15.95 0.96
C ALA A 66 -9.64 -17.23 1.64
N ASP A 67 -8.90 -18.31 1.40
CA ASP A 67 -9.23 -19.59 1.99
C ASP A 67 -8.97 -19.61 3.50
N CYS A 68 -8.01 -18.80 3.97
CA CYS A 68 -7.68 -18.81 5.39
C CYS A 68 -8.60 -17.95 6.24
N ILE A 69 -9.01 -16.78 5.79
CA ILE A 69 -9.77 -15.88 6.67
C ILE A 69 -11.15 -16.40 7.07
N ILE A 70 -11.75 -17.24 6.25
CA ILE A 70 -13.08 -17.76 6.53
C ILE A 70 -13.13 -18.56 7.84
N THR A 71 -12.03 -19.23 8.17
CA THR A 71 -11.98 -20.05 9.37
C THR A 71 -11.62 -19.27 10.64
N ALA A 72 -10.96 -18.10 10.54
CA ALA A 72 -10.62 -17.36 11.75
C ALA A 72 -11.79 -16.54 12.28
N LEU A 73 -12.66 -16.13 11.38
CA LEU A 73 -13.88 -15.47 11.79
C LEU A 73 -14.88 -16.55 12.21
N ARG A 74 -14.70 -17.77 11.67
CA ARG A 74 -15.56 -18.91 12.02
C ARG A 74 -15.38 -19.37 13.46
N SER A 75 -14.30 -18.97 14.14
CA SER A 75 -14.02 -19.45 15.49
C SER A 75 -14.39 -18.41 16.53
N GLY A 76 -15.25 -17.46 16.16
CA GLY A 76 -16.04 -16.72 17.10
C GLY A 76 -15.54 -15.38 17.56
N ASN A 77 -14.60 -14.75 16.86
CA ASN A 77 -14.13 -13.51 17.44
C ASN A 77 -14.59 -12.27 16.67
N LYS A 78 -14.96 -12.42 15.40
CA LYS A 78 -15.47 -11.33 14.53
C LYS A 78 -14.71 -10.01 14.59
N GLU A 79 -13.42 -10.07 14.85
CA GLU A 79 -12.56 -8.90 14.81
C GLU A 79 -11.44 -9.15 13.80
N CYS A 80 -10.66 -8.11 13.51
CA CYS A 80 -9.52 -8.31 12.62
C CYS A 80 -8.37 -9.01 13.35
N PRO A 81 -7.94 -10.19 12.87
CA PRO A 81 -6.91 -10.95 13.61
C PRO A 81 -5.63 -10.17 13.86
N THR A 82 -5.45 -8.99 13.26
CA THR A 82 -4.20 -8.24 13.34
C THR A 82 -4.31 -7.07 14.31
N CYS A 83 -5.28 -6.19 14.12
CA CYS A 83 -5.44 -5.01 14.93
C CYS A 83 -6.59 -5.11 15.91
N ARG A 84 -7.27 -6.26 15.94
CA ARG A 84 -8.27 -6.57 16.94
C ARG A 84 -9.39 -5.52 16.91
N LYS A 85 -9.97 -5.36 15.72
CA LYS A 85 -11.04 -4.39 15.54
C LYS A 85 -12.24 -5.08 14.93
N LYS A 86 -13.45 -4.72 15.42
CA LYS A 86 -14.67 -5.42 15.01
C LYS A 86 -14.83 -5.34 13.53
N LEU A 87 -14.97 -6.48 12.90
CA LEU A 87 -15.13 -6.55 11.47
C LEU A 87 -16.62 -6.53 11.15
N VAL A 88 -17.07 -5.39 10.68
CA VAL A 88 -18.47 -5.17 10.36
C VAL A 88 -18.83 -5.75 8.98
N SER A 89 -20.07 -6.24 8.86
CA SER A 89 -20.62 -6.72 7.60
C SER A 89 -19.81 -7.79 6.92
N LYS A 90 -20.14 -8.01 5.65
CA LYS A 90 -19.44 -8.94 4.79
C LYS A 90 -18.83 -8.20 3.63
N ARG A 91 -19.34 -6.99 3.31
CA ARG A 91 -18.71 -6.19 2.26
C ARG A 91 -17.39 -5.57 2.75
N SER A 92 -17.01 -5.76 4.02
CA SER A 92 -15.68 -5.37 4.46
C SER A 92 -14.59 -6.26 3.91
N LEU A 93 -14.86 -7.24 3.06
CA LEU A 93 -13.78 -8.11 2.58
C LEU A 93 -13.68 -8.08 1.06
N ARG A 94 -12.59 -7.55 0.51
CA ARG A 94 -12.50 -7.58 -0.93
C ARG A 94 -11.28 -8.37 -1.37
N PRO A 95 -11.38 -9.17 -2.42
CA PRO A 95 -10.18 -9.81 -2.96
C PRO A 95 -9.28 -8.74 -3.54
N ASP A 96 -7.96 -8.98 -3.44
CA ASP A 96 -6.96 -7.97 -3.80
C ASP A 96 -6.16 -8.33 -5.04
N PRO A 97 -6.68 -8.10 -6.24
CA PRO A 97 -5.94 -8.52 -7.44
C PRO A 97 -4.65 -7.75 -7.65
N ASN A 98 -4.64 -6.44 -7.36
CA ASN A 98 -3.40 -5.67 -7.50
C ASN A 98 -2.32 -6.18 -6.57
N PHE A 99 -2.69 -6.83 -5.46
CA PHE A 99 -1.72 -7.43 -4.56
C PHE A 99 -1.25 -8.81 -5.00
N ASP A 100 -2.15 -9.66 -5.50
CA ASP A 100 -1.67 -10.91 -6.05
C ASP A 100 -0.84 -10.67 -7.30
N ALA A 101 -1.15 -9.61 -8.05
CA ALA A 101 -0.30 -9.24 -9.17
C ALA A 101 1.16 -9.13 -8.75
N LEU A 102 1.39 -8.77 -7.49
CA LEU A 102 2.72 -8.54 -6.93
C LEU A 102 3.37 -9.83 -6.47
N ILE A 103 2.60 -10.76 -5.91
CA ILE A 103 3.15 -12.04 -5.49
C ILE A 103 3.72 -12.80 -6.68
N SER A 104 3.02 -12.79 -7.81
CA SER A 104 3.42 -13.54 -8.99
C SER A 104 4.80 -13.18 -9.50
N LYS A 105 5.38 -12.09 -9.01
CA LYS A 105 6.72 -11.70 -9.40
C LYS A 105 7.80 -12.34 -8.52
N ILE A 106 7.40 -12.96 -7.42
CA ILE A 106 8.34 -13.41 -6.40
C ILE A 106 8.03 -14.83 -5.99
N TYR A 107 8.22 -15.78 -6.90
CA TYR A 107 7.90 -17.18 -6.60
C TYR A 107 8.59 -17.68 -5.34
N PRO A 108 9.86 -17.29 -5.03
CA PRO A 108 10.42 -17.62 -3.71
C PRO A 108 10.60 -16.39 -2.83
N THR B 1 15.78 -17.82 -3.09
CA THR B 1 16.25 -16.45 -3.31
C THR B 1 16.52 -16.15 -4.78
N THR B 2 16.03 -15.00 -5.25
CA THR B 2 16.23 -14.58 -6.62
C THR B 2 16.67 -13.13 -6.65
N ARG B 3 17.21 -12.74 -7.81
CA ARG B 3 17.57 -11.36 -8.12
C ARG B 3 16.58 -10.88 -9.16
N ILE B 4 16.02 -9.68 -8.98
CA ILE B 4 15.00 -9.20 -9.89
C ILE B 4 15.41 -7.83 -10.42
N LYS B 5 15.26 -7.62 -11.74
CA LYS B 5 15.43 -6.27 -12.27
C LYS B 5 14.28 -5.41 -11.76
N ILE B 6 14.62 -4.24 -11.19
CA ILE B 6 13.66 -3.34 -10.57
C ILE B 6 12.72 -2.70 -11.58
N THR B 7 13.14 -2.64 -12.83
CA THR B 7 12.27 -2.20 -13.89
C THR B 7 11.04 -3.09 -14.01
N GLU B 8 11.12 -4.34 -13.51
CA GLU B 8 10.01 -5.29 -13.43
C GLU B 8 9.03 -4.99 -12.30
N LEU B 9 9.49 -4.34 -11.23
CA LEU B 9 8.65 -4.04 -10.07
C LEU B 9 8.07 -2.64 -10.08
N ASN B 10 8.76 -1.68 -10.69
CA ASN B 10 8.34 -0.28 -10.74
C ASN B 10 6.84 -0.08 -11.03
N PRO B 11 6.21 -0.86 -11.92
CA PRO B 11 4.74 -0.76 -11.97
C PRO B 11 4.06 -0.99 -10.62
N HIS B 12 4.46 -2.01 -9.87
CA HIS B 12 3.77 -2.31 -8.63
C HIS B 12 4.12 -1.37 -7.49
N LEU B 13 5.09 -0.46 -7.69
CA LEU B 13 5.65 0.37 -6.64
C LEU B 13 5.58 1.87 -6.96
N MET B 14 4.73 2.28 -7.89
CA MET B 14 4.76 3.66 -8.36
C MET B 14 3.35 4.25 -8.39
N CYS B 15 3.29 5.54 -8.06
CA CYS B 15 2.09 6.37 -8.05
C CYS B 15 1.83 6.92 -9.45
N VAL B 16 0.64 6.69 -9.98
CA VAL B 16 0.34 7.12 -11.34
C VAL B 16 0.21 8.63 -11.46
N LEU B 17 0.04 9.36 -10.37
CA LEU B 17 0.03 10.81 -10.45
C LEU B 17 1.44 11.37 -10.37
N CYS B 18 2.26 10.84 -9.48
CA CYS B 18 3.59 11.34 -9.18
C CYS B 18 4.67 10.87 -10.14
N GLY B 19 4.40 9.80 -10.90
CA GLY B 19 5.35 9.19 -11.80
C GLY B 19 6.55 8.59 -11.09
N GLY B 20 6.48 8.52 -9.77
CA GLY B 20 7.58 8.04 -8.98
C GLY B 20 7.04 7.11 -7.91
N TYR B 21 7.94 6.65 -7.05
CA TYR B 21 7.60 5.70 -6.00
C TYR B 21 6.60 6.26 -4.99
N PHE B 22 5.90 5.35 -4.34
CA PHE B 22 4.95 5.72 -3.31
C PHE B 22 5.68 6.32 -2.12
N ILE B 23 5.25 7.48 -1.68
CA ILE B 23 5.69 8.02 -0.41
C ILE B 23 4.44 8.29 0.42
N ASP B 24 4.42 7.77 1.65
CA ASP B 24 3.22 7.75 2.48
C ASP B 24 2.06 7.12 1.71
N ALA B 25 2.23 5.85 1.33
CA ALA B 25 1.27 5.17 0.48
C ALA B 25 -0.14 5.14 1.07
N THR B 26 -1.13 5.43 0.22
CA THR B 26 -2.55 5.54 0.61
C THR B 26 -3.41 4.79 -0.40
N THR B 27 -4.50 4.20 0.11
CA THR B 27 -5.31 3.22 -0.61
C THR B 27 -6.78 3.57 -0.55
N ILE B 28 -7.46 3.52 -1.69
CA ILE B 28 -8.93 3.58 -1.74
C ILE B 28 -9.48 2.22 -1.32
N ILE B 29 -10.27 2.18 -0.24
CA ILE B 29 -10.71 0.91 0.30
C ILE B 29 -11.87 0.28 -0.47
N GLU B 30 -12.21 0.83 -1.64
CA GLU B 30 -13.20 0.20 -2.50
C GLU B 30 -12.58 -0.68 -3.59
N CYS B 31 -11.67 -0.11 -4.37
CA CYS B 31 -11.02 -0.77 -5.51
C CYS B 31 -9.62 -1.23 -5.21
N LEU B 32 -9.08 -0.90 -4.04
CA LEU B 32 -7.71 -1.25 -3.67
C LEU B 32 -6.71 -0.70 -4.68
N HIS B 33 -6.91 0.55 -5.04
CA HIS B 33 -5.90 1.27 -5.79
C HIS B 33 -5.16 2.18 -4.84
N SER B 34 -3.91 2.48 -5.18
CA SER B 34 -3.03 3.13 -4.24
C SER B 34 -2.19 4.22 -4.90
N PHE B 35 -1.93 5.27 -4.13
CA PHE B 35 -1.27 6.48 -4.57
C PHE B 35 -0.56 7.05 -3.35
N CYS B 36 0.37 7.96 -3.59
CA CYS B 36 0.99 8.70 -2.50
C CYS B 36 -0.07 9.42 -1.71
N LYS B 37 0.17 9.59 -0.41
CA LYS B 37 -0.80 10.27 0.45
C LYS B 37 -1.16 11.64 -0.12
N THR B 38 -0.15 12.42 -0.53
CA THR B 38 -0.41 13.78 -1.01
C THR B 38 -1.04 13.77 -2.38
N CYS B 39 -0.70 12.79 -3.21
CA CYS B 39 -1.18 12.78 -4.58
C CYS B 39 -2.69 12.62 -4.61
N ILE B 40 -3.21 11.66 -3.85
CA ILE B 40 -4.62 11.35 -3.89
C ILE B 40 -5.44 12.39 -3.11
N VAL B 41 -4.87 12.97 -2.05
CA VAL B 41 -5.61 13.99 -1.34
C VAL B 41 -5.86 15.18 -2.25
N ARG B 42 -4.83 15.61 -2.97
CA ARG B 42 -5.07 16.70 -3.93
C ARG B 42 -6.01 16.25 -5.03
N TYR B 43 -5.89 15.02 -5.49
CA TYR B 43 -6.82 14.54 -6.52
C TYR B 43 -8.24 14.59 -6.00
N LEU B 44 -8.49 14.01 -4.84
CA LEU B 44 -9.87 13.94 -4.34
C LEU B 44 -10.43 15.30 -3.99
N GLU B 45 -9.62 16.36 -4.07
CA GLU B 45 -10.16 17.70 -3.90
C GLU B 45 -11.02 18.13 -5.09
N THR B 46 -11.01 17.36 -6.18
CA THR B 46 -11.69 17.71 -7.41
C THR B 46 -12.43 16.52 -8.05
N SER B 47 -12.30 15.32 -7.51
CA SER B 47 -13.05 14.19 -8.03
C SER B 47 -13.45 13.27 -6.89
N LYS B 48 -14.64 12.68 -7.00
CA LYS B 48 -15.07 11.65 -6.07
C LYS B 48 -14.93 10.25 -6.65
N TYR B 49 -14.10 10.10 -7.70
CA TYR B 49 -13.92 8.87 -8.45
C TYR B 49 -12.42 8.54 -8.60
N CYS B 50 -12.09 7.22 -8.62
CA CYS B 50 -10.71 6.76 -8.71
C CYS B 50 -10.01 7.26 -9.97
N PRO B 51 -8.77 7.70 -9.87
CA PRO B 51 -8.05 8.15 -11.07
C PRO B 51 -7.83 7.06 -12.10
N ILE B 52 -7.85 5.79 -11.70
CA ILE B 52 -7.50 4.72 -12.62
C ILE B 52 -8.74 3.91 -12.96
N CYS B 53 -9.28 3.16 -11.99
CA CYS B 53 -10.40 2.33 -12.38
C CYS B 53 -11.63 3.17 -12.68
N ASP B 54 -11.76 4.35 -12.05
CA ASP B 54 -12.85 5.32 -12.27
C ASP B 54 -14.13 4.98 -11.48
N VAL B 55 -14.04 4.23 -10.36
CA VAL B 55 -15.18 4.05 -9.45
C VAL B 55 -15.43 5.30 -8.62
N GLN B 56 -16.68 5.41 -8.10
CA GLN B 56 -17.06 6.48 -7.18
C GLN B 56 -16.60 6.13 -5.77
N VAL B 57 -15.72 6.98 -5.20
CA VAL B 57 -15.13 6.76 -3.87
C VAL B 57 -16.17 6.99 -2.79
N HIS B 58 -17.10 7.90 -3.05
CA HIS B 58 -18.15 8.28 -2.13
C HIS B 58 -19.08 9.22 -2.90
N LYS B 59 -20.35 9.31 -2.49
CA LYS B 59 -21.19 10.33 -3.13
C LYS B 59 -20.76 11.72 -2.71
N THR B 60 -20.27 11.88 -1.46
CA THR B 60 -20.11 13.19 -0.84
C THR B 60 -18.70 13.47 -0.27
N ARG B 61 -18.20 12.64 0.63
CA ARG B 61 -16.91 12.86 1.28
C ARG B 61 -15.92 11.80 0.84
N PRO B 62 -15.17 12.02 -0.24
CA PRO B 62 -14.29 10.95 -0.72
C PRO B 62 -13.24 10.51 0.30
N LEU B 63 -12.67 11.45 1.07
CA LEU B 63 -11.62 11.11 2.05
C LEU B 63 -12.10 10.09 3.06
N LEU B 64 -13.41 9.84 3.10
CA LEU B 64 -13.97 8.89 4.05
C LEU B 64 -13.54 7.47 3.75
N ASN B 65 -13.21 7.20 2.48
CA ASN B 65 -13.00 5.82 2.05
C ASN B 65 -11.61 5.59 1.48
N ILE B 66 -10.61 6.17 2.12
CA ILE B 66 -9.20 5.94 1.80
C ILE B 66 -8.46 5.75 3.13
N ARG B 67 -7.48 4.84 3.13
CA ARG B 67 -6.69 4.57 4.32
C ARG B 67 -5.20 4.55 3.98
N SER B 68 -4.36 4.90 4.96
CA SER B 68 -2.93 4.61 4.83
C SER B 68 -2.72 3.13 4.56
N ASP B 69 -1.75 2.82 3.72
CA ASP B 69 -1.32 1.46 3.45
C ASP B 69 0.12 1.36 3.91
N LYS B 70 0.30 1.13 5.21
CA LYS B 70 1.65 0.97 5.69
C LYS B 70 2.22 -0.36 5.22
N THR B 71 1.37 -1.39 5.11
CA THR B 71 1.84 -2.67 4.58
C THR B 71 2.45 -2.48 3.21
N LEU B 72 1.79 -1.70 2.36
CA LEU B 72 2.33 -1.46 1.03
C LEU B 72 3.55 -0.55 1.06
N GLN B 73 3.51 0.53 1.86
CA GLN B 73 4.65 1.46 1.92
C GLN B 73 5.91 0.78 2.45
N ASP B 74 5.76 -0.21 3.30
CA ASP B 74 6.94 -0.87 3.85
C ASP B 74 7.60 -1.73 2.79
N ILE B 75 6.80 -2.38 1.94
CA ILE B 75 7.33 -3.17 0.84
C ILE B 75 8.15 -2.29 -0.11
N VAL B 76 7.72 -1.05 -0.30
CA VAL B 76 8.46 -0.14 -1.16
C VAL B 76 9.79 0.23 -0.53
N TYR B 77 9.77 0.64 0.74
CA TYR B 77 10.98 1.09 1.41
C TYR B 77 12.03 -0.01 1.48
N LYS B 78 11.58 -1.27 1.52
CA LYS B 78 12.45 -2.43 1.59
C LYS B 78 13.02 -2.83 0.23
N LEU B 79 12.21 -2.80 -0.82
CA LEU B 79 12.70 -3.19 -2.14
C LEU B 79 13.57 -2.12 -2.78
N VAL B 80 13.27 -0.86 -2.52
CA VAL B 80 13.90 0.27 -3.21
C VAL B 80 15.06 0.76 -2.34
N PRO B 81 16.30 0.57 -2.77
CA PRO B 81 17.44 0.85 -1.87
C PRO B 81 17.58 2.31 -1.55
N GLY B 82 17.64 2.63 -0.26
CA GLY B 82 17.89 3.99 0.16
C GLY B 82 16.78 4.95 -0.15
N LEU B 83 15.61 4.46 -0.52
CA LEU B 83 14.48 5.34 -0.73
C LEU B 83 14.06 5.99 0.58
N PHE B 84 14.00 5.17 1.64
CA PHE B 84 13.68 5.69 2.97
C PHE B 84 14.75 6.67 3.46
N LYS B 85 16.05 6.37 3.29
CA LYS B 85 17.05 7.39 3.60
C LYS B 85 16.74 8.67 2.86
N ASN B 86 16.51 8.55 1.55
CA ASN B 86 16.35 9.73 0.71
C ASN B 86 15.15 10.53 1.13
N GLU B 87 14.03 9.85 1.38
CA GLU B 87 12.81 10.56 1.71
C GLU B 87 12.90 11.18 3.09
N MET B 88 13.48 10.47 4.06
CA MET B 88 13.63 11.05 5.38
C MET B 88 14.58 12.23 5.34
N LYS B 89 15.69 12.10 4.61
CA LYS B 89 16.61 13.21 4.55
C LYS B 89 15.95 14.43 3.95
N ARG B 90 15.11 14.25 2.92
CA ARG B 90 14.37 15.36 2.32
C ARG B 90 13.55 16.13 3.34
N ARG B 91 12.91 15.42 4.28
CA ARG B 91 12.04 16.07 5.25
C ARG B 91 12.83 16.85 6.30
N ARG B 92 13.94 16.27 6.81
CA ARG B 92 14.80 17.03 7.71
C ARG B 92 15.28 18.31 7.05
N ASP B 93 15.81 18.18 5.82
CA ASP B 93 16.33 19.35 5.11
C ASP B 93 15.28 20.44 5.09
N PHE B 94 14.03 20.04 4.87
CA PHE B 94 12.97 21.03 4.76
C PHE B 94 12.81 21.76 6.09
N TYR B 95 12.63 21.01 7.17
CA TYR B 95 12.40 21.63 8.47
C TYR B 95 13.64 22.28 9.04
N ALA B 96 14.81 22.02 8.44
CA ALA B 96 15.99 22.80 8.76
C ALA B 96 15.94 24.17 8.12
N ALA B 97 15.14 24.33 7.08
CA ALA B 97 14.96 25.61 6.41
C ALA B 97 13.67 26.32 6.79
N HIS B 98 12.76 25.65 7.50
CA HIS B 98 11.47 26.23 7.84
C HIS B 98 11.07 25.86 9.26
N PRO B 99 11.71 26.47 10.27
CA PRO B 99 11.29 26.30 11.68
C PRO B 99 10.39 27.41 12.23
N THR A 9 -8.49 14.40 9.21
CA THR A 9 -8.17 15.34 8.13
C THR A 9 -6.85 15.00 7.48
N TRP A 10 -6.78 15.31 6.19
CA TRP A 10 -5.64 15.03 5.33
C TRP A 10 -4.95 16.33 4.94
N GLU A 11 -4.60 17.13 5.94
CA GLU A 11 -3.93 18.40 5.66
C GLU A 11 -2.46 18.11 5.32
N LEU A 12 -1.97 18.71 4.23
CA LEU A 12 -0.60 18.47 3.79
C LEU A 12 0.36 19.46 4.45
N SER A 13 1.39 18.94 5.12
CA SER A 13 2.39 19.80 5.77
C SER A 13 3.15 20.59 4.72
N LEU A 14 3.90 21.60 5.18
CA LEU A 14 4.73 22.36 4.24
C LEU A 14 5.58 21.44 3.38
N TYR A 15 6.21 20.44 4.01
CA TYR A 15 7.01 19.49 3.24
C TYR A 15 6.13 18.84 2.16
N GLU A 16 5.02 18.22 2.59
CA GLU A 16 4.17 17.50 1.64
C GLU A 16 3.65 18.41 0.55
N LEU A 17 3.41 19.68 0.88
CA LEU A 17 2.86 20.58 -0.11
C LEU A 17 3.80 20.74 -1.30
N GLN A 18 5.09 20.95 -1.04
CA GLN A 18 6.06 21.09 -2.11
C GLN A 18 6.94 19.85 -2.39
N ARG A 19 6.63 18.65 -1.87
CA ARG A 19 7.50 17.50 -2.14
C ARG A 19 7.52 17.18 -3.64
N THR A 20 8.64 16.62 -4.09
CA THR A 20 8.90 16.20 -5.46
C THR A 20 8.82 14.69 -5.61
N PRO A 21 8.72 14.20 -6.84
CA PRO A 21 8.80 12.76 -7.05
C PRO A 21 10.10 12.19 -6.51
N GLN A 22 10.02 10.94 -6.05
CA GLN A 22 11.17 10.09 -5.73
C GLN A 22 11.46 9.26 -6.98
N GLU A 23 12.49 9.66 -7.73
CA GLU A 23 12.78 9.07 -9.04
C GLU A 23 12.97 7.57 -8.94
N ALA A 24 12.36 6.84 -9.85
CA ALA A 24 12.49 5.40 -9.88
C ALA A 24 13.82 4.99 -10.52
N ILE A 25 14.08 3.69 -10.48
CA ILE A 25 15.35 3.13 -10.93
C ILE A 25 15.12 2.32 -12.21
N THR A 26 15.67 2.84 -13.33
CA THR A 26 15.74 2.20 -14.64
C THR A 26 17.08 1.49 -14.89
N ASP A 27 18.02 1.68 -13.96
CA ASP A 27 19.36 1.13 -14.04
C ASP A 27 19.39 -0.40 -14.18
N GLY A 28 18.39 -1.11 -13.66
CA GLY A 28 18.45 -2.56 -13.73
C GLY A 28 19.33 -3.18 -12.67
N LEU A 29 19.28 -2.65 -11.46
CA LEU A 29 19.85 -3.32 -10.31
C LEU A 29 18.96 -4.48 -9.92
N GLU A 30 19.52 -5.45 -9.21
CA GLU A 30 18.77 -6.61 -8.76
C GLU A 30 18.80 -6.70 -7.23
N ILE A 31 17.66 -7.00 -6.64
CA ILE A 31 17.57 -7.13 -5.19
C ILE A 31 17.46 -8.61 -4.88
N VAL A 32 18.00 -9.01 -3.72
CA VAL A 32 17.96 -10.40 -3.27
C VAL A 32 16.93 -10.53 -2.16
N VAL A 33 16.09 -11.56 -2.26
CA VAL A 33 14.91 -11.69 -1.39
C VAL A 33 14.72 -13.15 -1.02
N SER A 34 14.86 -13.48 0.27
CA SER A 34 14.62 -14.78 0.85
C SER A 34 13.15 -14.95 1.26
N PRO A 35 12.67 -16.20 1.47
CA PRO A 35 11.31 -16.39 2.03
C PRO A 35 11.15 -15.82 3.43
N ARG A 36 12.24 -15.54 4.11
CA ARG A 36 12.28 -14.91 5.42
C ARG A 36 12.25 -13.40 5.32
N SER A 37 12.95 -12.85 4.32
CA SER A 37 12.98 -11.41 4.13
C SER A 37 11.61 -10.91 3.70
N LEU A 38 11.19 -9.76 4.26
CA LEU A 38 9.84 -9.22 4.11
C LEU A 38 8.74 -10.12 4.68
N HIS A 39 9.06 -11.11 5.50
CA HIS A 39 8.03 -12.07 5.86
C HIS A 39 6.98 -11.43 6.76
N SER A 40 7.37 -10.41 7.52
CA SER A 40 6.41 -9.76 8.42
C SER A 40 5.21 -9.21 7.66
N GLU A 41 5.38 -8.89 6.38
CA GLU A 41 4.37 -8.20 5.58
C GLU A 41 3.61 -9.14 4.66
N LEU A 42 4.13 -10.35 4.43
CA LEU A 42 3.59 -11.24 3.44
C LEU A 42 2.88 -12.45 4.04
N MET A 43 2.92 -12.59 5.36
CA MET A 43 2.39 -13.79 6.00
C MET A 43 1.00 -13.47 6.54
N CYS A 44 0.04 -14.28 6.15
CA CYS A 44 -1.26 -14.31 6.78
C CYS A 44 -1.09 -14.68 8.24
N PRO A 45 -1.44 -13.82 9.20
CA PRO A 45 -1.26 -14.16 10.62
C PRO A 45 -2.18 -15.28 11.10
N ILE A 46 -2.94 -15.88 10.18
CA ILE A 46 -3.81 -17.00 10.47
C ILE A 46 -2.98 -18.26 10.25
N CYS A 47 -2.44 -18.41 9.03
CA CYS A 47 -1.78 -19.64 8.62
C CYS A 47 -0.27 -19.54 8.47
N LEU A 48 0.31 -18.36 8.61
CA LEU A 48 1.77 -18.21 8.71
C LEU A 48 2.52 -18.88 7.56
N ASP A 49 1.89 -18.95 6.40
CA ASP A 49 2.48 -19.23 5.09
C ASP A 49 2.24 -18.01 4.19
N MET A 50 2.51 -18.18 2.91
CA MET A 50 2.31 -17.09 1.95
C MET A 50 0.84 -16.82 1.69
N LEU A 51 0.53 -15.54 1.51
CA LEU A 51 -0.84 -15.16 1.18
C LEU A 51 -1.24 -15.76 -0.16
N LYS A 52 -2.32 -16.55 -0.13
CA LYS A 52 -2.99 -17.06 -1.32
C LYS A 52 -4.40 -16.50 -1.30
N ASN A 53 -4.88 -16.06 -2.46
CA ASN A 53 -6.18 -15.38 -2.58
C ASN A 53 -6.36 -14.33 -1.48
N THR A 54 -5.73 -13.17 -1.64
CA THR A 54 -5.66 -12.20 -0.57
C THR A 54 -7.00 -11.46 -0.42
N MET A 55 -7.28 -11.08 0.82
CA MET A 55 -8.44 -10.27 1.19
C MET A 55 -7.96 -9.11 2.03
N THR A 56 -8.66 -8.00 1.96
CA THR A 56 -8.27 -6.83 2.74
C THR A 56 -9.50 -6.25 3.41
N THR A 57 -9.33 -5.80 4.66
CA THR A 57 -10.41 -5.13 5.36
C THR A 57 -10.42 -3.66 4.96
N LYS A 58 -11.61 -3.14 4.64
CA LYS A 58 -11.76 -1.78 4.14
C LYS A 58 -11.59 -0.73 5.22
N GLU A 59 -11.78 -1.08 6.48
CA GLU A 59 -11.69 -0.11 7.56
C GLU A 59 -10.26 0.12 8.01
N CYS A 60 -9.38 -0.84 7.74
CA CYS A 60 -8.03 -0.85 8.31
C CYS A 60 -6.96 -1.37 7.35
N LEU A 61 -7.32 -1.81 6.15
CA LEU A 61 -6.35 -2.23 5.15
C LEU A 61 -5.42 -3.31 5.69
N HIS A 62 -6.02 -4.41 6.11
CA HIS A 62 -5.29 -5.55 6.60
C HIS A 62 -5.56 -6.72 5.67
N ARG A 63 -4.51 -7.44 5.31
CA ARG A 63 -4.60 -8.50 4.30
C ARG A 63 -4.62 -9.88 4.95
N PHE A 64 -5.48 -10.75 4.42
CA PHE A 64 -5.54 -12.15 4.85
C PHE A 64 -5.87 -13.03 3.65
N CYS A 65 -5.80 -14.34 3.86
CA CYS A 65 -6.21 -15.27 2.83
C CYS A 65 -7.73 -15.32 2.71
N ALA A 66 -8.23 -15.40 1.49
CA ALA A 66 -9.65 -15.53 1.23
C ALA A 66 -10.19 -16.77 1.92
N ASP A 67 -9.49 -17.88 1.74
CA ASP A 67 -9.89 -19.14 2.35
C ASP A 67 -9.68 -19.11 3.86
N CYS A 68 -8.69 -18.33 4.34
CA CYS A 68 -8.41 -18.32 5.78
C CYS A 68 -9.30 -17.37 6.56
N ILE A 69 -9.62 -16.20 6.06
CA ILE A 69 -10.34 -15.23 6.89
C ILE A 69 -11.79 -15.63 7.21
N ILE A 70 -12.43 -16.37 6.33
CA ILE A 70 -13.82 -16.77 6.55
C ILE A 70 -13.98 -17.71 7.74
N THR A 71 -12.95 -18.49 8.02
CA THR A 71 -13.00 -19.47 9.11
C THR A 71 -12.65 -18.87 10.48
N ALA A 72 -11.90 -17.76 10.55
CA ALA A 72 -11.55 -17.19 11.85
C ALA A 72 -12.69 -16.36 12.43
N LEU A 73 -13.49 -15.78 11.57
CA LEU A 73 -14.68 -15.09 12.02
C LEU A 73 -15.77 -16.13 12.27
N ARG A 74 -15.53 -17.36 11.75
CA ARG A 74 -16.47 -18.47 11.92
C ARG A 74 -16.59 -18.93 13.37
N SER A 75 -15.64 -18.55 14.25
CA SER A 75 -15.63 -19.03 15.62
C SER A 75 -16.17 -17.97 16.58
N GLY A 76 -16.90 -17.01 16.04
CA GLY A 76 -17.84 -16.23 16.83
C GLY A 76 -17.39 -14.91 17.37
N ASN A 77 -16.31 -14.32 16.86
CA ASN A 77 -15.92 -13.09 17.53
C ASN A 77 -16.17 -11.84 16.69
N LYS A 78 -16.30 -11.99 15.36
CA LYS A 78 -16.61 -10.88 14.41
C LYS A 78 -15.76 -9.61 14.56
N GLU A 79 -14.50 -9.78 14.87
CA GLU A 79 -13.54 -8.69 14.90
C GLU A 79 -12.39 -9.01 13.96
N CYS A 80 -11.51 -8.03 13.74
CA CYS A 80 -10.34 -8.30 12.90
C CYS A 80 -9.30 -9.09 13.67
N PRO A 81 -8.93 -10.29 13.20
CA PRO A 81 -8.01 -11.15 13.97
C PRO A 81 -6.69 -10.48 14.31
N THR A 82 -6.39 -9.31 13.74
CA THR A 82 -5.09 -8.66 13.90
C THR A 82 -5.16 -7.51 14.90
N CYS A 83 -6.05 -6.55 14.66
CA CYS A 83 -6.16 -5.37 15.50
C CYS A 83 -7.37 -5.40 16.41
N ARG A 84 -8.13 -6.50 16.37
CA ARG A 84 -9.21 -6.75 17.32
C ARG A 84 -10.23 -5.61 17.25
N LYS A 85 -10.73 -5.39 16.04
CA LYS A 85 -11.71 -4.33 15.81
C LYS A 85 -12.95 -4.91 15.13
N LYS A 86 -14.13 -4.46 15.55
CA LYS A 86 -15.38 -5.05 15.07
C LYS A 86 -15.46 -4.94 13.58
N LEU A 87 -15.64 -6.07 12.92
CA LEU A 87 -15.73 -6.10 11.49
C LEU A 87 -17.20 -6.01 11.09
N VAL A 88 -17.56 -4.88 10.49
CA VAL A 88 -18.93 -4.62 10.10
C VAL A 88 -19.21 -5.18 8.69
N SER A 89 -20.42 -5.71 8.50
CA SER A 89 -20.88 -6.19 7.20
C SER A 89 -20.03 -7.28 6.58
N LYS A 90 -20.33 -7.49 5.29
CA LYS A 90 -19.63 -8.43 4.46
C LYS A 90 -18.98 -7.68 3.30
N ARG A 91 -19.53 -6.50 2.93
CA ARG A 91 -18.88 -5.73 1.88
C ARG A 91 -17.60 -5.06 2.40
N SER A 92 -17.27 -5.22 3.70
CA SER A 92 -15.95 -4.77 4.17
C SER A 92 -14.83 -5.66 3.69
N LEU A 93 -15.05 -6.65 2.86
CA LEU A 93 -13.94 -7.50 2.43
C LEU A 93 -13.83 -7.58 0.92
N ARG A 94 -12.69 -7.17 0.35
CA ARG A 94 -12.61 -7.28 -1.09
C ARG A 94 -11.42 -8.17 -1.47
N PRO A 95 -11.58 -9.02 -2.47
CA PRO A 95 -10.42 -9.76 -2.97
C PRO A 95 -9.45 -8.78 -3.60
N ASP A 96 -8.15 -9.09 -3.49
CA ASP A 96 -7.09 -8.16 -3.88
C ASP A 96 -6.30 -8.65 -5.09
N PRO A 97 -6.81 -8.46 -6.31
CA PRO A 97 -6.09 -9.00 -7.47
C PRO A 97 -4.75 -8.31 -7.72
N ASN A 98 -4.67 -6.99 -7.52
CA ASN A 98 -3.39 -6.31 -7.69
C ASN A 98 -2.34 -6.82 -6.73
N PHE A 99 -2.74 -7.38 -5.58
CA PHE A 99 -1.81 -7.98 -4.63
C PHE A 99 -1.43 -9.41 -5.00
N ASP A 100 -2.38 -10.23 -5.43
CA ASP A 100 -1.97 -11.54 -5.91
C ASP A 100 -1.12 -11.42 -7.16
N ALA A 101 -1.36 -10.40 -7.98
CA ALA A 101 -0.49 -10.13 -9.12
C ALA A 101 0.97 -10.08 -8.69
N LEU A 102 1.22 -9.66 -7.45
CA LEU A 102 2.55 -9.48 -6.89
C LEU A 102 3.15 -10.78 -6.35
N ILE A 103 2.31 -11.63 -5.75
CA ILE A 103 2.77 -12.91 -5.25
C ILE A 103 3.31 -13.78 -6.39
N SER A 104 2.61 -13.78 -7.52
CA SER A 104 2.97 -14.63 -8.66
C SER A 104 4.37 -14.39 -9.17
N LYS A 105 5.02 -13.30 -8.74
CA LYS A 105 6.39 -13.01 -9.14
C LYS A 105 7.41 -13.66 -8.22
N ILE A 106 6.98 -14.19 -7.08
CA ILE A 106 7.89 -14.63 -6.03
C ILE A 106 7.49 -16.01 -5.54
N TYR A 107 7.63 -17.02 -6.39
CA TYR A 107 7.23 -18.36 -6.01
C TYR A 107 7.88 -18.83 -4.71
N PRO A 108 9.16 -18.51 -4.42
CA PRO A 108 9.70 -18.78 -3.08
C PRO A 108 9.95 -17.51 -2.27
N THR B 1 15.37 -18.24 -1.93
CA THR B 1 15.87 -16.90 -2.20
C THR B 1 16.18 -16.67 -3.68
N THR B 2 15.74 -15.52 -4.19
CA THR B 2 15.97 -15.17 -5.59
C THR B 2 16.46 -13.73 -5.67
N ARG B 3 17.02 -13.42 -6.83
CA ARG B 3 17.43 -12.07 -7.19
C ARG B 3 16.46 -11.60 -8.27
N ILE B 4 15.95 -10.39 -8.15
CA ILE B 4 14.95 -9.91 -9.11
C ILE B 4 15.41 -8.58 -9.69
N LYS B 5 15.30 -8.42 -11.01
CA LYS B 5 15.52 -7.10 -11.60
C LYS B 5 14.38 -6.19 -11.14
N ILE B 6 14.75 -5.00 -10.62
CA ILE B 6 13.80 -4.04 -10.05
C ILE B 6 12.91 -3.42 -11.11
N THR B 7 13.36 -3.43 -12.35
CA THR B 7 12.52 -3.01 -13.45
C THR B 7 11.25 -3.87 -13.55
N GLU B 8 11.28 -5.10 -13.00
CA GLU B 8 10.15 -6.01 -12.90
C GLU B 8 9.16 -5.63 -11.80
N LEU B 9 9.62 -4.95 -10.75
CA LEU B 9 8.76 -4.58 -9.62
C LEU B 9 8.23 -3.16 -9.71
N ASN B 10 8.96 -2.25 -10.35
CA ASN B 10 8.57 -0.85 -10.46
C ASN B 10 7.10 -0.62 -10.78
N PRO B 11 6.45 -1.41 -11.65
CA PRO B 11 4.99 -1.27 -11.74
C PRO B 11 4.29 -1.43 -10.39
N HIS B 12 4.64 -2.42 -9.59
CA HIS B 12 3.92 -2.64 -8.34
C HIS B 12 4.28 -1.67 -7.24
N LEU B 13 5.27 -0.80 -7.48
CA LEU B 13 5.84 0.06 -6.44
C LEU B 13 5.82 1.54 -6.82
N MET B 14 5.00 1.95 -7.79
CA MET B 14 5.08 3.30 -8.32
C MET B 14 3.69 3.92 -8.40
N CYS B 15 3.66 5.22 -8.12
CA CYS B 15 2.49 6.09 -8.18
C CYS B 15 2.27 6.59 -9.60
N VAL B 16 1.08 6.37 -10.14
CA VAL B 16 0.82 6.75 -11.52
C VAL B 16 0.73 8.26 -11.72
N LEU B 17 0.56 9.04 -10.66
CA LEU B 17 0.60 10.47 -10.80
C LEU B 17 2.03 11.00 -10.72
N CYS B 18 2.81 10.49 -9.78
CA CYS B 18 4.15 10.97 -9.48
C CYS B 18 5.22 10.42 -10.41
N GLY B 19 4.95 9.33 -11.13
CA GLY B 19 5.90 8.65 -11.98
C GLY B 19 7.06 8.05 -11.22
N GLY B 20 6.96 8.04 -9.90
CA GLY B 20 8.03 7.56 -9.07
C GLY B 20 7.46 6.70 -7.97
N TYR B 21 8.33 6.25 -7.07
CA TYR B 21 7.94 5.35 -6.00
C TYR B 21 6.93 5.99 -5.03
N PHE B 22 6.20 5.12 -4.34
CA PHE B 22 5.25 5.57 -3.36
C PHE B 22 5.97 6.19 -2.18
N ILE B 23 5.56 7.39 -1.80
CA ILE B 23 6.00 7.96 -0.54
C ILE B 23 4.75 8.31 0.24
N ASP B 24 4.69 7.85 1.49
CA ASP B 24 3.48 7.89 2.30
C ASP B 24 2.30 7.26 1.54
N ALA B 25 2.44 5.97 1.22
CA ALA B 25 1.47 5.28 0.38
C ALA B 25 0.06 5.32 0.95
N THR B 26 -0.91 5.60 0.07
CA THR B 26 -2.33 5.77 0.42
C THR B 26 -3.19 4.99 -0.57
N THR B 27 -4.31 4.47 -0.05
CA THR B 27 -5.13 3.48 -0.76
C THR B 27 -6.60 3.88 -0.73
N ILE B 28 -7.26 3.80 -1.88
CA ILE B 28 -8.72 3.90 -1.96
C ILE B 28 -9.33 2.57 -1.49
N ILE B 29 -10.12 2.61 -0.43
CA ILE B 29 -10.62 1.37 0.16
C ILE B 29 -11.78 0.74 -0.61
N GLU B 30 -12.08 1.25 -1.81
CA GLU B 30 -13.07 0.61 -2.67
C GLU B 30 -12.47 -0.33 -3.70
N CYS B 31 -11.52 0.18 -4.49
CA CYS B 31 -10.88 -0.55 -5.58
C CYS B 31 -9.49 -1.05 -5.23
N LEU B 32 -8.96 -0.68 -4.06
CA LEU B 32 -7.62 -1.05 -3.66
C LEU B 32 -6.58 -0.57 -4.67
N HIS B 33 -6.73 0.67 -5.08
CA HIS B 33 -5.69 1.32 -5.85
C HIS B 33 -4.94 2.26 -4.93
N SER B 34 -3.68 2.51 -5.26
CA SER B 34 -2.80 3.18 -4.33
C SER B 34 -1.91 4.20 -5.02
N PHE B 35 -1.64 5.28 -4.27
CA PHE B 35 -0.94 6.46 -4.76
C PHE B 35 -0.22 7.05 -3.56
N CYS B 36 0.73 7.94 -3.82
CA CYS B 36 1.35 8.69 -2.75
C CYS B 36 0.29 9.48 -2.01
N LYS B 37 0.53 9.69 -0.72
CA LYS B 37 -0.44 10.44 0.09
C LYS B 37 -0.76 11.79 -0.54
N THR B 38 0.29 12.52 -0.97
CA THR B 38 0.08 13.86 -1.50
C THR B 38 -0.52 13.83 -2.89
N CYS B 39 -0.21 12.79 -3.67
CA CYS B 39 -0.66 12.73 -5.05
C CYS B 39 -2.17 12.62 -5.10
N ILE B 40 -2.73 11.71 -4.31
CA ILE B 40 -4.15 11.44 -4.36
C ILE B 40 -4.95 12.53 -3.63
N VAL B 41 -4.38 13.14 -2.60
CA VAL B 41 -5.11 14.22 -1.94
C VAL B 41 -5.30 15.36 -2.90
N ARG B 42 -4.25 15.75 -3.63
CA ARG B 42 -4.43 16.78 -4.64
C ARG B 42 -5.38 16.32 -5.73
N TYR B 43 -5.28 15.06 -6.14
CA TYR B 43 -6.20 14.58 -7.16
C TYR B 43 -7.64 14.69 -6.68
N LEU B 44 -7.92 14.17 -5.49
CA LEU B 44 -9.30 14.16 -5.03
C LEU B 44 -9.83 15.55 -4.74
N GLU B 45 -9.00 16.59 -4.85
CA GLU B 45 -9.50 17.94 -4.75
C GLU B 45 -10.32 18.35 -5.96
N THR B 46 -10.31 17.52 -7.02
CA THR B 46 -10.96 17.84 -8.29
C THR B 46 -11.72 16.65 -8.89
N SER B 47 -11.64 15.47 -8.29
CA SER B 47 -12.42 14.34 -8.77
C SER B 47 -12.87 13.49 -7.60
N LYS B 48 -14.07 12.93 -7.72
CA LYS B 48 -14.55 11.95 -6.75
C LYS B 48 -14.43 10.52 -7.26
N TYR B 49 -13.60 10.30 -8.29
CA TYR B 49 -13.43 9.04 -8.99
C TYR B 49 -11.94 8.65 -9.09
N CYS B 50 -11.65 7.33 -9.05
CA CYS B 50 -10.28 6.82 -9.09
C CYS B 50 -9.55 7.25 -10.36
N PRO B 51 -8.29 7.65 -10.26
CA PRO B 51 -7.55 8.03 -11.47
C PRO B 51 -7.33 6.89 -12.44
N ILE B 52 -7.40 5.64 -11.98
CA ILE B 52 -7.06 4.53 -12.85
C ILE B 52 -8.31 3.74 -13.18
N CYS B 53 -8.90 3.05 -12.19
CA CYS B 53 -10.04 2.23 -12.56
C CYS B 53 -11.24 3.09 -12.92
N ASP B 54 -11.34 4.30 -12.34
CA ASP B 54 -12.39 5.29 -12.62
C ASP B 54 -13.70 5.03 -11.85
N VAL B 55 -13.65 4.32 -10.70
CA VAL B 55 -14.82 4.20 -9.80
C VAL B 55 -15.06 5.50 -9.03
N GLN B 56 -16.30 5.67 -8.53
CA GLN B 56 -16.66 6.79 -7.68
C GLN B 56 -16.24 6.50 -6.24
N VAL B 57 -15.34 7.33 -5.70
CA VAL B 57 -14.79 7.17 -4.35
C VAL B 57 -15.84 7.47 -3.29
N HIS B 58 -16.74 8.40 -3.61
CA HIS B 58 -17.80 8.85 -2.73
C HIS B 58 -18.67 9.78 -3.56
N LYS B 59 -19.95 9.92 -3.17
CA LYS B 59 -20.75 10.92 -3.87
C LYS B 59 -20.29 12.33 -3.51
N THR B 60 -19.80 12.52 -2.26
CA THR B 60 -19.62 13.85 -1.68
C THR B 60 -18.23 14.13 -1.11
N ARG B 61 -17.76 13.31 -0.16
CA ARG B 61 -16.48 13.53 0.51
C ARG B 61 -15.51 12.43 0.14
N PRO B 62 -14.74 12.57 -0.95
CA PRO B 62 -13.88 11.46 -1.36
C PRO B 62 -12.87 11.03 -0.30
N LEU B 63 -12.27 11.99 0.43
CA LEU B 63 -11.26 11.65 1.44
C LEU B 63 -11.79 10.70 2.50
N LEU B 64 -13.10 10.48 2.52
CA LEU B 64 -13.70 9.59 3.50
C LEU B 64 -13.30 8.15 3.26
N ASN B 65 -12.96 7.81 2.02
CA ASN B 65 -12.79 6.41 1.66
C ASN B 65 -11.40 6.12 1.12
N ILE B 66 -10.39 6.70 1.76
CA ILE B 66 -8.99 6.42 1.48
C ILE B 66 -8.28 6.27 2.81
N ARG B 67 -7.34 5.33 2.88
CA ARG B 67 -6.56 5.08 4.10
C ARG B 67 -5.07 5.02 3.79
N SER B 68 -4.24 5.38 4.76
CA SER B 68 -2.82 5.04 4.67
C SER B 68 -2.65 3.55 4.48
N ASP B 69 -1.67 3.17 3.64
CA ASP B 69 -1.27 1.78 3.45
C ASP B 69 0.16 1.66 3.96
N LYS B 70 0.31 1.48 5.26
CA LYS B 70 1.65 1.30 5.77
C LYS B 70 2.18 -0.05 5.38
N THR B 71 1.30 -1.07 5.29
CA THR B 71 1.74 -2.38 4.82
C THR B 71 2.38 -2.27 3.45
N LEU B 72 1.77 -1.51 2.56
CA LEU B 72 2.33 -1.34 1.24
C LEU B 72 3.58 -0.46 1.26
N GLN B 73 3.55 0.64 2.00
CA GLN B 73 4.72 1.53 2.04
C GLN B 73 5.95 0.86 2.61
N ASP B 74 5.75 -0.10 3.51
CA ASP B 74 6.90 -0.77 4.12
C ASP B 74 7.56 -1.69 3.11
N ILE B 75 6.75 -2.35 2.26
CA ILE B 75 7.27 -3.20 1.20
C ILE B 75 8.14 -2.39 0.24
N VAL B 76 7.76 -1.15 -0.01
CA VAL B 76 8.54 -0.30 -0.89
C VAL B 76 9.87 0.07 -0.25
N TYR B 77 9.83 0.52 0.99
CA TYR B 77 11.05 0.97 1.67
C TYR B 77 12.06 -0.16 1.80
N LYS B 78 11.56 -1.40 1.89
CA LYS B 78 12.41 -2.59 2.03
C LYS B 78 12.99 -3.05 0.70
N LEU B 79 12.21 -3.04 -0.38
CA LEU B 79 12.70 -3.50 -1.67
C LEU B 79 13.62 -2.50 -2.33
N VAL B 80 13.35 -1.21 -2.12
CA VAL B 80 14.02 -0.13 -2.86
C VAL B 80 15.18 0.37 -1.99
N PRO B 81 16.43 0.12 -2.38
CA PRO B 81 17.55 0.39 -1.47
C PRO B 81 17.74 1.88 -1.22
N GLY B 82 17.78 2.24 0.07
CA GLY B 82 18.05 3.61 0.44
C GLY B 82 16.98 4.60 0.06
N LEU B 83 15.80 4.12 -0.32
CA LEU B 83 14.70 5.02 -0.58
C LEU B 83 14.29 5.73 0.69
N PHE B 84 14.17 4.98 1.79
CA PHE B 84 13.86 5.55 3.07
C PHE B 84 14.94 6.53 3.55
N LYS B 85 16.23 6.18 3.41
CA LYS B 85 17.26 7.19 3.70
C LYS B 85 17.00 8.44 2.89
N ASN B 86 16.79 8.27 1.59
CA ASN B 86 16.68 9.42 0.70
C ASN B 86 15.49 10.27 1.07
N GLU B 87 14.36 9.64 1.31
CA GLU B 87 13.15 10.39 1.59
C GLU B 87 13.24 11.07 2.94
N MET B 88 13.76 10.39 3.96
CA MET B 88 13.91 11.02 5.26
C MET B 88 14.90 12.16 5.19
N LYS B 89 16.02 11.97 4.49
CA LYS B 89 16.98 13.05 4.40
C LYS B 89 16.36 14.26 3.73
N ARG B 90 15.54 14.05 2.69
CA ARG B 90 14.84 15.17 2.03
C ARG B 90 14.01 16.00 3.01
N ARG B 91 13.35 15.35 3.96
CA ARG B 91 12.48 16.06 4.89
C ARG B 91 13.28 16.87 5.91
N ARG B 92 14.36 16.28 6.47
CA ARG B 92 15.23 17.05 7.36
C ARG B 92 15.75 18.29 6.64
N ASP B 93 16.31 18.09 5.44
CA ASP B 93 16.88 19.21 4.69
C ASP B 93 15.85 20.33 4.60
N PHE B 94 14.59 19.95 4.37
CA PHE B 94 13.57 20.97 4.21
C PHE B 94 13.41 21.77 5.49
N TYR B 95 13.18 21.07 6.60
CA TYR B 95 12.94 21.75 7.87
C TYR B 95 14.20 22.38 8.44
N ALA B 96 15.37 22.07 7.87
CA ALA B 96 16.57 22.83 8.18
C ALA B 96 16.57 24.17 7.48
N ALA B 97 15.79 24.31 6.42
CA ALA B 97 15.66 25.56 5.70
C ALA B 97 14.39 26.31 6.01
N HIS B 98 13.45 25.71 6.73
CA HIS B 98 12.16 26.33 7.02
C HIS B 98 11.73 26.04 8.45
N PRO B 99 12.38 26.68 9.45
CA PRO B 99 11.92 26.58 10.86
C PRO B 99 11.05 27.75 11.33
N THR A 9 -9.03 13.33 10.08
CA THR A 9 -8.83 14.33 9.03
C THR A 9 -7.50 14.11 8.30
N TRP A 10 -7.52 14.46 7.02
CA TRP A 10 -6.39 14.29 6.12
C TRP A 10 -5.82 15.65 5.76
N GLU A 11 -5.46 16.44 6.76
CA GLU A 11 -4.91 17.77 6.52
C GLU A 11 -3.43 17.59 6.10
N LEU A 12 -3.01 18.26 5.02
CA LEU A 12 -1.65 18.12 4.52
C LEU A 12 -0.75 19.15 5.18
N SER A 13 0.34 18.70 5.79
CA SER A 13 1.31 19.58 6.43
C SER A 13 1.97 20.46 5.39
N LEU A 14 2.66 21.51 5.86
CA LEU A 14 3.41 22.35 4.92
C LEU A 14 4.28 21.53 4.00
N TYR A 15 5.01 20.55 4.56
CA TYR A 15 5.83 19.70 3.72
C TYR A 15 4.96 19.01 2.66
N GLU A 16 3.91 18.30 3.10
CA GLU A 16 3.07 17.56 2.16
C GLU A 16 2.45 18.48 1.12
N LEU A 17 2.14 19.71 1.50
CA LEU A 17 1.48 20.62 0.57
C LEU A 17 2.37 20.88 -0.64
N GLN A 18 3.65 21.16 -0.43
CA GLN A 18 4.55 21.40 -1.52
C GLN A 18 5.51 20.24 -1.88
N ARG A 19 5.30 19.01 -1.40
CA ARG A 19 6.24 17.92 -1.75
C ARG A 19 6.21 17.67 -3.25
N THR A 20 7.35 17.19 -3.77
CA THR A 20 7.59 16.85 -5.16
C THR A 20 7.60 15.34 -5.38
N PRO A 21 7.49 14.89 -6.62
CA PRO A 21 7.65 13.47 -6.89
C PRO A 21 9.01 12.97 -6.41
N GLN A 22 9.03 11.70 -6.00
CA GLN A 22 10.25 10.92 -5.76
C GLN A 22 10.54 10.17 -7.05
N GLU A 23 11.51 10.66 -7.83
CA GLU A 23 11.78 10.13 -9.16
C GLU A 23 12.09 8.64 -9.12
N ALA A 24 11.48 7.91 -10.04
CA ALA A 24 11.71 6.48 -10.13
C ALA A 24 13.03 6.18 -10.84
N ILE A 25 13.38 4.91 -10.86
CA ILE A 25 14.67 4.46 -11.38
C ILE A 25 14.45 3.69 -12.68
N THR A 26 14.91 4.27 -13.80
CA THR A 26 14.97 3.69 -15.14
C THR A 26 16.34 3.08 -15.45
N ASP A 27 17.31 3.31 -14.56
CA ASP A 27 18.68 2.85 -14.71
C ASP A 27 18.80 1.34 -14.91
N GLY A 28 17.88 0.54 -14.39
CA GLY A 28 18.03 -0.90 -14.51
C GLY A 28 19.00 -1.49 -13.51
N LEU A 29 18.95 -1.01 -12.27
CA LEU A 29 19.61 -1.68 -11.18
C LEU A 29 18.81 -2.93 -10.81
N GLU A 30 19.46 -3.87 -10.15
CA GLU A 30 18.81 -5.10 -9.72
C GLU A 30 18.91 -5.25 -8.20
N ILE A 31 17.83 -5.63 -7.57
CA ILE A 31 17.80 -5.82 -6.13
C ILE A 31 17.81 -7.32 -5.87
N VAL A 32 18.42 -7.73 -4.75
CA VAL A 32 18.49 -9.13 -4.35
C VAL A 32 17.51 -9.37 -3.20
N VAL A 33 16.73 -10.45 -3.31
CA VAL A 33 15.62 -10.69 -2.41
C VAL A 33 15.53 -12.17 -2.09
N SER A 34 15.75 -12.54 -0.83
CA SER A 34 15.62 -13.88 -0.28
C SER A 34 14.18 -14.16 0.19
N PRO A 35 13.80 -15.44 0.36
CA PRO A 35 12.48 -15.74 0.95
C PRO A 35 12.33 -15.24 2.39
N ARG A 36 13.44 -14.92 3.04
CA ARG A 36 13.47 -14.33 4.36
C ARG A 36 13.35 -12.82 4.32
N SER A 37 13.96 -12.19 3.33
CA SER A 37 13.90 -10.74 3.19
C SER A 37 12.47 -10.32 2.84
N LEU A 38 12.01 -9.22 3.45
CA LEU A 38 10.61 -8.77 3.37
C LEU A 38 9.60 -9.77 3.95
N HIS A 39 10.02 -10.76 4.72
CA HIS A 39 9.07 -11.80 5.08
C HIS A 39 8.02 -11.27 6.05
N SER A 40 8.37 -10.25 6.83
CA SER A 40 7.40 -9.71 7.78
C SER A 40 6.13 -9.21 7.09
N GLU A 41 6.24 -8.83 5.81
CA GLU A 41 5.15 -8.20 5.09
C GLU A 41 4.43 -9.15 4.17
N LEU A 42 5.01 -10.30 3.87
CA LEU A 42 4.48 -11.20 2.86
C LEU A 42 3.89 -12.47 3.44
N MET A 43 3.99 -12.67 4.75
CA MET A 43 3.57 -13.91 5.37
C MET A 43 2.18 -13.70 5.97
N CYS A 44 1.26 -14.57 5.59
CA CYS A 44 0.00 -14.70 6.27
C CYS A 44 0.25 -15.12 7.70
N PRO A 45 -0.12 -14.30 8.70
CA PRO A 45 0.15 -14.70 10.11
C PRO A 45 -0.68 -15.89 10.57
N ILE A 46 -1.43 -16.51 9.66
CA ILE A 46 -2.22 -17.70 9.94
C ILE A 46 -1.31 -18.88 9.65
N CYS A 47 -0.81 -18.96 8.40
CA CYS A 47 -0.09 -20.12 7.92
C CYS A 47 1.40 -19.92 7.71
N LEU A 48 1.92 -18.70 7.88
CA LEU A 48 3.35 -18.45 7.93
C LEU A 48 4.11 -19.03 6.73
N ASP A 49 3.43 -19.11 5.58
CA ASP A 49 3.99 -19.28 4.25
C ASP A 49 3.63 -18.06 3.41
N MET A 50 3.85 -18.16 2.10
CA MET A 50 3.55 -17.06 1.20
C MET A 50 2.05 -16.87 1.00
N LEU A 51 1.64 -15.61 0.88
CA LEU A 51 0.25 -15.32 0.62
C LEU A 51 -0.16 -15.90 -0.73
N LYS A 52 -1.18 -16.76 -0.69
CA LYS A 52 -1.87 -17.27 -1.85
C LYS A 52 -3.33 -16.81 -1.76
N ASN A 53 -3.88 -16.36 -2.89
CA ASN A 53 -5.21 -15.77 -2.93
C ASN A 53 -5.42 -14.78 -1.78
N THR A 54 -4.87 -13.58 -1.93
CA THR A 54 -4.84 -12.63 -0.82
C THR A 54 -6.20 -12.00 -0.59
N MET A 55 -6.46 -11.68 0.67
CA MET A 55 -7.65 -10.97 1.11
C MET A 55 -7.22 -9.81 1.98
N THR A 56 -7.99 -8.74 1.97
CA THR A 56 -7.65 -7.58 2.79
C THR A 56 -8.89 -7.10 3.51
N THR A 57 -8.72 -6.69 4.77
CA THR A 57 -9.81 -6.10 5.52
C THR A 57 -9.92 -4.62 5.19
N LYS A 58 -11.14 -4.17 4.90
CA LYS A 58 -11.38 -2.80 4.46
C LYS A 58 -11.24 -1.78 5.58
N GLU A 59 -11.38 -2.19 6.83
CA GLU A 59 -11.32 -1.26 7.94
C GLU A 59 -9.90 -0.96 8.36
N CYS A 60 -8.96 -1.85 8.03
CA CYS A 60 -7.61 -1.80 8.56
C CYS A 60 -6.53 -2.23 7.57
N LEU A 61 -6.89 -2.65 6.36
CA LEU A 61 -5.94 -2.97 5.31
C LEU A 61 -4.93 -4.01 5.80
N HIS A 62 -5.45 -5.16 6.19
CA HIS A 62 -4.63 -6.28 6.62
C HIS A 62 -4.86 -7.42 5.66
N ARG A 63 -3.78 -8.07 5.23
CA ARG A 63 -3.84 -9.08 4.19
C ARG A 63 -3.76 -10.49 4.79
N PHE A 64 -4.58 -11.40 4.25
CA PHE A 64 -4.56 -12.80 4.63
C PHE A 64 -4.87 -13.66 3.40
N CYS A 65 -4.72 -14.97 3.56
CA CYS A 65 -5.10 -15.88 2.50
C CYS A 65 -6.61 -16.02 2.42
N ALA A 66 -7.13 -16.09 1.20
CA ALA A 66 -8.56 -16.28 0.98
C ALA A 66 -9.01 -17.58 1.62
N ASP A 67 -8.26 -18.65 1.36
CA ASP A 67 -8.56 -19.96 1.92
C ASP A 67 -8.34 -19.97 3.44
N CYS A 68 -7.38 -19.17 3.93
CA CYS A 68 -7.10 -19.20 5.37
C CYS A 68 -8.03 -18.34 6.19
N ILE A 69 -8.40 -17.14 5.74
CA ILE A 69 -9.18 -16.24 6.60
C ILE A 69 -10.60 -16.72 6.91
N ILE A 70 -11.15 -17.57 6.06
CA ILE A 70 -12.52 -18.06 6.27
C ILE A 70 -12.68 -18.82 7.59
N THR A 71 -11.62 -19.48 8.02
CA THR A 71 -11.67 -20.28 9.24
C THR A 71 -11.43 -19.46 10.52
N ALA A 72 -10.78 -18.30 10.46
CA ALA A 72 -10.54 -17.53 11.68
C ALA A 72 -11.76 -16.72 12.08
N LEU A 73 -12.55 -16.32 11.09
CA LEU A 73 -13.80 -15.66 11.37
C LEU A 73 -14.84 -16.74 11.71
N ARG A 74 -14.67 -17.94 11.11
CA ARG A 74 -15.56 -19.06 11.35
C ARG A 74 -15.43 -19.62 12.76
N SER A 75 -14.37 -19.28 13.49
CA SER A 75 -14.13 -19.86 14.81
C SER A 75 -14.50 -18.88 15.92
N GLY A 76 -15.32 -17.89 15.57
CA GLY A 76 -16.12 -17.19 16.56
C GLY A 76 -15.60 -15.89 17.11
N ASN A 77 -14.63 -15.25 16.47
CA ASN A 77 -14.14 -14.06 17.15
C ASN A 77 -14.54 -12.76 16.45
N LYS A 78 -14.89 -12.82 15.15
CA LYS A 78 -15.35 -11.67 14.34
C LYS A 78 -14.58 -10.36 14.51
N GLU A 79 -13.29 -10.47 14.79
CA GLU A 79 -12.39 -9.33 14.85
C GLU A 79 -11.25 -9.54 13.87
N CYS A 80 -10.45 -8.50 13.66
CA CYS A 80 -9.28 -8.67 12.78
C CYS A 80 -8.18 -9.45 13.48
N PRO A 81 -7.76 -10.60 12.96
CA PRO A 81 -6.76 -11.43 13.65
C PRO A 81 -5.48 -10.71 13.99
N THR A 82 -5.26 -9.49 13.47
CA THR A 82 -3.99 -8.78 13.63
C THR A 82 -4.09 -7.69 14.68
N CYS A 83 -5.04 -6.76 14.51
CA CYS A 83 -5.19 -5.63 15.40
C CYS A 83 -6.38 -5.77 16.34
N ARG A 84 -7.07 -6.91 16.28
CA ARG A 84 -8.12 -7.26 17.24
C ARG A 84 -9.19 -6.17 17.25
N LYS A 85 -9.75 -5.93 16.07
CA LYS A 85 -10.78 -4.92 15.91
C LYS A 85 -12.00 -5.53 15.23
N LYS A 86 -13.19 -5.18 15.71
CA LYS A 86 -14.42 -5.81 15.23
C LYS A 86 -14.56 -5.63 13.75
N LEU A 87 -14.69 -6.74 13.05
CA LEU A 87 -14.82 -6.71 11.62
C LEU A 87 -16.31 -6.70 11.26
N VAL A 88 -16.77 -5.54 10.84
CA VAL A 88 -18.17 -5.33 10.49
C VAL A 88 -18.51 -5.97 9.13
N SER A 89 -19.72 -6.52 9.05
CA SER A 89 -20.27 -7.07 7.80
C SER A 89 -19.43 -8.17 7.16
N LYS A 90 -19.78 -8.44 5.91
CA LYS A 90 -19.07 -9.40 5.09
C LYS A 90 -18.47 -8.69 3.89
N ARG A 91 -18.96 -7.49 3.56
CA ARG A 91 -18.34 -6.74 2.48
C ARG A 91 -17.00 -6.13 2.91
N SER A 92 -16.60 -6.31 4.19
CA SER A 92 -15.24 -5.94 4.58
C SER A 92 -14.19 -6.87 4.03
N LEU A 93 -14.50 -7.86 3.21
CA LEU A 93 -13.46 -8.76 2.71
C LEU A 93 -13.35 -8.71 1.20
N ARG A 94 -12.29 -8.14 0.65
CA ARG A 94 -12.20 -8.17 -0.79
C ARG A 94 -10.93 -8.88 -1.22
N PRO A 95 -10.99 -9.70 -2.28
CA PRO A 95 -9.77 -10.27 -2.82
C PRO A 95 -8.92 -9.14 -3.39
N ASP A 96 -7.59 -9.31 -3.30
CA ASP A 96 -6.65 -8.25 -3.65
C ASP A 96 -5.82 -8.57 -4.89
N PRO A 97 -6.36 -8.38 -6.09
CA PRO A 97 -5.60 -8.76 -7.28
C PRO A 97 -4.35 -7.91 -7.49
N ASN A 98 -4.41 -6.60 -7.21
CA ASN A 98 -3.22 -5.77 -7.35
C ASN A 98 -2.10 -6.21 -6.42
N PHE A 99 -2.44 -6.89 -5.32
CA PHE A 99 -1.43 -7.43 -4.41
C PHE A 99 -0.89 -8.79 -4.85
N ASP A 100 -1.75 -9.68 -5.34
CA ASP A 100 -1.20 -10.90 -5.89
C ASP A 100 -0.38 -10.62 -7.14
N ALA A 101 -0.75 -9.59 -7.89
CA ALA A 101 0.08 -9.16 -9.01
C ALA A 101 1.53 -8.96 -8.59
N LEU A 102 1.74 -8.58 -7.33
CA LEU A 102 3.05 -8.29 -6.76
C LEU A 102 3.79 -9.55 -6.31
N ILE A 103 3.06 -10.52 -5.75
CA ILE A 103 3.67 -11.77 -5.33
C ILE A 103 4.29 -12.50 -6.52
N SER A 104 3.59 -12.52 -7.65
CA SER A 104 4.03 -13.25 -8.83
C SER A 104 5.40 -12.81 -9.33
N LYS A 105 5.92 -11.70 -8.85
CA LYS A 105 7.23 -11.23 -9.23
C LYS A 105 8.33 -11.81 -8.35
N ILE A 106 7.97 -12.45 -7.24
CA ILE A 106 8.94 -12.84 -6.23
C ILE A 106 8.70 -14.29 -5.82
N TYR A 107 8.95 -15.22 -6.74
CA TYR A 107 8.70 -16.63 -6.43
C TYR A 107 9.42 -17.09 -5.16
N PRO A 108 10.67 -16.64 -4.85
CA PRO A 108 11.25 -16.94 -3.54
C PRO A 108 11.36 -15.69 -2.66
N THR B 1 16.44 -17.23 -3.31
CA THR B 1 16.85 -15.84 -3.54
C THR B 1 17.10 -15.53 -5.01
N THR B 2 16.56 -14.40 -5.47
CA THR B 2 16.71 -13.97 -6.85
C THR B 2 17.10 -12.50 -6.89
N ARG B 3 17.60 -12.10 -8.04
CA ARG B 3 17.90 -10.71 -8.36
C ARG B 3 16.89 -10.27 -9.39
N ILE B 4 16.29 -9.10 -9.20
CA ILE B 4 15.23 -8.65 -10.09
C ILE B 4 15.58 -7.27 -10.63
N LYS B 5 15.41 -7.07 -11.95
CA LYS B 5 15.52 -5.70 -12.49
C LYS B 5 14.36 -4.89 -11.95
N ILE B 6 14.66 -3.72 -11.39
CA ILE B 6 13.67 -2.84 -10.75
C ILE B 6 12.69 -2.24 -11.75
N THR B 7 13.09 -2.16 -13.01
CA THR B 7 12.19 -1.75 -14.06
C THR B 7 10.99 -2.68 -14.15
N GLU B 8 11.13 -3.94 -13.67
CA GLU B 8 10.04 -4.92 -13.56
C GLU B 8 9.08 -4.66 -12.42
N LEU B 9 9.53 -4.00 -11.35
CA LEU B 9 8.70 -3.73 -10.19
C LEU B 9 8.07 -2.35 -10.19
N ASN B 10 8.71 -1.36 -10.81
CA ASN B 10 8.23 0.02 -10.85
C ASN B 10 6.73 0.16 -11.12
N PRO B 11 6.11 -0.63 -12.00
CA PRO B 11 4.64 -0.59 -12.02
C PRO B 11 4.00 -0.86 -10.66
N HIS B 12 4.44 -1.86 -9.93
CA HIS B 12 3.77 -2.17 -8.66
C HIS B 12 4.11 -1.23 -7.54
N LEU B 13 5.04 -0.28 -7.75
CA LEU B 13 5.59 0.57 -6.70
C LEU B 13 5.45 2.05 -7.03
N MET B 14 4.58 2.44 -7.95
CA MET B 14 4.54 3.82 -8.42
C MET B 14 3.12 4.36 -8.43
N CYS B 15 3.01 5.64 -8.09
CA CYS B 15 1.79 6.42 -8.07
C CYS B 15 1.48 6.97 -9.46
N VAL B 16 0.29 6.69 -9.98
CA VAL B 16 -0.04 7.12 -11.32
C VAL B 16 -0.24 8.62 -11.46
N LEU B 17 -0.41 9.34 -10.36
CA LEU B 17 -0.48 10.78 -10.44
C LEU B 17 0.92 11.40 -10.39
N CYS B 18 1.76 10.90 -9.49
CA CYS B 18 3.07 11.46 -9.22
C CYS B 18 4.16 11.02 -10.20
N GLY B 19 3.92 9.94 -10.95
CA GLY B 19 4.88 9.37 -11.87
C GLY B 19 6.11 8.81 -11.17
N GLY B 20 6.05 8.73 -9.85
CA GLY B 20 7.19 8.30 -9.07
C GLY B 20 6.70 7.36 -8.00
N TYR B 21 7.63 6.92 -7.15
CA TYR B 21 7.35 5.96 -6.10
C TYR B 21 6.33 6.49 -5.07
N PHE B 22 5.69 5.55 -4.42
CA PHE B 22 4.74 5.89 -3.38
C PHE B 22 5.46 6.51 -2.20
N ILE B 23 4.98 7.65 -1.74
CA ILE B 23 5.43 8.22 -0.48
C ILE B 23 4.18 8.44 0.36
N ASP B 24 4.20 7.93 1.59
CA ASP B 24 3.02 7.85 2.44
C ASP B 24 1.85 7.18 1.69
N ALA B 25 2.08 5.92 1.31
CA ALA B 25 1.12 5.20 0.47
C ALA B 25 -0.27 5.12 1.08
N THR B 26 -1.29 5.38 0.25
CA THR B 26 -2.69 5.43 0.65
C THR B 26 -3.54 4.64 -0.33
N THR B 27 -4.61 4.02 0.18
CA THR B 27 -5.38 3.00 -0.53
C THR B 27 -6.87 3.30 -0.44
N ILE B 28 -7.56 3.22 -1.57
CA ILE B 28 -9.03 3.24 -1.59
C ILE B 28 -9.53 1.85 -1.18
N ILE B 29 -10.30 1.79 -0.08
CA ILE B 29 -10.69 0.50 0.46
C ILE B 29 -11.83 -0.18 -0.29
N GLU B 30 -12.20 0.35 -1.45
CA GLU B 30 -13.19 -0.31 -2.30
C GLU B 30 -12.55 -1.16 -3.40
N CYS B 31 -11.67 -0.56 -4.19
CA CYS B 31 -11.02 -1.19 -5.33
C CYS B 31 -9.58 -1.61 -5.06
N LEU B 32 -9.05 -1.25 -3.89
CA LEU B 32 -7.67 -1.56 -3.54
C LEU B 32 -6.70 -0.96 -4.56
N HIS B 33 -6.95 0.28 -4.93
CA HIS B 33 -5.98 1.03 -5.70
C HIS B 33 -5.26 1.98 -4.76
N SER B 34 -4.03 2.33 -5.11
CA SER B 34 -3.17 3.01 -4.18
C SER B 34 -2.37 4.12 -4.85
N PHE B 35 -2.15 5.18 -4.08
CA PHE B 35 -1.53 6.41 -4.54
C PHE B 35 -0.82 7.00 -3.33
N CYS B 36 0.06 7.96 -3.59
CA CYS B 36 0.67 8.72 -2.51
C CYS B 36 -0.40 9.41 -1.70
N LYS B 37 -0.15 9.58 -0.40
CA LYS B 37 -1.14 10.22 0.47
C LYS B 37 -1.55 11.57 -0.09
N THR B 38 -0.57 12.39 -0.52
CA THR B 38 -0.89 13.74 -0.99
C THR B 38 -1.55 13.71 -2.36
N CYS B 39 -1.18 12.74 -3.19
CA CYS B 39 -1.68 12.71 -4.55
C CYS B 39 -3.19 12.50 -4.56
N ILE B 40 -3.65 11.53 -3.79
CA ILE B 40 -5.06 11.16 -3.80
C ILE B 40 -5.89 12.16 -3.01
N VAL B 41 -5.34 12.77 -1.98
CA VAL B 41 -6.10 13.76 -1.24
C VAL B 41 -6.41 14.93 -2.15
N ARG B 42 -5.41 15.41 -2.90
CA ARG B 42 -5.70 16.48 -3.84
C ARG B 42 -6.64 16.00 -4.93
N TYR B 43 -6.47 14.77 -5.40
CA TYR B 43 -7.40 14.26 -6.41
C TYR B 43 -8.82 14.26 -5.88
N LEU B 44 -9.04 13.67 -4.70
CA LEU B 44 -10.39 13.55 -4.18
C LEU B 44 -11.00 14.88 -3.83
N GLU B 45 -10.25 15.97 -3.92
CA GLU B 45 -10.83 17.29 -3.74
C GLU B 45 -11.71 17.70 -4.91
N THR B 46 -11.70 16.91 -6.01
CA THR B 46 -12.41 17.25 -7.24
C THR B 46 -13.10 16.03 -7.86
N SER B 47 -12.93 14.83 -7.32
CA SER B 47 -13.64 13.67 -7.83
C SER B 47 -14.00 12.75 -6.68
N LYS B 48 -15.16 12.11 -6.78
CA LYS B 48 -15.54 11.06 -5.84
C LYS B 48 -15.35 9.66 -6.42
N TYR B 49 -14.53 9.56 -7.47
CA TYR B 49 -14.32 8.33 -8.25
C TYR B 49 -12.81 8.05 -8.41
N CYS B 50 -12.43 6.75 -8.44
CA CYS B 50 -11.03 6.34 -8.54
C CYS B 50 -10.37 6.87 -9.82
N PRO B 51 -9.14 7.35 -9.73
CA PRO B 51 -8.46 7.83 -10.94
C PRO B 51 -8.21 6.74 -11.97
N ILE B 52 -8.18 5.48 -11.58
CA ILE B 52 -7.80 4.42 -12.50
C ILE B 52 -9.01 3.56 -12.82
N CYS B 53 -9.51 2.80 -11.85
CA CYS B 53 -10.61 1.92 -12.22
C CYS B 53 -11.87 2.72 -12.50
N ASP B 54 -12.04 3.89 -11.87
CA ASP B 54 -13.17 4.82 -12.06
C ASP B 54 -14.43 4.43 -11.26
N VAL B 55 -14.29 3.68 -10.15
CA VAL B 55 -15.41 3.45 -9.21
C VAL B 55 -15.70 4.71 -8.38
N GLN B 56 -16.93 4.76 -7.84
CA GLN B 56 -17.34 5.81 -6.92
C GLN B 56 -16.85 5.49 -5.52
N VAL B 57 -16.00 6.38 -4.96
CA VAL B 57 -15.38 6.18 -3.64
C VAL B 57 -16.41 6.36 -2.54
N HIS B 58 -17.38 7.24 -2.79
CA HIS B 58 -18.43 7.59 -1.85
C HIS B 58 -19.40 8.49 -2.62
N LYS B 59 -20.67 8.53 -2.18
CA LYS B 59 -21.56 9.51 -2.81
C LYS B 59 -21.18 10.92 -2.40
N THR B 60 -20.66 11.10 -1.16
CA THR B 60 -20.55 12.41 -0.54
C THR B 60 -19.15 12.76 0.01
N ARG B 61 -18.60 11.94 0.92
CA ARG B 61 -17.31 12.21 1.54
C ARG B 61 -16.29 11.18 1.08
N PRO B 62 -15.56 11.44 0.00
CA PRO B 62 -14.64 10.39 -0.50
C PRO B 62 -13.58 10.00 0.51
N LEU B 63 -13.02 10.96 1.27
CA LEU B 63 -11.95 10.66 2.22
C LEU B 63 -12.38 9.62 3.26
N LEU B 64 -13.68 9.32 3.31
CA LEU B 64 -14.18 8.35 4.27
C LEU B 64 -13.71 6.95 3.95
N ASN B 65 -13.38 6.68 2.69
CA ASN B 65 -13.13 5.31 2.26
C ASN B 65 -11.73 5.14 1.65
N ILE B 66 -10.75 5.76 2.29
CA ILE B 66 -9.35 5.58 1.95
C ILE B 66 -8.58 5.42 3.25
N ARG B 67 -7.57 4.55 3.26
CA ARG B 67 -6.75 4.31 4.44
C ARG B 67 -5.26 4.35 4.08
N SER B 68 -4.43 4.73 5.04
CA SER B 68 -2.99 4.49 4.89
C SER B 68 -2.72 3.02 4.62
N ASP B 69 -1.75 2.75 3.75
CA ASP B 69 -1.27 1.40 3.47
C ASP B 69 0.17 1.35 3.92
N LYS B 70 0.38 1.13 5.21
CA LYS B 70 1.75 1.02 5.68
C LYS B 70 2.36 -0.28 5.21
N THR B 71 1.54 -1.35 5.10
CA THR B 71 2.05 -2.60 4.56
C THR B 71 2.64 -2.40 3.18
N LEU B 72 1.93 -1.64 2.34
CA LEU B 72 2.44 -1.38 1.01
C LEU B 72 3.63 -0.42 1.02
N GLN B 73 3.56 0.66 1.82
CA GLN B 73 4.66 1.61 1.86
C GLN B 73 5.95 1.00 2.36
N ASP B 74 5.86 -0.01 3.23
CA ASP B 74 7.07 -0.63 3.75
C ASP B 74 7.75 -1.46 2.69
N ILE B 75 6.96 -2.12 1.85
CA ILE B 75 7.50 -2.90 0.73
C ILE B 75 8.27 -2.00 -0.22
N VAL B 76 7.79 -0.77 -0.40
CA VAL B 76 8.49 0.16 -1.28
C VAL B 76 9.82 0.58 -0.66
N TYR B 77 9.79 0.99 0.61
CA TYR B 77 11.01 1.50 1.26
C TYR B 77 12.09 0.42 1.32
N LYS B 78 11.68 -0.85 1.37
CA LYS B 78 12.60 -1.97 1.42
C LYS B 78 13.17 -2.36 0.05
N LEU B 79 12.35 -2.34 -0.99
CA LEU B 79 12.83 -2.72 -2.31
C LEU B 79 13.65 -1.63 -2.97
N VAL B 80 13.30 -0.37 -2.70
CA VAL B 80 13.88 0.78 -3.40
C VAL B 80 15.03 1.32 -2.55
N PRO B 81 16.27 1.18 -2.99
CA PRO B 81 17.42 1.48 -2.11
C PRO B 81 17.51 2.96 -1.79
N GLY B 82 17.57 3.27 -0.50
CA GLY B 82 17.77 4.64 -0.08
C GLY B 82 16.63 5.57 -0.37
N LEU B 83 15.46 5.03 -0.73
CA LEU B 83 14.30 5.87 -0.93
C LEU B 83 13.89 6.50 0.39
N PHE B 84 13.86 5.69 1.45
CA PHE B 84 13.55 6.19 2.78
C PHE B 84 14.59 7.21 3.27
N LYS B 85 15.88 6.96 3.06
CA LYS B 85 16.85 8.02 3.36
C LYS B 85 16.49 9.28 2.62
N ASN B 86 16.25 9.16 1.32
CA ASN B 86 16.04 10.32 0.49
C ASN B 86 14.80 11.09 0.93
N GLU B 87 13.73 10.36 1.18
CA GLU B 87 12.48 11.02 1.53
C GLU B 87 12.57 11.66 2.91
N MET B 88 13.17 10.96 3.87
CA MET B 88 13.33 11.55 5.20
C MET B 88 14.24 12.75 5.14
N LYS B 89 15.34 12.67 4.39
CA LYS B 89 16.22 13.82 4.33
C LYS B 89 15.49 15.01 3.73
N ARG B 90 14.66 14.80 2.71
CA ARG B 90 13.86 15.88 2.12
C ARG B 90 13.02 16.61 3.16
N ARG B 91 12.43 15.87 4.10
CA ARG B 91 11.55 16.49 5.09
C ARG B 91 12.33 17.31 6.12
N ARG B 92 13.46 16.77 6.62
CA ARG B 92 14.31 17.56 7.50
C ARG B 92 14.73 18.87 6.84
N ASP B 93 15.25 18.75 5.60
CA ASP B 93 15.71 19.94 4.89
C ASP B 93 14.63 20.99 4.88
N PHE B 94 13.38 20.54 4.68
CA PHE B 94 12.29 21.49 4.58
C PHE B 94 12.12 22.22 5.91
N TYR B 95 11.98 21.46 7.00
CA TYR B 95 11.74 22.07 8.30
C TYR B 95 12.98 22.76 8.86
N ALA B 96 14.14 22.56 8.24
CA ALA B 96 15.30 23.39 8.55
C ALA B 96 15.19 24.75 7.90
N ALA B 97 14.36 24.88 6.87
CA ALA B 97 14.13 26.15 6.21
C ALA B 97 12.82 26.80 6.60
N HIS B 98 11.95 26.10 7.33
CA HIS B 98 10.64 26.63 7.69
C HIS B 98 10.27 26.25 9.11
N PRO B 99 10.91 26.88 10.11
CA PRO B 99 10.50 26.69 11.53
C PRO B 99 9.58 27.78 12.09
N THR A 9 -8.69 13.66 9.96
CA THR A 9 -8.49 14.64 8.88
C THR A 9 -7.19 14.38 8.14
N TRP A 10 -7.22 14.71 6.85
CA TRP A 10 -6.11 14.50 5.93
C TRP A 10 -5.52 15.84 5.53
N GLU A 11 -5.14 16.64 6.51
CA GLU A 11 -4.57 17.95 6.22
C GLU A 11 -3.11 17.76 5.78
N LEU A 12 -2.71 18.39 4.68
CA LEU A 12 -1.35 18.22 4.16
C LEU A 12 -0.43 19.26 4.78
N SER A 13 0.68 18.79 5.38
CA SER A 13 1.67 19.68 5.99
C SER A 13 2.32 20.53 4.90
N LEU A 14 3.04 21.58 5.33
CA LEU A 14 3.77 22.39 4.37
C LEU A 14 4.62 21.53 3.45
N TYR A 15 5.34 20.56 4.02
CA TYR A 15 6.13 19.66 3.18
C TYR A 15 5.23 18.99 2.15
N GLU A 16 4.18 18.30 2.62
CA GLU A 16 3.32 17.55 1.72
C GLU A 16 2.68 18.45 0.67
N LEU A 17 2.41 19.70 1.03
CA LEU A 17 1.75 20.59 0.10
C LEU A 17 2.60 20.81 -1.13
N GLN A 18 3.89 21.08 -0.95
CA GLN A 18 4.79 21.29 -2.07
C GLN A 18 5.72 20.10 -2.43
N ARG A 19 5.50 18.89 -1.91
CA ARG A 19 6.41 17.79 -2.26
C ARG A 19 6.36 17.49 -3.76
N THR A 20 7.47 16.99 -4.29
CA THR A 20 7.67 16.62 -5.67
C THR A 20 7.66 15.10 -5.86
N PRO A 21 7.51 14.64 -7.08
CA PRO A 21 7.66 13.20 -7.33
C PRO A 21 9.02 12.69 -6.87
N GLN A 22 9.02 11.43 -6.43
CA GLN A 22 10.24 10.64 -6.20
C GLN A 22 10.49 9.86 -7.48
N GLU A 23 11.46 10.31 -8.29
CA GLU A 23 11.69 9.75 -9.61
C GLU A 23 11.98 8.26 -9.56
N ALA A 24 11.35 7.52 -10.44
CA ALA A 24 11.56 6.08 -10.50
C ALA A 24 12.85 5.76 -11.23
N ILE A 25 13.18 4.47 -11.23
CA ILE A 25 14.46 4.00 -11.76
C ILE A 25 14.20 3.20 -13.05
N THR A 26 14.64 3.76 -14.18
CA THR A 26 14.67 3.15 -15.51
C THR A 26 16.03 2.51 -15.84
N ASP A 27 17.01 2.74 -14.97
CA ASP A 27 18.38 2.26 -15.14
C ASP A 27 18.47 0.74 -15.32
N GLY A 28 17.55 -0.03 -14.75
CA GLY A 28 17.67 -1.48 -14.85
C GLY A 28 18.65 -2.06 -13.86
N LEU A 29 18.64 -1.55 -12.64
CA LEU A 29 19.31 -2.21 -11.54
C LEU A 29 18.50 -3.43 -11.12
N GLU A 30 19.16 -4.37 -10.45
CA GLU A 30 18.50 -5.59 -9.99
C GLU A 30 18.62 -5.70 -8.47
N ILE A 31 17.54 -6.06 -7.81
CA ILE A 31 17.53 -6.22 -6.36
C ILE A 31 17.53 -7.72 -6.08
N VAL A 32 18.15 -8.10 -4.96
CA VAL A 32 18.21 -9.49 -4.53
C VAL A 32 17.26 -9.70 -3.36
N VAL A 33 16.47 -10.77 -3.43
CA VAL A 33 15.35 -10.97 -2.51
C VAL A 33 15.26 -12.46 -2.14
N SER A 34 15.50 -12.79 -0.88
CA SER A 34 15.36 -14.13 -0.31
C SER A 34 13.93 -14.37 0.20
N PRO A 35 13.53 -15.64 0.40
CA PRO A 35 12.22 -15.92 1.03
C PRO A 35 12.10 -15.37 2.45
N ARG A 36 13.23 -15.06 3.08
CA ARG A 36 13.29 -14.44 4.39
C ARG A 36 13.19 -12.93 4.32
N SER A 37 13.80 -12.34 3.29
CA SER A 37 13.75 -10.89 3.13
C SER A 37 12.32 -10.46 2.80
N LEU A 38 11.88 -9.34 3.40
CA LEU A 38 10.50 -8.86 3.34
C LEU A 38 9.49 -9.84 3.95
N HIS A 39 9.91 -10.83 4.74
CA HIS A 39 8.94 -11.84 5.13
C HIS A 39 7.93 -11.26 6.11
N SER A 40 8.30 -10.23 6.86
CA SER A 40 7.37 -9.66 7.83
C SER A 40 6.09 -9.17 7.15
N GLU A 41 6.18 -8.81 5.87
CA GLU A 41 5.09 -8.17 5.14
C GLU A 41 4.32 -9.13 4.26
N LEU A 42 4.88 -10.30 3.97
CA LEU A 42 4.32 -11.21 2.99
C LEU A 42 3.73 -12.46 3.62
N MET A 43 3.84 -12.62 4.93
CA MET A 43 3.43 -13.86 5.58
C MET A 43 2.06 -13.62 6.19
N CYS A 44 1.12 -14.48 5.85
CA CYS A 44 -0.14 -14.57 6.55
C CYS A 44 0.13 -14.97 8.00
N PRO A 45 -0.21 -14.14 8.99
CA PRO A 45 0.08 -14.50 10.39
C PRO A 45 -0.75 -15.68 10.90
N ILE A 46 -1.53 -16.29 10.01
CA ILE A 46 -2.33 -17.47 10.33
C ILE A 46 -1.44 -18.67 10.04
N CYS A 47 -0.97 -18.78 8.79
CA CYS A 47 -0.28 -19.96 8.32
C CYS A 47 1.22 -19.78 8.08
N LEU A 48 1.75 -18.56 8.21
CA LEU A 48 3.19 -18.35 8.23
C LEU A 48 3.91 -18.96 7.03
N ASP A 49 3.22 -19.03 5.90
CA ASP A 49 3.74 -19.27 4.56
C ASP A 49 3.38 -18.05 3.69
N MET A 50 3.57 -18.18 2.39
CA MET A 50 3.27 -17.10 1.47
C MET A 50 1.78 -16.89 1.30
N LEU A 51 1.38 -15.63 1.17
CA LEU A 51 -0.01 -15.32 0.93
C LEU A 51 -0.47 -15.92 -0.40
N LYS A 52 -1.49 -16.76 -0.33
CA LYS A 52 -2.20 -17.29 -1.48
C LYS A 52 -3.65 -16.80 -1.36
N ASN A 53 -4.21 -16.37 -2.49
CA ASN A 53 -5.54 -15.76 -2.51
C ASN A 53 -5.72 -14.73 -1.39
N THR A 54 -5.16 -13.55 -1.57
CA THR A 54 -5.08 -12.59 -0.48
C THR A 54 -6.44 -11.92 -0.23
N MET A 55 -6.67 -11.57 1.03
CA MET A 55 -7.85 -10.84 1.48
C MET A 55 -7.38 -9.66 2.30
N THR A 56 -8.12 -8.58 2.27
CA THR A 56 -7.76 -7.41 3.05
C THR A 56 -8.97 -6.88 3.79
N THR A 57 -8.76 -6.44 5.03
CA THR A 57 -9.83 -5.82 5.79
C THR A 57 -9.93 -4.35 5.41
N LYS A 58 -11.16 -3.89 5.14
CA LYS A 58 -11.39 -2.53 4.67
C LYS A 58 -11.22 -1.48 5.76
N GLU A 59 -11.32 -1.86 7.02
CA GLU A 59 -11.23 -0.88 8.09
C GLU A 59 -9.79 -0.60 8.47
N CYS A 60 -8.87 -1.51 8.16
CA CYS A 60 -7.50 -1.46 8.65
C CYS A 60 -6.45 -1.93 7.64
N LEU A 61 -6.85 -2.38 6.46
CA LEU A 61 -5.93 -2.74 5.40
C LEU A 61 -4.92 -3.78 5.89
N HIS A 62 -5.45 -4.91 6.33
CA HIS A 62 -4.64 -6.02 6.76
C HIS A 62 -4.90 -7.20 5.84
N ARG A 63 -3.83 -7.87 5.42
CA ARG A 63 -3.93 -8.91 4.40
C ARG A 63 -3.86 -10.30 5.05
N PHE A 64 -4.70 -11.21 4.54
CA PHE A 64 -4.67 -12.61 4.97
C PHE A 64 -5.03 -13.49 3.78
N CYS A 65 -4.89 -14.80 3.97
CA CYS A 65 -5.31 -15.75 2.94
C CYS A 65 -6.82 -15.86 2.90
N ALA A 66 -7.37 -15.95 1.69
CA ALA A 66 -8.81 -16.14 1.52
C ALA A 66 -9.24 -17.44 2.16
N ASP A 67 -8.50 -18.51 1.90
CA ASP A 67 -8.79 -19.81 2.48
C ASP A 67 -8.54 -19.83 3.98
N CYS A 68 -7.56 -19.04 4.46
CA CYS A 68 -7.24 -19.07 5.89
C CYS A 68 -8.15 -18.19 6.73
N ILE A 69 -8.50 -16.99 6.28
CA ILE A 69 -9.25 -16.07 7.15
C ILE A 69 -10.69 -16.52 7.48
N ILE A 70 -11.28 -17.33 6.62
CA ILE A 70 -12.64 -17.77 6.82
C ILE A 70 -12.84 -18.49 8.16
N THR A 71 -11.81 -19.19 8.61
CA THR A 71 -11.89 -19.96 9.84
C THR A 71 -11.60 -19.14 11.10
N ALA A 72 -10.89 -18.01 11.01
CA ALA A 72 -10.60 -17.22 12.21
C ALA A 72 -11.77 -16.34 12.60
N LEU A 73 -12.55 -15.92 11.60
CA LEU A 73 -13.76 -15.19 11.88
C LEU A 73 -14.85 -16.21 12.23
N ARG A 74 -14.74 -17.43 11.65
CA ARG A 74 -15.69 -18.52 11.92
C ARG A 74 -15.61 -19.03 13.35
N SER A 75 -14.54 -18.73 14.09
CA SER A 75 -14.36 -19.26 15.44
C SER A 75 -14.70 -18.24 16.50
N GLY A 76 -15.46 -17.22 16.12
CA GLY A 76 -16.25 -16.46 17.05
C GLY A 76 -15.67 -15.17 17.57
N ASN A 77 -14.66 -14.60 16.94
CA ASN A 77 -14.13 -13.41 17.60
C ASN A 77 -14.45 -12.11 16.85
N LYS A 78 -14.78 -12.20 15.56
CA LYS A 78 -15.17 -11.05 14.70
C LYS A 78 -14.38 -9.76 14.89
N GLU A 79 -13.09 -9.89 15.15
CA GLU A 79 -12.18 -8.76 15.22
C GLU A 79 -11.06 -8.97 14.21
N CYS A 80 -10.23 -7.94 14.02
CA CYS A 80 -9.09 -8.09 13.12
C CYS A 80 -7.98 -8.90 13.79
N PRO A 81 -7.59 -10.05 13.22
CA PRO A 81 -6.60 -10.91 13.89
C PRO A 81 -5.29 -10.20 14.22
N THR A 82 -5.07 -8.99 13.73
CA THR A 82 -3.79 -8.30 13.88
C THR A 82 -3.86 -7.22 14.96
N CYS A 83 -4.79 -6.28 14.83
CA CYS A 83 -4.92 -5.16 15.75
C CYS A 83 -6.09 -5.32 16.71
N ARG A 84 -6.81 -6.44 16.62
CA ARG A 84 -7.83 -6.80 17.60
C ARG A 84 -8.90 -5.71 17.64
N LYS A 85 -9.47 -5.42 16.48
CA LYS A 85 -10.49 -4.40 16.36
C LYS A 85 -11.72 -4.98 15.69
N LYS A 86 -12.91 -4.61 16.20
CA LYS A 86 -14.15 -5.23 15.72
C LYS A 86 -14.31 -5.01 14.24
N LEU A 87 -14.47 -6.09 13.52
CA LEU A 87 -14.63 -6.03 12.09
C LEU A 87 -16.11 -6.02 11.76
N VAL A 88 -16.58 -4.86 11.32
CA VAL A 88 -17.98 -4.68 11.00
C VAL A 88 -18.36 -5.40 9.70
N SER A 89 -19.54 -6.04 9.72
CA SER A 89 -20.13 -6.70 8.53
C SER A 89 -19.26 -7.78 7.92
N LYS A 90 -19.67 -8.15 6.71
CA LYS A 90 -18.96 -9.12 5.91
C LYS A 90 -18.44 -8.47 4.64
N ARG A 91 -19.01 -7.30 4.26
CA ARG A 91 -18.47 -6.60 3.12
C ARG A 91 -17.14 -5.91 3.45
N SER A 92 -16.68 -5.98 4.70
CA SER A 92 -15.32 -5.53 5.01
C SER A 92 -14.25 -6.45 4.46
N LEU A 93 -14.56 -7.50 3.72
CA LEU A 93 -13.49 -8.39 3.24
C LEU A 93 -13.40 -8.39 1.72
N ARG A 94 -12.35 -7.84 1.14
CA ARG A 94 -12.28 -7.88 -0.30
C ARG A 94 -11.03 -8.63 -0.74
N PRO A 95 -11.12 -9.47 -1.78
CA PRO A 95 -9.91 -10.07 -2.32
C PRO A 95 -9.06 -8.97 -2.94
N ASP A 96 -7.73 -9.16 -2.86
CA ASP A 96 -6.78 -8.13 -3.25
C ASP A 96 -5.97 -8.48 -4.49
N PRO A 97 -6.53 -8.30 -5.68
CA PRO A 97 -5.79 -8.72 -6.88
C PRO A 97 -4.54 -7.90 -7.13
N ASN A 98 -4.58 -6.59 -6.87
CA ASN A 98 -3.37 -5.78 -7.05
C ASN A 98 -2.24 -6.22 -6.12
N PHE A 99 -2.58 -6.87 -5.01
CA PHE A 99 -1.56 -7.40 -4.10
C PHE A 99 -1.05 -8.77 -4.53
N ASP A 100 -1.93 -9.66 -4.98
CA ASP A 100 -1.41 -10.91 -5.52
C ASP A 100 -0.60 -10.67 -6.78
N ALA A 101 -0.97 -9.64 -7.55
CA ALA A 101 -0.16 -9.26 -8.70
C ALA A 101 1.31 -9.08 -8.30
N LEU A 102 1.54 -8.67 -7.04
CA LEU A 102 2.87 -8.39 -6.50
C LEU A 102 3.59 -9.65 -6.03
N ILE A 103 2.85 -10.59 -5.44
CA ILE A 103 3.46 -11.84 -5.01
C ILE A 103 4.04 -12.61 -6.18
N SER A 104 3.32 -12.65 -7.31
CA SER A 104 3.73 -13.41 -8.48
C SER A 104 5.10 -13.00 -9.02
N LYS A 105 5.64 -11.89 -8.56
CA LYS A 105 6.97 -11.44 -8.98
C LYS A 105 8.07 -12.03 -8.10
N ILE A 106 7.71 -12.64 -6.98
CA ILE A 106 8.70 -13.02 -5.96
C ILE A 106 8.44 -14.46 -5.52
N TYR A 107 8.65 -15.41 -6.42
CA TYR A 107 8.38 -16.81 -6.08
C TYR A 107 9.12 -17.26 -4.82
N PRO A 108 10.37 -16.82 -4.54
CA PRO A 108 10.97 -17.10 -3.22
C PRO A 108 11.11 -15.84 -2.37
N THR B 1 16.14 -17.55 -3.26
CA THR B 1 16.57 -16.17 -3.52
C THR B 1 16.78 -15.90 -5.00
N THR B 2 16.26 -14.77 -5.47
CA THR B 2 16.39 -14.38 -6.87
C THR B 2 16.80 -12.91 -6.94
N ARG B 3 17.29 -12.55 -8.12
CA ARG B 3 17.60 -11.17 -8.47
C ARG B 3 16.56 -10.73 -9.49
N ILE B 4 15.99 -9.55 -9.31
CA ILE B 4 14.91 -9.10 -10.20
C ILE B 4 15.27 -7.74 -10.78
N LYS B 5 15.09 -7.57 -12.09
CA LYS B 5 15.20 -6.22 -12.66
C LYS B 5 14.05 -5.37 -12.12
N ILE B 6 14.38 -4.19 -11.59
CA ILE B 6 13.41 -3.29 -10.95
C ILE B 6 12.44 -2.69 -11.94
N THR B 7 12.81 -2.65 -13.21
CA THR B 7 11.89 -2.25 -14.25
C THR B 7 10.68 -3.17 -14.30
N GLU B 8 10.80 -4.41 -13.79
CA GLU B 8 9.72 -5.38 -13.64
C GLU B 8 8.77 -5.08 -12.49
N LEU B 9 9.25 -4.39 -11.45
CA LEU B 9 8.44 -4.10 -10.27
C LEU B 9 7.84 -2.71 -10.28
N ASN B 10 8.48 -1.75 -10.95
CA ASN B 10 8.02 -0.36 -11.01
C ASN B 10 6.52 -0.20 -11.24
N PRO B 11 5.87 -1.00 -12.09
CA PRO B 11 4.40 -0.95 -12.10
C PRO B 11 3.78 -1.17 -10.72
N HIS B 12 4.23 -2.16 -9.96
CA HIS B 12 3.58 -2.44 -8.69
C HIS B 12 3.95 -1.47 -7.58
N LEU B 13 4.90 -0.55 -7.84
CA LEU B 13 5.47 0.32 -6.82
C LEU B 13 5.35 1.80 -7.17
N MET B 14 4.46 2.18 -8.09
CA MET B 14 4.43 3.55 -8.59
C MET B 14 3.02 4.11 -8.58
N CYS B 15 2.93 5.39 -8.27
CA CYS B 15 1.72 6.20 -8.24
C CYS B 15 1.41 6.72 -9.64
N VAL B 16 0.20 6.44 -10.12
CA VAL B 16 -0.16 6.84 -11.47
C VAL B 16 -0.33 8.34 -11.64
N LEU B 17 -0.48 9.09 -10.55
CA LEU B 17 -0.53 10.54 -10.66
C LEU B 17 0.87 11.13 -10.64
N CYS B 18 1.73 10.65 -9.76
CA CYS B 18 3.05 11.18 -9.52
C CYS B 18 4.11 10.71 -10.52
N GLY B 19 3.84 9.62 -11.25
CA GLY B 19 4.78 9.01 -12.16
C GLY B 19 6.02 8.46 -11.48
N GLY B 20 5.99 8.41 -10.15
CA GLY B 20 7.13 7.98 -9.39
C GLY B 20 6.65 7.07 -8.29
N TYR B 21 7.59 6.64 -7.45
CA TYR B 21 7.31 5.71 -6.37
C TYR B 21 6.32 6.27 -5.34
N PHE B 22 5.68 5.35 -4.65
CA PHE B 22 4.75 5.72 -3.59
C PHE B 22 5.51 6.36 -2.44
N ILE B 23 5.06 7.53 -2.01
CA ILE B 23 5.54 8.11 -0.77
C ILE B 23 4.32 8.36 0.09
N ASP B 24 4.35 7.88 1.33
CA ASP B 24 3.18 7.84 2.21
C ASP B 24 1.99 7.16 1.50
N ALA B 25 2.19 5.90 1.15
CA ALA B 25 1.22 5.17 0.33
C ALA B 25 -0.17 5.12 0.98
N THR B 26 -1.20 5.37 0.16
CA THR B 26 -2.59 5.46 0.59
C THR B 26 -3.48 4.66 -0.37
N THR B 27 -4.53 4.06 0.19
CA THR B 27 -5.34 3.04 -0.48
C THR B 27 -6.82 3.36 -0.38
N ILE B 28 -7.54 3.27 -1.49
CA ILE B 28 -9.00 3.30 -1.49
C ILE B 28 -9.51 1.94 -1.02
N ILE B 29 -10.26 1.91 0.08
CA ILE B 29 -10.65 0.63 0.66
C ILE B 29 -11.83 -0.03 -0.05
N GLU B 30 -12.21 0.48 -1.21
CA GLU B 30 -13.21 -0.20 -2.03
C GLU B 30 -12.62 -1.08 -3.12
N CYS B 31 -11.74 -0.51 -3.95
CA CYS B 31 -11.13 -1.18 -5.09
C CYS B 31 -9.70 -1.60 -4.82
N LEU B 32 -9.13 -1.23 -3.69
CA LEU B 32 -7.74 -1.55 -3.35
C LEU B 32 -6.79 -1.00 -4.41
N HIS B 33 -7.03 0.24 -4.79
CA HIS B 33 -6.07 0.96 -5.59
C HIS B 33 -5.31 1.93 -4.69
N SER B 34 -4.08 2.25 -5.08
CA SER B 34 -3.19 2.94 -4.17
C SER B 34 -2.40 4.03 -4.90
N PHE B 35 -2.14 5.10 -4.15
CA PHE B 35 -1.52 6.32 -4.64
C PHE B 35 -0.78 6.92 -3.47
N CYS B 36 0.11 7.86 -3.76
CA CYS B 36 0.75 8.63 -2.70
C CYS B 36 -0.30 9.35 -1.90
N LYS B 37 -0.02 9.54 -0.60
CA LYS B 37 -0.97 10.23 0.27
C LYS B 37 -1.38 11.56 -0.32
N THR B 38 -0.40 12.36 -0.78
CA THR B 38 -0.71 13.71 -1.28
C THR B 38 -1.39 13.66 -2.63
N CYS B 39 -1.06 12.66 -3.44
CA CYS B 39 -1.58 12.60 -4.80
C CYS B 39 -3.09 12.43 -4.77
N ILE B 40 -3.56 11.47 -3.97
CA ILE B 40 -4.97 11.12 -3.95
C ILE B 40 -5.78 12.15 -3.17
N VAL B 41 -5.19 12.78 -2.14
CA VAL B 41 -5.93 13.80 -1.42
C VAL B 41 -6.23 14.95 -2.35
N ARG B 42 -5.24 15.40 -3.13
CA ARG B 42 -5.53 16.45 -4.09
C ARG B 42 -6.51 15.96 -5.15
N TYR B 43 -6.37 14.71 -5.59
CA TYR B 43 -7.32 14.20 -6.57
C TYR B 43 -8.74 14.24 -6.01
N LEU B 44 -8.93 13.67 -4.82
CA LEU B 44 -10.28 13.57 -4.28
C LEU B 44 -10.86 14.93 -3.93
N GLU B 45 -10.09 16.01 -4.06
CA GLU B 45 -10.65 17.34 -3.91
C GLU B 45 -11.56 17.73 -5.07
N THR B 46 -11.57 16.93 -6.14
CA THR B 46 -12.30 17.23 -7.37
C THR B 46 -13.02 16.02 -7.95
N SER B 47 -12.85 14.83 -7.38
CA SER B 47 -13.59 13.67 -7.85
C SER B 47 -13.94 12.78 -6.68
N LYS B 48 -15.11 12.15 -6.75
CA LYS B 48 -15.48 11.13 -5.77
C LYS B 48 -15.33 9.72 -6.33
N TYR B 49 -14.53 9.57 -7.40
CA TYR B 49 -14.35 8.33 -8.14
C TYR B 49 -12.85 8.02 -8.33
N CYS B 50 -12.49 6.72 -8.33
CA CYS B 50 -11.09 6.29 -8.46
C CYS B 50 -10.46 6.78 -9.75
N PRO B 51 -9.22 7.24 -9.71
CA PRO B 51 -8.55 7.68 -10.94
C PRO B 51 -8.35 6.57 -11.96
N ILE B 52 -8.32 5.32 -11.52
CA ILE B 52 -7.98 4.23 -12.43
C ILE B 52 -9.20 3.38 -12.72
N CYS B 53 -9.70 2.65 -11.71
CA CYS B 53 -10.81 1.79 -12.04
C CYS B 53 -12.07 2.58 -12.31
N ASP B 54 -12.21 3.77 -11.71
CA ASP B 54 -13.32 4.72 -11.90
C ASP B 54 -14.57 4.37 -11.06
N VAL B 55 -14.43 3.64 -9.94
CA VAL B 55 -15.53 3.45 -8.98
C VAL B 55 -15.79 4.71 -8.17
N GLN B 56 -17.00 4.80 -7.61
CA GLN B 56 -17.38 5.88 -6.70
C GLN B 56 -16.87 5.59 -5.30
N VAL B 57 -15.99 6.47 -4.79
CA VAL B 57 -15.36 6.29 -3.47
C VAL B 57 -16.36 6.52 -2.37
N HIS B 58 -17.32 7.40 -2.60
CA HIS B 58 -18.35 7.78 -1.65
C HIS B 58 -19.31 8.68 -2.41
N LYS B 59 -20.57 8.75 -1.96
CA LYS B 59 -21.47 9.73 -2.59
C LYS B 59 -21.06 11.15 -2.22
N THR B 60 -20.52 11.34 -0.99
CA THR B 60 -20.37 12.67 -0.40
C THR B 60 -18.96 13.00 0.10
N ARG B 61 -18.40 12.19 1.02
CA ARG B 61 -17.10 12.46 1.61
C ARG B 61 -16.10 11.42 1.16
N PRO B 62 -15.39 11.62 0.05
CA PRO B 62 -14.50 10.56 -0.44
C PRO B 62 -13.41 10.18 0.56
N LEU B 63 -12.83 11.14 1.28
CA LEU B 63 -11.75 10.84 2.22
C LEU B 63 -12.17 9.84 3.29
N LEU B 64 -13.48 9.55 3.37
CA LEU B 64 -13.97 8.61 4.36
C LEU B 64 -13.51 7.21 4.06
N ASN B 65 -13.22 6.91 2.80
CA ASN B 65 -13.00 5.53 2.39
C ASN B 65 -11.62 5.32 1.78
N ILE B 66 -10.61 5.93 2.37
CA ILE B 66 -9.22 5.73 2.01
C ILE B 66 -8.42 5.59 3.30
N ARG B 67 -7.43 4.70 3.31
CA ARG B 67 -6.59 4.47 4.47
C ARG B 67 -5.11 4.49 4.08
N SER B 68 -4.24 4.88 5.02
CA SER B 68 -2.82 4.62 4.84
C SER B 68 -2.57 3.13 4.60
N ASP B 69 -1.63 2.83 3.72
CA ASP B 69 -1.17 1.47 3.47
C ASP B 69 0.28 1.41 3.89
N LYS B 70 0.52 1.21 5.18
CA LYS B 70 1.89 1.10 5.62
C LYS B 70 2.47 -0.22 5.16
N THR B 71 1.65 -1.28 5.09
CA THR B 71 2.12 -2.56 4.58
C THR B 71 2.68 -2.39 3.17
N LEU B 72 1.97 -1.63 2.34
CA LEU B 72 2.46 -1.42 0.99
C LEU B 72 3.65 -0.48 0.96
N GLN B 73 3.61 0.62 1.74
CA GLN B 73 4.73 1.57 1.73
C GLN B 73 6.02 0.94 2.23
N ASP B 74 5.93 -0.05 3.11
CA ASP B 74 7.14 -0.67 3.63
C ASP B 74 7.79 -1.53 2.57
N ILE B 75 6.98 -2.21 1.76
CA ILE B 75 7.49 -3.01 0.65
C ILE B 75 8.25 -2.14 -0.34
N VAL B 76 7.78 -0.92 -0.53
CA VAL B 76 8.47 -0.01 -1.44
C VAL B 76 9.82 0.41 -0.86
N TYR B 77 9.83 0.85 0.40
CA TYR B 77 11.06 1.34 1.01
C TYR B 77 12.13 0.26 1.07
N LYS B 78 11.71 -1.01 1.16
CA LYS B 78 12.62 -2.15 1.22
C LYS B 78 13.14 -2.56 -0.15
N LEU B 79 12.31 -2.57 -1.18
CA LEU B 79 12.75 -2.98 -2.50
C LEU B 79 13.57 -1.91 -3.19
N VAL B 80 13.25 -0.64 -2.94
CA VAL B 80 13.83 0.49 -3.69
C VAL B 80 15.00 1.03 -2.87
N PRO B 81 16.24 0.86 -3.33
CA PRO B 81 17.40 1.16 -2.48
C PRO B 81 17.52 2.65 -2.20
N GLY B 82 17.61 2.99 -0.92
CA GLY B 82 17.84 4.36 -0.53
C GLY B 82 16.70 5.31 -0.82
N LEU B 83 15.53 4.78 -1.15
CA LEU B 83 14.36 5.63 -1.34
C LEU B 83 13.99 6.28 -0.03
N PHE B 84 13.97 5.50 1.05
CA PHE B 84 13.70 6.03 2.38
C PHE B 84 14.76 7.05 2.82
N LYS B 85 16.05 6.77 2.59
CA LYS B 85 17.03 7.82 2.85
C LYS B 85 16.68 9.08 2.09
N ASN B 86 16.41 8.93 0.80
CA ASN B 86 16.19 10.08 -0.06
C ASN B 86 14.98 10.87 0.38
N GLU B 87 13.89 10.17 0.69
CA GLU B 87 12.67 10.85 1.04
C GLU B 87 12.79 11.51 2.41
N MET B 88 13.41 10.83 3.37
CA MET B 88 13.59 11.45 4.68
C MET B 88 14.53 12.63 4.59
N LYS B 89 15.60 12.52 3.81
CA LYS B 89 16.50 13.65 3.71
C LYS B 89 15.78 14.84 3.10
N ARG B 90 14.92 14.61 2.10
CA ARG B 90 14.13 15.70 1.49
C ARG B 90 13.32 16.48 2.53
N ARG B 91 12.74 15.76 3.51
CA ARG B 91 11.89 16.41 4.49
C ARG B 91 12.70 17.24 5.50
N ARG B 92 13.83 16.70 5.98
CA ARG B 92 14.71 17.50 6.84
C ARG B 92 15.14 18.77 6.13
N ASP B 93 15.63 18.63 4.89
CA ASP B 93 16.09 19.80 4.14
C ASP B 93 15.02 20.85 4.13
N PHE B 94 13.77 20.43 3.95
CA PHE B 94 12.68 21.39 3.88
C PHE B 94 12.55 22.15 5.18
N TYR B 95 12.42 21.41 6.30
CA TYR B 95 12.22 22.05 7.58
C TYR B 95 13.48 22.74 8.10
N ALA B 96 14.63 22.51 7.46
CA ALA B 96 15.80 23.32 7.73
C ALA B 96 15.70 24.68 7.06
N ALA B 97 14.84 24.80 6.03
CA ALA B 97 14.62 26.05 5.35
C ALA B 97 13.33 26.73 5.76
N HIS B 98 12.46 26.07 6.52
CA HIS B 98 11.16 26.61 6.89
C HIS B 98 10.83 26.27 8.33
N PRO B 99 11.49 26.92 9.31
CA PRO B 99 11.11 26.76 10.73
C PRO B 99 10.22 27.87 11.28
N THR A 9 -8.66 13.50 10.20
CA THR A 9 -8.43 14.50 9.16
C THR A 9 -7.12 14.25 8.43
N TRP A 10 -7.12 14.61 7.16
CA TRP A 10 -5.99 14.42 6.25
C TRP A 10 -5.38 15.76 5.90
N GLU A 11 -5.00 16.53 6.91
CA GLU A 11 -4.41 17.84 6.68
C GLU A 11 -2.94 17.63 6.26
N LEU A 12 -2.51 18.30 5.18
CA LEU A 12 -1.15 18.12 4.68
C LEU A 12 -0.22 19.12 5.35
N SER A 13 0.86 18.62 5.96
CA SER A 13 1.86 19.48 6.60
C SER A 13 2.54 20.34 5.57
N LEU A 14 3.27 21.37 6.04
CA LEU A 14 4.04 22.20 5.11
C LEU A 14 4.88 21.35 4.18
N TYR A 15 5.59 20.36 4.74
CA TYR A 15 6.37 19.48 3.89
C TYR A 15 5.49 18.83 2.82
N GLU A 16 4.42 18.15 3.25
CA GLU A 16 3.56 17.44 2.31
C GLU A 16 2.96 18.39 1.29
N LEU A 17 2.70 19.63 1.68
CA LEU A 17 2.07 20.56 0.75
C LEU A 17 2.95 20.80 -0.45
N GLN A 18 4.24 21.04 -0.24
CA GLN A 18 5.16 21.27 -1.34
C GLN A 18 6.07 20.08 -1.70
N ARG A 19 5.83 18.86 -1.24
CA ARG A 19 6.73 17.75 -1.59
C ARG A 19 6.71 17.50 -3.11
N THR A 20 7.82 17.01 -3.62
CA THR A 20 8.04 16.67 -5.02
C THR A 20 8.02 15.16 -5.24
N PRO A 21 7.88 14.72 -6.49
CA PRO A 21 8.02 13.30 -6.77
C PRO A 21 9.36 12.75 -6.31
N GLN A 22 9.33 11.48 -5.91
CA GLN A 22 10.53 10.67 -5.68
C GLN A 22 10.80 9.92 -6.97
N GLU A 23 11.78 10.38 -7.74
CA GLU A 23 12.04 9.86 -9.09
C GLU A 23 12.30 8.37 -9.07
N ALA A 24 11.67 7.66 -9.99
CA ALA A 24 11.86 6.22 -10.09
C ALA A 24 13.17 5.90 -10.80
N ILE A 25 13.48 4.61 -10.83
CA ILE A 25 14.76 4.13 -11.36
C ILE A 25 14.51 3.37 -12.66
N THR A 26 14.99 3.95 -13.78
CA THR A 26 15.03 3.39 -15.13
C THR A 26 16.38 2.74 -15.45
N ASP A 27 17.36 2.93 -14.55
CA ASP A 27 18.71 2.44 -14.71
C ASP A 27 18.79 0.92 -14.93
N GLY A 28 17.85 0.14 -14.40
CA GLY A 28 17.95 -1.31 -14.54
C GLY A 28 18.90 -1.93 -13.55
N LEU A 29 18.88 -1.46 -12.31
CA LEU A 29 19.52 -2.16 -11.22
C LEU A 29 18.68 -3.38 -10.85
N GLU A 30 19.30 -4.35 -10.22
CA GLU A 30 18.62 -5.56 -9.79
C GLU A 30 18.72 -5.72 -8.27
N ILE A 31 17.62 -6.08 -7.65
CA ILE A 31 17.58 -6.29 -6.20
C ILE A 31 17.55 -7.79 -5.97
N VAL A 32 18.14 -8.22 -4.85
CA VAL A 32 18.18 -9.62 -4.46
C VAL A 32 17.19 -9.85 -3.32
N VAL A 33 16.39 -10.91 -3.43
CA VAL A 33 15.26 -11.13 -2.53
C VAL A 33 15.13 -12.61 -2.22
N SER A 34 15.34 -12.99 -0.97
CA SER A 34 15.17 -14.33 -0.43
C SER A 34 13.73 -14.57 0.03
N PRO A 35 13.31 -15.85 0.20
CA PRO A 35 11.97 -16.11 0.79
C PRO A 35 11.84 -15.61 2.22
N ARG A 36 12.97 -15.33 2.88
CA ARG A 36 13.01 -14.76 4.21
C ARG A 36 12.93 -13.24 4.19
N SER A 37 13.56 -12.63 3.19
CA SER A 37 13.53 -11.18 3.07
C SER A 37 12.12 -10.72 2.72
N LEU A 38 11.70 -9.61 3.35
CA LEU A 38 10.32 -9.11 3.28
C LEU A 38 9.27 -10.08 3.84
N HIS A 39 9.67 -11.10 4.60
CA HIS A 39 8.68 -12.11 4.95
C HIS A 39 7.66 -11.56 5.93
N SER A 40 8.03 -10.55 6.72
CA SER A 40 7.09 -9.99 7.68
C SER A 40 5.83 -9.46 7.00
N GLU A 41 5.95 -9.07 5.72
CA GLU A 41 4.88 -8.39 5.01
C GLU A 41 4.11 -9.31 4.07
N LEU A 42 4.67 -10.47 3.75
CA LEU A 42 4.11 -11.35 2.74
C LEU A 42 3.49 -12.60 3.32
N MET A 43 3.58 -12.82 4.62
CA MET A 43 3.13 -14.06 5.23
C MET A 43 1.75 -13.81 5.84
N CYS A 44 0.81 -14.65 5.44
CA CYS A 44 -0.47 -14.75 6.12
C CYS A 44 -0.23 -15.20 7.56
N PRO A 45 -0.57 -14.37 8.56
CA PRO A 45 -0.32 -14.79 9.96
C PRO A 45 -1.18 -15.97 10.42
N ILE A 46 -1.94 -16.55 9.49
CA ILE A 46 -2.77 -17.71 9.77
C ILE A 46 -1.90 -18.93 9.46
N CYS A 47 -1.41 -19.00 8.22
CA CYS A 47 -0.71 -20.18 7.72
C CYS A 47 0.78 -20.01 7.51
N LEU A 48 1.33 -18.82 7.70
CA LEU A 48 2.78 -18.62 7.75
C LEU A 48 3.51 -19.20 6.54
N ASP A 49 2.84 -19.24 5.39
CA ASP A 49 3.38 -19.43 4.05
C ASP A 49 3.06 -18.18 3.23
N MET A 50 3.27 -18.29 1.92
CA MET A 50 3.01 -17.17 1.02
C MET A 50 1.51 -16.94 0.84
N LEU A 51 1.14 -15.67 0.73
CA LEU A 51 -0.24 -15.32 0.48
C LEU A 51 -0.67 -15.89 -0.88
N LYS A 52 -1.71 -16.71 -0.85
CA LYS A 52 -2.41 -17.20 -2.03
C LYS A 52 -3.85 -16.68 -1.93
N ASN A 53 -4.40 -16.22 -3.05
CA ASN A 53 -5.71 -15.58 -3.08
C ASN A 53 -5.88 -14.59 -1.93
N THR A 54 -5.31 -13.40 -2.06
CA THR A 54 -5.24 -12.47 -0.95
C THR A 54 -6.59 -11.80 -0.70
N MET A 55 -6.84 -11.48 0.56
CA MET A 55 -8.01 -10.74 1.00
C MET A 55 -7.54 -9.60 1.87
N THR A 56 -8.27 -8.51 1.87
CA THR A 56 -7.90 -7.35 2.67
C THR A 56 -9.12 -6.84 3.39
N THR A 57 -8.93 -6.42 4.65
CA THR A 57 -10.01 -5.81 5.41
C THR A 57 -10.07 -4.32 5.06
N LYS A 58 -11.29 -3.83 4.79
CA LYS A 58 -11.49 -2.46 4.33
C LYS A 58 -11.32 -1.44 5.45
N GLU A 59 -11.45 -1.85 6.70
CA GLU A 59 -11.37 -0.91 7.81
C GLU A 59 -9.94 -0.65 8.22
N CYS A 60 -9.03 -1.57 7.91
CA CYS A 60 -7.67 -1.56 8.42
C CYS A 60 -6.61 -2.02 7.43
N LEU A 61 -6.99 -2.43 6.22
CA LEU A 61 -6.04 -2.78 5.18
C LEU A 61 -5.06 -3.85 5.66
N HIS A 62 -5.63 -4.99 6.05
CA HIS A 62 -4.85 -6.12 6.49
C HIS A 62 -5.11 -7.27 5.53
N ARG A 63 -4.05 -7.94 5.11
CA ARG A 63 -4.13 -8.96 4.07
C ARG A 63 -4.10 -10.36 4.67
N PHE A 64 -4.94 -11.25 4.14
CA PHE A 64 -4.95 -12.66 4.52
C PHE A 64 -5.30 -13.50 3.30
N CYS A 65 -5.18 -14.82 3.46
CA CYS A 65 -5.60 -15.73 2.41
C CYS A 65 -7.11 -15.82 2.33
N ALA A 66 -7.63 -15.87 1.11
CA ALA A 66 -9.07 -16.03 0.89
C ALA A 66 -9.55 -17.32 1.54
N ASP A 67 -8.82 -18.41 1.29
CA ASP A 67 -9.16 -19.70 1.86
C ASP A 67 -8.92 -19.72 3.37
N CYS A 68 -7.96 -18.93 3.86
CA CYS A 68 -7.66 -18.96 5.29
C CYS A 68 -8.58 -18.09 6.13
N ILE A 69 -8.95 -16.90 5.69
CA ILE A 69 -9.71 -16.00 6.57
C ILE A 69 -11.11 -16.51 6.94
N ILE A 70 -11.69 -17.37 6.12
CA ILE A 70 -13.03 -17.87 6.38
C ILE A 70 -13.12 -18.60 7.72
N THR A 71 -12.05 -19.26 8.12
CA THR A 71 -12.04 -20.02 9.36
C THR A 71 -11.74 -19.19 10.61
N ALA A 72 -11.07 -18.03 10.48
CA ALA A 72 -10.76 -17.22 11.67
C ALA A 72 -11.95 -16.40 12.11
N LEU A 73 -12.79 -16.01 11.17
CA LEU A 73 -14.02 -15.34 11.50
C LEU A 73 -15.05 -16.40 11.89
N ARG A 74 -14.93 -17.60 11.29
CA ARG A 74 -15.82 -18.72 11.58
C ARG A 74 -15.64 -19.26 13.00
N SER A 75 -14.54 -18.91 13.69
CA SER A 75 -14.27 -19.47 15.01
C SER A 75 -14.59 -18.46 16.11
N GLY A 76 -15.41 -17.47 15.78
CA GLY A 76 -16.17 -16.74 16.77
C GLY A 76 -15.61 -15.44 17.29
N ASN A 77 -14.66 -14.82 16.59
CA ASN A 77 -14.14 -13.63 17.23
C ASN A 77 -14.54 -12.33 16.52
N LYS A 78 -14.94 -12.42 15.25
CA LYS A 78 -15.42 -11.27 14.43
C LYS A 78 -14.63 -9.96 14.56
N GLU A 79 -13.35 -10.07 14.83
CA GLU A 79 -12.45 -8.93 14.85
C GLU A 79 -11.31 -9.17 13.85
N CYS A 80 -10.50 -8.15 13.61
CA CYS A 80 -9.35 -8.35 12.72
C CYS A 80 -8.25 -9.11 13.44
N PRO A 81 -7.84 -10.28 12.93
CA PRO A 81 -6.84 -11.10 13.61
C PRO A 81 -5.54 -10.38 13.94
N THR A 82 -5.33 -9.18 13.38
CA THR A 82 -4.06 -8.46 13.51
C THR A 82 -4.14 -7.34 14.53
N CYS A 83 -5.08 -6.42 14.35
CA CYS A 83 -5.21 -5.26 15.23
C CYS A 83 -6.38 -5.38 16.18
N ARG A 84 -7.10 -6.51 16.16
CA ARG A 84 -8.13 -6.84 17.14
C ARG A 84 -9.20 -5.75 17.13
N LYS A 85 -9.77 -5.52 15.95
CA LYS A 85 -10.80 -4.51 15.79
C LYS A 85 -12.02 -5.15 15.14
N LYS A 86 -13.21 -4.76 15.63
CA LYS A 86 -14.45 -5.41 15.18
C LYS A 86 -14.59 -5.26 13.69
N LEU A 87 -14.75 -6.37 13.02
CA LEU A 87 -14.91 -6.37 11.59
C LEU A 87 -16.38 -6.36 11.26
N VAL A 88 -16.86 -5.19 10.87
CA VAL A 88 -18.26 -4.97 10.56
C VAL A 88 -18.63 -5.58 9.20
N SER A 89 -19.82 -6.17 9.13
CA SER A 89 -20.38 -6.71 7.89
C SER A 89 -19.54 -7.81 7.24
N LYS A 90 -19.90 -8.06 5.99
CA LYS A 90 -19.22 -9.02 5.15
C LYS A 90 -18.63 -8.29 3.95
N ARG A 91 -19.14 -7.09 3.63
CA ARG A 91 -18.53 -6.34 2.54
C ARG A 91 -17.18 -5.75 2.97
N SER A 92 -16.75 -5.94 4.23
CA SER A 92 -15.38 -5.58 4.61
C SER A 92 -14.34 -6.51 4.03
N LEU A 93 -14.68 -7.49 3.21
CA LEU A 93 -13.66 -8.40 2.69
C LEU A 93 -13.57 -8.34 1.19
N ARG A 94 -12.49 -7.80 0.62
CA ARG A 94 -12.43 -7.81 -0.83
C ARG A 94 -11.19 -8.57 -1.28
N PRO A 95 -11.29 -9.37 -2.34
CA PRO A 95 -10.09 -9.98 -2.90
C PRO A 95 -9.21 -8.87 -3.48
N ASP A 96 -7.89 -9.10 -3.41
CA ASP A 96 -6.92 -8.06 -3.76
C ASP A 96 -6.12 -8.39 -5.02
N PRO A 97 -6.66 -8.16 -6.21
CA PRO A 97 -5.93 -8.56 -7.41
C PRO A 97 -4.66 -7.75 -7.63
N ASN A 98 -4.68 -6.44 -7.34
CA ASN A 98 -3.46 -5.65 -7.49
C ASN A 98 -2.34 -6.14 -6.58
N PHE A 99 -2.69 -6.82 -5.47
CA PHE A 99 -1.69 -7.40 -4.58
C PHE A 99 -1.20 -8.76 -5.05
N ASP A 100 -2.09 -9.63 -5.53
CA ASP A 100 -1.59 -10.87 -6.11
C ASP A 100 -0.78 -10.60 -7.36
N ALA A 101 -1.13 -9.54 -8.11
CA ALA A 101 -0.30 -9.14 -9.22
C ALA A 101 1.16 -8.99 -8.82
N LEU A 102 1.40 -8.64 -7.56
CA LEU A 102 2.73 -8.39 -7.01
C LEU A 102 3.43 -9.67 -6.57
N ILE A 103 2.68 -10.62 -6.03
CA ILE A 103 3.26 -11.90 -5.62
C ILE A 103 3.83 -12.64 -6.82
N SER A 104 3.11 -12.62 -7.95
CA SER A 104 3.51 -13.36 -9.13
C SER A 104 4.88 -12.96 -9.66
N LYS A 105 5.45 -11.87 -9.17
CA LYS A 105 6.77 -11.44 -9.56
C LYS A 105 7.87 -12.06 -8.71
N ILE A 106 7.50 -12.70 -7.60
CA ILE A 106 8.47 -13.14 -6.61
C ILE A 106 8.20 -14.58 -6.20
N TYR A 107 8.40 -15.51 -7.13
CA TYR A 107 8.10 -16.90 -6.83
C TYR A 107 8.82 -17.41 -5.58
N PRO A 108 10.08 -17.00 -5.29
CA PRO A 108 10.67 -17.33 -3.98
C PRO A 108 10.84 -16.10 -3.09
N THR B 1 15.95 -17.65 -3.55
CA THR B 1 16.40 -16.27 -3.76
C THR B 1 16.64 -15.96 -5.24
N THR B 2 16.13 -14.80 -5.68
CA THR B 2 16.30 -14.37 -7.05
C THR B 2 16.74 -12.91 -7.08
N ARG B 3 17.24 -12.50 -8.24
CA ARG B 3 17.58 -11.12 -8.54
C ARG B 3 16.57 -10.64 -9.55
N ILE B 4 16.01 -9.46 -9.35
CA ILE B 4 14.96 -8.97 -10.24
C ILE B 4 15.34 -7.60 -10.77
N LYS B 5 15.18 -7.37 -12.08
CA LYS B 5 15.32 -6.01 -12.60
C LYS B 5 14.18 -5.17 -12.05
N ILE B 6 14.52 -4.01 -11.47
CA ILE B 6 13.55 -3.11 -10.83
C ILE B 6 12.59 -2.48 -11.82
N THR B 7 13.00 -2.39 -13.08
CA THR B 7 12.10 -1.95 -14.12
C THR B 7 10.87 -2.85 -14.23
N GLU B 8 10.98 -4.11 -13.75
CA GLU B 8 9.88 -5.07 -13.65
C GLU B 8 8.92 -4.79 -12.50
N LEU B 9 9.38 -4.15 -11.43
CA LEU B 9 8.56 -3.88 -10.26
C LEU B 9 7.96 -2.48 -10.25
N ASN B 10 8.63 -1.50 -10.86
CA ASN B 10 8.20 -0.11 -10.89
C ASN B 10 6.71 0.07 -11.14
N PRO B 11 6.06 -0.69 -12.03
CA PRO B 11 4.59 -0.62 -12.06
C PRO B 11 3.95 -0.86 -10.69
N HIS B 12 4.36 -1.89 -9.96
CA HIS B 12 3.69 -2.20 -8.71
C HIS B 12 4.05 -1.27 -7.57
N LEU B 13 5.01 -0.35 -7.79
CA LEU B 13 5.58 0.47 -6.73
C LEU B 13 5.49 1.97 -7.03
N MET B 14 4.62 2.39 -7.95
CA MET B 14 4.62 3.77 -8.40
C MET B 14 3.21 4.34 -8.41
N CYS B 15 3.14 5.62 -8.05
CA CYS B 15 1.94 6.44 -8.02
C CYS B 15 1.65 7.01 -9.41
N VAL B 16 0.45 6.77 -9.91
CA VAL B 16 0.12 7.22 -11.26
C VAL B 16 -0.03 8.73 -11.38
N LEU B 17 -0.18 9.44 -10.27
CA LEU B 17 -0.21 10.89 -10.34
C LEU B 17 1.20 11.47 -10.27
N CYS B 18 2.03 10.93 -9.39
CA CYS B 18 3.36 11.45 -9.11
C CYS B 18 4.43 10.99 -10.10
N GLY B 19 4.16 9.93 -10.87
CA GLY B 19 5.11 9.34 -11.80
C GLY B 19 6.32 8.75 -11.11
N GLY B 20 6.26 8.66 -9.78
CA GLY B 20 7.39 8.18 -9.01
C GLY B 20 6.88 7.24 -7.95
N TYR B 21 7.80 6.77 -7.11
CA TYR B 21 7.48 5.80 -6.07
C TYR B 21 6.49 6.35 -5.04
N PHE B 22 5.82 5.42 -4.37
CA PHE B 22 4.88 5.77 -3.34
C PHE B 22 5.63 6.36 -2.15
N ILE B 23 5.19 7.52 -1.68
CA ILE B 23 5.65 8.05 -0.42
C ILE B 23 4.41 8.30 0.43
N ASP B 24 4.41 7.77 1.66
CA ASP B 24 3.24 7.72 2.50
C ASP B 24 2.05 7.09 1.76
N ALA B 25 2.23 5.83 1.36
CA ALA B 25 1.26 5.14 0.51
C ALA B 25 -0.14 5.09 1.13
N THR B 26 -1.15 5.39 0.30
CA THR B 26 -2.55 5.47 0.71
C THR B 26 -3.42 4.72 -0.28
N THR B 27 -4.50 4.11 0.23
CA THR B 27 -5.30 3.13 -0.50
C THR B 27 -6.78 3.47 -0.40
N ILE B 28 -7.49 3.43 -1.52
CA ILE B 28 -8.95 3.48 -1.55
C ILE B 28 -9.48 2.11 -1.14
N ILE B 29 -10.25 2.05 -0.06
CA ILE B 29 -10.67 0.77 0.48
C ILE B 29 -11.84 0.13 -0.27
N GLU B 30 -12.20 0.69 -1.43
CA GLU B 30 -13.19 0.06 -2.29
C GLU B 30 -12.60 -0.80 -3.39
N CYS B 31 -11.69 -0.21 -4.18
CA CYS B 31 -11.06 -0.85 -5.33
C CYS B 31 -9.64 -1.31 -5.06
N LEU B 32 -9.09 -0.99 -3.90
CA LEU B 32 -7.72 -1.33 -3.56
C LEU B 32 -6.74 -0.75 -4.58
N HIS B 33 -6.96 0.50 -4.91
CA HIS B 33 -5.96 1.23 -5.68
C HIS B 33 -5.21 2.16 -4.73
N SER B 34 -3.98 2.48 -5.09
CA SER B 34 -3.09 3.12 -4.15
C SER B 34 -2.27 4.22 -4.82
N PHE B 35 -2.02 5.26 -4.04
CA PHE B 35 -1.38 6.49 -4.48
C PHE B 35 -0.64 7.05 -3.26
N CYS B 36 0.27 7.97 -3.51
CA CYS B 36 0.90 8.70 -2.42
C CYS B 36 -0.15 9.41 -1.61
N LYS B 37 0.11 9.56 -0.31
CA LYS B 37 -0.86 10.23 0.57
C LYS B 37 -1.24 11.59 0.02
N THR B 38 -0.24 12.39 -0.39
CA THR B 38 -0.52 13.76 -0.85
C THR B 38 -1.18 13.76 -2.22
N CYS B 39 -0.84 12.79 -3.06
CA CYS B 39 -1.34 12.78 -4.42
C CYS B 39 -2.85 12.61 -4.43
N ILE B 40 -3.34 11.63 -3.67
CA ILE B 40 -4.76 11.31 -3.69
C ILE B 40 -5.57 12.33 -2.88
N VAL B 41 -4.99 12.92 -1.83
CA VAL B 41 -5.74 13.92 -1.09
C VAL B 41 -6.00 15.11 -1.98
N ARG B 42 -5.00 15.57 -2.72
CA ARG B 42 -5.25 16.66 -3.66
C ARG B 42 -6.22 16.22 -4.75
N TYR B 43 -6.09 14.97 -5.23
CA TYR B 43 -7.02 14.51 -6.24
C TYR B 43 -8.45 14.55 -5.71
N LEU B 44 -8.67 13.94 -4.55
CA LEU B 44 -10.02 13.85 -4.03
C LEU B 44 -10.60 15.20 -3.65
N GLU B 45 -9.82 16.27 -3.73
CA GLU B 45 -10.35 17.61 -3.54
C GLU B 45 -11.24 18.05 -4.70
N THR B 46 -11.25 17.28 -5.80
CA THR B 46 -11.95 17.63 -7.02
C THR B 46 -12.67 16.45 -7.66
N SER B 47 -12.53 15.24 -7.14
CA SER B 47 -13.28 14.11 -7.66
C SER B 47 -13.66 13.19 -6.52
N LYS B 48 -14.84 12.58 -6.62
CA LYS B 48 -15.25 11.53 -5.69
C LYS B 48 -15.09 10.13 -6.29
N TYR B 49 -14.29 10.02 -7.35
CA TYR B 49 -14.11 8.79 -8.12
C TYR B 49 -12.61 8.47 -8.30
N CYS B 50 -12.27 7.17 -8.34
CA CYS B 50 -10.87 6.72 -8.46
C CYS B 50 -10.21 7.23 -9.72
N PRO B 51 -8.96 7.68 -9.65
CA PRO B 51 -8.27 8.16 -10.85
C PRO B 51 -8.05 7.08 -11.90
N ILE B 52 -8.06 5.81 -11.50
CA ILE B 52 -7.70 4.75 -12.44
C ILE B 52 -8.94 3.93 -12.77
N CYS B 53 -9.47 3.17 -11.80
CA CYS B 53 -10.59 2.33 -12.18
C CYS B 53 -11.83 3.16 -12.45
N ASP B 54 -11.96 4.33 -11.81
CA ASP B 54 -13.06 5.29 -11.99
C ASP B 54 -14.32 4.93 -11.19
N VAL B 55 -14.21 4.16 -10.08
CA VAL B 55 -15.34 3.96 -9.14
C VAL B 55 -15.59 5.20 -8.30
N GLN B 56 -16.82 5.29 -7.76
CA GLN B 56 -17.20 6.35 -6.82
C GLN B 56 -16.71 6.00 -5.43
N VAL B 57 -15.83 6.84 -4.87
CA VAL B 57 -15.22 6.62 -3.55
C VAL B 57 -16.25 6.82 -2.45
N HIS B 58 -17.18 7.73 -2.67
CA HIS B 58 -18.23 8.09 -1.73
C HIS B 58 -19.17 9.02 -2.48
N LYS B 59 -20.43 9.10 -2.04
CA LYS B 59 -21.30 10.10 -2.66
C LYS B 59 -20.88 11.52 -2.24
N THR B 60 -20.36 11.66 -1.00
CA THR B 60 -20.20 12.96 -0.35
C THR B 60 -18.79 13.26 0.18
N ARG B 61 -18.27 12.41 1.07
CA ARG B 61 -16.97 12.64 1.70
C ARG B 61 -15.97 11.60 1.24
N PRO B 62 -15.25 11.83 0.15
CA PRO B 62 -14.36 10.78 -0.36
C PRO B 62 -13.30 10.35 0.64
N LEU B 63 -12.72 11.28 1.40
CA LEU B 63 -11.66 10.93 2.36
C LEU B 63 -12.11 9.90 3.38
N LEU B 64 -13.42 9.63 3.43
CA LEU B 64 -13.95 8.66 4.38
C LEU B 64 -13.50 7.26 4.05
N ASN B 65 -13.19 7.00 2.79
CA ASN B 65 -12.98 5.63 2.33
C ASN B 65 -11.60 5.42 1.73
N ILE B 66 -10.59 6.01 2.36
CA ILE B 66 -9.19 5.79 2.02
C ILE B 66 -8.42 5.60 3.32
N ARG B 67 -7.44 4.70 3.31
CA ARG B 67 -6.62 4.43 4.48
C ARG B 67 -5.14 4.43 4.12
N SER B 68 -4.28 4.77 5.09
CA SER B 68 -2.85 4.50 4.92
C SER B 68 -2.63 3.02 4.64
N ASP B 69 -1.68 2.74 3.77
CA ASP B 69 -1.23 1.37 3.48
C ASP B 69 0.22 1.29 3.92
N LYS B 70 0.42 1.04 5.20
CA LYS B 70 1.79 0.89 5.67
C LYS B 70 2.36 -0.42 5.19
N THR B 71 1.52 -1.46 5.07
CA THR B 71 1.99 -2.73 4.51
C THR B 71 2.57 -2.52 3.14
N LEU B 72 1.90 -1.74 2.31
CA LEU B 72 2.40 -1.48 0.97
C LEU B 72 3.62 -0.55 1.00
N GLN B 73 3.58 0.51 1.80
CA GLN B 73 4.70 1.44 1.85
C GLN B 73 5.98 0.79 2.35
N ASP B 74 5.86 -0.23 3.20
CA ASP B 74 7.06 -0.88 3.72
C ASP B 74 7.71 -1.72 2.64
N ILE B 75 6.90 -2.35 1.79
CA ILE B 75 7.41 -3.13 0.67
C ILE B 75 8.21 -2.24 -0.27
N VAL B 76 7.77 -1.00 -0.44
CA VAL B 76 8.48 -0.08 -1.30
C VAL B 76 9.82 0.30 -0.69
N TYR B 77 9.82 0.70 0.58
CA TYR B 77 11.04 1.15 1.24
C TYR B 77 12.10 0.06 1.27
N LYS B 78 11.65 -1.21 1.31
CA LYS B 78 12.55 -2.36 1.36
C LYS B 78 13.10 -2.73 -0.02
N LEU B 79 12.27 -2.69 -1.06
CA LEU B 79 12.74 -3.07 -2.39
C LEU B 79 13.59 -1.99 -3.03
N VAL B 80 13.28 -0.72 -2.75
CA VAL B 80 13.88 0.42 -3.44
C VAL B 80 15.05 0.91 -2.58
N PRO B 81 16.30 0.75 -3.03
CA PRO B 81 17.43 1.01 -2.15
C PRO B 81 17.58 2.48 -1.82
N GLY B 82 17.65 2.78 -0.53
CA GLY B 82 17.89 4.13 -0.08
C GLY B 82 16.77 5.10 -0.37
N LEU B 83 15.60 4.59 -0.73
CA LEU B 83 14.45 5.47 -0.92
C LEU B 83 14.05 6.09 0.41
N PHE B 84 14.01 5.28 1.46
CA PHE B 84 13.72 5.76 2.80
C PHE B 84 14.78 6.76 3.29
N LYS B 85 16.08 6.47 3.09
CA LYS B 85 17.06 7.49 3.39
C LYS B 85 16.74 8.78 2.67
N ASN B 86 16.49 8.67 1.36
CA ASN B 86 16.31 9.86 0.54
C ASN B 86 15.10 10.64 0.99
N GLU B 87 14.00 9.95 1.25
CA GLU B 87 12.77 10.64 1.61
C GLU B 87 12.89 11.25 2.99
N MET B 88 13.47 10.53 3.94
CA MET B 88 13.64 11.10 5.28
C MET B 88 14.59 12.27 5.24
N LYS B 89 15.68 12.18 4.48
CA LYS B 89 16.60 13.30 4.42
C LYS B 89 15.91 14.51 3.84
N ARG B 90 15.06 14.33 2.82
CA ARG B 90 14.30 15.44 2.25
C ARG B 90 13.48 16.20 3.29
N ARG B 91 12.87 15.47 4.23
CA ARG B 91 12.01 16.10 5.23
C ARG B 91 12.81 16.88 6.26
N ARG B 92 13.92 16.30 6.75
CA ARG B 92 14.80 17.06 7.65
C ARG B 92 15.25 18.35 6.98
N ASP B 93 15.77 18.25 5.75
CA ASP B 93 16.27 19.42 5.05
C ASP B 93 15.20 20.50 5.06
N PHE B 94 13.95 20.09 4.85
CA PHE B 94 12.88 21.08 4.78
C PHE B 94 12.74 21.79 6.11
N TYR B 95 12.58 21.03 7.19
CA TYR B 95 12.36 21.63 8.50
C TYR B 95 13.61 22.28 9.06
N ALA B 96 14.77 22.05 8.44
CA ALA B 96 15.95 22.84 8.75
C ALA B 96 15.88 24.21 8.12
N ALA B 97 15.05 24.38 7.09
CA ALA B 97 14.85 25.66 6.45
C ALA B 97 13.56 26.34 6.86
N HIS B 98 12.68 25.66 7.57
CA HIS B 98 11.38 26.22 7.94
C HIS B 98 11.01 25.84 9.36
N PRO B 99 11.67 26.44 10.37
CA PRO B 99 11.26 26.25 11.78
C PRO B 99 10.37 27.35 12.35
N THR A 9 -9.05 14.19 8.84
CA THR A 9 -8.82 15.10 7.72
C THR A 9 -7.49 14.81 7.03
N TRP A 10 -7.48 15.07 5.73
CA TRP A 10 -6.34 14.82 4.86
C TRP A 10 -5.75 16.13 4.41
N GLU A 11 -5.41 17.00 5.34
CA GLU A 11 -4.83 18.29 5.00
C GLU A 11 -3.36 18.07 4.62
N LEU A 12 -2.92 18.65 3.50
CA LEU A 12 -1.55 18.47 3.03
C LEU A 12 -0.65 19.54 3.62
N SER A 13 0.44 19.12 4.28
CA SER A 13 1.40 20.06 4.86
C SER A 13 2.08 20.84 3.76
N LEU A 14 2.79 21.92 4.15
CA LEU A 14 3.55 22.68 3.16
C LEU A 14 4.43 21.77 2.32
N TYR A 15 5.13 20.85 2.97
CA TYR A 15 5.95 19.91 2.20
C TYR A 15 5.10 19.16 1.19
N GLU A 16 4.03 18.49 1.67
CA GLU A 16 3.21 17.68 0.79
C GLU A 16 2.59 18.52 -0.33
N LEU A 17 2.30 19.78 -0.04
CA LEU A 17 1.67 20.61 -1.06
C LEU A 17 2.56 20.77 -2.28
N GLN A 18 3.84 21.05 -2.07
CA GLN A 18 4.77 21.20 -3.17
C GLN A 18 5.72 20.00 -3.42
N ARG A 19 5.50 18.83 -2.84
CA ARG A 19 6.42 17.71 -3.09
C ARG A 19 6.42 17.33 -4.57
N THR A 20 7.55 16.81 -5.03
CA THR A 20 7.81 16.36 -6.39
C THR A 20 7.81 14.84 -6.48
N PRO A 21 7.70 14.28 -7.68
CA PRO A 21 7.88 12.84 -7.84
C PRO A 21 9.21 12.38 -7.31
N GLN A 22 9.21 11.14 -6.79
CA GLN A 22 10.43 10.37 -6.47
C GLN A 22 10.73 9.53 -7.70
N GLU A 23 11.71 9.94 -8.49
CA GLU A 23 12.00 9.31 -9.78
C GLU A 23 12.30 7.83 -9.62
N ALA A 24 11.70 7.03 -10.49
CA ALA A 24 11.91 5.58 -10.46
C ALA A 24 13.23 5.23 -11.11
N ILE A 25 13.58 3.96 -11.04
CA ILE A 25 14.87 3.45 -11.49
C ILE A 25 14.66 2.58 -12.73
N THR A 26 15.13 3.07 -13.88
CA THR A 26 15.22 2.39 -15.18
C THR A 26 16.58 1.75 -15.42
N ASP A 27 17.54 2.03 -14.54
CA ASP A 27 18.91 1.55 -14.63
C ASP A 27 19.02 0.03 -14.71
N GLY A 28 18.09 -0.71 -14.13
CA GLY A 28 18.22 -2.17 -14.14
C GLY A 28 19.17 -2.69 -13.09
N LEU A 29 19.12 -2.11 -11.89
CA LEU A 29 19.76 -2.69 -10.73
C LEU A 29 18.94 -3.89 -10.28
N GLU A 30 19.57 -4.79 -9.54
CA GLU A 30 18.91 -5.97 -9.02
C GLU A 30 18.99 -5.99 -7.50
N ILE A 31 17.88 -6.32 -6.85
CA ILE A 31 17.83 -6.40 -5.39
C ILE A 31 17.83 -7.87 -5.02
N VAL A 32 18.42 -8.19 -3.87
CA VAL A 32 18.47 -9.56 -3.36
C VAL A 32 17.48 -9.70 -2.21
N VAL A 33 16.70 -10.78 -2.23
CA VAL A 33 15.56 -10.94 -1.33
C VAL A 33 15.46 -12.39 -0.90
N SER A 34 15.66 -12.65 0.40
CA SER A 34 15.51 -13.94 1.04
C SER A 34 14.06 -14.18 1.51
N PRO A 35 13.66 -15.44 1.77
CA PRO A 35 12.34 -15.68 2.38
C PRO A 35 12.17 -15.06 3.76
N ARG A 36 13.28 -14.69 4.40
CA ARG A 36 13.30 -14.01 5.68
C ARG A 36 13.19 -12.50 5.51
N SER A 37 13.81 -11.96 4.48
CA SER A 37 13.76 -10.53 4.23
C SER A 37 12.34 -10.13 3.82
N LEU A 38 11.89 -8.98 4.34
CA LEU A 38 10.50 -8.53 4.21
C LEU A 38 9.47 -9.47 4.84
N HIS A 39 9.88 -10.40 5.70
CA HIS A 39 8.90 -11.40 6.12
C HIS A 39 7.85 -10.78 7.03
N SER A 40 8.19 -9.70 7.73
CA SER A 40 7.22 -9.08 8.64
C SER A 40 5.97 -8.63 7.89
N GLU A 41 6.09 -8.36 6.59
CA GLU A 41 5.02 -7.77 5.79
C GLU A 41 4.29 -8.78 4.94
N LEU A 42 4.87 -9.97 4.74
CA LEU A 42 4.35 -10.94 3.80
C LEU A 42 3.75 -12.15 4.48
N MET A 43 3.82 -12.24 5.80
CA MET A 43 3.39 -13.43 6.50
C MET A 43 2.00 -13.17 7.07
N CYS A 44 1.08 -14.06 6.75
CA CYS A 44 -0.21 -14.12 7.40
C CYS A 44 0.02 -14.43 8.88
N PRO A 45 -0.36 -13.54 9.81
CA PRO A 45 -0.11 -13.82 11.24
C PRO A 45 -0.95 -14.97 11.78
N ILE A 46 -1.70 -15.65 10.91
CA ILE A 46 -2.51 -16.81 11.27
C ILE A 46 -1.61 -18.02 11.09
N CYS A 47 -1.09 -18.19 9.86
CA CYS A 47 -0.36 -19.40 9.48
C CYS A 47 1.14 -19.22 9.28
N LEU A 48 1.65 -18.00 9.36
CA LEU A 48 3.10 -17.76 9.41
C LEU A 48 3.86 -18.44 8.27
N ASP A 49 3.20 -18.59 7.13
CA ASP A 49 3.77 -18.89 5.82
C ASP A 49 3.43 -17.73 4.88
N MET A 50 3.67 -17.94 3.58
CA MET A 50 3.39 -16.91 2.59
C MET A 50 1.90 -16.73 2.37
N LEU A 51 1.50 -15.48 2.14
CA LEU A 51 0.11 -15.20 1.84
C LEU A 51 -0.29 -15.88 0.54
N LYS A 52 -1.32 -16.72 0.62
CA LYS A 52 -1.99 -17.32 -0.51
C LYS A 52 -3.43 -16.85 -0.47
N ASN A 53 -3.97 -16.49 -1.64
CA ASN A 53 -5.30 -15.88 -1.75
C ASN A 53 -5.51 -14.80 -0.69
N THR A 54 -4.96 -13.62 -0.91
CA THR A 54 -4.93 -12.60 0.10
C THR A 54 -6.29 -11.93 0.27
N MET A 55 -6.56 -11.51 1.50
CA MET A 55 -7.76 -10.76 1.86
C MET A 55 -7.32 -9.54 2.64
N THR A 56 -8.08 -8.47 2.54
CA THR A 56 -7.75 -7.25 3.26
C THR A 56 -8.99 -6.70 3.93
N THR A 57 -8.83 -6.19 5.14
CA THR A 57 -9.92 -5.54 5.84
C THR A 57 -10.02 -4.09 5.37
N LYS A 58 -11.24 -3.66 5.06
CA LYS A 58 -11.47 -2.32 4.50
C LYS A 58 -11.34 -1.21 5.53
N GLU A 59 -11.48 -1.53 6.81
CA GLU A 59 -11.43 -0.50 7.83
C GLU A 59 -10.00 -0.18 8.24
N CYS A 60 -9.08 -1.10 8.01
CA CYS A 60 -7.72 -1.02 8.54
C CYS A 60 -6.65 -1.53 7.60
N LEU A 61 -7.00 -2.04 6.42
CA LEU A 61 -6.03 -2.45 5.43
C LEU A 61 -5.03 -3.45 6.00
N HIS A 62 -5.57 -4.56 6.47
CA HIS A 62 -4.76 -5.64 7.00
C HIS A 62 -4.99 -6.87 6.13
N ARG A 63 -3.91 -7.55 5.77
CA ARG A 63 -3.96 -8.64 4.82
C ARG A 63 -3.91 -10.00 5.54
N PHE A 64 -4.72 -10.95 5.06
CA PHE A 64 -4.70 -12.31 5.55
C PHE A 64 -5.01 -13.26 4.41
N CYS A 65 -4.86 -14.56 4.66
CA CYS A 65 -5.24 -15.56 3.68
C CYS A 65 -6.76 -15.69 3.59
N ALA A 66 -7.27 -15.86 2.38
CA ALA A 66 -8.70 -16.05 2.16
C ALA A 66 -9.16 -17.29 2.92
N ASP A 67 -8.42 -18.38 2.74
CA ASP A 67 -8.75 -19.63 3.42
C ASP A 67 -8.56 -19.51 4.93
N CYS A 68 -7.63 -18.66 5.37
CA CYS A 68 -7.38 -18.55 6.81
C CYS A 68 -8.35 -17.62 7.53
N ILE A 69 -8.71 -16.49 6.96
CA ILE A 69 -9.52 -15.52 7.72
C ILE A 69 -10.96 -15.98 8.02
N ILE A 70 -11.52 -16.82 7.17
CA ILE A 70 -12.89 -17.28 7.35
C ILE A 70 -13.07 -18.10 8.63
N THR A 71 -12.03 -18.82 9.03
CA THR A 71 -12.09 -19.68 10.21
C THR A 71 -11.81 -18.93 11.52
N ALA A 72 -11.09 -17.79 11.49
CA ALA A 72 -10.80 -17.08 12.74
C ALA A 72 -11.98 -16.24 13.20
N LEU A 73 -12.76 -15.76 12.24
CA LEU A 73 -13.98 -15.06 12.57
C LEU A 73 -15.08 -16.11 12.82
N ARG A 74 -14.88 -17.32 12.26
CA ARG A 74 -15.82 -18.43 12.42
C ARG A 74 -15.87 -18.95 13.85
N SER A 75 -14.90 -18.61 14.70
CA SER A 75 -14.83 -19.15 16.05
C SER A 75 -15.31 -18.14 17.07
N GLY A 76 -16.05 -17.14 16.62
CA GLY A 76 -16.95 -16.39 17.48
C GLY A 76 -16.46 -15.10 18.05
N ASN A 77 -15.40 -14.49 17.52
CA ASN A 77 -14.97 -13.30 18.22
C ASN A 77 -15.25 -12.01 17.45
N LYS A 78 -15.44 -12.10 16.12
CA LYS A 78 -15.78 -10.96 15.24
C LYS A 78 -14.95 -9.69 15.42
N GLU A 79 -13.69 -9.85 15.76
CA GLU A 79 -12.75 -8.75 15.84
C GLU A 79 -11.57 -9.03 14.91
N CYS A 80 -10.70 -8.03 14.72
CA CYS A 80 -9.52 -8.27 13.90
C CYS A 80 -8.48 -9.08 14.67
N PRO A 81 -8.09 -10.27 14.17
CA PRO A 81 -7.16 -11.12 14.92
C PRO A 81 -5.87 -10.46 15.32
N THR A 82 -5.57 -9.26 14.79
CA THR A 82 -4.28 -8.61 14.99
C THR A 82 -4.38 -7.48 16.02
N CYS A 83 -5.27 -6.52 15.79
CA CYS A 83 -5.41 -5.37 16.66
C CYS A 83 -6.64 -5.45 17.55
N ARG A 84 -7.39 -6.55 17.47
CA ARG A 84 -8.48 -6.83 18.39
C ARG A 84 -9.51 -5.70 18.33
N LYS A 85 -10.00 -5.44 17.12
CA LYS A 85 -10.98 -4.40 16.91
C LYS A 85 -12.19 -4.98 16.18
N LYS A 86 -13.39 -4.55 16.60
CA LYS A 86 -14.62 -5.14 16.09
C LYS A 86 -14.68 -4.98 14.59
N LEU A 87 -14.83 -6.08 13.91
CA LEU A 87 -14.90 -6.07 12.47
C LEU A 87 -16.37 -6.02 12.04
N VAL A 88 -16.76 -4.85 11.58
CA VAL A 88 -18.14 -4.59 11.17
C VAL A 88 -18.46 -5.25 9.84
N SER A 89 -19.64 -5.88 9.77
CA SER A 89 -20.17 -6.48 8.53
C SER A 89 -19.31 -7.60 7.96
N LYS A 90 -19.70 -7.99 6.74
CA LYS A 90 -18.99 -9.00 5.97
C LYS A 90 -18.43 -8.36 4.72
N ARG A 91 -19.01 -7.20 4.29
CA ARG A 91 -18.43 -6.52 3.14
C ARG A 91 -17.11 -5.81 3.52
N SER A 92 -16.69 -5.86 4.79
CA SER A 92 -15.35 -5.39 5.15
C SER A 92 -14.26 -6.31 4.67
N LEU A 93 -14.53 -7.38 3.93
CA LEU A 93 -13.45 -8.28 3.50
C LEU A 93 -13.33 -8.35 2.00
N ARG A 94 -12.26 -7.83 1.41
CA ARG A 94 -12.17 -7.95 -0.03
C ARG A 94 -10.92 -8.75 -0.41
N PRO A 95 -11.01 -9.62 -1.40
CA PRO A 95 -9.80 -10.27 -1.90
C PRO A 95 -8.91 -9.21 -2.55
N ASP A 96 -7.60 -9.42 -2.44
CA ASP A 96 -6.62 -8.41 -2.86
C ASP A 96 -5.80 -8.83 -4.08
N PRO A 97 -6.34 -8.71 -5.29
CA PRO A 97 -5.58 -9.20 -6.46
C PRO A 97 -4.32 -8.40 -6.72
N ASN A 98 -4.34 -7.08 -6.53
CA ASN A 98 -3.12 -6.29 -6.73
C ASN A 98 -2.02 -6.69 -5.76
N PHE A 99 -2.37 -7.29 -4.62
CA PHE A 99 -1.39 -7.79 -3.66
C PHE A 99 -0.88 -9.19 -4.01
N ASP A 100 -1.76 -10.09 -4.44
CA ASP A 100 -1.26 -11.37 -4.90
C ASP A 100 -0.43 -11.19 -6.17
N ALA A 101 -0.77 -10.20 -7.00
CA ALA A 101 0.07 -9.89 -8.15
C ALA A 101 1.53 -9.70 -7.73
N LEU A 102 1.76 -9.24 -6.50
CA LEU A 102 3.07 -8.94 -5.95
C LEU A 102 3.77 -10.19 -5.40
N ILE A 103 3.01 -11.09 -4.78
CA ILE A 103 3.59 -12.33 -4.27
C ILE A 103 4.18 -13.16 -5.40
N SER A 104 3.48 -13.24 -6.54
CA SER A 104 3.90 -14.07 -7.66
C SER A 104 5.28 -13.71 -8.20
N LYS A 105 5.83 -12.58 -7.79
CA LYS A 105 7.16 -12.17 -8.19
C LYS A 105 8.25 -12.72 -7.28
N ILE A 106 7.87 -13.27 -6.13
CA ILE A 106 8.83 -13.61 -5.09
C ILE A 106 8.55 -15.01 -4.57
N TYR A 107 8.77 -16.02 -5.42
CA TYR A 107 8.47 -17.39 -5.02
C TYR A 107 9.18 -17.79 -3.72
N PRO A 108 10.44 -17.35 -3.44
CA PRO A 108 11.00 -17.57 -2.11
C PRO A 108 11.16 -16.28 -1.31
N THR B 1 16.34 -17.48 -1.65
CA THR B 1 16.77 -16.11 -1.99
C THR B 1 17.03 -15.94 -3.48
N THR B 2 16.51 -14.84 -4.04
CA THR B 2 16.69 -14.53 -5.44
C THR B 2 17.09 -13.08 -5.60
N ARG B 3 17.62 -12.78 -6.78
CA ARG B 3 17.93 -11.42 -7.21
C ARG B 3 16.93 -11.06 -8.28
N ILE B 4 16.35 -9.86 -8.20
CA ILE B 4 15.30 -9.49 -9.15
C ILE B 4 15.67 -8.16 -9.80
N LYS B 5 15.52 -8.07 -11.13
CA LYS B 5 15.65 -6.76 -11.76
C LYS B 5 14.48 -5.89 -11.32
N ILE B 6 14.79 -4.68 -10.85
CA ILE B 6 13.80 -3.74 -10.31
C ILE B 6 12.84 -3.22 -11.37
N THR B 7 13.26 -3.26 -12.62
CA THR B 7 12.38 -2.93 -13.72
C THR B 7 11.17 -3.86 -13.75
N GLU B 8 11.29 -5.06 -13.16
CA GLU B 8 10.20 -6.03 -12.99
C GLU B 8 9.21 -5.66 -11.89
N LEU B 9 9.66 -4.92 -10.87
CA LEU B 9 8.81 -4.54 -9.74
C LEU B 9 8.19 -3.17 -9.87
N ASN B 10 8.85 -2.24 -10.56
CA ASN B 10 8.39 -0.87 -10.73
C ASN B 10 6.89 -0.74 -11.01
N PRO B 11 6.28 -1.60 -11.84
CA PRO B 11 4.80 -1.55 -11.90
C PRO B 11 4.14 -1.68 -10.53
N HIS B 12 4.57 -2.63 -9.69
CA HIS B 12 3.88 -2.83 -8.43
C HIS B 12 4.21 -1.80 -7.37
N LEU B 13 5.16 -0.88 -7.66
CA LEU B 13 5.69 0.05 -6.68
C LEU B 13 5.57 1.51 -7.12
N MET B 14 4.72 1.82 -8.09
CA MET B 14 4.70 3.16 -8.68
C MET B 14 3.28 3.70 -8.75
N CYS B 15 3.18 5.01 -8.52
CA CYS B 15 1.96 5.80 -8.58
C CYS B 15 1.69 6.23 -10.03
N VAL B 16 0.50 5.92 -10.52
CA VAL B 16 0.18 6.23 -11.90
C VAL B 16 0.01 7.73 -12.17
N LEU B 17 -0.18 8.53 -11.14
CA LEU B 17 -0.23 9.97 -11.34
C LEU B 17 1.16 10.57 -11.32
N CYS B 18 1.99 10.15 -10.37
CA CYS B 18 3.31 10.71 -10.13
C CYS B 18 4.40 10.18 -11.06
N GLY B 19 4.16 9.04 -11.72
CA GLY B 19 5.14 8.39 -12.57
C GLY B 19 6.34 7.89 -11.81
N GLY B 20 6.28 7.92 -10.49
CA GLY B 20 7.40 7.55 -9.66
C GLY B 20 6.89 6.70 -8.52
N TYR B 21 7.79 6.34 -7.63
CA TYR B 21 7.48 5.47 -6.50
C TYR B 21 6.47 6.08 -5.54
N PHE B 22 5.80 5.21 -4.81
CA PHE B 22 4.84 5.64 -3.81
C PHE B 22 5.55 6.35 -2.68
N ILE B 23 5.09 7.54 -2.33
CA ILE B 23 5.51 8.19 -1.12
C ILE B 23 4.26 8.50 -0.32
N ASP B 24 4.25 8.08 0.96
CA ASP B 24 3.06 8.10 1.79
C ASP B 24 1.91 7.38 1.08
N ALA B 25 2.11 6.09 0.81
CA ALA B 25 1.17 5.29 0.02
C ALA B 25 -0.23 5.28 0.62
N THR B 26 -1.24 5.47 -0.25
CA THR B 26 -2.65 5.58 0.13
C THR B 26 -3.49 4.71 -0.80
N THR B 27 -4.57 4.14 -0.24
CA THR B 27 -5.34 3.08 -0.89
C THR B 27 -6.83 3.40 -0.84
N ILE B 28 -7.50 3.23 -1.97
CA ILE B 28 -8.98 3.25 -2.02
C ILE B 28 -9.49 1.92 -1.49
N ILE B 29 -10.27 1.94 -0.41
CA ILE B 29 -10.68 0.70 0.24
C ILE B 29 -11.81 -0.02 -0.47
N GLU B 30 -12.17 0.41 -1.68
CA GLU B 30 -13.15 -0.31 -2.50
C GLU B 30 -12.51 -1.25 -3.51
N CYS B 31 -11.61 -0.73 -4.33
CA CYS B 31 -10.95 -1.46 -5.41
C CYS B 31 -9.53 -1.86 -5.07
N LEU B 32 -8.99 -1.42 -3.93
CA LEU B 32 -7.63 -1.70 -3.54
C LEU B 32 -6.64 -1.21 -4.59
N HIS B 33 -6.87 0.00 -5.06
CA HIS B 33 -5.88 0.69 -5.88
C HIS B 33 -5.17 1.70 -5.01
N SER B 34 -3.93 2.01 -5.38
CA SER B 34 -3.07 2.77 -4.49
C SER B 34 -2.26 3.81 -5.25
N PHE B 35 -2.04 4.92 -4.56
CA PHE B 35 -1.41 6.12 -5.11
C PHE B 35 -0.70 6.79 -3.95
N CYS B 36 0.19 7.73 -4.26
CA CYS B 36 0.79 8.56 -3.25
C CYS B 36 -0.29 9.32 -2.52
N LYS B 37 -0.06 9.59 -1.23
CA LYS B 37 -1.04 10.32 -0.43
C LYS B 37 -1.44 11.63 -1.11
N THR B 38 -0.45 12.40 -1.59
CA THR B 38 -0.75 13.71 -2.18
C THR B 38 -1.38 13.57 -3.55
N CYS B 39 -1.01 12.53 -4.29
CA CYS B 39 -1.50 12.38 -5.65
C CYS B 39 -3.01 12.19 -5.66
N ILE B 40 -3.49 11.28 -4.82
CA ILE B 40 -4.90 10.92 -4.83
C ILE B 40 -5.74 12.00 -4.14
N VAL B 41 -5.18 12.69 -3.14
CA VAL B 41 -5.96 13.75 -2.51
C VAL B 41 -6.24 14.84 -3.51
N ARG B 42 -5.23 15.24 -4.28
CA ARG B 42 -5.49 16.23 -5.32
C ARG B 42 -6.43 15.67 -6.37
N TYR B 43 -6.27 14.40 -6.74
CA TYR B 43 -7.18 13.82 -7.71
C TYR B 43 -8.61 13.87 -7.21
N LEU B 44 -8.84 13.38 -5.99
CA LEU B 44 -10.20 13.32 -5.48
C LEU B 44 -10.80 14.68 -5.25
N GLU B 45 -10.03 15.75 -5.42
CA GLU B 45 -10.61 17.09 -5.36
C GLU B 45 -11.49 17.39 -6.57
N THR B 46 -11.46 16.53 -7.59
CA THR B 46 -12.14 16.76 -8.85
C THR B 46 -12.84 15.51 -9.39
N SER B 47 -12.68 14.35 -8.75
CA SER B 47 -13.41 13.17 -9.18
C SER B 47 -13.78 12.35 -7.95
N LYS B 48 -14.95 11.70 -8.02
CA LYS B 48 -15.35 10.74 -7.00
C LYS B 48 -15.16 9.30 -7.46
N TYR B 49 -14.34 9.10 -8.49
CA TYR B 49 -14.11 7.81 -9.15
C TYR B 49 -12.62 7.50 -9.27
N CYS B 50 -12.25 6.21 -9.18
CA CYS B 50 -10.84 5.78 -9.23
C CYS B 50 -10.17 6.19 -10.54
N PRO B 51 -8.94 6.66 -10.48
CA PRO B 51 -8.23 7.03 -11.71
C PRO B 51 -7.98 5.87 -12.65
N ILE B 52 -7.96 4.64 -12.14
CA ILE B 52 -7.58 3.51 -12.96
C ILE B 52 -8.79 2.64 -13.23
N CYS B 53 -9.32 1.96 -12.20
CA CYS B 53 -10.42 1.07 -12.52
C CYS B 53 -11.67 1.84 -12.88
N ASP B 54 -11.83 3.06 -12.36
CA ASP B 54 -12.95 3.97 -12.65
C ASP B 54 -14.22 3.68 -11.83
N VAL B 55 -14.11 3.02 -10.65
CA VAL B 55 -15.24 2.88 -9.73
C VAL B 55 -15.54 4.19 -9.00
N GLN B 56 -16.77 4.30 -8.48
CA GLN B 56 -17.19 5.44 -7.66
C GLN B 56 -16.72 5.23 -6.23
N VAL B 57 -15.86 6.14 -5.74
CA VAL B 57 -15.27 6.05 -4.40
C VAL B 57 -16.31 6.35 -3.34
N HIS B 58 -17.26 7.21 -3.67
CA HIS B 58 -18.33 7.63 -2.77
C HIS B 58 -19.28 8.48 -3.63
N LYS B 59 -20.55 8.57 -3.22
CA LYS B 59 -21.43 9.50 -3.94
C LYS B 59 -21.04 10.94 -3.64
N THR B 60 -20.54 11.21 -2.42
CA THR B 60 -20.42 12.57 -1.90
C THR B 60 -19.03 12.94 -1.37
N ARG B 61 -18.51 12.20 -0.39
CA ARG B 61 -17.22 12.51 0.23
C ARG B 61 -16.19 11.45 -0.12
N PRO B 62 -15.46 11.59 -1.22
CA PRO B 62 -14.53 10.52 -1.61
C PRO B 62 -13.48 10.20 -0.56
N LEU B 63 -12.93 11.21 0.12
CA LEU B 63 -11.88 10.98 1.12
C LEU B 63 -12.33 10.04 2.23
N LEU B 64 -13.64 9.75 2.29
CA LEU B 64 -14.16 8.88 3.32
C LEU B 64 -13.69 7.45 3.13
N ASN B 65 -13.35 7.07 1.89
CA ASN B 65 -13.11 5.68 1.58
C ASN B 65 -11.71 5.44 1.02
N ILE B 66 -10.72 6.10 1.61
CA ILE B 66 -9.31 5.88 1.32
C ILE B 66 -8.57 5.83 2.63
N ARG B 67 -7.57 4.95 2.73
CA ARG B 67 -6.76 4.81 3.93
C ARG B 67 -5.27 4.80 3.59
N SER B 68 -4.44 5.26 4.54
CA SER B 68 -3.01 4.99 4.42
C SER B 68 -2.75 3.50 4.28
N ASP B 69 -1.77 3.15 3.44
CA ASP B 69 -1.30 1.78 3.30
C ASP B 69 0.14 1.76 3.77
N LYS B 70 0.33 1.64 5.07
CA LYS B 70 1.69 1.56 5.57
C LYS B 70 2.29 0.23 5.21
N THR B 71 1.47 -0.84 5.18
CA THR B 71 1.97 -2.14 4.76
C THR B 71 2.58 -2.05 3.38
N LEU B 72 1.90 -1.36 2.47
CA LEU B 72 2.43 -1.22 1.13
C LEU B 72 3.62 -0.27 1.08
N GLN B 73 3.55 0.87 1.78
CA GLN B 73 4.66 1.82 1.76
C GLN B 73 5.94 1.24 2.33
N ASP B 74 5.83 0.31 3.27
CA ASP B 74 7.02 -0.28 3.87
C ASP B 74 7.71 -1.20 2.89
N ILE B 75 6.92 -1.93 2.09
CA ILE B 75 7.47 -2.80 1.06
C ILE B 75 8.27 -1.98 0.04
N VAL B 76 7.81 -0.78 -0.26
CA VAL B 76 8.52 0.09 -1.19
C VAL B 76 9.84 0.54 -0.60
N TYR B 77 9.80 1.06 0.64
CA TYR B 77 11.00 1.60 1.27
C TYR B 77 12.08 0.53 1.42
N LYS B 78 11.66 -0.73 1.57
CA LYS B 78 12.58 -1.85 1.74
C LYS B 78 13.15 -2.35 0.41
N LEU B 79 12.34 -2.42 -0.64
CA LEU B 79 12.84 -2.92 -1.92
C LEU B 79 13.69 -1.88 -2.65
N VAL B 80 13.34 -0.60 -2.49
CA VAL B 80 13.94 0.47 -3.29
C VAL B 80 15.08 1.07 -2.46
N PRO B 81 16.34 0.89 -2.87
CA PRO B 81 17.46 1.25 -2.01
C PRO B 81 17.57 2.76 -1.81
N GLY B 82 17.61 3.17 -0.55
CA GLY B 82 17.82 4.57 -0.24
C GLY B 82 16.68 5.48 -0.63
N LEU B 83 15.53 4.93 -0.96
CA LEU B 83 14.37 5.75 -1.24
C LEU B 83 13.94 6.49 0.02
N PHE B 84 13.90 5.77 1.14
CA PHE B 84 13.57 6.38 2.41
C PHE B 84 14.61 7.44 2.84
N LYS B 85 15.91 7.16 2.67
CA LYS B 85 16.88 8.23 2.89
C LYS B 85 16.54 9.43 2.05
N ASN B 86 16.31 9.20 0.76
CA ASN B 86 16.13 10.30 -0.18
C ASN B 86 14.89 11.10 0.17
N GLU B 87 13.80 10.41 0.48
CA GLU B 87 12.56 11.11 0.75
C GLU B 87 12.64 11.85 2.08
N MET B 88 13.22 11.23 3.11
CA MET B 88 13.35 11.93 4.37
C MET B 88 14.28 13.12 4.24
N LYS B 89 15.39 12.97 3.51
CA LYS B 89 16.29 14.09 3.36
C LYS B 89 15.58 15.24 2.66
N ARG B 90 14.76 14.94 1.65
CA ARG B 90 13.98 15.98 0.95
C ARG B 90 13.12 16.82 1.91
N ARG B 91 12.52 16.16 2.91
CA ARG B 91 11.63 16.87 3.83
C ARG B 91 12.40 17.75 4.80
N ARG B 92 13.52 17.25 5.35
CA ARG B 92 14.37 18.11 6.19
C ARG B 92 14.81 19.34 5.41
N ASP B 93 15.35 19.13 4.21
CA ASP B 93 15.83 20.25 3.40
C ASP B 93 14.74 21.29 3.29
N PHE B 94 13.51 20.84 3.10
CA PHE B 94 12.42 21.80 2.92
C PHE B 94 12.24 22.64 4.18
N TYR B 95 12.08 21.97 5.33
CA TYR B 95 11.83 22.69 6.56
C TYR B 95 13.06 23.41 7.08
N ALA B 96 14.24 23.14 6.50
CA ALA B 96 15.39 23.99 6.75
C ALA B 96 15.31 25.29 6.00
N ALA B 97 14.49 25.35 4.95
CA ALA B 97 14.28 26.56 4.18
C ALA B 97 12.97 27.25 4.49
N HIS B 98 12.09 26.62 5.26
CA HIS B 98 10.77 27.19 5.56
C HIS B 98 10.38 26.92 7.01
N PRO B 99 11.02 27.64 7.96
CA PRO B 99 10.59 27.57 9.38
C PRO B 99 9.67 28.70 9.83
N THR A 9 -8.57 13.76 9.99
CA THR A 9 -8.32 14.75 8.93
C THR A 9 -7.01 14.48 8.22
N TRP A 10 -6.99 14.83 6.94
CA TRP A 10 -5.87 14.61 6.05
C TRP A 10 -5.23 15.94 5.69
N GLU A 11 -4.86 16.72 6.69
CA GLU A 11 -4.24 18.01 6.44
C GLU A 11 -2.78 17.78 6.04
N LEU A 12 -2.32 18.43 4.96
CA LEU A 12 -0.96 18.23 4.47
C LEU A 12 -0.02 19.23 5.14
N SER A 13 1.06 18.73 5.76
CA SER A 13 2.05 19.57 6.42
C SER A 13 2.75 20.42 5.36
N LEU A 14 3.48 21.44 5.84
CA LEU A 14 4.27 22.25 4.91
C LEU A 14 5.12 21.39 4.00
N TYR A 15 5.80 20.39 4.57
CA TYR A 15 6.58 19.49 3.73
C TYR A 15 5.70 18.85 2.67
N GLU A 16 4.62 18.17 3.09
CA GLU A 16 3.76 17.47 2.15
C GLU A 16 3.18 18.41 1.11
N LEU A 17 2.92 19.65 1.49
CA LEU A 17 2.32 20.58 0.55
C LEU A 17 3.21 20.80 -0.66
N GLN A 18 4.50 21.03 -0.43
CA GLN A 18 5.43 21.24 -1.52
C GLN A 18 6.34 20.03 -1.88
N ARG A 19 6.07 18.81 -1.39
CA ARG A 19 6.97 17.70 -1.73
C ARG A 19 6.95 17.43 -3.23
N THR A 20 8.06 16.90 -3.74
CA THR A 20 8.29 16.55 -5.13
C THR A 20 8.25 15.05 -5.34
N PRO A 21 8.12 14.59 -6.58
CA PRO A 21 8.23 13.17 -6.85
C PRO A 21 9.57 12.61 -6.36
N GLN A 22 9.52 11.34 -5.94
CA GLN A 22 10.71 10.52 -5.69
C GLN A 22 10.98 9.75 -6.98
N GLU A 23 11.98 10.19 -7.75
CA GLU A 23 12.24 9.66 -9.08
C GLU A 23 12.48 8.16 -9.04
N ALA A 24 11.86 7.45 -9.96
CA ALA A 24 12.03 6.01 -10.04
C ALA A 24 13.35 5.66 -10.74
N ILE A 25 13.64 4.36 -10.75
CA ILE A 25 14.91 3.86 -11.26
C ILE A 25 14.67 3.09 -12.56
N THR A 26 15.15 3.66 -13.67
CA THR A 26 15.21 3.07 -15.01
C THR A 26 16.55 2.41 -15.31
N ASP A 27 17.52 2.59 -14.42
CA ASP A 27 18.88 2.08 -14.56
C ASP A 27 18.93 0.57 -14.76
N GLY A 28 17.97 -0.20 -14.23
CA GLY A 28 18.06 -1.64 -14.35
C GLY A 28 19.00 -2.28 -13.34
N LEU A 29 18.97 -1.79 -12.11
CA LEU A 29 19.59 -2.48 -11.01
C LEU A 29 18.74 -3.69 -10.63
N GLU A 30 19.35 -4.66 -9.97
CA GLU A 30 18.64 -5.86 -9.54
C GLU A 30 18.72 -6.00 -8.02
N ILE A 31 17.61 -6.34 -7.41
CA ILE A 31 17.56 -6.53 -5.96
C ILE A 31 17.51 -8.02 -5.69
N VAL A 32 18.09 -8.45 -4.58
CA VAL A 32 18.11 -9.85 -4.17
C VAL A 32 17.11 -10.05 -3.03
N VAL A 33 16.29 -11.10 -3.15
CA VAL A 33 15.15 -11.29 -2.25
C VAL A 33 15.01 -12.77 -1.92
N SER A 34 15.21 -13.14 -0.65
CA SER A 34 15.01 -14.48 -0.11
C SER A 34 13.56 -14.69 0.34
N PRO A 35 13.12 -15.96 0.52
CA PRO A 35 11.79 -16.21 1.11
C PRO A 35 11.65 -15.68 2.53
N ARG A 36 12.76 -15.41 3.19
CA ARG A 36 12.81 -14.82 4.53
C ARG A 36 12.74 -13.31 4.48
N SER A 37 13.39 -12.70 3.48
CA SER A 37 13.39 -11.26 3.34
C SER A 37 11.99 -10.78 2.97
N LEU A 38 11.56 -9.66 3.58
CA LEU A 38 10.19 -9.15 3.50
C LEU A 38 9.14 -10.10 4.06
N HIS A 39 9.51 -11.11 4.84
CA HIS A 39 8.50 -12.10 5.19
C HIS A 39 7.48 -11.53 6.15
N SER A 40 7.86 -10.52 6.93
CA SER A 40 6.91 -9.95 7.88
C SER A 40 5.67 -9.40 7.18
N GLU A 41 5.80 -9.02 5.90
CA GLU A 41 4.75 -8.34 5.16
C GLU A 41 3.98 -9.27 4.24
N LEU A 42 4.52 -10.44 3.94
CA LEU A 42 3.96 -11.32 2.94
C LEU A 42 3.33 -12.56 3.52
N MET A 43 3.40 -12.76 4.82
CA MET A 43 2.93 -13.99 5.45
C MET A 43 1.54 -13.72 6.03
N CYS A 44 0.61 -14.54 5.64
CA CYS A 44 -0.68 -14.63 6.31
C CYS A 44 -0.46 -15.05 7.75
N PRO A 45 -0.80 -14.22 8.75
CA PRO A 45 -0.57 -14.62 10.15
C PRO A 45 -1.45 -15.78 10.61
N ILE A 46 -2.21 -16.37 9.70
CA ILE A 46 -3.06 -17.52 9.97
C ILE A 46 -2.19 -18.74 9.69
N CYS A 47 -1.69 -18.84 8.45
CA CYS A 47 -1.01 -20.03 7.97
C CYS A 47 0.49 -19.89 7.78
N LEU A 48 1.06 -18.70 7.95
CA LEU A 48 2.51 -18.51 8.01
C LEU A 48 3.24 -19.12 6.81
N ASP A 49 2.58 -19.17 5.66
CA ASP A 49 3.13 -19.38 4.33
C ASP A 49 2.82 -18.14 3.49
N MET A 50 3.05 -18.26 2.19
CA MET A 50 2.81 -17.15 1.28
C MET A 50 1.32 -16.90 1.08
N LEU A 51 0.97 -15.63 0.95
CA LEU A 51 -0.41 -15.27 0.67
C LEU A 51 -0.84 -15.84 -0.67
N LYS A 52 -1.90 -16.66 -0.64
CA LYS A 52 -2.60 -17.13 -1.82
C LYS A 52 -4.02 -16.62 -1.74
N ASN A 53 -4.55 -16.15 -2.87
CA ASN A 53 -5.86 -15.51 -2.92
C ASN A 53 -6.04 -14.50 -1.78
N THR A 54 -5.44 -13.32 -1.93
CA THR A 54 -5.37 -12.38 -0.82
C THR A 54 -6.72 -11.69 -0.60
N MET A 55 -6.97 -11.36 0.66
CA MET A 55 -8.14 -10.59 1.08
C MET A 55 -7.66 -9.45 1.95
N THR A 56 -8.38 -8.35 1.93
CA THR A 56 -8.00 -7.20 2.73
C THR A 56 -9.22 -6.66 3.44
N THR A 57 -9.04 -6.25 4.71
CA THR A 57 -10.12 -5.61 5.46
C THR A 57 -10.17 -4.14 5.10
N LYS A 58 -11.37 -3.64 4.81
CA LYS A 58 -11.55 -2.26 4.36
C LYS A 58 -11.38 -1.24 5.47
N GLU A 59 -11.53 -1.64 6.71
CA GLU A 59 -11.44 -0.69 7.82
C GLU A 59 -10.01 -0.45 8.24
N CYS A 60 -9.12 -1.38 7.94
CA CYS A 60 -7.75 -1.38 8.47
C CYS A 60 -6.69 -1.87 7.48
N LEU A 61 -7.07 -2.27 6.28
CA LEU A 61 -6.12 -2.64 5.24
C LEU A 61 -5.15 -3.71 5.73
N HIS A 62 -5.73 -4.83 6.13
CA HIS A 62 -4.95 -5.98 6.57
C HIS A 62 -5.23 -7.13 5.61
N ARG A 63 -4.17 -7.82 5.20
CA ARG A 63 -4.25 -8.83 4.17
C ARG A 63 -4.25 -10.24 4.78
N PHE A 64 -5.10 -11.12 4.24
CA PHE A 64 -5.13 -12.52 4.64
C PHE A 64 -5.47 -13.37 3.42
N CYS A 65 -5.37 -14.69 3.58
CA CYS A 65 -5.79 -15.60 2.53
C CYS A 65 -7.30 -15.67 2.44
N ALA A 66 -7.81 -15.72 1.22
CA ALA A 66 -9.25 -15.87 1.00
C ALA A 66 -9.74 -17.16 1.62
N ASP A 67 -9.03 -18.25 1.35
CA ASP A 67 -9.38 -19.55 1.90
C ASP A 67 -9.22 -19.57 3.42
N CYS A 68 -8.27 -18.79 3.95
CA CYS A 68 -8.04 -18.83 5.39
C CYS A 68 -8.99 -17.94 6.19
N ILE A 69 -9.31 -16.76 5.73
CA ILE A 69 -10.10 -15.85 6.59
C ILE A 69 -11.55 -16.31 6.84
N ILE A 70 -12.10 -17.11 5.95
CA ILE A 70 -13.49 -17.57 6.11
C ILE A 70 -13.70 -18.35 7.41
N THR A 71 -12.68 -19.08 7.84
CA THR A 71 -12.78 -19.89 9.04
C THR A 71 -12.50 -19.12 10.34
N ALA A 72 -11.76 -18.00 10.28
CA ALA A 72 -11.47 -17.26 11.52
C ALA A 72 -12.64 -16.37 11.93
N LEU A 73 -13.40 -15.91 10.96
CA LEU A 73 -14.60 -15.17 11.26
C LEU A 73 -15.71 -16.19 11.58
N ARG A 74 -15.61 -17.39 10.98
CA ARG A 74 -16.56 -18.46 11.22
C ARG A 74 -16.50 -19.01 12.64
N SER A 75 -15.43 -18.72 13.40
CA SER A 75 -15.26 -19.29 14.74
C SER A 75 -15.60 -18.27 15.81
N GLY A 76 -16.35 -17.24 15.43
CA GLY A 76 -17.13 -16.48 16.38
C GLY A 76 -16.54 -15.21 16.93
N ASN A 77 -15.52 -14.63 16.30
CA ASN A 77 -14.98 -13.46 16.98
C ASN A 77 -15.29 -12.16 16.25
N LYS A 78 -15.61 -12.22 14.95
CA LYS A 78 -15.98 -11.06 14.11
C LYS A 78 -15.13 -9.79 14.28
N GLU A 79 -13.86 -9.97 14.57
CA GLU A 79 -12.90 -8.87 14.64
C GLU A 79 -11.78 -9.15 13.65
N CYS A 80 -10.89 -8.17 13.45
CA CYS A 80 -9.75 -8.40 12.58
C CYS A 80 -8.69 -9.23 13.28
N PRO A 81 -8.34 -10.41 12.76
CA PRO A 81 -7.38 -11.30 13.46
C PRO A 81 -6.06 -10.64 13.81
N THR A 82 -5.78 -9.44 13.28
CA THR A 82 -4.48 -8.81 13.44
C THR A 82 -4.52 -7.70 14.49
N CYS A 83 -5.41 -6.73 14.31
CA CYS A 83 -5.50 -5.58 15.20
C CYS A 83 -6.70 -5.66 16.14
N ARG A 84 -7.46 -6.75 16.08
CA ARG A 84 -8.52 -7.05 17.04
C ARG A 84 -9.54 -5.90 17.04
N LYS A 85 -10.07 -5.63 15.85
CA LYS A 85 -11.05 -4.56 15.69
C LYS A 85 -12.29 -5.11 15.01
N LYS A 86 -13.47 -4.68 15.48
CA LYS A 86 -14.73 -5.26 15.00
C LYS A 86 -14.84 -5.07 13.51
N LEU A 87 -15.04 -6.16 12.81
CA LEU A 87 -15.16 -6.13 11.39
C LEU A 87 -16.65 -6.10 11.03
N VAL A 88 -17.12 -4.91 10.68
CA VAL A 88 -18.51 -4.70 10.36
C VAL A 88 -18.89 -5.37 9.03
N SER A 89 -20.09 -5.93 8.98
CA SER A 89 -20.64 -6.51 7.75
C SER A 89 -19.79 -7.60 7.12
N LYS A 90 -20.13 -7.87 5.87
CA LYS A 90 -19.43 -8.82 5.05
C LYS A 90 -18.80 -8.10 3.86
N ARG A 91 -19.31 -6.91 3.51
CA ARG A 91 -18.65 -6.16 2.45
C ARG A 91 -17.32 -5.55 2.92
N SER A 92 -16.95 -5.73 4.20
CA SER A 92 -15.60 -5.35 4.62
C SER A 92 -14.54 -6.29 4.09
N LEU A 93 -14.84 -7.27 3.27
CA LEU A 93 -13.78 -8.17 2.79
C LEU A 93 -13.65 -8.14 1.28
N ARG A 94 -12.55 -7.62 0.76
CA ARG A 94 -12.43 -7.65 -0.69
C ARG A 94 -11.19 -8.42 -1.10
N PRO A 95 -11.27 -9.23 -2.15
CA PRO A 95 -10.06 -9.86 -2.67
C PRO A 95 -9.16 -8.78 -3.22
N ASP A 96 -7.84 -9.02 -3.11
CA ASP A 96 -6.83 -8.01 -3.44
C ASP A 96 -6.00 -8.36 -4.67
N PRO A 97 -6.51 -8.14 -5.87
CA PRO A 97 -5.74 -8.56 -7.06
C PRO A 97 -4.45 -7.78 -7.24
N ASN A 98 -4.45 -6.46 -6.96
CA ASN A 98 -3.22 -5.69 -7.08
C ASN A 98 -2.14 -6.19 -6.12
N PHE A 99 -2.53 -6.85 -5.02
CA PHE A 99 -1.58 -7.45 -4.09
C PHE A 99 -1.10 -8.82 -4.54
N ASP A 100 -1.98 -9.67 -5.04
CA ASP A 100 -1.49 -10.93 -5.59
C ASP A 100 -0.63 -10.67 -6.82
N ALA A 101 -0.93 -9.62 -7.58
CA ALA A 101 -0.07 -9.24 -8.68
C ALA A 101 1.39 -9.11 -8.23
N LEU A 102 1.59 -8.75 -6.96
CA LEU A 102 2.91 -8.53 -6.37
C LEU A 102 3.57 -9.82 -5.90
N ILE A 103 2.78 -10.75 -5.37
CA ILE A 103 3.33 -12.03 -4.94
C ILE A 103 3.93 -12.79 -6.11
N SER A 104 3.25 -12.77 -7.26
CA SER A 104 3.67 -13.52 -8.43
C SER A 104 5.07 -13.16 -8.91
N LYS A 105 5.64 -12.07 -8.41
CA LYS A 105 6.98 -11.67 -8.77
C LYS A 105 8.04 -12.30 -7.88
N ILE A 106 7.63 -12.92 -6.78
CA ILE A 106 8.55 -13.37 -5.74
C ILE A 106 8.24 -14.80 -5.34
N TYR A 107 8.44 -15.75 -6.25
CA TYR A 107 8.12 -17.14 -5.95
C TYR A 107 8.79 -17.64 -4.68
N PRO A 108 10.05 -17.25 -4.35
CA PRO A 108 10.60 -17.58 -3.01
C PRO A 108 10.74 -16.34 -2.12
N THR B 1 15.81 -17.84 -3.23
CA THR B 1 16.29 -16.48 -3.44
C THR B 1 16.55 -16.18 -4.92
N THR B 2 16.05 -15.02 -5.38
CA THR B 2 16.26 -14.60 -6.76
C THR B 2 16.70 -13.15 -6.79
N ARG B 3 17.22 -12.77 -7.95
CA ARG B 3 17.59 -11.39 -8.26
C ARG B 3 16.58 -10.91 -9.30
N ILE B 4 16.03 -9.72 -9.11
CA ILE B 4 15.00 -9.23 -10.01
C ILE B 4 15.41 -7.86 -10.55
N LYS B 5 15.27 -7.65 -11.87
CA LYS B 5 15.43 -6.30 -12.41
C LYS B 5 14.28 -5.44 -11.87
N ILE B 6 14.63 -4.27 -11.31
CA ILE B 6 13.66 -3.36 -10.68
C ILE B 6 12.73 -2.73 -11.69
N THR B 7 13.15 -2.66 -12.94
CA THR B 7 12.27 -2.22 -14.00
C THR B 7 11.03 -3.11 -14.11
N GLU B 8 11.11 -4.37 -13.62
CA GLU B 8 9.99 -5.30 -13.53
C GLU B 8 9.03 -5.00 -12.39
N LEU B 9 9.50 -4.36 -11.32
CA LEU B 9 8.65 -4.07 -10.16
C LEU B 9 8.08 -2.66 -10.17
N ASN B 10 8.77 -1.70 -10.78
CA ASN B 10 8.34 -0.30 -10.83
C ASN B 10 6.85 -0.12 -11.11
N PRO B 11 6.21 -0.87 -11.99
CA PRO B 11 4.75 -0.78 -12.04
C PRO B 11 4.08 -1.02 -10.69
N HIS B 12 4.48 -2.03 -9.93
CA HIS B 12 3.79 -2.33 -8.69
C HIS B 12 4.14 -1.39 -7.56
N LEU B 13 5.12 -0.48 -7.77
CA LEU B 13 5.69 0.36 -6.71
C LEU B 13 5.61 1.84 -7.03
N MET B 14 4.76 2.26 -7.97
CA MET B 14 4.78 3.64 -8.43
C MET B 14 3.37 4.23 -8.45
N CYS B 15 3.32 5.51 -8.12
CA CYS B 15 2.12 6.35 -8.11
C CYS B 15 1.85 6.90 -9.51
N VAL B 16 0.66 6.67 -10.02
CA VAL B 16 0.35 7.10 -11.38
C VAL B 16 0.22 8.62 -11.52
N LEU B 17 0.06 9.33 -10.42
CA LEU B 17 0.04 10.79 -10.49
C LEU B 17 1.46 11.35 -10.43
N CYS B 18 2.28 10.82 -9.53
CA CYS B 18 3.62 11.32 -9.24
C CYS B 18 4.69 10.85 -10.21
N GLY B 19 4.42 9.77 -10.97
CA GLY B 19 5.37 9.17 -11.88
C GLY B 19 6.56 8.57 -11.17
N GLY B 20 6.50 8.49 -9.84
CA GLY B 20 7.60 8.02 -9.05
C GLY B 20 7.07 7.09 -7.99
N TYR B 21 7.98 6.62 -7.13
CA TYR B 21 7.64 5.67 -6.09
C TYR B 21 6.64 6.24 -5.07
N PHE B 22 5.95 5.32 -4.42
CA PHE B 22 5.00 5.70 -3.38
C PHE B 22 5.74 6.29 -2.19
N ILE B 23 5.31 7.45 -1.75
CA ILE B 23 5.76 8.00 -0.48
C ILE B 23 4.52 8.27 0.34
N ASP B 24 4.50 7.75 1.57
CA ASP B 24 3.31 7.73 2.41
C ASP B 24 2.13 7.10 1.66
N ALA B 25 2.30 5.83 1.28
CA ALA B 25 1.34 5.14 0.43
C ALA B 25 -0.07 5.11 1.03
N THR B 26 -1.06 5.41 0.19
CA THR B 26 -2.47 5.52 0.58
C THR B 26 -3.34 4.76 -0.42
N THR B 27 -4.43 4.18 0.09
CA THR B 27 -5.24 3.20 -0.63
C THR B 27 -6.72 3.56 -0.55
N ILE B 28 -7.40 3.50 -1.69
CA ILE B 28 -8.86 3.57 -1.73
C ILE B 28 -9.42 2.21 -1.32
N ILE B 29 -10.20 2.17 -0.23
CA ILE B 29 -10.64 0.90 0.32
C ILE B 29 -11.80 0.27 -0.46
N GLU B 30 -12.15 0.82 -1.62
CA GLU B 30 -13.15 0.19 -2.48
C GLU B 30 -12.54 -0.69 -3.57
N CYS B 31 -11.62 -0.13 -4.36
CA CYS B 31 -10.99 -0.77 -5.50
C CYS B 31 -9.58 -1.25 -5.20
N LEU B 32 -9.04 -0.91 -4.03
CA LEU B 32 -7.67 -1.26 -3.67
C LEU B 32 -6.68 -0.72 -4.68
N HIS B 33 -6.86 0.54 -5.04
CA HIS B 33 -5.87 1.25 -5.81
C HIS B 33 -5.12 2.17 -4.86
N SER B 34 -3.87 2.47 -5.20
CA SER B 34 -2.98 3.12 -4.26
C SER B 34 -2.14 4.20 -4.93
N PHE B 35 -1.89 5.25 -4.16
CA PHE B 35 -1.23 6.47 -4.61
C PHE B 35 -0.50 7.03 -3.39
N CYS B 36 0.42 7.94 -3.64
CA CYS B 36 1.05 8.67 -2.55
C CYS B 36 -0.02 9.40 -1.75
N LYS B 37 0.24 9.56 -0.45
CA LYS B 37 -0.72 10.26 0.41
C LYS B 37 -1.09 11.61 -0.16
N THR B 38 -0.08 12.40 -0.57
CA THR B 38 -0.34 13.76 -1.04
C THR B 38 -0.98 13.76 -2.42
N CYS B 39 -0.64 12.77 -3.24
CA CYS B 39 -1.14 12.75 -4.62
C CYS B 39 -2.64 12.61 -4.64
N ILE B 40 -3.15 11.64 -3.88
CA ILE B 40 -4.57 11.33 -3.90
C ILE B 40 -5.38 12.37 -3.12
N VAL B 41 -4.81 12.96 -2.07
CA VAL B 41 -5.55 13.98 -1.35
C VAL B 41 -5.79 15.16 -2.26
N ARG B 42 -4.78 15.60 -2.99
CA ARG B 42 -5.00 16.68 -3.94
C ARG B 42 -5.96 16.24 -5.04
N TYR B 43 -5.84 14.99 -5.51
CA TYR B 43 -6.77 14.53 -6.52
C TYR B 43 -8.20 14.58 -6.00
N LEU B 44 -8.44 14.00 -4.83
CA LEU B 44 -9.81 13.93 -4.33
C LEU B 44 -10.37 15.29 -3.98
N GLU B 45 -9.57 16.35 -4.06
CA GLU B 45 -10.10 17.69 -3.89
C GLU B 45 -10.96 18.12 -5.07
N THR B 46 -10.97 17.35 -6.16
CA THR B 46 -11.65 17.70 -7.40
C THR B 46 -12.38 16.52 -8.02
N SER B 47 -12.26 15.31 -7.49
CA SER B 47 -13.02 14.19 -8.01
C SER B 47 -13.41 13.27 -6.86
N LYS B 48 -14.59 12.68 -6.97
CA LYS B 48 -15.02 11.64 -6.03
C LYS B 48 -14.89 10.24 -6.61
N TYR B 49 -14.07 10.09 -7.66
CA TYR B 49 -13.89 8.86 -8.43
C TYR B 49 -12.39 8.53 -8.58
N CYS B 50 -12.06 7.22 -8.61
CA CYS B 50 -10.67 6.75 -8.69
C CYS B 50 -9.99 7.25 -9.96
N PRO B 51 -8.74 7.68 -9.87
CA PRO B 51 -8.03 8.14 -11.07
C PRO B 51 -7.82 7.05 -12.11
N ILE B 52 -7.84 5.79 -11.70
CA ILE B 52 -7.49 4.71 -12.62
C ILE B 52 -8.73 3.89 -12.96
N CYS B 53 -9.27 3.15 -11.99
CA CYS B 53 -10.39 2.32 -12.36
C CYS B 53 -11.63 3.16 -12.66
N ASP B 54 -11.75 4.34 -12.04
CA ASP B 54 -12.85 5.32 -12.24
C ASP B 54 -14.12 4.97 -11.45
N VAL B 55 -14.03 4.22 -10.33
CA VAL B 55 -15.16 4.04 -9.41
C VAL B 55 -15.41 5.30 -8.58
N GLN B 56 -16.65 5.39 -8.05
CA GLN B 56 -17.03 6.47 -7.14
C GLN B 56 -16.56 6.13 -5.72
N VAL B 57 -15.67 6.98 -5.17
CA VAL B 57 -15.08 6.75 -3.84
C VAL B 57 -16.12 6.98 -2.76
N HIS B 58 -17.04 7.90 -3.00
CA HIS B 58 -18.09 8.28 -2.08
C HIS B 58 -19.01 9.22 -2.85
N LYS B 59 -20.28 9.31 -2.43
CA LYS B 59 -21.13 10.32 -3.06
C LYS B 59 -20.70 11.72 -2.65
N THR B 60 -20.20 11.88 -1.40
CA THR B 60 -20.03 13.19 -0.77
C THR B 60 -18.63 13.48 -0.22
N ARG B 61 -18.12 12.63 0.69
CA ARG B 61 -16.83 12.86 1.33
C ARG B 61 -15.84 11.79 0.88
N PRO B 62 -15.10 12.00 -0.20
CA PRO B 62 -14.21 10.94 -0.68
C PRO B 62 -13.17 10.50 0.33
N LEU B 63 -12.58 11.44 1.09
CA LEU B 63 -11.54 11.09 2.06
C LEU B 63 -12.02 10.08 3.09
N LEU B 64 -13.32 9.82 3.12
CA LEU B 64 -13.88 8.88 4.09
C LEU B 64 -13.45 7.46 3.77
N ASN B 65 -13.12 7.18 2.51
CA ASN B 65 -12.92 5.81 2.08
C ASN B 65 -11.53 5.58 1.49
N ILE B 66 -10.52 6.16 2.13
CA ILE B 66 -9.12 5.93 1.81
C ILE B 66 -8.37 5.74 3.12
N ARG B 67 -7.40 4.83 3.13
CA ARG B 67 -6.60 4.55 4.31
C ARG B 67 -5.11 4.54 3.97
N SER B 68 -4.26 4.88 4.95
CA SER B 68 -2.84 4.60 4.81
C SER B 68 -2.63 3.11 4.54
N ASP B 69 -1.66 2.81 3.67
CA ASP B 69 -1.23 1.44 3.40
C ASP B 69 0.22 1.34 3.87
N LYS B 70 0.40 1.10 5.15
CA LYS B 70 1.75 0.94 5.64
C LYS B 70 2.31 -0.38 5.17
N THR B 71 1.46 -1.41 5.06
CA THR B 71 1.93 -2.69 4.52
C THR B 71 2.53 -2.50 3.15
N LEU B 72 1.87 -1.72 2.30
CA LEU B 72 2.40 -1.49 0.98
C LEU B 72 3.62 -0.57 1.00
N GLN B 73 3.58 0.51 1.79
CA GLN B 73 4.72 1.43 1.85
C GLN B 73 5.99 0.76 2.37
N ASP B 74 5.85 -0.25 3.22
CA ASP B 74 7.02 -0.90 3.77
C ASP B 74 7.68 -1.76 2.71
N ILE B 75 6.87 -2.40 1.86
CA ILE B 75 7.39 -3.20 0.75
C ILE B 75 8.21 -2.32 -0.19
N VAL B 76 7.78 -1.08 -0.38
CA VAL B 76 8.52 -0.16 -1.25
C VAL B 76 9.86 0.20 -0.62
N TYR B 77 9.84 0.61 0.65
CA TYR B 77 11.06 1.06 1.31
C TYR B 77 12.10 -0.05 1.37
N LYS B 78 11.65 -1.30 1.42
CA LYS B 78 12.53 -2.47 1.48
C LYS B 78 13.09 -2.86 0.11
N LEU B 79 12.27 -2.82 -0.93
CA LEU B 79 12.75 -3.22 -2.26
C LEU B 79 13.63 -2.16 -2.90
N VAL B 80 13.32 -0.89 -2.63
CA VAL B 80 13.95 0.24 -3.33
C VAL B 80 15.11 0.74 -2.47
N PRO B 81 16.36 0.55 -2.89
CA PRO B 81 17.49 0.80 -2.01
C PRO B 81 17.64 2.28 -1.69
N GLY B 82 17.70 2.59 -0.40
CA GLY B 82 17.96 3.95 0.03
C GLY B 82 16.85 4.92 -0.27
N LEU B 83 15.68 4.43 -0.65
CA LEU B 83 14.54 5.31 -0.84
C LEU B 83 14.14 5.95 0.46
N PHE B 84 14.08 5.15 1.52
CA PHE B 84 13.78 5.66 2.85
C PHE B 84 14.84 6.64 3.35
N LYS B 85 16.13 6.34 3.16
CA LYS B 85 17.14 7.36 3.46
C LYS B 85 16.83 8.64 2.73
N ASN B 86 16.59 8.52 1.42
CA ASN B 86 16.44 9.70 0.58
C ASN B 86 15.22 10.50 1.02
N GLU B 87 14.12 9.82 1.26
CA GLU B 87 12.90 10.53 1.59
C GLU B 87 12.99 11.16 2.98
N MET B 88 13.57 10.44 3.94
CA MET B 88 13.73 11.03 5.27
C MET B 88 14.68 12.19 5.23
N LYS B 89 15.79 12.07 4.48
CA LYS B 89 16.71 13.18 4.43
C LYS B 89 16.04 14.40 3.83
N ARG B 90 15.21 14.21 2.80
CA ARG B 90 14.46 15.32 2.21
C ARG B 90 13.64 16.09 3.23
N ARG B 91 13.01 15.39 4.17
CA ARG B 91 12.15 16.03 5.15
C ARG B 91 12.95 16.82 6.18
N ARG B 92 14.05 16.24 6.70
CA ARG B 92 14.91 17.00 7.60
C ARG B 92 15.39 18.28 6.92
N ASP B 93 15.92 18.14 5.70
CA ASP B 93 16.44 19.32 4.99
C ASP B 93 15.39 20.40 4.97
N PHE B 94 14.13 20.00 4.75
CA PHE B 94 13.07 21.00 4.66
C PHE B 94 12.93 21.73 5.98
N TYR B 95 12.75 20.98 7.07
CA TYR B 95 12.52 21.60 8.37
C TYR B 95 13.78 22.24 8.94
N ALA B 96 14.94 21.99 8.33
CA ALA B 96 16.12 22.77 8.65
C ALA B 96 16.07 24.15 8.00
N ALA B 97 15.26 24.31 6.96
CA ALA B 97 15.08 25.58 6.30
C ALA B 97 13.79 26.28 6.68
N HIS B 98 12.90 25.61 7.40
CA HIS B 98 11.60 26.19 7.74
C HIS B 98 11.20 25.83 9.17
N PRO B 99 11.85 26.44 10.17
CA PRO B 99 11.44 26.26 11.58
C PRO B 99 10.54 27.38 12.14
N THR A 9 -8.41 13.69 10.20
CA THR A 9 -8.14 14.69 9.15
C THR A 9 -6.83 14.40 8.45
N TRP A 10 -6.80 14.78 7.18
CA TRP A 10 -5.69 14.56 6.28
C TRP A 10 -5.02 15.88 5.94
N GLU A 11 -4.64 16.64 6.96
CA GLU A 11 -4.00 17.93 6.75
C GLU A 11 -2.54 17.68 6.33
N LEU A 12 -2.07 18.34 5.28
CA LEU A 12 -0.71 18.13 4.79
C LEU A 12 0.24 19.11 5.47
N SER A 13 1.30 18.57 6.08
CA SER A 13 2.31 19.39 6.75
C SER A 13 3.03 20.25 5.73
N LEU A 14 3.78 21.24 6.22
CA LEU A 14 4.58 22.05 5.30
C LEU A 14 5.42 21.19 4.38
N TYR A 15 6.08 20.17 4.93
CA TYR A 15 6.85 19.28 4.08
C TYR A 15 5.96 18.67 3.00
N GLU A 16 4.87 18.01 3.41
CA GLU A 16 4.00 17.34 2.46
C GLU A 16 3.43 18.30 1.44
N LEU A 17 3.20 19.55 1.83
CA LEU A 17 2.61 20.50 0.90
C LEU A 17 3.51 20.73 -0.29
N GLN A 18 4.80 20.94 -0.06
CA GLN A 18 5.74 21.14 -1.15
C GLN A 18 6.63 19.92 -1.52
N ARG A 19 6.34 18.71 -1.05
CA ARG A 19 7.22 17.58 -1.41
C ARG A 19 7.21 17.34 -2.92
N THR A 20 8.30 16.81 -3.42
CA THR A 20 8.54 16.48 -4.83
C THR A 20 8.47 14.98 -5.06
N PRO A 21 8.34 14.55 -6.31
CA PRO A 21 8.43 13.13 -6.61
C PRO A 21 9.76 12.54 -6.13
N GLN A 22 9.70 11.27 -5.73
CA GLN A 22 10.86 10.41 -5.50
C GLN A 22 11.12 9.67 -6.79
N GLU A 23 12.12 10.11 -7.55
CA GLU A 23 12.39 9.59 -8.89
C GLU A 23 12.60 8.09 -8.88
N ALA A 24 11.97 7.41 -9.82
CA ALA A 24 12.12 5.97 -9.92
C ALA A 24 13.42 5.60 -10.62
N ILE A 25 13.70 4.31 -10.66
CA ILE A 25 14.97 3.80 -11.17
C ILE A 25 14.71 3.05 -12.49
N THR A 26 15.22 3.64 -13.59
CA THR A 26 15.26 3.08 -14.95
C THR A 26 16.60 2.40 -15.25
N ASP A 27 17.56 2.54 -14.35
CA ASP A 27 18.91 2.01 -14.49
C ASP A 27 18.95 0.50 -14.72
N GLY A 28 17.97 -0.26 -14.21
CA GLY A 28 18.04 -1.70 -14.36
C GLY A 28 18.96 -2.37 -13.36
N LEU A 29 18.94 -1.90 -12.12
CA LEU A 29 19.55 -2.62 -11.02
C LEU A 29 18.68 -3.82 -10.68
N GLU A 30 19.27 -4.81 -10.03
CA GLU A 30 18.54 -6.01 -9.63
C GLU A 30 18.62 -6.17 -8.11
N ILE A 31 17.49 -6.51 -7.49
CA ILE A 31 17.44 -6.73 -6.06
C ILE A 31 17.37 -8.22 -5.82
N VAL A 32 17.94 -8.68 -4.71
CA VAL A 32 17.92 -10.08 -4.33
C VAL A 32 16.93 -10.29 -3.19
N VAL A 33 16.09 -11.32 -3.32
CA VAL A 33 14.95 -11.51 -2.44
C VAL A 33 14.78 -13.00 -2.14
N SER A 34 14.96 -13.39 -0.88
CA SER A 34 14.75 -14.74 -0.36
C SER A 34 13.29 -14.94 0.09
N PRO A 35 12.84 -16.19 0.24
CA PRO A 35 11.50 -16.43 0.82
C PRO A 35 11.36 -15.93 2.25
N ARG A 36 12.48 -15.69 2.92
CA ARG A 36 12.53 -15.12 4.27
C ARG A 36 12.49 -13.61 4.23
N SER A 37 13.15 -13.01 3.25
CA SER A 37 13.17 -11.56 3.15
C SER A 37 11.78 -11.05 2.79
N LEU A 38 11.37 -9.94 3.41
CA LEU A 38 10.01 -9.40 3.32
C LEU A 38 8.93 -10.35 3.88
N HIS A 39 9.28 -11.38 4.64
CA HIS A 39 8.27 -12.37 4.96
C HIS A 39 7.25 -11.79 5.94
N SER A 40 7.65 -10.80 6.74
CA SER A 40 6.70 -10.22 7.70
C SER A 40 5.47 -9.64 7.00
N GLU A 41 5.61 -9.25 5.73
CA GLU A 41 4.57 -8.53 5.00
C GLU A 41 3.79 -9.43 4.06
N LEU A 42 4.32 -10.61 3.74
CA LEU A 42 3.76 -11.46 2.72
C LEU A 42 3.09 -12.71 3.28
N MET A 43 3.16 -12.93 4.58
CA MET A 43 2.66 -14.16 5.18
C MET A 43 1.29 -13.88 5.77
N CYS A 44 0.33 -14.68 5.37
CA CYS A 44 -0.95 -14.76 6.03
C CYS A 44 -0.75 -15.21 7.47
N PRO A 45 -1.08 -14.40 8.47
CA PRO A 45 -0.86 -14.82 9.86
C PRO A 45 -1.75 -15.98 10.30
N ILE A 46 -2.52 -16.54 9.38
CA ILE A 46 -3.39 -17.68 9.62
C ILE A 46 -2.55 -18.91 9.32
N CYS A 47 -2.04 -18.99 8.08
CA CYS A 47 -1.37 -20.19 7.58
C CYS A 47 0.13 -20.06 7.40
N LEU A 48 0.71 -18.88 7.58
CA LEU A 48 2.16 -18.73 7.65
C LEU A 48 2.90 -19.32 6.45
N ASP A 49 2.23 -19.34 5.31
CA ASP A 49 2.78 -19.54 3.97
C ASP A 49 2.50 -18.27 3.15
N MET A 50 2.73 -18.37 1.84
CA MET A 50 2.50 -17.24 0.95
C MET A 50 1.02 -16.96 0.75
N LEU A 51 0.69 -15.68 0.64
CA LEU A 51 -0.69 -15.30 0.38
C LEU A 51 -1.12 -15.83 -0.98
N LYS A 52 -2.19 -16.64 -0.97
CA LYS A 52 -2.89 -17.10 -2.16
C LYS A 52 -4.31 -16.54 -2.07
N ASN A 53 -4.82 -16.05 -3.20
CA ASN A 53 -6.12 -15.39 -3.24
C ASN A 53 -6.29 -14.40 -2.08
N THR A 54 -5.67 -13.23 -2.20
CA THR A 54 -5.60 -12.31 -1.08
C THR A 54 -6.93 -11.60 -0.84
N MET A 55 -7.18 -11.28 0.43
CA MET A 55 -8.33 -10.51 0.86
C MET A 55 -7.83 -9.38 1.73
N THR A 56 -8.55 -8.26 1.72
CA THR A 56 -8.15 -7.13 2.53
C THR A 56 -9.36 -6.58 3.25
N THR A 57 -9.17 -6.17 4.50
CA THR A 57 -10.24 -5.53 5.25
C THR A 57 -10.26 -4.05 4.91
N LYS A 58 -11.46 -3.53 4.63
CA LYS A 58 -11.63 -2.15 4.19
C LYS A 58 -11.44 -1.14 5.30
N GLU A 59 -11.60 -1.54 6.55
CA GLU A 59 -11.49 -0.60 7.65
C GLU A 59 -10.05 -0.38 8.08
N CYS A 60 -9.16 -1.32 7.76
CA CYS A 60 -7.81 -1.35 8.29
C CYS A 60 -6.75 -1.83 7.30
N LEU A 61 -7.14 -2.23 6.09
CA LEU A 61 -6.20 -2.60 5.05
C LEU A 61 -5.24 -3.70 5.53
N HIS A 62 -5.83 -4.82 5.93
CA HIS A 62 -5.08 -5.97 6.36
C HIS A 62 -5.38 -7.11 5.40
N ARG A 63 -4.32 -7.81 4.98
CA ARG A 63 -4.42 -8.82 3.94
C ARG A 63 -4.43 -10.23 4.54
N PHE A 64 -5.29 -11.10 4.00
CA PHE A 64 -5.34 -12.50 4.39
C PHE A 64 -5.70 -13.33 3.16
N CYS A 65 -5.61 -14.65 3.32
CA CYS A 65 -6.04 -15.56 2.26
C CYS A 65 -7.56 -15.60 2.18
N ALA A 66 -8.08 -15.64 0.95
CA ALA A 66 -9.52 -15.76 0.73
C ALA A 66 -10.03 -17.04 1.37
N ASP A 67 -9.32 -18.14 1.12
CA ASP A 67 -9.69 -19.44 1.69
C ASP A 67 -9.44 -19.47 3.19
N CYS A 68 -8.46 -18.72 3.69
CA CYS A 68 -8.14 -18.77 5.12
C CYS A 68 -9.04 -17.89 5.97
N ILE A 69 -9.38 -16.69 5.53
CA ILE A 69 -10.11 -15.77 6.42
C ILE A 69 -11.53 -16.22 6.79
N ILE A 70 -12.13 -17.06 5.96
CA ILE A 70 -13.49 -17.52 6.22
C ILE A 70 -13.62 -18.25 7.55
N THR A 71 -12.56 -18.94 7.96
CA THR A 71 -12.58 -19.72 9.19
C THR A 71 -12.27 -18.90 10.45
N ALA A 72 -11.56 -17.75 10.33
CA ALA A 72 -11.25 -16.96 11.52
C ALA A 72 -12.41 -16.10 11.96
N LEU A 73 -13.23 -15.69 10.99
CA LEU A 73 -14.45 -14.98 11.31
C LEU A 73 -15.51 -16.01 11.69
N ARG A 74 -15.40 -17.22 11.11
CA ARG A 74 -16.33 -18.32 11.39
C ARG A 74 -16.21 -18.84 12.82
N SER A 75 -15.12 -18.52 13.54
CA SER A 75 -14.89 -19.07 14.86
C SER A 75 -15.22 -18.05 15.95
N GLY A 76 -16.01 -17.04 15.59
CA GLY A 76 -16.77 -16.28 16.55
C GLY A 76 -16.19 -15.00 17.07
N ASN A 77 -15.20 -14.40 16.41
CA ASN A 77 -14.67 -13.21 17.05
C ASN A 77 -15.03 -11.92 16.31
N LYS A 78 -15.39 -12.01 15.03
CA LYS A 78 -15.82 -10.86 14.19
C LYS A 78 -15.00 -9.58 14.32
N GLU A 79 -13.72 -9.71 14.59
CA GLU A 79 -12.79 -8.60 14.62
C GLU A 79 -11.67 -8.85 13.62
N CYS A 80 -10.83 -7.86 13.38
CA CYS A 80 -9.69 -8.06 12.49
C CYS A 80 -8.60 -8.86 13.19
N PRO A 81 -8.22 -10.04 12.67
CA PRO A 81 -7.24 -10.89 13.36
C PRO A 81 -5.93 -10.19 13.67
N THR A 82 -5.69 -8.99 13.13
CA THR A 82 -4.39 -8.32 13.26
C THR A 82 -4.45 -7.20 14.29
N CYS A 83 -5.37 -6.25 14.12
CA CYS A 83 -5.47 -5.10 15.00
C CYS A 83 -6.65 -5.20 15.96
N ARG A 84 -7.38 -6.31 15.92
CA ARG A 84 -8.41 -6.62 16.91
C ARG A 84 -9.46 -5.50 16.91
N LYS A 85 -10.02 -5.25 15.74
CA LYS A 85 -11.04 -4.22 15.58
C LYS A 85 -12.27 -4.81 14.93
N LYS A 86 -13.46 -4.40 15.42
CA LYS A 86 -14.71 -5.02 14.98
C LYS A 86 -14.86 -4.86 13.49
N LEU A 87 -15.04 -5.97 12.81
CA LEU A 87 -15.19 -5.96 11.38
C LEU A 87 -16.68 -5.90 11.05
N VAL A 88 -17.11 -4.74 10.61
CA VAL A 88 -18.51 -4.49 10.29
C VAL A 88 -18.89 -5.10 8.94
N SER A 89 -20.11 -5.66 8.88
CA SER A 89 -20.68 -6.21 7.64
C SER A 89 -19.86 -7.32 6.99
N LYS A 90 -20.22 -7.57 5.74
CA LYS A 90 -19.53 -8.54 4.90
C LYS A 90 -18.93 -7.84 3.70
N ARG A 91 -19.46 -6.64 3.35
CA ARG A 91 -18.84 -5.89 2.26
C ARG A 91 -17.51 -5.26 2.71
N SER A 92 -17.11 -5.40 3.97
CA SER A 92 -15.76 -5.01 4.37
C SER A 92 -14.70 -5.93 3.84
N LEU A 93 -14.99 -6.94 3.03
CA LEU A 93 -13.93 -7.84 2.56
C LEU A 93 -13.83 -7.83 1.05
N ARG A 94 -12.73 -7.32 0.49
CA ARG A 94 -12.65 -7.37 -0.95
C ARG A 94 -11.43 -8.18 -1.38
N PRO A 95 -11.54 -9.00 -2.42
CA PRO A 95 -10.35 -9.66 -2.95
C PRO A 95 -9.44 -8.60 -3.55
N ASP A 96 -8.12 -8.85 -3.46
CA ASP A 96 -7.12 -7.85 -3.82
C ASP A 96 -6.32 -8.24 -5.06
N PRO A 97 -6.84 -8.04 -6.26
CA PRO A 97 -6.11 -8.48 -7.45
C PRO A 97 -4.81 -7.72 -7.69
N ASN A 98 -4.79 -6.41 -7.42
CA ASN A 98 -3.55 -5.65 -7.58
C ASN A 98 -2.47 -6.14 -6.63
N PHE A 99 -2.84 -6.79 -5.53
CA PHE A 99 -1.86 -7.36 -4.60
C PHE A 99 -1.41 -8.76 -5.03
N ASP A 100 -2.32 -9.61 -5.50
CA ASP A 100 -1.86 -10.88 -6.03
C ASP A 100 -1.02 -10.66 -7.29
N ALA A 101 -1.33 -9.61 -8.06
CA ALA A 101 -0.48 -9.27 -9.19
C ALA A 101 0.99 -9.15 -8.77
N LEU A 102 1.22 -8.78 -7.52
CA LEU A 102 2.55 -8.55 -6.95
C LEU A 102 3.21 -9.84 -6.47
N ILE A 103 2.42 -10.76 -5.91
CA ILE A 103 2.96 -12.03 -5.47
C ILE A 103 3.53 -12.82 -6.64
N SER A 104 2.83 -12.81 -7.78
CA SER A 104 3.21 -13.59 -8.94
C SER A 104 4.60 -13.25 -9.46
N LYS A 105 5.19 -12.17 -9.00
CA LYS A 105 6.54 -11.78 -9.38
C LYS A 105 7.60 -12.41 -8.49
N ILE A 106 7.21 -13.01 -7.38
CA ILE A 106 8.15 -13.45 -6.36
C ILE A 106 7.82 -14.87 -5.92
N TYR A 107 8.01 -15.83 -6.82
CA TYR A 107 7.67 -17.21 -6.49
C TYR A 107 8.37 -17.70 -5.22
N PRO A 108 9.63 -17.32 -4.92
CA PRO A 108 10.20 -17.64 -3.60
C PRO A 108 10.38 -16.38 -2.73
N THR B 1 15.53 -18.06 -3.38
CA THR B 1 16.01 -16.70 -3.58
C THR B 1 16.29 -16.38 -5.05
N THR B 2 15.82 -15.22 -5.50
CA THR B 2 16.02 -14.78 -6.86
C THR B 2 16.49 -13.34 -6.87
N ARG B 3 17.03 -12.95 -8.03
CA ARG B 3 17.41 -11.57 -8.32
C ARG B 3 16.43 -11.06 -9.35
N ILE B 4 15.89 -9.86 -9.15
CA ILE B 4 14.86 -9.35 -10.05
C ILE B 4 15.30 -7.98 -10.57
N LYS B 5 15.16 -7.74 -11.88
CA LYS B 5 15.35 -6.38 -12.40
C LYS B 5 14.22 -5.52 -11.86
N ILE B 6 14.58 -4.36 -11.28
CA ILE B 6 13.63 -3.45 -10.64
C ILE B 6 12.71 -2.79 -11.64
N THR B 7 13.13 -2.71 -12.90
CA THR B 7 12.26 -2.24 -13.95
C THR B 7 11.01 -3.11 -14.08
N GLU B 8 11.07 -4.36 -13.60
CA GLU B 8 9.94 -5.29 -13.53
C GLU B 8 8.97 -5.00 -12.40
N LEU B 9 9.44 -4.37 -11.32
CA LEU B 9 8.61 -4.08 -10.16
C LEU B 9 8.05 -2.67 -10.15
N ASN B 10 8.75 -1.71 -10.74
CA ASN B 10 8.36 -0.31 -10.77
C ASN B 10 6.87 -0.08 -11.05
N PRO B 11 6.22 -0.82 -11.96
CA PRO B 11 4.75 -0.71 -12.01
C PRO B 11 4.08 -0.94 -10.65
N HIS B 12 4.46 -1.98 -9.91
CA HIS B 12 3.76 -2.29 -8.67
C HIS B 12 4.13 -1.38 -7.53
N LEU B 13 5.11 -0.47 -7.71
CA LEU B 13 5.69 0.33 -6.65
C LEU B 13 5.63 1.83 -6.95
N MET B 14 4.80 2.27 -7.88
CA MET B 14 4.84 3.66 -8.33
C MET B 14 3.45 4.27 -8.36
N CYS B 15 3.41 5.56 -8.00
CA CYS B 15 2.22 6.40 -7.98
C CYS B 15 1.98 6.99 -9.37
N VAL B 16 0.77 6.78 -9.89
CA VAL B 16 0.48 7.23 -11.24
C VAL B 16 0.37 8.75 -11.35
N LEU B 17 0.22 9.46 -10.26
CA LEU B 17 0.23 10.91 -10.31
C LEU B 17 1.65 11.44 -10.24
N CYS B 18 2.45 10.89 -9.33
CA CYS B 18 3.80 11.37 -9.03
C CYS B 18 4.87 10.89 -10.01
N GLY B 19 4.58 9.84 -10.78
CA GLY B 19 5.53 9.22 -11.69
C GLY B 19 6.72 8.60 -10.99
N GLY B 20 6.64 8.51 -9.67
CA GLY B 20 7.73 8.00 -8.88
C GLY B 20 7.19 7.07 -7.83
N TYR B 21 8.08 6.57 -6.98
CA TYR B 21 7.73 5.62 -5.95
C TYR B 21 6.73 6.19 -4.93
N PHE B 22 6.03 5.26 -4.28
CA PHE B 22 5.08 5.65 -3.25
C PHE B 22 5.82 6.21 -2.06
N ILE B 23 5.41 7.38 -1.59
CA ILE B 23 5.85 7.89 -0.32
C ILE B 23 4.62 8.17 0.51
N ASP B 24 4.59 7.64 1.73
CA ASP B 24 3.39 7.63 2.57
C ASP B 24 2.21 7.02 1.79
N ALA B 25 2.36 5.76 1.39
CA ALA B 25 1.39 5.10 0.53
C ALA B 25 -0.02 5.08 1.13
N THR B 26 -1.01 5.40 0.29
CA THR B 26 -2.42 5.53 0.67
C THR B 26 -3.29 4.81 -0.34
N THR B 27 -4.40 4.23 0.16
CA THR B 27 -5.22 3.26 -0.58
C THR B 27 -6.69 3.65 -0.50
N ILE B 28 -7.37 3.63 -1.64
CA ILE B 28 -8.83 3.70 -1.68
C ILE B 28 -9.40 2.35 -1.29
N ILE B 29 -10.19 2.32 -0.21
CA ILE B 29 -10.65 1.03 0.32
C ILE B 29 -11.82 0.44 -0.46
N GLU B 30 -12.15 1.01 -1.62
CA GLU B 30 -13.16 0.41 -2.50
C GLU B 30 -12.56 -0.46 -3.60
N CYS B 31 -11.63 0.10 -4.38
CA CYS B 31 -11.00 -0.55 -5.52
C CYS B 31 -9.60 -1.05 -5.23
N LEU B 32 -9.06 -0.74 -4.05
CA LEU B 32 -7.70 -1.12 -3.68
C LEU B 32 -6.69 -0.56 -4.68
N HIS B 33 -6.86 0.69 -5.03
CA HIS B 33 -5.85 1.40 -5.77
C HIS B 33 -5.09 2.30 -4.82
N SER B 34 -3.84 2.58 -5.15
CA SER B 34 -2.95 3.20 -4.20
C SER B 34 -2.09 4.29 -4.85
N PHE B 35 -1.82 5.32 -4.06
CA PHE B 35 -1.13 6.53 -4.48
C PHE B 35 -0.41 7.06 -3.27
N CYS B 36 0.54 7.97 -3.49
CA CYS B 36 1.16 8.67 -2.39
C CYS B 36 0.12 9.40 -1.59
N LYS B 37 0.36 9.54 -0.28
CA LYS B 37 -0.60 10.24 0.58
C LYS B 37 -0.93 11.61 0.03
N THR B 38 0.09 12.39 -0.37
CA THR B 38 -0.14 13.76 -0.83
C THR B 38 -0.79 13.78 -2.20
N CYS B 39 -0.46 12.81 -3.04
CA CYS B 39 -0.95 12.81 -4.42
C CYS B 39 -2.45 12.69 -4.44
N ILE B 40 -2.98 11.72 -3.69
CA ILE B 40 -4.40 11.44 -3.73
C ILE B 40 -5.20 12.47 -2.93
N VAL B 41 -4.62 13.04 -1.88
CA VAL B 41 -5.36 14.06 -1.15
C VAL B 41 -5.58 15.26 -2.04
N ARG B 42 -4.55 15.69 -2.76
CA ARG B 42 -4.76 16.78 -3.70
C ARG B 42 -5.72 16.38 -4.80
N TYR B 43 -5.61 15.14 -5.29
CA TYR B 43 -6.55 14.70 -6.31
C TYR B 43 -7.97 14.77 -5.79
N LEU B 44 -8.24 14.17 -4.64
CA LEU B 44 -9.60 14.12 -4.15
C LEU B 44 -10.15 15.48 -3.77
N GLU B 45 -9.33 16.53 -3.83
CA GLU B 45 -9.84 17.88 -3.65
C GLU B 45 -10.70 18.33 -4.82
N THR B 46 -10.69 17.58 -5.92
CA THR B 46 -11.37 17.96 -7.16
C THR B 46 -12.12 16.80 -7.81
N SER B 47 -12.02 15.58 -7.29
CA SER B 47 -12.79 14.47 -7.83
C SER B 47 -13.20 13.55 -6.69
N LYS B 48 -14.40 12.97 -6.82
CA LYS B 48 -14.85 11.94 -5.89
C LYS B 48 -14.72 10.54 -6.50
N TYR B 49 -13.91 10.40 -7.55
CA TYR B 49 -13.75 9.17 -8.33
C TYR B 49 -12.25 8.82 -8.48
N CYS B 50 -11.95 7.50 -8.52
CA CYS B 50 -10.56 7.01 -8.61
C CYS B 50 -9.86 7.52 -9.87
N PRO B 51 -8.61 7.94 -9.76
CA PRO B 51 -7.89 8.39 -10.96
C PRO B 51 -7.69 7.32 -12.01
N ILE B 52 -7.73 6.05 -11.62
CA ILE B 52 -7.39 4.98 -12.55
C ILE B 52 -8.65 4.19 -12.91
N CYS B 53 -9.20 3.44 -11.94
CA CYS B 53 -10.34 2.64 -12.35
C CYS B 53 -11.55 3.49 -12.62
N ASP B 54 -11.66 4.67 -11.99
CA ASP B 54 -12.74 5.66 -12.18
C ASP B 54 -14.02 5.34 -11.40
N VAL B 55 -13.95 4.55 -10.29
CA VAL B 55 -15.09 4.38 -9.37
C VAL B 55 -15.33 5.63 -8.53
N GLN B 56 -16.56 5.74 -8.00
CA GLN B 56 -16.92 6.80 -7.08
C GLN B 56 -16.46 6.44 -5.68
N VAL B 57 -15.58 7.27 -5.10
CA VAL B 57 -14.99 7.02 -3.78
C VAL B 57 -16.02 7.25 -2.69
N HIS B 58 -16.93 8.18 -2.93
CA HIS B 58 -17.98 8.56 -2.00
C HIS B 58 -18.89 9.52 -2.76
N LYS B 59 -20.16 9.64 -2.35
CA LYS B 59 -20.99 10.67 -2.96
C LYS B 59 -20.54 12.06 -2.53
N THR B 60 -20.03 12.18 -1.28
CA THR B 60 -19.85 13.48 -0.63
C THR B 60 -18.44 13.74 -0.07
N ARG B 61 -17.96 12.87 0.82
CA ARG B 61 -16.66 13.08 1.47
C ARG B 61 -15.69 12.00 1.02
N PRO B 62 -14.94 12.22 -0.06
CA PRO B 62 -14.06 11.14 -0.56
C PRO B 62 -13.03 10.68 0.45
N LEU B 63 -12.44 11.60 1.24
CA LEU B 63 -11.40 11.22 2.20
C LEU B 63 -11.90 10.20 3.21
N LEU B 64 -13.21 9.97 3.24
CA LEU B 64 -13.78 9.01 4.19
C LEU B 64 -13.37 7.60 3.86
N ASN B 65 -13.04 7.32 2.59
CA ASN B 65 -12.86 5.96 2.14
C ASN B 65 -11.48 5.71 1.56
N ILE B 66 -10.47 6.27 2.21
CA ILE B 66 -9.07 6.02 1.89
C ILE B 66 -8.32 5.80 3.20
N ARG B 67 -7.37 4.88 3.20
CA ARG B 67 -6.57 4.57 4.39
C ARG B 67 -5.08 4.55 4.04
N SER B 68 -4.24 4.86 5.02
CA SER B 68 -2.82 4.56 4.89
C SER B 68 -2.63 3.07 4.60
N ASP B 69 -1.66 2.76 3.75
CA ASP B 69 -1.25 1.39 3.45
C ASP B 69 0.19 1.26 3.92
N LYS B 70 0.36 1.01 5.21
CA LYS B 70 1.71 0.82 5.69
C LYS B 70 2.27 -0.51 5.20
N THR B 71 1.40 -1.52 5.07
CA THR B 71 1.84 -2.80 4.53
C THR B 71 2.45 -2.61 3.16
N LEU B 72 1.81 -1.80 2.32
CA LEU B 72 2.34 -1.56 1.00
C LEU B 72 3.57 -0.66 1.03
N GLN B 73 3.56 0.41 1.84
CA GLN B 73 4.71 1.31 1.92
C GLN B 73 5.95 0.61 2.43
N ASP B 74 5.80 -0.39 3.28
CA ASP B 74 6.96 -1.09 3.81
C ASP B 74 7.62 -1.94 2.74
N ILE B 75 6.80 -2.55 1.88
CA ILE B 75 7.32 -3.34 0.76
C ILE B 75 8.14 -2.46 -0.16
N VAL B 76 7.75 -1.22 -0.34
CA VAL B 76 8.50 -0.30 -1.19
C VAL B 76 9.83 0.04 -0.55
N TYR B 77 9.82 0.43 0.72
CA TYR B 77 11.04 0.86 1.40
C TYR B 77 12.07 -0.27 1.45
N LYS B 78 11.59 -1.53 1.48
CA LYS B 78 12.45 -2.70 1.53
C LYS B 78 13.01 -3.09 0.16
N LEU B 79 12.20 -3.02 -0.90
CA LEU B 79 12.68 -3.41 -2.21
C LEU B 79 13.58 -2.35 -2.84
N VAL B 80 13.29 -1.08 -2.56
CA VAL B 80 13.94 0.04 -3.24
C VAL B 80 15.10 0.51 -2.36
N PRO B 81 16.35 0.31 -2.80
CA PRO B 81 17.49 0.54 -1.90
C PRO B 81 17.66 2.02 -1.56
N GLY B 82 17.72 2.30 -0.27
CA GLY B 82 17.99 3.66 0.19
C GLY B 82 16.90 4.65 -0.11
N LEU B 83 15.71 4.18 -0.49
CA LEU B 83 14.59 5.08 -0.68
C LEU B 83 14.20 5.71 0.64
N PHE B 84 14.12 4.88 1.68
CA PHE B 84 13.82 5.38 3.02
C PHE B 84 14.90 6.34 3.53
N LYS B 85 16.19 6.03 3.34
CA LYS B 85 17.21 7.02 3.67
C LYS B 85 16.92 8.32 2.93
N ASN B 86 16.69 8.23 1.63
CA ASN B 86 16.55 9.41 0.81
C ASN B 86 15.35 10.23 1.25
N GLU B 87 14.23 9.57 1.48
CA GLU B 87 13.02 10.28 1.82
C GLU B 87 13.13 10.89 3.21
N MET B 88 13.69 10.15 4.16
CA MET B 88 13.85 10.72 5.50
C MET B 88 14.83 11.87 5.48
N LYS B 89 15.93 11.74 4.75
CA LYS B 89 16.87 12.83 4.71
C LYS B 89 16.22 14.08 4.13
N ARG B 90 15.38 13.92 3.09
CA ARG B 90 14.65 15.05 2.50
C ARG B 90 13.84 15.82 3.54
N ARG B 91 13.20 15.10 4.47
CA ARG B 91 12.34 15.75 5.45
C ARG B 91 13.15 16.51 6.51
N ARG B 92 14.25 15.91 7.00
CA ARG B 92 15.12 16.64 7.92
C ARG B 92 15.62 17.92 7.26
N ASP B 93 16.15 17.80 6.04
CA ASP B 93 16.69 18.97 5.35
C ASP B 93 15.65 20.06 5.34
N PHE B 94 14.39 19.70 5.12
CA PHE B 94 13.35 20.70 5.03
C PHE B 94 13.22 21.42 6.36
N TYR B 95 13.01 20.66 7.44
CA TYR B 95 12.80 21.27 8.74
C TYR B 95 14.05 21.88 9.32
N ALA B 96 15.21 21.62 8.72
CA ALA B 96 16.41 22.38 9.05
C ALA B 96 16.38 23.76 8.43
N ALA B 97 15.57 23.95 7.39
CA ALA B 97 15.41 25.24 6.74
C ALA B 97 14.15 25.95 7.13
N HIS B 98 13.22 25.29 7.84
CA HIS B 98 11.94 25.88 8.18
C HIS B 98 11.54 25.50 9.60
N PRO B 99 12.20 26.09 10.62
CA PRO B 99 11.76 25.89 12.02
C PRO B 99 10.88 27.02 12.58
N THR A 9 -8.44 13.67 10.16
CA THR A 9 -8.18 14.67 9.11
C THR A 9 -6.88 14.39 8.40
N TRP A 10 -6.86 14.75 7.12
CA TRP A 10 -5.74 14.54 6.21
C TRP A 10 -5.10 15.87 5.87
N GLU A 11 -4.71 16.63 6.88
CA GLU A 11 -4.10 17.93 6.64
C GLU A 11 -2.63 17.69 6.23
N LEU A 12 -2.18 18.35 5.15
CA LEU A 12 -0.82 18.15 4.66
C LEU A 12 0.13 19.13 5.33
N SER A 13 1.20 18.61 5.94
CA SER A 13 2.21 19.45 6.59
C SER A 13 2.90 20.31 5.55
N LEU A 14 3.65 21.31 6.03
CA LEU A 14 4.43 22.12 5.10
C LEU A 14 5.27 21.26 4.18
N TYR A 15 5.95 20.26 4.74
CA TYR A 15 6.72 19.36 3.89
C TYR A 15 5.83 18.74 2.81
N GLU A 16 4.75 18.07 3.25
CA GLU A 16 3.88 17.38 2.30
C GLU A 16 3.30 18.32 1.27
N LEU A 17 3.06 19.57 1.67
CA LEU A 17 2.45 20.52 0.73
C LEU A 17 3.34 20.75 -0.47
N GLN A 18 4.63 20.96 -0.25
CA GLN A 18 5.55 21.17 -1.34
C GLN A 18 6.45 19.96 -1.71
N ARG A 19 6.19 18.74 -1.23
CA ARG A 19 7.07 17.62 -1.60
C ARG A 19 7.04 17.36 -3.10
N THR A 20 8.15 16.85 -3.61
CA THR A 20 8.37 16.51 -5.01
C THR A 20 8.31 15.00 -5.23
N PRO A 21 8.18 14.56 -6.48
CA PRO A 21 8.28 13.14 -6.77
C PRO A 21 9.61 12.57 -6.30
N GLN A 22 9.56 11.30 -5.89
CA GLN A 22 10.74 10.46 -5.66
C GLN A 22 11.01 9.70 -6.95
N GLU A 23 12.00 10.15 -7.72
CA GLU A 23 12.25 9.63 -9.06
C GLU A 23 12.49 8.13 -9.04
N ALA A 24 11.85 7.43 -9.96
CA ALA A 24 12.01 5.99 -10.05
C ALA A 24 13.31 5.64 -10.76
N ILE A 25 13.60 4.34 -10.80
CA ILE A 25 14.87 3.83 -11.31
C ILE A 25 14.61 3.08 -12.62
N THR A 26 15.10 3.66 -13.73
CA THR A 26 15.14 3.09 -15.09
C THR A 26 16.48 2.41 -15.39
N ASP A 27 17.45 2.58 -14.50
CA ASP A 27 18.80 2.06 -14.65
C ASP A 27 18.86 0.55 -14.87
N GLY A 28 17.90 -0.21 -14.34
CA GLY A 28 17.97 -1.65 -14.48
C GLY A 28 18.91 -2.30 -13.48
N LEU A 29 18.89 -1.83 -12.25
CA LEU A 29 19.51 -2.53 -11.15
C LEU A 29 18.65 -3.74 -10.78
N GLU A 30 19.25 -4.72 -10.14
CA GLU A 30 18.54 -5.92 -9.72
C GLU A 30 18.63 -6.08 -8.20
N ILE A 31 17.52 -6.43 -7.58
CA ILE A 31 17.48 -6.63 -6.14
C ILE A 31 17.42 -8.12 -5.90
N VAL A 32 18.00 -8.56 -4.77
CA VAL A 32 18.00 -9.97 -4.39
C VAL A 32 17.02 -10.17 -3.24
N VAL A 33 16.19 -11.21 -3.36
CA VAL A 33 15.06 -11.41 -2.46
C VAL A 33 14.90 -12.89 -2.15
N SER A 34 15.10 -13.27 -0.90
CA SER A 34 14.90 -14.62 -0.36
C SER A 34 13.45 -14.83 0.10
N PRO A 35 13.00 -16.10 0.26
CA PRO A 35 11.67 -16.33 0.85
C PRO A 35 11.54 -15.83 2.29
N ARG A 36 12.66 -15.57 2.94
CA ARG A 36 12.72 -14.99 4.28
C ARG A 36 12.67 -13.48 4.25
N SER A 37 13.32 -12.87 3.25
CA SER A 37 13.32 -11.43 3.13
C SER A 37 11.91 -10.93 2.77
N LEU A 38 11.50 -9.83 3.40
CA LEU A 38 10.13 -9.30 3.33
C LEU A 38 9.08 -10.25 3.88
N HIS A 39 9.45 -11.28 4.65
CA HIS A 39 8.44 -12.27 5.00
C HIS A 39 7.42 -11.69 5.97
N SER A 40 7.81 -10.69 6.76
CA SER A 40 6.87 -10.12 7.72
C SER A 40 5.64 -9.56 7.03
N GLU A 41 5.76 -9.17 5.76
CA GLU A 41 4.70 -8.47 5.03
C GLU A 41 3.93 -9.38 4.10
N LEU A 42 4.46 -10.55 3.79
CA LEU A 42 3.90 -11.43 2.77
C LEU A 42 3.25 -12.67 3.34
N MET A 43 3.33 -12.87 4.66
CA MET A 43 2.85 -14.10 5.26
C MET A 43 1.48 -13.84 5.86
N CYS A 44 0.52 -14.65 5.46
CA CYS A 44 -0.76 -14.73 6.14
C CYS A 44 -0.53 -15.18 7.58
N PRO A 45 -0.87 -14.36 8.58
CA PRO A 45 -0.62 -14.77 9.98
C PRO A 45 -1.51 -15.93 10.43
N ILE A 46 -2.29 -16.50 9.51
CA ILE A 46 -3.14 -17.65 9.78
C ILE A 46 -2.29 -18.88 9.48
N CYS A 47 -1.79 -18.97 8.24
CA CYS A 47 -1.11 -20.16 7.74
C CYS A 47 0.39 -20.02 7.55
N LEU A 48 0.95 -18.82 7.72
CA LEU A 48 2.41 -18.66 7.78
C LEU A 48 3.13 -19.26 6.58
N ASP A 49 2.46 -19.29 5.43
CA ASP A 49 3.01 -19.49 4.09
C ASP A 49 2.71 -18.24 3.26
N MET A 50 2.93 -18.34 1.96
CA MET A 50 2.68 -17.23 1.06
C MET A 50 1.19 -16.96 0.87
N LEU A 51 0.85 -15.69 0.75
CA LEU A 51 -0.53 -15.32 0.49
C LEU A 51 -0.96 -15.87 -0.86
N LYS A 52 -2.02 -16.68 -0.83
CA LYS A 52 -2.73 -17.15 -2.01
C LYS A 52 -4.16 -16.62 -1.92
N ASN A 53 -4.68 -16.13 -3.04
CA ASN A 53 -5.99 -15.48 -3.08
C ASN A 53 -6.16 -14.48 -1.93
N THR A 54 -5.55 -13.31 -2.06
CA THR A 54 -5.47 -12.38 -0.94
C THR A 54 -6.81 -11.68 -0.70
N MET A 55 -7.06 -11.35 0.56
CA MET A 55 -8.21 -10.59 1.00
C MET A 55 -7.72 -9.45 1.85
N THR A 56 -8.44 -8.35 1.85
CA THR A 56 -8.05 -7.20 2.64
C THR A 56 -9.26 -6.66 3.38
N THR A 57 -9.06 -6.25 4.63
CA THR A 57 -10.12 -5.61 5.40
C THR A 57 -10.17 -4.14 5.04
N LYS A 58 -11.38 -3.63 4.78
CA LYS A 58 -11.57 -2.25 4.31
C LYS A 58 -11.38 -1.23 5.43
N GLU A 59 -11.52 -1.64 6.68
CA GLU A 59 -11.41 -0.69 7.78
C GLU A 59 -9.96 -0.45 8.19
N CYS A 60 -9.07 -1.38 7.87
CA CYS A 60 -7.71 -1.38 8.38
C CYS A 60 -6.66 -1.87 7.38
N LEU A 61 -7.06 -2.27 6.17
CA LEU A 61 -6.13 -2.64 5.13
C LEU A 61 -5.15 -3.72 5.61
N HIS A 62 -5.73 -4.84 6.01
CA HIS A 62 -4.95 -5.98 6.43
C HIS A 62 -5.24 -7.13 5.48
N ARG A 63 -4.18 -7.83 5.06
CA ARG A 63 -4.29 -8.83 4.03
C ARG A 63 -4.28 -10.24 4.63
N PHE A 64 -5.12 -11.12 4.10
CA PHE A 64 -5.15 -12.53 4.49
C PHE A 64 -5.51 -13.37 3.28
N CYS A 65 -5.41 -14.69 3.45
CA CYS A 65 -5.84 -15.61 2.40
C CYS A 65 -7.36 -15.68 2.33
N ALA A 66 -7.90 -15.72 1.11
CA ALA A 66 -9.33 -15.86 0.91
C ALA A 66 -9.81 -17.18 1.52
N ASP A 67 -9.08 -18.25 1.24
CA ASP A 67 -9.41 -19.56 1.76
C ASP A 67 -9.17 -19.64 3.27
N CYS A 68 -8.20 -18.88 3.79
CA CYS A 68 -7.89 -18.96 5.21
C CYS A 68 -8.80 -18.11 6.09
N ILE A 69 -9.16 -16.90 5.67
CA ILE A 69 -9.91 -16.01 6.58
C ILE A 69 -11.33 -16.49 6.91
N ILE A 70 -11.93 -17.28 6.04
CA ILE A 70 -13.29 -17.76 6.25
C ILE A 70 -13.44 -18.51 7.58
N THR A 71 -12.39 -19.19 8.01
CA THR A 71 -12.44 -19.98 9.23
C THR A 71 -12.16 -19.16 10.50
N ALA A 72 -11.46 -18.02 10.41
CA ALA A 72 -11.17 -17.23 11.61
C ALA A 72 -12.35 -16.37 12.02
N LEU A 73 -13.14 -15.97 11.06
CA LEU A 73 -14.37 -15.26 11.35
C LEU A 73 -15.44 -16.29 11.72
N ARG A 74 -15.33 -17.50 11.13
CA ARG A 74 -16.25 -18.59 11.41
C ARG A 74 -16.12 -19.13 12.83
N SER A 75 -15.02 -18.82 13.54
CA SER A 75 -14.79 -19.37 14.87
C SER A 75 -15.10 -18.37 15.96
N GLY A 76 -15.89 -17.35 15.62
CA GLY A 76 -16.64 -16.61 16.59
C GLY A 76 -16.07 -15.32 17.11
N ASN A 77 -15.08 -14.72 16.45
CA ASN A 77 -14.55 -13.55 17.09
C ASN A 77 -14.91 -12.24 16.38
N LYS A 78 -15.29 -12.32 15.09
CA LYS A 78 -15.72 -11.17 14.27
C LYS A 78 -14.91 -9.87 14.41
N GLU A 79 -13.63 -10.02 14.67
CA GLU A 79 -12.69 -8.90 14.70
C GLU A 79 -11.58 -9.15 13.70
N CYS A 80 -10.74 -8.15 13.46
CA CYS A 80 -9.61 -8.36 12.57
C CYS A 80 -8.51 -9.15 13.25
N PRO A 81 -8.13 -10.32 12.72
CA PRO A 81 -7.14 -11.17 13.41
C PRO A 81 -5.84 -10.49 13.73
N THR A 82 -5.59 -9.28 13.19
CA THR A 82 -4.31 -8.61 13.31
C THR A 82 -4.36 -7.50 14.35
N CYS A 83 -5.28 -6.55 14.19
CA CYS A 83 -5.38 -5.40 15.07
C CYS A 83 -6.55 -5.51 16.04
N ARG A 84 -7.28 -6.63 16.01
CA ARG A 84 -8.30 -6.93 16.99
C ARG A 84 -9.35 -5.82 17.01
N LYS A 85 -9.92 -5.56 15.82
CA LYS A 85 -10.94 -4.53 15.69
C LYS A 85 -12.18 -5.13 15.04
N LYS A 86 -13.36 -4.72 15.53
CA LYS A 86 -14.61 -5.33 15.09
C LYS A 86 -14.76 -5.16 13.60
N LEU A 87 -14.94 -6.26 12.92
CA LEU A 87 -15.11 -6.25 11.50
C LEU A 87 -16.59 -6.21 11.16
N VAL A 88 -17.05 -5.05 10.74
CA VAL A 88 -18.45 -4.82 10.43
C VAL A 88 -18.82 -5.42 9.08
N SER A 89 -20.06 -5.93 8.99
CA SER A 89 -20.64 -6.45 7.74
C SER A 89 -19.82 -7.55 7.08
N LYS A 90 -20.16 -7.79 5.82
CA LYS A 90 -19.48 -8.75 4.98
C LYS A 90 -18.84 -8.03 3.80
N ARG A 91 -19.30 -6.78 3.50
CA ARG A 91 -18.65 -6.03 2.44
C ARG A 91 -17.30 -5.48 2.90
N SER A 92 -16.90 -5.71 4.16
CA SER A 92 -15.53 -5.38 4.57
C SER A 92 -14.51 -6.33 3.99
N LEU A 93 -14.86 -7.29 3.14
CA LEU A 93 -13.83 -8.21 2.63
C LEU A 93 -13.73 -8.14 1.12
N ARG A 94 -12.64 -7.59 0.58
CA ARG A 94 -12.55 -7.58 -0.86
C ARG A 94 -11.31 -8.36 -1.31
N PRO A 95 -11.42 -9.13 -2.39
CA PRO A 95 -10.22 -9.75 -2.94
C PRO A 95 -9.32 -8.66 -3.49
N ASP A 96 -8.00 -8.89 -3.41
CA ASP A 96 -7.01 -7.86 -3.73
C ASP A 96 -6.20 -8.19 -4.98
N PRO A 97 -6.73 -7.94 -6.18
CA PRO A 97 -5.98 -8.33 -7.38
C PRO A 97 -4.70 -7.53 -7.57
N ASN A 98 -4.69 -6.23 -7.26
CA ASN A 98 -3.47 -5.46 -7.37
C ASN A 98 -2.37 -5.97 -6.45
N PHE A 99 -2.74 -6.66 -5.36
CA PHE A 99 -1.76 -7.28 -4.47
C PHE A 99 -1.29 -8.64 -4.96
N ASP A 100 -2.19 -9.48 -5.47
CA ASP A 100 -1.70 -10.72 -6.05
C ASP A 100 -0.87 -10.44 -7.29
N ALA A 101 -1.18 -9.37 -8.02
CA ALA A 101 -0.34 -8.96 -9.12
C ALA A 101 1.12 -8.85 -8.70
N LEU A 102 1.36 -8.51 -7.44
CA LEU A 102 2.67 -8.29 -6.86
C LEU A 102 3.35 -9.60 -6.44
N ILE A 103 2.57 -10.54 -5.91
CA ILE A 103 3.13 -11.83 -5.52
C ILE A 103 3.70 -12.55 -6.72
N SER A 104 3.00 -12.52 -7.85
CA SER A 104 3.41 -13.24 -9.05
C SER A 104 4.79 -12.86 -9.55
N LYS A 105 5.37 -11.79 -9.04
CA LYS A 105 6.71 -11.36 -9.41
C LYS A 105 7.78 -12.02 -8.55
N ILE A 106 7.39 -12.67 -7.45
CA ILE A 106 8.34 -13.13 -6.46
C ILE A 106 8.03 -14.57 -6.08
N TYR A 107 8.23 -15.50 -7.01
CA TYR A 107 7.92 -16.89 -6.74
C TYR A 107 8.61 -17.43 -5.50
N PRO A 108 9.87 -17.04 -5.18
CA PRO A 108 10.44 -17.40 -3.87
C PRO A 108 10.61 -16.19 -2.95
N THR B 1 15.57 -17.95 -3.40
CA THR B 1 16.05 -16.59 -3.60
C THR B 1 16.30 -16.28 -5.08
N THR B 2 15.82 -15.12 -5.53
CA THR B 2 16.01 -14.69 -6.91
C THR B 2 16.47 -13.25 -6.93
N ARG B 3 16.99 -12.85 -8.09
CA ARG B 3 17.36 -11.48 -8.40
C ARG B 3 16.36 -10.98 -9.42
N ILE B 4 15.83 -9.78 -9.23
CA ILE B 4 14.78 -9.28 -10.12
C ILE B 4 15.20 -7.92 -10.65
N LYS B 5 15.05 -7.69 -11.96
CA LYS B 5 15.22 -6.34 -12.49
C LYS B 5 14.09 -5.47 -11.95
N ILE B 6 14.45 -4.31 -11.38
CA ILE B 6 13.50 -3.40 -10.73
C ILE B 6 12.57 -2.75 -11.73
N THR B 7 12.97 -2.69 -12.99
CA THR B 7 12.09 -2.22 -14.04
C THR B 7 10.84 -3.10 -14.14
N GLU B 8 10.92 -4.36 -13.66
CA GLU B 8 9.80 -5.29 -13.57
C GLU B 8 8.84 -4.98 -12.42
N LEU B 9 9.32 -4.36 -11.34
CA LEU B 9 8.50 -4.05 -10.18
C LEU B 9 7.93 -2.65 -10.17
N ASN B 10 8.62 -1.69 -10.78
CA ASN B 10 8.21 -0.29 -10.82
C ASN B 10 6.72 -0.08 -11.09
N PRO B 11 6.07 -0.83 -11.98
CA PRO B 11 4.60 -0.72 -12.01
C PRO B 11 3.94 -0.95 -10.65
N HIS B 12 4.34 -1.99 -9.92
CA HIS B 12 3.65 -2.28 -8.66
C HIS B 12 4.02 -1.35 -7.52
N LEU B 13 5.00 -0.45 -7.73
CA LEU B 13 5.59 0.36 -6.68
C LEU B 13 5.52 1.85 -6.98
N MET B 14 4.66 2.29 -7.91
CA MET B 14 4.70 3.67 -8.37
C MET B 14 3.31 4.28 -8.37
N CYS B 15 3.26 5.56 -8.03
CA CYS B 15 2.08 6.40 -8.01
C CYS B 15 1.80 6.97 -9.40
N VAL B 16 0.60 6.75 -9.91
CA VAL B 16 0.28 7.20 -11.26
C VAL B 16 0.17 8.72 -11.38
N LEU B 17 0.02 9.43 -10.27
CA LEU B 17 0.02 10.88 -10.34
C LEU B 17 1.44 11.43 -10.29
N CYS B 18 2.26 10.89 -9.40
CA CYS B 18 3.60 11.37 -9.11
C CYS B 18 4.66 10.89 -10.10
N GLY B 19 4.38 9.83 -10.86
CA GLY B 19 5.31 9.23 -11.78
C GLY B 19 6.51 8.61 -11.08
N GLY B 20 6.45 8.52 -9.76
CA GLY B 20 7.56 8.02 -8.99
C GLY B 20 7.03 7.10 -7.92
N TYR B 21 7.94 6.62 -7.08
CA TYR B 21 7.60 5.66 -6.03
C TYR B 21 6.61 6.23 -5.00
N PHE B 22 5.92 5.31 -4.34
CA PHE B 22 4.98 5.69 -3.31
C PHE B 22 5.74 6.27 -2.12
N ILE B 23 5.32 7.43 -1.66
CA ILE B 23 5.78 7.96 -0.40
C ILE B 23 4.55 8.24 0.44
N ASP B 24 4.54 7.72 1.67
CA ASP B 24 3.35 7.70 2.51
C ASP B 24 2.16 7.08 1.75
N ALA B 25 2.32 5.82 1.38
CA ALA B 25 1.34 5.14 0.52
C ALA B 25 -0.06 5.13 1.14
N THR B 26 -1.06 5.44 0.31
CA THR B 26 -2.46 5.55 0.71
C THR B 26 -3.35 4.82 -0.29
N THR B 27 -4.44 4.24 0.22
CA THR B 27 -5.26 3.27 -0.49
C THR B 27 -6.74 3.64 -0.41
N ILE B 28 -7.43 3.61 -1.54
CA ILE B 28 -8.89 3.68 -1.57
C ILE B 28 -9.46 2.33 -1.15
N ILE B 29 -10.23 2.29 -0.07
CA ILE B 29 -10.68 1.01 0.47
C ILE B 29 -11.86 0.40 -0.29
N GLU B 30 -12.20 0.96 -1.45
CA GLU B 30 -13.22 0.35 -2.31
C GLU B 30 -12.62 -0.52 -3.42
N CYS B 31 -11.70 0.04 -4.20
CA CYS B 31 -11.08 -0.62 -5.34
C CYS B 31 -9.68 -1.10 -5.06
N LEU B 32 -9.12 -0.78 -3.90
CA LEU B 32 -7.76 -1.15 -3.55
C LEU B 32 -6.76 -0.60 -4.57
N HIS B 33 -6.95 0.65 -4.91
CA HIS B 33 -5.95 1.36 -5.68
C HIS B 33 -5.18 2.27 -4.73
N SER B 34 -3.93 2.56 -5.09
CA SER B 34 -3.03 3.20 -4.15
C SER B 34 -2.20 4.28 -4.81
N PHE B 35 -1.92 5.32 -4.03
CA PHE B 35 -1.25 6.52 -4.48
C PHE B 35 -0.51 7.07 -3.27
N CYS B 36 0.42 7.99 -3.51
CA CYS B 36 1.06 8.70 -2.43
C CYS B 36 0.02 9.44 -1.61
N LYS B 37 0.27 9.59 -0.31
CA LYS B 37 -0.68 10.27 0.56
C LYS B 37 -1.03 11.64 0.00
N THR B 38 -0.02 12.42 -0.42
CA THR B 38 -0.26 13.79 -0.88
C THR B 38 -0.91 13.80 -2.24
N CYS B 39 -0.60 12.82 -3.09
CA CYS B 39 -1.10 12.82 -4.45
C CYS B 39 -2.61 12.69 -4.46
N ILE B 40 -3.12 11.72 -3.70
CA ILE B 40 -4.55 11.42 -3.71
C ILE B 40 -5.34 12.46 -2.92
N VAL B 41 -4.74 13.04 -1.87
CA VAL B 41 -5.48 14.06 -1.14
C VAL B 41 -5.72 15.25 -2.04
N ARG B 42 -4.70 15.68 -2.77
CA ARG B 42 -4.93 16.77 -3.72
C ARG B 42 -5.89 16.35 -4.80
N TYR B 43 -5.79 15.11 -5.28
CA TYR B 43 -6.74 14.66 -6.30
C TYR B 43 -8.15 14.72 -5.77
N LEU B 44 -8.40 14.13 -4.60
CA LEU B 44 -9.76 14.07 -4.09
C LEU B 44 -10.30 15.43 -3.72
N GLU B 45 -9.49 16.49 -3.81
CA GLU B 45 -10.02 17.83 -3.62
C GLU B 45 -10.88 18.27 -4.79
N THR B 46 -10.89 17.51 -5.88
CA THR B 46 -11.59 17.88 -7.11
C THR B 46 -12.33 16.70 -7.74
N SER B 47 -12.22 15.50 -7.22
CA SER B 47 -12.99 14.38 -7.74
C SER B 47 -13.39 13.46 -6.60
N LYS B 48 -14.58 12.88 -6.70
CA LYS B 48 -15.01 11.84 -5.76
C LYS B 48 -14.89 10.45 -6.36
N TYR B 49 -14.08 10.30 -7.41
CA TYR B 49 -13.91 9.08 -8.19
C TYR B 49 -12.43 8.73 -8.35
N CYS B 50 -12.11 7.41 -8.39
CA CYS B 50 -10.72 6.93 -8.50
C CYS B 50 -10.05 7.43 -9.77
N PRO B 51 -8.80 7.86 -9.68
CA PRO B 51 -8.09 8.31 -10.88
C PRO B 51 -7.89 7.22 -11.93
N ILE B 52 -7.92 5.96 -11.53
CA ILE B 52 -7.59 4.88 -12.46
C ILE B 52 -8.84 4.09 -12.79
N CYS B 53 -9.38 3.35 -11.82
CA CYS B 53 -10.52 2.53 -12.20
C CYS B 53 -11.74 3.38 -12.47
N ASP B 54 -11.85 4.56 -11.84
CA ASP B 54 -12.93 5.54 -12.03
C ASP B 54 -14.20 5.21 -11.24
N VAL B 55 -14.12 4.44 -10.13
CA VAL B 55 -15.24 4.27 -9.19
C VAL B 55 -15.47 5.52 -8.35
N GLN B 56 -16.71 5.63 -7.81
CA GLN B 56 -17.07 6.70 -6.89
C GLN B 56 -16.59 6.34 -5.49
N VAL B 57 -15.70 7.18 -4.93
CA VAL B 57 -15.10 6.94 -3.60
C VAL B 57 -16.12 7.17 -2.51
N HIS B 58 -17.03 8.10 -2.74
CA HIS B 58 -18.08 8.48 -1.80
C HIS B 58 -19.00 9.44 -2.57
N LYS B 59 -20.27 9.53 -2.14
CA LYS B 59 -21.11 10.55 -2.76
C LYS B 59 -20.66 11.96 -2.33
N THR B 60 -20.15 12.09 -1.10
CA THR B 60 -19.96 13.39 -0.45
C THR B 60 -18.55 13.67 0.09
N ARG B 61 -18.04 12.81 0.98
CA ARG B 61 -16.74 13.02 1.61
C ARG B 61 -15.77 11.95 1.16
N PRO B 62 -15.03 12.17 0.07
CA PRO B 62 -14.17 11.10 -0.43
C PRO B 62 -13.12 10.65 0.57
N LEU B 63 -12.52 11.57 1.33
CA LEU B 63 -11.47 11.21 2.29
C LEU B 63 -11.94 10.19 3.31
N LEU B 64 -13.25 9.95 3.37
CA LEU B 64 -13.81 8.99 4.32
C LEU B 64 -13.40 7.57 3.99
N ASN B 65 -13.08 7.30 2.73
CA ASN B 65 -12.90 5.93 2.29
C ASN B 65 -11.51 5.70 1.69
N ILE B 66 -10.50 6.26 2.33
CA ILE B 66 -9.11 6.02 1.99
C ILE B 66 -8.34 5.81 3.30
N ARG B 67 -7.38 4.90 3.29
CA ARG B 67 -6.57 4.60 4.47
C ARG B 67 -5.09 4.58 4.11
N SER B 68 -4.23 4.91 5.08
CA SER B 68 -2.81 4.61 4.93
C SER B 68 -2.62 3.12 4.65
N ASP B 69 -1.66 2.82 3.78
CA ASP B 69 -1.24 1.45 3.50
C ASP B 69 0.20 1.33 3.95
N LYS B 70 0.39 1.08 5.23
CA LYS B 70 1.76 0.91 5.70
C LYS B 70 2.30 -0.42 5.23
N THR B 71 1.44 -1.43 5.11
CA THR B 71 1.88 -2.72 4.56
C THR B 71 2.48 -2.53 3.18
N LEU B 72 1.82 -1.74 2.35
CA LEU B 72 2.34 -1.50 1.02
C LEU B 72 3.58 -0.59 1.04
N GLN B 73 3.55 0.48 1.84
CA GLN B 73 4.70 1.39 1.89
C GLN B 73 5.95 0.70 2.40
N ASP B 74 5.81 -0.30 3.26
CA ASP B 74 6.99 -0.98 3.78
C ASP B 74 7.63 -1.83 2.71
N ILE B 75 6.81 -2.45 1.87
CA ILE B 75 7.32 -3.25 0.75
C ILE B 75 8.14 -2.38 -0.20
N VAL B 76 7.72 -1.13 -0.38
CA VAL B 76 8.46 -0.22 -1.24
C VAL B 76 9.80 0.13 -0.63
N TYR B 77 9.80 0.54 0.64
CA TYR B 77 11.02 0.97 1.31
C TYR B 77 12.07 -0.15 1.35
N LYS B 78 11.59 -1.40 1.39
CA LYS B 78 12.46 -2.57 1.44
C LYS B 78 13.01 -2.97 0.07
N LEU B 79 12.19 -2.91 -0.97
CA LEU B 79 12.65 -3.31 -2.30
C LEU B 79 13.53 -2.24 -2.93
N VAL B 80 13.24 -0.98 -2.67
CA VAL B 80 13.88 0.15 -3.36
C VAL B 80 15.05 0.63 -2.50
N PRO B 81 16.29 0.43 -2.94
CA PRO B 81 17.44 0.67 -2.06
C PRO B 81 17.61 2.15 -1.73
N GLY B 82 17.67 2.45 -0.44
CA GLY B 82 17.94 3.80 0.00
C GLY B 82 16.84 4.79 -0.30
N LEU B 83 15.66 4.31 -0.66
CA LEU B 83 14.53 5.20 -0.85
C LEU B 83 14.14 5.84 0.48
N PHE B 84 14.08 5.02 1.52
CA PHE B 84 13.80 5.52 2.86
C PHE B 84 14.87 6.49 3.36
N LYS B 85 16.16 6.18 3.16
CA LYS B 85 17.18 7.18 3.46
C LYS B 85 16.88 8.48 2.73
N ASN B 86 16.63 8.38 1.42
CA ASN B 86 16.48 9.55 0.60
C ASN B 86 15.28 10.37 1.04
N GLU B 87 14.17 9.70 1.29
CA GLU B 87 12.95 10.42 1.64
C GLU B 87 13.07 11.03 3.02
N MET B 88 13.65 10.30 3.98
CA MET B 88 13.81 10.87 5.32
C MET B 88 14.79 12.04 5.28
N LYS B 89 15.88 11.90 4.52
CA LYS B 89 16.82 13.00 4.47
C LYS B 89 16.15 14.24 3.88
N ARG B 90 15.31 14.06 2.85
CA ARG B 90 14.57 15.19 2.28
C ARG B 90 13.76 15.96 3.31
N ARG B 91 13.14 15.25 4.25
CA ARG B 91 12.28 15.90 5.24
C ARG B 91 13.10 16.67 6.28
N ARG B 92 14.20 16.07 6.78
CA ARG B 92 15.09 16.82 7.67
C ARG B 92 15.57 18.10 7.00
N ASP B 93 16.09 17.98 5.77
CA ASP B 93 16.61 19.15 5.07
C ASP B 93 15.57 20.23 5.07
N PHE B 94 14.31 19.86 4.86
CA PHE B 94 13.26 20.86 4.77
C PHE B 94 13.13 21.59 6.11
N TYR B 95 12.94 20.82 7.19
CA TYR B 95 12.74 21.44 8.49
C TYR B 95 14.01 22.07 9.06
N ALA B 96 15.16 21.81 8.44
CA ALA B 96 16.35 22.58 8.76
C ALA B 96 16.31 23.95 8.12
N ALA B 97 15.49 24.14 7.09
CA ALA B 97 15.32 25.42 6.43
C ALA B 97 14.04 26.12 6.83
N HIS B 98 13.15 25.46 7.55
CA HIS B 98 11.85 26.05 7.90
C HIS B 98 11.47 25.68 9.34
N PRO B 99 12.13 26.27 10.34
CA PRO B 99 11.72 26.08 11.75
C PRO B 99 10.84 27.21 12.31
N THR A 9 -9.81 13.35 9.35
CA THR A 9 -9.45 14.37 8.36
C THR A 9 -8.06 14.11 7.80
N TRP A 10 -7.90 14.51 6.55
CA TRP A 10 -6.68 14.33 5.78
C TRP A 10 -6.01 15.68 5.54
N GLU A 11 -5.77 16.42 6.61
CA GLU A 11 -5.15 17.73 6.47
C GLU A 11 -3.64 17.52 6.23
N LEU A 12 -3.07 18.21 5.24
CA LEU A 12 -1.66 18.03 4.90
C LEU A 12 -0.81 19.01 5.70
N SER A 13 0.18 18.50 6.42
CA SER A 13 1.09 19.34 7.21
C SER A 13 1.90 20.22 6.29
N LEU A 14 2.56 21.23 6.87
CA LEU A 14 3.44 22.06 6.06
C LEU A 14 4.40 21.24 5.23
N TYR A 15 5.02 20.23 5.83
CA TYR A 15 5.91 19.36 5.08
C TYR A 15 5.16 18.75 3.89
N GLU A 16 4.05 18.06 4.17
CA GLU A 16 3.31 17.37 3.12
C GLU A 16 2.84 18.35 2.05
N LEU A 17 2.53 19.58 2.42
CA LEU A 17 2.03 20.53 1.46
C LEU A 17 3.06 20.79 0.37
N GLN A 18 4.31 21.03 0.75
CA GLN A 18 5.35 21.27 -0.22
C GLN A 18 6.31 20.08 -0.50
N ARG A 19 6.00 18.85 -0.08
CA ARG A 19 6.94 17.74 -0.36
C ARG A 19 7.10 17.52 -1.86
N THR A 20 8.26 17.03 -2.25
CA THR A 20 8.66 16.72 -3.62
C THR A 20 8.66 15.22 -3.87
N PRO A 21 8.67 14.81 -5.13
CA PRO A 21 8.83 13.39 -5.43
C PRO A 21 10.11 12.83 -4.81
N GLN A 22 10.03 11.55 -4.44
CA GLN A 22 11.19 10.73 -4.08
C GLN A 22 11.61 10.00 -5.35
N GLU A 23 12.69 10.48 -5.98
CA GLU A 23 13.11 9.98 -7.29
C GLU A 23 13.36 8.48 -7.27
N ALA A 24 12.85 7.80 -8.27
CA ALA A 24 13.05 6.36 -8.38
C ALA A 24 14.43 6.04 -8.93
N ILE A 25 14.74 4.75 -8.95
CA ILE A 25 16.08 4.28 -9.33
C ILE A 25 15.99 3.54 -10.67
N THR A 26 16.60 4.15 -11.70
CA THR A 26 16.81 3.61 -13.05
C THR A 26 18.19 2.96 -13.21
N ASP A 27 19.04 3.12 -12.20
CA ASP A 27 20.41 2.63 -12.19
C ASP A 27 20.51 1.12 -12.43
N GLY A 28 19.50 0.33 -12.05
CA GLY A 28 19.62 -1.11 -12.20
C GLY A 28 20.44 -1.77 -11.11
N LEU A 29 20.26 -1.32 -9.88
CA LEU A 29 20.76 -2.04 -8.73
C LEU A 29 19.88 -3.26 -8.49
N GLU A 30 20.42 -4.25 -7.80
CA GLU A 30 19.68 -5.47 -7.49
C GLU A 30 19.58 -5.65 -5.98
N ILE A 31 18.41 -6.02 -5.51
CA ILE A 31 18.20 -6.26 -4.08
C ILE A 31 18.13 -7.76 -3.87
N VAL A 32 18.58 -8.21 -2.70
CA VAL A 32 18.57 -9.63 -2.35
C VAL A 32 17.44 -9.88 -1.33
N VAL A 33 16.66 -10.93 -1.56
CA VAL A 33 15.43 -11.15 -0.82
C VAL A 33 15.26 -12.64 -0.56
N SER A 34 15.31 -13.04 0.71
CA SER A 34 15.07 -14.41 1.19
C SER A 34 13.58 -14.65 1.47
N PRO A 35 13.14 -15.92 1.54
CA PRO A 35 11.74 -16.19 1.97
C PRO A 35 11.43 -15.72 3.38
N ARG A 36 12.47 -15.45 4.18
CA ARG A 36 12.35 -14.91 5.52
C ARG A 36 12.27 -13.39 5.51
N SER A 37 13.03 -12.76 4.62
CA SER A 37 13.03 -11.30 4.53
C SER A 37 11.67 -10.83 4.01
N LEU A 38 11.17 -9.74 4.60
CA LEU A 38 9.82 -9.23 4.37
C LEU A 38 8.71 -10.20 4.78
N HIS A 39 9.00 -11.24 5.57
CA HIS A 39 7.97 -12.25 5.77
C HIS A 39 6.83 -11.71 6.62
N SER A 40 7.11 -10.73 7.48
CA SER A 40 6.05 -10.19 8.32
C SER A 40 4.90 -9.62 7.50
N GLU A 41 5.17 -9.21 6.26
CA GLU A 41 4.20 -8.51 5.42
C GLU A 41 3.55 -9.41 4.39
N LEU A 42 4.15 -10.57 4.12
CA LEU A 42 3.72 -11.43 3.03
C LEU A 42 3.03 -12.69 3.50
N MET A 43 2.95 -12.92 4.80
CA MET A 43 2.42 -14.17 5.32
C MET A 43 0.98 -13.93 5.75
N CYS A 44 0.09 -14.75 5.23
CA CYS A 44 -1.25 -14.87 5.74
C CYS A 44 -1.20 -15.33 7.19
N PRO A 45 -1.67 -14.54 8.15
CA PRO A 45 -1.59 -14.98 9.57
C PRO A 45 -2.50 -16.16 9.89
N ILE A 46 -3.16 -16.73 8.87
CA ILE A 46 -4.01 -17.89 9.01
C ILE A 46 -3.11 -19.10 8.78
N CYS A 47 -2.47 -19.15 7.61
CA CYS A 47 -1.71 -20.32 7.18
C CYS A 47 -0.20 -20.16 7.17
N LEU A 48 0.32 -18.97 7.44
CA LEU A 48 1.75 -18.77 7.67
C LEU A 48 2.62 -19.35 6.55
N ASP A 49 2.09 -19.35 5.33
CA ASP A 49 2.81 -19.53 4.06
C ASP A 49 2.59 -18.26 3.24
N MET A 50 2.96 -18.34 1.97
CA MET A 50 2.81 -17.20 1.07
C MET A 50 1.36 -16.95 0.70
N LEU A 51 1.01 -15.67 0.58
CA LEU A 51 -0.34 -15.33 0.15
C LEU A 51 -0.60 -15.85 -1.26
N LYS A 52 -1.64 -16.67 -1.37
CA LYS A 52 -2.19 -17.13 -2.64
C LYS A 52 -3.63 -16.62 -2.71
N ASN A 53 -4.02 -16.13 -3.88
CA ASN A 53 -5.32 -15.48 -4.06
C ASN A 53 -5.64 -14.51 -2.92
N THR A 54 -5.04 -13.33 -2.95
CA THR A 54 -5.11 -12.42 -1.82
C THR A 54 -6.48 -11.75 -1.73
N MET A 55 -6.88 -11.46 -0.49
CA MET A 55 -8.10 -10.71 -0.19
C MET A 55 -7.73 -9.58 0.75
N THR A 56 -8.46 -8.50 0.68
CA THR A 56 -8.19 -7.37 1.54
C THR A 56 -9.48 -6.85 2.13
N THR A 57 -9.45 -6.46 3.41
CA THR A 57 -10.61 -5.86 4.04
C THR A 57 -10.64 -4.38 3.72
N LYS A 58 -11.80 -3.88 3.31
CA LYS A 58 -11.96 -2.49 2.87
C LYS A 58 -11.93 -1.50 4.01
N GLU A 59 -12.21 -1.93 5.23
CA GLU A 59 -12.25 -1.01 6.36
C GLU A 59 -10.87 -0.76 6.95
N CYS A 60 -9.94 -1.67 6.71
CA CYS A 60 -8.64 -1.66 7.39
C CYS A 60 -7.47 -2.12 6.51
N LEU A 61 -7.71 -2.50 5.27
CA LEU A 61 -6.65 -2.83 4.33
C LEU A 61 -5.73 -3.91 4.91
N HIS A 62 -6.32 -5.05 5.21
CA HIS A 62 -5.60 -6.20 5.70
C HIS A 62 -5.75 -7.33 4.71
N ARG A 63 -4.64 -7.99 4.40
CA ARG A 63 -4.61 -8.99 3.34
C ARG A 63 -4.65 -10.40 3.91
N PHE A 64 -5.41 -11.28 3.27
CA PHE A 64 -5.47 -12.69 3.62
C PHE A 64 -5.66 -13.52 2.36
N CYS A 65 -5.56 -14.84 2.51
CA CYS A 65 -5.85 -15.73 1.39
C CYS A 65 -7.35 -15.82 1.13
N ALA A 66 -7.73 -15.84 -0.13
CA ALA A 66 -9.13 -16.00 -0.52
C ALA A 66 -9.68 -17.29 0.07
N ASP A 67 -8.93 -18.38 -0.10
CA ASP A 67 -9.35 -19.66 0.43
C ASP A 67 -9.28 -19.69 1.95
N CYS A 68 -8.34 -18.95 2.55
CA CYS A 68 -8.19 -18.99 4.01
C CYS A 68 -9.15 -18.07 4.74
N ILE A 69 -9.40 -16.86 4.25
CA ILE A 69 -10.18 -15.91 5.04
C ILE A 69 -11.65 -16.31 5.24
N ILE A 70 -12.27 -16.90 4.22
CA ILE A 70 -13.68 -17.28 4.30
C ILE A 70 -13.95 -18.25 5.45
N THR A 71 -12.95 -19.07 5.80
CA THR A 71 -13.11 -20.06 6.84
C THR A 71 -12.87 -19.52 8.25
N ALA A 72 -12.12 -18.42 8.42
CA ALA A 72 -11.87 -17.89 9.76
C ALA A 72 -13.04 -17.07 10.27
N LEU A 73 -13.75 -16.45 9.36
CA LEU A 73 -14.96 -15.74 9.73
C LEU A 73 -16.08 -16.78 9.87
N ARG A 74 -15.81 -18.01 9.36
CA ARG A 74 -16.78 -19.11 9.42
C ARG A 74 -17.05 -19.57 10.85
N SER A 75 -16.20 -19.20 11.82
CA SER A 75 -16.35 -19.69 13.19
C SER A 75 -16.96 -18.63 14.09
N GLY A 76 -17.62 -17.65 13.49
CA GLY A 76 -18.63 -16.87 14.18
C GLY A 76 -18.22 -15.55 14.77
N ASN A 77 -17.09 -14.97 14.38
CA ASN A 77 -16.76 -13.75 15.09
C ASN A 77 -16.91 -12.50 14.23
N LYS A 78 -16.90 -12.63 12.90
CA LYS A 78 -17.08 -11.53 11.93
C LYS A 78 -16.32 -10.23 12.22
N GLU A 79 -15.08 -10.37 12.62
CA GLU A 79 -14.18 -9.23 12.80
C GLU A 79 -12.95 -9.44 11.93
N CYS A 80 -12.10 -8.41 11.84
CA CYS A 80 -10.86 -8.56 11.09
C CYS A 80 -9.85 -9.37 11.88
N PRO A 81 -9.39 -10.51 11.37
CA PRO A 81 -8.47 -11.37 12.14
C PRO A 81 -7.22 -10.67 12.63
N THR A 82 -6.94 -9.45 12.17
CA THR A 82 -5.69 -8.75 12.47
C THR A 82 -5.90 -7.68 13.54
N CYS A 83 -6.80 -6.75 13.29
CA CYS A 83 -7.04 -5.63 14.20
C CYS A 83 -8.32 -5.79 15.00
N ARG A 84 -9.02 -6.91 14.84
CA ARG A 84 -10.15 -7.27 15.68
C ARG A 84 -11.22 -6.18 15.60
N LYS A 85 -11.65 -5.89 14.38
CA LYS A 85 -12.65 -4.87 14.14
C LYS A 85 -13.80 -5.46 13.32
N LYS A 86 -15.03 -5.10 13.68
CA LYS A 86 -16.20 -5.71 13.07
C LYS A 86 -16.18 -5.49 11.58
N LEU A 87 -16.26 -6.57 10.84
CA LEU A 87 -16.23 -6.51 9.41
C LEU A 87 -17.66 -6.58 8.89
N VAL A 88 -18.17 -5.43 8.46
CA VAL A 88 -19.54 -5.32 7.98
C VAL A 88 -19.68 -5.88 6.57
N SER A 89 -20.83 -6.50 6.29
CA SER A 89 -21.17 -7.00 4.96
C SER A 89 -20.21 -8.04 4.41
N LYS A 90 -20.40 -8.28 3.11
CA LYS A 90 -19.59 -9.18 2.34
C LYS A 90 -18.87 -8.40 1.25
N ARG A 91 -19.42 -7.22 0.86
CA ARG A 91 -18.70 -6.41 -0.11
C ARG A 91 -17.47 -5.74 0.52
N SER A 92 -17.23 -5.92 1.82
CA SER A 92 -15.97 -5.47 2.41
C SER A 92 -14.80 -6.32 2.00
N LEU A 93 -14.93 -7.30 1.12
CA LEU A 93 -13.78 -8.12 0.77
C LEU A 93 -13.53 -8.12 -0.71
N ARG A 94 -12.39 -7.59 -1.17
CA ARG A 94 -12.16 -7.65 -2.60
C ARG A 94 -10.88 -8.41 -2.89
N PRO A 95 -10.86 -9.25 -3.94
CA PRO A 95 -9.61 -9.86 -4.34
C PRO A 95 -8.67 -8.77 -4.84
N ASP A 96 -7.36 -8.98 -4.62
CA ASP A 96 -6.36 -7.96 -4.89
C ASP A 96 -5.43 -8.32 -6.04
N PRO A 97 -5.83 -8.13 -7.29
CA PRO A 97 -4.97 -8.57 -8.39
C PRO A 97 -3.68 -7.76 -8.49
N ASN A 98 -3.73 -6.45 -8.24
CA ASN A 98 -2.50 -5.66 -8.28
C ASN A 98 -1.50 -6.11 -7.23
N PHE A 99 -1.96 -6.76 -6.15
CA PHE A 99 -1.07 -7.31 -5.13
C PHE A 99 -0.53 -8.69 -5.50
N ASP A 100 -1.36 -9.57 -6.06
CA ASP A 100 -0.81 -10.82 -6.54
C ASP A 100 0.14 -10.58 -7.70
N ALA A 101 -0.11 -9.55 -8.51
CA ALA A 101 0.83 -9.17 -9.55
C ALA A 101 2.24 -9.02 -8.99
N LEU A 102 2.34 -8.63 -7.71
CA LEU A 102 3.59 -8.36 -7.02
C LEU A 102 4.24 -9.63 -6.48
N ILE A 103 3.43 -10.56 -5.98
CA ILE A 103 3.95 -11.82 -5.48
C ILE A 103 4.66 -12.60 -6.59
N SER A 104 4.08 -12.61 -7.79
CA SER A 104 4.61 -13.39 -8.90
C SER A 104 6.03 -13.00 -9.28
N LYS A 105 6.54 -11.89 -8.77
CA LYS A 105 7.90 -11.46 -9.02
C LYS A 105 8.89 -12.06 -8.03
N ILE A 106 8.40 -12.67 -6.95
CA ILE A 106 9.25 -13.08 -5.84
C ILE A 106 8.94 -14.51 -5.43
N TYR A 107 9.23 -15.46 -6.30
CA TYR A 107 8.91 -16.86 -6.00
C TYR A 107 9.48 -17.32 -4.66
N PRO A 108 10.70 -16.90 -4.24
CA PRO A 108 11.14 -17.19 -2.87
C PRO A 108 11.20 -15.94 -2.00
N THR B 1 16.21 -17.67 -1.83
CA THR B 1 16.69 -16.29 -1.95
C THR B 1 17.12 -15.94 -3.38
N THR B 2 16.67 -14.78 -3.85
CA THR B 2 17.01 -14.32 -5.19
C THR B 2 17.45 -12.87 -5.14
N ARG B 3 18.09 -12.44 -6.22
CA ARG B 3 18.47 -11.07 -6.45
C ARG B 3 17.59 -10.56 -7.58
N ILE B 4 17.01 -9.37 -7.43
CA ILE B 4 16.08 -8.86 -8.43
C ILE B 4 16.54 -7.48 -8.88
N LYS B 5 16.54 -7.23 -10.19
CA LYS B 5 16.75 -5.87 -10.67
C LYS B 5 15.55 -5.02 -10.25
N ILE B 6 15.83 -3.87 -9.62
CA ILE B 6 14.79 -2.99 -9.08
C ILE B 6 13.96 -2.33 -10.17
N THR B 7 14.52 -2.23 -11.37
CA THR B 7 13.76 -1.76 -12.51
C THR B 7 12.55 -2.65 -12.77
N GLU B 8 12.59 -3.92 -12.31
CA GLU B 8 11.48 -4.87 -12.38
C GLU B 8 10.38 -4.60 -11.34
N LEU B 9 10.72 -3.99 -10.21
CA LEU B 9 9.76 -3.72 -9.15
C LEU B 9 9.18 -2.33 -9.18
N ASN B 10 9.92 -1.35 -9.69
CA ASN B 10 9.49 0.05 -9.74
C ASN B 10 8.04 0.24 -10.18
N PRO B 11 7.51 -0.50 -11.15
CA PRO B 11 6.05 -0.41 -11.35
C PRO B 11 5.24 -0.69 -10.09
N HIS B 12 5.57 -1.72 -9.33
CA HIS B 12 4.74 -2.05 -8.17
C HIS B 12 4.97 -1.15 -6.98
N LEU B 13 5.94 -0.23 -7.06
CA LEU B 13 6.39 0.58 -5.93
C LEU B 13 6.33 2.08 -6.21
N MET B 14 5.59 2.51 -7.22
CA MET B 14 5.65 3.91 -7.65
C MET B 14 4.26 4.49 -7.82
N CYS B 15 4.14 5.76 -7.45
CA CYS B 15 2.95 6.59 -7.55
C CYS B 15 2.84 7.18 -8.95
N VAL B 16 1.71 6.96 -9.61
CA VAL B 16 1.55 7.43 -10.97
C VAL B 16 1.42 8.95 -11.08
N LEU B 17 1.14 9.63 -10.00
CA LEU B 17 1.12 11.08 -10.03
C LEU B 17 2.51 11.66 -9.79
N CYS B 18 3.23 11.10 -8.82
CA CYS B 18 4.52 11.61 -8.37
C CYS B 18 5.70 11.15 -9.23
N GLY B 19 5.52 10.11 -10.04
CA GLY B 19 6.57 9.54 -10.85
C GLY B 19 7.69 8.92 -10.03
N GLY B 20 7.47 8.80 -8.72
CA GLY B 20 8.49 8.31 -7.83
C GLY B 20 7.85 7.36 -6.86
N TYR B 21 8.66 6.87 -5.92
CA TYR B 21 8.21 5.89 -4.94
C TYR B 21 7.10 6.42 -4.03
N PHE B 22 6.35 5.48 -3.48
CA PHE B 22 5.29 5.82 -2.56
C PHE B 22 5.89 6.38 -1.27
N ILE B 23 5.40 7.54 -0.85
CA ILE B 23 5.70 8.05 0.48
C ILE B 23 4.37 8.28 1.17
N ASP B 24 4.22 7.73 2.38
CA ASP B 24 2.94 7.68 3.07
C ASP B 24 1.87 7.07 2.17
N ALA B 25 2.09 5.81 1.78
CA ALA B 25 1.23 5.14 0.81
C ALA B 25 -0.24 5.10 1.25
N THR B 26 -1.13 5.41 0.31
CA THR B 26 -2.58 5.50 0.54
C THR B 26 -3.33 4.76 -0.57
N THR B 27 -4.46 4.16 -0.20
CA THR B 27 -5.17 3.20 -1.03
C THR B 27 -6.65 3.54 -1.11
N ILE B 28 -7.21 3.52 -2.32
CA ILE B 28 -8.66 3.58 -2.52
C ILE B 28 -9.24 2.21 -2.21
N ILE B 29 -10.14 2.13 -1.22
CA ILE B 29 -10.63 0.83 -0.76
C ILE B 29 -11.70 0.23 -1.67
N GLU B 30 -11.91 0.81 -2.85
CA GLU B 30 -12.80 0.20 -3.84
C GLU B 30 -12.07 -0.64 -4.88
N CYS B 31 -11.07 -0.05 -5.54
CA CYS B 31 -10.31 -0.67 -6.62
C CYS B 31 -8.94 -1.14 -6.18
N LEU B 32 -8.53 -0.84 -4.95
CA LEU B 32 -7.21 -1.20 -4.44
C LEU B 32 -6.11 -0.61 -5.33
N HIS B 33 -6.27 0.65 -5.67
CA HIS B 33 -5.20 1.40 -6.30
C HIS B 33 -4.57 2.29 -5.24
N SER B 34 -3.30 2.60 -5.44
CA SER B 34 -2.53 3.23 -4.39
C SER B 34 -1.63 4.34 -4.92
N PHE B 35 -1.47 5.37 -4.10
CA PHE B 35 -0.77 6.59 -4.45
C PHE B 35 -0.19 7.12 -3.14
N CYS B 36 0.74 8.05 -3.25
CA CYS B 36 1.24 8.76 -2.09
C CYS B 36 0.09 9.46 -1.39
N LYS B 37 0.19 9.59 -0.06
CA LYS B 37 -0.86 10.24 0.70
C LYS B 37 -1.18 11.62 0.13
N THR B 38 -0.13 12.42 -0.15
CA THR B 38 -0.35 13.79 -0.60
C THR B 38 -0.83 13.82 -2.05
N CYS B 39 -0.39 12.86 -2.86
CA CYS B 39 -0.73 12.88 -4.28
C CYS B 39 -2.22 12.73 -4.46
N ILE B 40 -2.80 11.74 -3.79
CA ILE B 40 -4.22 11.42 -3.99
C ILE B 40 -5.11 12.43 -3.27
N VAL B 41 -4.66 12.99 -2.15
CA VAL B 41 -5.49 13.99 -1.48
C VAL B 41 -5.65 15.20 -2.39
N ARG B 42 -4.55 15.67 -2.98
CA ARG B 42 -4.68 16.77 -3.93
C ARG B 42 -5.50 16.35 -5.13
N TYR B 43 -5.32 15.13 -5.62
CA TYR B 43 -6.13 14.68 -6.75
C TYR B 43 -7.60 14.71 -6.39
N LEU B 44 -7.98 14.09 -5.27
CA LEU B 44 -9.39 14.00 -4.93
C LEU B 44 -10.00 15.34 -4.60
N GLU B 45 -9.20 16.42 -4.57
CA GLU B 45 -9.76 17.75 -4.43
C GLU B 45 -10.48 18.21 -5.67
N THR B 46 -10.36 17.46 -6.77
CA THR B 46 -10.91 17.85 -8.08
C THR B 46 -11.56 16.68 -8.81
N SER B 47 -11.48 15.45 -8.30
CA SER B 47 -12.17 14.34 -8.93
C SER B 47 -12.68 13.40 -7.86
N LYS B 48 -13.85 12.79 -8.12
CA LYS B 48 -14.36 11.74 -7.27
C LYS B 48 -14.15 10.35 -7.86
N TYR B 49 -13.22 10.24 -8.82
CA TYR B 49 -12.94 9.03 -9.58
C TYR B 49 -11.44 8.71 -9.59
N CYS B 50 -11.10 7.40 -9.60
CA CYS B 50 -9.70 6.95 -9.56
C CYS B 50 -8.89 7.48 -10.72
N PRO B 51 -7.67 7.92 -10.48
CA PRO B 51 -6.83 8.41 -11.58
C PRO B 51 -6.48 7.35 -12.62
N ILE B 52 -6.54 6.07 -12.25
CA ILE B 52 -6.09 5.03 -13.15
C ILE B 52 -7.26 4.22 -13.65
N CYS B 53 -7.91 3.45 -12.77
CA CYS B 53 -8.98 2.62 -13.29
C CYS B 53 -10.18 3.46 -13.69
N ASP B 54 -10.38 4.63 -13.05
CA ASP B 54 -11.45 5.60 -13.35
C ASP B 54 -12.80 5.23 -12.72
N VAL B 55 -12.83 4.44 -11.63
CA VAL B 55 -14.06 4.23 -10.84
C VAL B 55 -14.41 5.46 -10.01
N GLN B 56 -15.70 5.54 -9.62
CA GLN B 56 -16.19 6.59 -8.73
C GLN B 56 -15.88 6.21 -7.28
N VAL B 57 -15.08 7.04 -6.61
CA VAL B 57 -14.62 6.79 -5.23
C VAL B 57 -15.78 6.98 -4.26
N HIS B 58 -16.68 7.90 -4.58
CA HIS B 58 -17.82 8.25 -3.77
C HIS B 58 -18.66 9.20 -4.62
N LYS B 59 -19.97 9.28 -4.33
CA LYS B 59 -20.75 10.30 -5.03
C LYS B 59 -20.39 11.69 -4.53
N THR B 60 -20.02 11.81 -3.24
CA THR B 60 -19.93 13.11 -2.56
C THR B 60 -18.61 13.38 -1.85
N ARG B 61 -18.20 12.52 -0.91
CA ARG B 61 -16.99 12.74 -0.12
C ARG B 61 -15.95 11.69 -0.47
N PRO B 62 -15.09 11.94 -1.47
CA PRO B 62 -14.15 10.89 -1.88
C PRO B 62 -13.22 10.44 -0.77
N LEU B 63 -12.73 11.35 0.08
CA LEU B 63 -11.80 10.98 1.15
C LEU B 63 -12.38 9.93 2.09
N LEU B 64 -13.68 9.67 1.98
CA LEU B 64 -14.34 8.69 2.84
C LEU B 64 -13.86 7.29 2.53
N ASN B 65 -13.39 7.04 1.32
CA ASN B 65 -13.13 5.69 0.86
C ASN B 65 -11.68 5.48 0.44
N ILE B 66 -10.76 6.05 1.21
CA ILE B 66 -9.33 5.83 1.03
C ILE B 66 -8.73 5.61 2.42
N ARG B 67 -7.76 4.71 2.51
CA ARG B 67 -7.09 4.41 3.77
C ARG B 67 -5.58 4.41 3.58
N SER B 68 -4.84 4.72 4.66
CA SER B 68 -3.42 4.46 4.67
C SER B 68 -3.16 2.98 4.39
N ASP B 69 -2.10 2.70 3.63
CA ASP B 69 -1.63 1.35 3.38
C ASP B 69 -0.24 1.24 4.00
N LYS B 70 -0.20 0.97 5.28
CA LYS B 70 1.10 0.80 5.92
C LYS B 70 1.71 -0.51 5.48
N THR B 71 0.89 -1.53 5.24
CA THR B 71 1.41 -2.80 4.73
C THR B 71 2.17 -2.57 3.44
N LEU B 72 1.60 -1.77 2.55
CA LEU B 72 2.28 -1.49 1.29
C LEU B 72 3.48 -0.57 1.48
N GLN B 73 3.34 0.48 2.29
CA GLN B 73 4.46 1.40 2.50
C GLN B 73 5.66 0.73 3.13
N ASP B 74 5.44 -0.29 3.95
CA ASP B 74 6.55 -0.97 4.60
C ASP B 74 7.34 -1.79 3.59
N ILE B 75 6.63 -2.41 2.64
CA ILE B 75 7.28 -3.17 1.58
C ILE B 75 8.19 -2.26 0.75
N VAL B 76 7.77 -1.03 0.55
CA VAL B 76 8.59 -0.08 -0.19
C VAL B 76 9.86 0.28 0.58
N TYR B 77 9.69 0.66 1.85
CA TYR B 77 10.82 1.09 2.66
C TYR B 77 11.86 -0.02 2.80
N LYS B 78 11.41 -1.28 2.77
CA LYS B 78 12.29 -2.43 2.90
C LYS B 78 13.00 -2.79 1.60
N LEU B 79 12.32 -2.73 0.47
CA LEU B 79 12.94 -3.09 -0.80
C LEU B 79 13.87 -2.00 -1.31
N VAL B 80 13.53 -0.74 -1.05
CA VAL B 80 14.22 0.40 -1.65
C VAL B 80 15.27 0.89 -0.64
N PRO B 81 16.56 0.72 -0.94
CA PRO B 81 17.59 0.96 0.08
C PRO B 81 17.69 2.43 0.46
N GLY B 82 17.60 2.70 1.76
CA GLY B 82 17.80 4.04 2.24
C GLY B 82 16.72 5.02 1.84
N LEU B 83 15.59 4.53 1.33
CA LEU B 83 14.48 5.41 1.02
C LEU B 83 13.93 6.02 2.31
N PHE B 84 13.76 5.18 3.32
CA PHE B 84 13.30 5.65 4.63
C PHE B 84 14.30 6.62 5.27
N LYS B 85 15.61 6.33 5.21
CA LYS B 85 16.56 7.35 5.65
C LYS B 85 16.34 8.65 4.92
N ASN B 86 16.25 8.57 3.59
CA ASN B 86 16.17 9.77 2.78
C ASN B 86 14.91 10.55 3.09
N GLU B 87 13.79 9.86 3.19
CA GLU B 87 12.54 10.55 3.42
C GLU B 87 12.48 11.14 4.81
N MET B 88 12.94 10.40 5.81
CA MET B 88 12.94 10.95 7.17
C MET B 88 13.89 12.12 7.27
N LYS B 89 15.07 12.02 6.65
CA LYS B 89 15.99 13.14 6.73
C LYS B 89 15.38 14.38 6.09
N ARG B 90 14.67 14.21 4.96
CA ARG B 90 13.98 15.34 4.32
C ARG B 90 13.04 16.08 5.27
N ARG B 91 12.32 15.33 6.11
CA ARG B 91 11.35 15.95 7.00
C ARG B 91 12.03 16.71 8.15
N ARG B 92 13.07 16.13 8.76
CA ARG B 92 13.82 16.86 9.77
C ARG B 92 14.36 18.16 9.19
N ASP B 93 15.03 18.07 8.03
CA ASP B 93 15.61 19.25 7.42
C ASP B 93 14.56 20.33 7.31
N PHE B 94 13.34 19.95 6.94
CA PHE B 94 12.29 20.93 6.76
C PHE B 94 11.99 21.63 8.08
N TYR B 95 11.69 20.84 9.12
CA TYR B 95 11.32 21.42 10.40
C TYR B 95 12.49 22.06 11.12
N ALA B 96 13.72 21.83 10.64
CA ALA B 96 14.86 22.60 11.11
C ALA B 96 14.87 23.99 10.50
N ALA B 97 14.17 24.19 9.38
CA ALA B 97 14.06 25.48 8.74
C ALA B 97 12.73 26.16 9.00
N HIS B 98 11.76 25.47 9.59
CA HIS B 98 10.42 26.03 9.80
C HIS B 98 9.89 25.62 11.16
N PRO B 99 10.41 26.21 12.25
CA PRO B 99 9.84 25.99 13.60
C PRO B 99 8.89 27.09 14.08
N THR A 9 -8.65 13.54 10.23
CA THR A 9 -8.36 14.55 9.20
C THR A 9 -7.04 14.28 8.52
N TRP A 10 -6.98 14.67 7.25
CA TRP A 10 -5.85 14.46 6.37
C TRP A 10 -5.19 15.80 6.07
N GLU A 11 -4.83 16.54 7.10
CA GLU A 11 -4.20 17.84 6.91
C GLU A 11 -2.73 17.60 6.53
N LEU A 12 -2.25 18.28 5.48
CA LEU A 12 -0.87 18.08 5.02
C LEU A 12 0.06 19.05 5.73
N SER A 13 1.12 18.52 6.36
CA SER A 13 2.11 19.34 7.05
C SER A 13 2.84 20.21 6.06
N LEU A 14 3.57 21.20 6.57
CA LEU A 14 4.39 22.03 5.68
C LEU A 14 5.25 21.19 4.76
N TYR A 15 5.91 20.16 5.31
CA TYR A 15 6.70 19.27 4.47
C TYR A 15 5.83 18.69 3.37
N GLU A 16 4.74 18.02 3.75
CA GLU A 16 3.89 17.34 2.77
C GLU A 16 3.33 18.31 1.75
N LEU A 17 3.09 19.56 2.15
CA LEU A 17 2.51 20.52 1.23
C LEU A 17 3.43 20.76 0.05
N GLN A 18 4.72 20.97 0.31
CA GLN A 18 5.67 21.20 -0.75
C GLN A 18 6.57 19.99 -1.12
N ARG A 19 6.29 18.77 -0.67
CA ARG A 19 7.18 17.65 -1.03
C ARG A 19 7.19 17.43 -2.54
N THR A 20 8.31 16.91 -3.04
CA THR A 20 8.57 16.60 -4.44
C THR A 20 8.51 15.10 -4.70
N PRO A 21 8.41 14.68 -5.95
CA PRO A 21 8.51 13.27 -6.26
C PRO A 21 9.83 12.68 -5.76
N GLN A 22 9.77 11.40 -5.38
CA GLN A 22 10.94 10.56 -5.14
C GLN A 22 11.23 9.82 -6.43
N GLU A 23 12.25 10.28 -7.18
CA GLU A 23 12.53 9.78 -8.52
C GLU A 23 12.76 8.28 -8.52
N ALA A 24 12.14 7.60 -9.47
CA ALA A 24 12.30 6.16 -9.59
C ALA A 24 13.62 5.82 -10.26
N ILE A 25 13.90 4.53 -10.32
CA ILE A 25 15.18 4.02 -10.81
C ILE A 25 14.96 3.29 -12.14
N THR A 26 15.48 3.90 -13.22
CA THR A 26 15.56 3.35 -14.58
C THR A 26 16.90 2.68 -14.88
N ASP A 27 17.85 2.82 -13.95
CA ASP A 27 19.20 2.30 -14.07
C ASP A 27 19.25 0.79 -14.32
N GLY A 28 18.28 0.02 -13.84
CA GLY A 28 18.35 -1.42 -14.00
C GLY A 28 19.25 -2.09 -12.99
N LEU A 29 19.20 -1.64 -11.75
CA LEU A 29 19.79 -2.37 -10.65
C LEU A 29 18.92 -3.58 -10.33
N GLU A 30 19.51 -4.58 -9.69
CA GLU A 30 18.78 -5.79 -9.31
C GLU A 30 18.82 -5.97 -7.80
N ILE A 31 17.70 -6.32 -7.21
CA ILE A 31 17.62 -6.55 -5.78
C ILE A 31 17.55 -8.05 -5.57
N VAL A 32 18.09 -8.51 -4.44
CA VAL A 32 18.08 -9.93 -4.08
C VAL A 32 17.06 -10.15 -2.97
N VAL A 33 16.23 -11.19 -3.12
CA VAL A 33 15.08 -11.39 -2.27
C VAL A 33 14.91 -12.89 -1.99
N SER A 34 15.07 -13.28 -0.73
CA SER A 34 14.85 -14.64 -0.23
C SER A 34 13.40 -14.86 0.19
N PRO A 35 12.95 -16.12 0.31
CA PRO A 35 11.58 -16.37 0.87
C PRO A 35 11.42 -15.89 2.31
N ARG A 36 12.53 -15.65 2.99
CA ARG A 36 12.55 -15.10 4.35
C ARG A 36 12.50 -13.58 4.34
N SER A 37 13.18 -12.96 3.38
CA SER A 37 13.19 -11.51 3.28
C SER A 37 11.80 -11.01 2.90
N LEU A 38 11.38 -9.90 3.53
CA LEU A 38 10.02 -9.37 3.43
C LEU A 38 8.94 -10.33 3.95
N HIS A 39 9.28 -11.37 4.70
CA HIS A 39 8.26 -12.36 5.00
C HIS A 39 7.22 -11.81 5.95
N SER A 40 7.59 -10.83 6.78
CA SER A 40 6.63 -10.26 7.73
C SER A 40 5.42 -9.68 7.02
N GLU A 41 5.58 -9.28 5.75
CA GLU A 41 4.54 -8.56 5.01
C GLU A 41 3.79 -9.44 4.04
N LEU A 42 4.32 -10.62 3.73
CA LEU A 42 3.79 -11.46 2.68
C LEU A 42 3.12 -12.71 3.21
N MET A 43 3.16 -12.95 4.52
CA MET A 43 2.66 -14.18 5.08
C MET A 43 1.27 -13.93 5.65
N CYS A 44 0.32 -14.73 5.22
CA CYS A 44 -0.97 -14.82 5.86
C CYS A 44 -0.79 -15.29 7.29
N PRO A 45 -1.14 -14.48 8.30
CA PRO A 45 -0.94 -14.93 9.69
C PRO A 45 -1.84 -16.09 10.10
N ILE A 46 -2.59 -16.64 9.16
CA ILE A 46 -3.45 -17.80 9.37
C ILE A 46 -2.60 -19.02 9.07
N CYS A 47 -2.07 -19.08 7.84
CA CYS A 47 -1.39 -20.27 7.34
C CYS A 47 0.12 -20.13 7.19
N LEU A 48 0.69 -18.96 7.40
CA LEU A 48 2.14 -18.79 7.49
C LEU A 48 2.89 -19.37 6.30
N ASP A 49 2.25 -19.37 5.14
CA ASP A 49 2.83 -19.55 3.81
C ASP A 49 2.57 -18.28 3.00
N MET A 50 2.82 -18.36 1.70
CA MET A 50 2.60 -17.22 0.82
C MET A 50 1.13 -16.95 0.59
N LEU A 51 0.78 -15.67 0.50
CA LEU A 51 -0.59 -15.29 0.20
C LEU A 51 -0.99 -15.81 -1.18
N LYS A 52 -2.06 -16.62 -1.19
CA LYS A 52 -2.73 -17.06 -2.39
C LYS A 52 -4.16 -16.53 -2.32
N ASN A 53 -4.66 -16.02 -3.46
CA ASN A 53 -5.96 -15.36 -3.52
C ASN A 53 -6.15 -14.38 -2.35
N THR A 54 -5.54 -13.21 -2.43
CA THR A 54 -5.48 -12.30 -1.31
C THR A 54 -6.83 -11.60 -1.09
N MET A 55 -7.10 -11.31 0.18
CA MET A 55 -8.27 -10.55 0.59
C MET A 55 -7.79 -9.42 1.50
N THR A 56 -8.50 -8.32 1.49
CA THR A 56 -8.13 -7.19 2.32
C THR A 56 -9.36 -6.65 3.02
N THR A 57 -9.20 -6.27 4.28
CA THR A 57 -10.29 -5.64 5.03
C THR A 57 -10.31 -4.16 4.70
N LYS A 58 -11.50 -3.63 4.40
CA LYS A 58 -11.65 -2.23 3.98
C LYS A 58 -11.50 -1.25 5.11
N GLU A 59 -11.69 -1.67 6.35
CA GLU A 59 -11.61 -0.75 7.47
C GLU A 59 -10.18 -0.53 7.93
N CYS A 60 -9.29 -1.47 7.63
CA CYS A 60 -7.94 -1.50 8.19
C CYS A 60 -6.86 -1.98 7.21
N LEU A 61 -7.22 -2.35 5.99
CA LEU A 61 -6.25 -2.71 4.97
C LEU A 61 -5.31 -3.80 5.46
N HIS A 62 -5.90 -4.93 5.82
CA HIS A 62 -5.17 -6.09 6.25
C HIS A 62 -5.42 -7.21 5.27
N ARG A 63 -4.36 -7.91 4.87
CA ARG A 63 -4.44 -8.90 3.80
C ARG A 63 -4.46 -10.32 4.38
N PHE A 64 -5.31 -11.18 3.81
CA PHE A 64 -5.37 -12.59 4.16
C PHE A 64 -5.69 -13.40 2.92
N CYS A 65 -5.61 -14.72 3.06
CA CYS A 65 -6.02 -15.61 1.97
C CYS A 65 -7.53 -15.66 1.85
N ALA A 66 -8.02 -15.67 0.62
CA ALA A 66 -9.45 -15.78 0.36
C ALA A 66 -9.98 -17.08 0.97
N ASP A 67 -9.28 -18.18 0.69
CA ASP A 67 -9.66 -19.48 1.22
C ASP A 67 -9.45 -19.56 2.73
N CYS A 68 -8.47 -18.81 3.26
CA CYS A 68 -8.19 -18.90 4.70
C CYS A 68 -9.10 -18.02 5.54
N ILE A 69 -9.43 -16.81 5.11
CA ILE A 69 -10.16 -15.90 6.00
C ILE A 69 -11.58 -16.38 6.39
N ILE A 70 -12.15 -17.25 5.59
CA ILE A 70 -13.49 -17.76 5.86
C ILE A 70 -13.57 -18.52 7.18
N THR A 71 -12.49 -19.20 7.56
CA THR A 71 -12.48 -20.00 8.76
C THR A 71 -12.15 -19.19 10.03
N ALA A 72 -11.47 -18.04 9.93
CA ALA A 72 -11.14 -17.26 11.14
C ALA A 72 -12.33 -16.44 11.61
N LEU A 73 -13.17 -16.03 10.68
CA LEU A 73 -14.39 -15.35 11.03
C LEU A 73 -15.43 -16.42 11.40
N ARG A 74 -15.27 -17.62 10.83
CA ARG A 74 -16.17 -18.75 11.09
C ARG A 74 -16.05 -19.27 12.52
N SER A 75 -14.99 -18.91 13.25
CA SER A 75 -14.76 -19.44 14.59
C SER A 75 -15.14 -18.43 15.66
N GLY A 76 -15.96 -17.45 15.29
CA GLY A 76 -16.75 -16.72 16.25
C GLY A 76 -16.23 -15.41 16.76
N ASN A 77 -15.25 -14.79 16.11
CA ASN A 77 -14.77 -13.59 16.76
C ASN A 77 -15.15 -12.30 16.02
N LYS A 78 -15.50 -12.41 14.73
CA LYS A 78 -15.95 -11.27 13.88
C LYS A 78 -15.17 -9.96 14.03
N GLU A 79 -13.89 -10.06 14.33
CA GLU A 79 -13.00 -8.91 14.38
C GLU A 79 -11.84 -9.16 13.42
N CYS A 80 -11.02 -8.14 13.20
CA CYS A 80 -9.85 -8.33 12.35
C CYS A 80 -8.75 -9.08 13.10
N PRO A 81 -8.33 -10.25 12.60
CA PRO A 81 -7.34 -11.06 13.33
C PRO A 81 -6.06 -10.33 13.69
N THR A 82 -5.83 -9.14 13.13
CA THR A 82 -4.57 -8.42 13.28
C THR A 82 -4.69 -7.29 14.30
N CYS A 83 -5.63 -6.38 14.09
CA CYS A 83 -5.79 -5.21 14.95
C CYS A 83 -7.00 -5.33 15.87
N ARG A 84 -7.70 -6.46 15.83
CA ARG A 84 -8.75 -6.78 16.79
C ARG A 84 -9.83 -5.70 16.74
N LYS A 85 -10.36 -5.49 15.54
CA LYS A 85 -11.40 -4.48 15.34
C LYS A 85 -12.60 -5.12 14.66
N LYS A 86 -13.81 -4.74 15.11
CA LYS A 86 -15.02 -5.39 14.63
C LYS A 86 -15.13 -5.25 13.13
N LEU A 87 -15.26 -6.38 12.46
CA LEU A 87 -15.36 -6.39 11.03
C LEU A 87 -16.84 -6.34 10.65
N VAL A 88 -17.26 -5.17 10.20
CA VAL A 88 -18.65 -4.95 9.83
C VAL A 88 -18.93 -5.38 8.40
N SER A 89 -20.12 -5.94 8.18
CA SER A 89 -20.62 -6.33 6.85
C SER A 89 -19.80 -7.40 6.15
N LYS A 90 -20.26 -7.72 4.95
CA LYS A 90 -19.59 -8.67 4.08
C LYS A 90 -18.98 -7.94 2.92
N ARG A 91 -19.49 -6.72 2.59
CA ARG A 91 -18.86 -5.94 1.54
C ARG A 91 -17.54 -5.33 2.02
N SER A 92 -17.16 -5.51 3.29
CA SER A 92 -15.82 -5.12 3.72
C SER A 92 -14.74 -6.03 3.17
N LEU A 93 -15.02 -7.01 2.33
CA LEU A 93 -13.95 -7.89 1.84
C LEU A 93 -13.83 -7.84 0.34
N ARG A 94 -12.72 -7.38 -0.22
CA ARG A 94 -12.62 -7.39 -1.65
C ARG A 94 -11.44 -8.23 -2.09
N PRO A 95 -11.59 -9.03 -3.16
CA PRO A 95 -10.42 -9.71 -3.70
C PRO A 95 -9.46 -8.68 -4.26
N ASP A 96 -8.15 -9.00 -4.17
CA ASP A 96 -7.10 -8.04 -4.50
C ASP A 96 -6.31 -8.43 -5.75
N PRO A 97 -6.82 -8.16 -6.94
CA PRO A 97 -6.10 -8.61 -8.14
C PRO A 97 -4.77 -7.91 -8.34
N ASN A 98 -4.68 -6.60 -8.04
CA ASN A 98 -3.41 -5.90 -8.17
C ASN A 98 -2.35 -6.47 -7.23
N PHE A 99 -2.76 -7.12 -6.14
CA PHE A 99 -1.82 -7.78 -5.23
C PHE A 99 -1.43 -9.17 -5.70
N ASP A 100 -2.38 -9.96 -6.20
CA ASP A 100 -1.97 -11.24 -6.76
C ASP A 100 -1.11 -11.03 -8.00
N ALA A 101 -1.36 -9.95 -8.74
CA ALA A 101 -0.50 -9.60 -9.86
C ALA A 101 0.97 -9.57 -9.43
N LEU A 102 1.21 -9.23 -8.17
CA LEU A 102 2.55 -9.09 -7.59
C LEU A 102 3.14 -10.43 -7.14
N ILE A 103 2.31 -11.31 -6.60
CA ILE A 103 2.79 -12.63 -6.20
C ILE A 103 3.32 -13.40 -7.39
N SER A 104 2.63 -13.33 -8.52
CA SER A 104 2.98 -14.10 -9.71
C SER A 104 4.40 -13.81 -10.22
N LYS A 105 5.04 -12.76 -9.71
CA LYS A 105 6.40 -12.43 -10.08
C LYS A 105 7.43 -13.14 -9.21
N ILE A 106 6.99 -13.75 -8.11
CA ILE A 106 7.90 -14.26 -7.10
C ILE A 106 7.52 -15.68 -6.70
N TYR A 107 7.66 -16.62 -7.63
CA TYR A 107 7.26 -17.99 -7.34
C TYR A 107 7.92 -18.54 -6.08
N PRO A 108 9.20 -18.23 -5.76
CA PRO A 108 9.74 -18.61 -4.45
C PRO A 108 9.98 -17.40 -3.55
N THR B 1 15.65 -17.88 -3.26
CA THR B 1 16.13 -16.51 -3.43
C THR B 1 16.42 -16.18 -4.91
N THR B 2 15.95 -15.01 -5.35
CA THR B 2 16.18 -14.56 -6.71
C THR B 2 16.64 -13.11 -6.70
N ARG B 3 17.19 -12.70 -7.84
CA ARG B 3 17.57 -11.33 -8.10
C ARG B 3 16.60 -10.81 -9.15
N ILE B 4 16.07 -9.62 -8.95
CA ILE B 4 15.05 -9.09 -9.85
C ILE B 4 15.49 -7.72 -10.35
N LYS B 5 15.37 -7.48 -11.66
CA LYS B 5 15.56 -6.11 -12.16
C LYS B 5 14.41 -5.25 -11.64
N ILE B 6 14.77 -4.11 -11.04
CA ILE B 6 13.80 -3.20 -10.40
C ILE B 6 12.89 -2.52 -11.41
N THR B 7 13.33 -2.44 -12.66
CA THR B 7 12.48 -1.96 -13.72
C THR B 7 11.23 -2.83 -13.87
N GLU B 8 11.29 -4.09 -13.41
CA GLU B 8 10.16 -5.03 -13.36
C GLU B 8 9.17 -4.74 -12.24
N LEU B 9 9.63 -4.13 -11.14
CA LEU B 9 8.78 -3.85 -9.99
C LEU B 9 8.22 -2.44 -9.97
N ASN B 10 8.93 -1.47 -10.55
CA ASN B 10 8.52 -0.07 -10.57
C ASN B 10 7.03 0.15 -10.87
N PRO B 11 6.41 -0.58 -11.80
CA PRO B 11 4.93 -0.47 -11.86
C PRO B 11 4.24 -0.73 -10.52
N HIS B 12 4.62 -1.77 -9.79
CA HIS B 12 3.90 -2.08 -8.56
C HIS B 12 4.25 -1.18 -7.41
N LEU B 13 5.23 -0.28 -7.57
CA LEU B 13 5.79 0.52 -6.49
C LEU B 13 5.74 2.02 -6.77
N MET B 14 4.91 2.48 -7.71
CA MET B 14 4.96 3.87 -8.14
C MET B 14 3.57 4.47 -8.18
N CYS B 15 3.52 5.74 -7.81
CA CYS B 15 2.33 6.59 -7.80
C CYS B 15 2.10 7.18 -9.19
N VAL B 16 0.90 6.98 -9.73
CA VAL B 16 0.63 7.45 -11.07
C VAL B 16 0.52 8.98 -11.18
N LEU B 17 0.34 9.66 -10.07
CA LEU B 17 0.36 11.12 -10.11
C LEU B 17 1.77 11.66 -10.01
N CYS B 18 2.57 11.10 -9.11
CA CYS B 18 3.93 11.58 -8.78
C CYS B 18 4.99 11.11 -9.75
N GLY B 19 4.72 10.07 -10.53
CA GLY B 19 5.68 9.47 -11.44
C GLY B 19 6.85 8.84 -10.72
N GLY B 20 6.76 8.73 -9.40
CA GLY B 20 7.85 8.21 -8.61
C GLY B 20 7.29 7.27 -7.57
N TYR B 21 8.17 6.77 -6.72
CA TYR B 21 7.80 5.80 -5.70
C TYR B 21 6.80 6.35 -4.69
N PHE B 22 6.08 5.42 -4.06
CA PHE B 22 5.12 5.79 -3.04
C PHE B 22 5.85 6.35 -1.83
N ILE B 23 5.41 7.51 -1.35
CA ILE B 23 5.85 8.01 -0.08
C ILE B 23 4.60 8.28 0.74
N ASP B 24 4.55 7.74 1.96
CA ASP B 24 3.34 7.70 2.77
C ASP B 24 2.17 7.10 1.98
N ALA B 25 2.33 5.85 1.58
CA ALA B 25 1.38 5.19 0.69
C ALA B 25 -0.04 5.17 1.27
N THR B 26 -1.02 5.50 0.41
CA THR B 26 -2.43 5.61 0.77
C THR B 26 -3.29 4.89 -0.26
N THR B 27 -4.40 4.31 0.22
CA THR B 27 -5.20 3.36 -0.53
C THR B 27 -6.68 3.72 -0.48
N ILE B 28 -7.35 3.71 -1.63
CA ILE B 28 -8.80 3.80 -1.69
C ILE B 28 -9.39 2.43 -1.32
N ILE B 29 -10.18 2.39 -0.25
CA ILE B 29 -10.65 1.10 0.26
C ILE B 29 -11.81 0.50 -0.55
N GLU B 30 -12.12 1.09 -1.70
CA GLU B 30 -13.11 0.50 -2.60
C GLU B 30 -12.50 -0.36 -3.70
N CYS B 31 -11.56 0.21 -4.46
CA CYS B 31 -10.91 -0.42 -5.59
C CYS B 31 -9.51 -0.92 -5.29
N LEU B 32 -8.98 -0.62 -4.10
CA LEU B 32 -7.63 -1.00 -3.72
C LEU B 32 -6.61 -0.44 -4.71
N HIS B 33 -6.78 0.82 -5.04
CA HIS B 33 -5.75 1.54 -5.77
C HIS B 33 -5.01 2.43 -4.78
N SER B 34 -3.76 2.72 -5.10
CA SER B 34 -2.88 3.34 -4.13
C SER B 34 -2.02 4.43 -4.75
N PHE B 35 -1.77 5.45 -3.95
CA PHE B 35 -1.08 6.67 -4.36
C PHE B 35 -0.38 7.19 -3.11
N CYS B 36 0.57 8.11 -3.32
CA CYS B 36 1.19 8.80 -2.21
C CYS B 36 0.12 9.52 -1.40
N LYS B 37 0.35 9.65 -0.10
CA LYS B 37 -0.63 10.33 0.76
C LYS B 37 -0.97 11.71 0.22
N THR B 38 0.06 12.48 -0.16
CA THR B 38 -0.17 13.86 -0.61
C THR B 38 -0.78 13.90 -1.99
N CYS B 39 -0.45 12.93 -2.84
CA CYS B 39 -0.92 12.95 -4.21
C CYS B 39 -2.42 12.83 -4.27
N ILE B 40 -2.96 11.86 -3.54
CA ILE B 40 -4.38 11.56 -3.59
C ILE B 40 -5.18 12.59 -2.80
N VAL B 41 -4.63 13.14 -1.72
CA VAL B 41 -5.37 14.15 -1.00
C VAL B 41 -5.58 15.36 -1.88
N ARG B 42 -4.55 15.81 -2.58
CA ARG B 42 -4.75 16.91 -3.51
C ARG B 42 -5.69 16.51 -4.63
N TYR B 43 -5.58 15.27 -5.13
CA TYR B 43 -6.49 14.84 -6.18
C TYR B 43 -7.92 14.91 -5.68
N LEU B 44 -8.20 14.29 -4.53
CA LEU B 44 -9.57 14.23 -4.06
C LEU B 44 -10.13 15.59 -3.68
N GLU B 45 -9.31 16.64 -3.73
CA GLU B 45 -9.83 17.98 -3.53
C GLU B 45 -10.66 18.45 -4.71
N THR B 46 -10.66 17.71 -5.82
CA THR B 46 -11.31 18.10 -7.06
C THR B 46 -12.05 16.94 -7.73
N SER B 47 -11.95 15.72 -7.22
CA SER B 47 -12.72 14.62 -7.78
C SER B 47 -13.15 13.68 -6.66
N LYS B 48 -14.33 13.10 -6.81
CA LYS B 48 -14.79 12.05 -5.90
C LYS B 48 -14.66 10.66 -6.52
N TYR B 49 -13.82 10.53 -7.56
CA TYR B 49 -13.64 9.31 -8.34
C TYR B 49 -12.15 8.96 -8.48
N CYS B 50 -11.84 7.65 -8.53
CA CYS B 50 -10.45 7.17 -8.61
C CYS B 50 -9.73 7.69 -9.85
N PRO B 51 -8.49 8.10 -9.73
CA PRO B 51 -7.75 8.59 -10.90
C PRO B 51 -7.53 7.52 -11.96
N ILE B 52 -7.57 6.24 -11.59
CA ILE B 52 -7.22 5.19 -12.52
C ILE B 52 -8.46 4.40 -12.90
N CYS B 53 -9.03 3.63 -11.96
CA CYS B 53 -10.15 2.83 -12.38
C CYS B 53 -11.37 3.70 -12.67
N ASP B 54 -11.49 4.86 -12.03
CA ASP B 54 -12.57 5.84 -12.23
C ASP B 54 -13.86 5.50 -11.46
N VAL B 55 -13.80 4.72 -10.37
CA VAL B 55 -14.96 4.53 -9.47
C VAL B 55 -15.20 5.77 -8.62
N GLN B 56 -16.45 5.87 -8.10
CA GLN B 56 -16.83 6.93 -7.17
C GLN B 56 -16.39 6.55 -5.77
N VAL B 57 -15.51 7.36 -5.17
CA VAL B 57 -14.95 7.11 -3.83
C VAL B 57 -15.99 7.33 -2.76
N HIS B 58 -16.90 8.26 -3.00
CA HIS B 58 -17.97 8.63 -2.09
C HIS B 58 -18.86 9.59 -2.85
N LYS B 59 -20.14 9.70 -2.46
CA LYS B 59 -20.97 10.73 -3.08
C LYS B 59 -20.52 12.12 -2.62
N THR B 60 -20.05 12.23 -1.36
CA THR B 60 -19.87 13.53 -0.69
C THR B 60 -18.47 13.79 -0.12
N ARG B 61 -18.00 12.91 0.78
CA ARG B 61 -16.71 13.10 1.45
C ARG B 61 -15.73 12.05 1.00
N PRO B 62 -14.96 12.28 -0.07
CA PRO B 62 -14.08 11.21 -0.56
C PRO B 62 -13.06 10.73 0.46
N LEU B 63 -12.48 11.65 1.26
CA LEU B 63 -11.45 11.26 2.24
C LEU B 63 -11.96 10.22 3.23
N LEU B 64 -13.28 9.99 3.24
CA LEU B 64 -13.86 9.03 4.16
C LEU B 64 -13.44 7.62 3.82
N ASN B 65 -13.09 7.36 2.56
CA ASN B 65 -12.90 6.00 2.10
C ASN B 65 -11.51 5.76 1.53
N ILE B 66 -10.50 6.31 2.20
CA ILE B 66 -9.11 6.07 1.91
C ILE B 66 -8.37 5.84 3.22
N ARG B 67 -7.41 4.92 3.22
CA ARG B 67 -6.63 4.61 4.42
C ARG B 67 -5.15 4.59 4.09
N SER B 68 -4.31 4.89 5.10
CA SER B 68 -2.89 4.59 4.97
C SER B 68 -2.69 3.11 4.67
N ASP B 69 -1.72 2.82 3.83
CA ASP B 69 -1.30 1.45 3.53
C ASP B 69 0.14 1.32 4.01
N LYS B 70 0.30 1.06 5.30
CA LYS B 70 1.65 0.87 5.80
C LYS B 70 2.20 -0.45 5.31
N THR B 71 1.34 -1.47 5.16
CA THR B 71 1.80 -2.74 4.60
C THR B 71 2.43 -2.54 3.24
N LEU B 72 1.80 -1.72 2.41
CA LEU B 72 2.35 -1.46 1.09
C LEU B 72 3.57 -0.56 1.17
N GLN B 73 3.54 0.50 1.98
CA GLN B 73 4.69 1.40 2.07
C GLN B 73 5.93 0.71 2.60
N ASP B 74 5.77 -0.31 3.43
CA ASP B 74 6.92 -1.01 3.98
C ASP B 74 7.60 -1.85 2.91
N ILE B 75 6.79 -2.45 2.04
CA ILE B 75 7.32 -3.23 0.91
C ILE B 75 8.17 -2.33 0.01
N VAL B 76 7.76 -1.09 -0.16
CA VAL B 76 8.53 -0.16 -0.99
C VAL B 76 9.86 0.17 -0.34
N TYR B 77 9.81 0.55 0.95
CA TYR B 77 11.03 0.97 1.64
C TYR B 77 12.06 -0.15 1.70
N LYS B 78 11.58 -1.40 1.70
CA LYS B 78 12.45 -2.58 1.75
C LYS B 78 13.03 -2.95 0.39
N LEU B 79 12.24 -2.88 -0.67
CA LEU B 79 12.74 -3.25 -1.99
C LEU B 79 13.64 -2.17 -2.59
N VAL B 80 13.35 -0.91 -2.30
CA VAL B 80 14.00 0.22 -2.96
C VAL B 80 15.15 0.69 -2.06
N PRO B 81 16.40 0.49 -2.48
CA PRO B 81 17.52 0.72 -1.56
C PRO B 81 17.69 2.18 -1.21
N GLY B 82 17.72 2.46 0.09
CA GLY B 82 17.98 3.81 0.56
C GLY B 82 16.89 4.80 0.26
N LEU B 83 15.72 4.33 -0.14
CA LEU B 83 14.59 5.23 -0.35
C LEU B 83 14.19 5.84 0.98
N PHE B 84 14.09 5.01 2.01
CA PHE B 84 13.77 5.49 3.35
C PHE B 84 14.83 6.45 3.89
N LYS B 85 16.13 6.13 3.71
CA LYS B 85 17.14 7.14 4.06
C LYS B 85 16.87 8.44 3.35
N ASN B 86 16.65 8.36 2.03
CA ASN B 86 16.52 9.55 1.22
C ASN B 86 15.31 10.36 1.65
N GLU B 87 14.19 9.69 1.86
CA GLU B 87 12.97 10.40 2.19
C GLU B 87 13.05 10.99 3.59
N MET B 88 13.61 10.25 4.55
CA MET B 88 13.74 10.80 5.89
C MET B 88 14.72 11.95 5.90
N LYS B 89 15.83 11.84 5.17
CA LYS B 89 16.77 12.93 5.16
C LYS B 89 16.13 14.18 4.58
N ARG B 90 15.31 14.03 3.53
CA ARG B 90 14.59 15.17 2.95
C ARG B 90 13.75 15.92 3.97
N ARG B 91 13.10 15.20 4.89
CA ARG B 91 12.23 15.84 5.87
C ARG B 91 13.02 16.58 6.94
N ARG B 92 14.10 15.97 7.45
CA ARG B 92 14.96 16.71 8.38
C ARG B 92 15.46 17.99 7.75
N ASP B 93 16.02 17.89 6.54
CA ASP B 93 16.56 19.06 5.86
C ASP B 93 15.53 20.15 5.86
N PHE B 94 14.27 19.79 5.60
CA PHE B 94 13.23 20.80 5.51
C PHE B 94 13.06 21.50 6.85
N TYR B 95 12.85 20.72 7.92
CA TYR B 95 12.61 21.31 9.22
C TYR B 95 13.86 21.93 9.83
N ALA B 96 15.03 21.68 9.24
CA ALA B 96 16.22 22.43 9.60
C ALA B 96 16.20 23.82 8.98
N ALA B 97 15.40 24.01 7.94
CA ALA B 97 15.25 25.31 7.30
C ALA B 97 13.97 26.02 7.68
N HIS B 98 13.04 25.34 8.36
CA HIS B 98 11.75 25.94 8.69
C HIS B 98 11.33 25.53 10.10
N PRO B 99 11.97 26.11 11.14
CA PRO B 99 11.52 25.91 12.53
C PRO B 99 10.64 27.02 13.09
N THR A 9 -8.83 13.72 9.73
CA THR A 9 -8.62 14.69 8.65
C THR A 9 -7.31 14.44 7.92
N TRP A 10 -7.33 14.75 6.64
CA TRP A 10 -6.21 14.55 5.73
C TRP A 10 -5.63 15.89 5.32
N GLU A 11 -5.26 16.71 6.30
CA GLU A 11 -4.69 18.01 6.01
C GLU A 11 -3.22 17.82 5.59
N LEU A 12 -2.82 18.46 4.49
CA LEU A 12 -1.45 18.28 3.97
C LEU A 12 -0.53 19.33 4.59
N SER A 13 0.56 18.88 5.20
CA SER A 13 1.54 19.78 5.82
C SER A 13 2.20 20.62 4.74
N LEU A 14 2.91 21.67 5.17
CA LEU A 14 3.64 22.49 4.20
C LEU A 14 4.51 21.62 3.30
N TYR A 15 5.23 20.66 3.89
CA TYR A 15 6.03 19.77 3.06
C TYR A 15 5.15 19.07 2.03
N GLU A 16 4.10 18.38 2.49
CA GLU A 16 3.24 17.62 1.59
C GLU A 16 2.62 18.51 0.54
N LEU A 17 2.33 19.75 0.88
CA LEU A 17 1.67 20.65 -0.07
C LEU A 17 2.54 20.85 -1.30
N GLN A 18 3.82 21.13 -1.10
CA GLN A 18 4.73 21.33 -2.21
C GLN A 18 5.67 20.15 -2.56
N ARG A 19 5.45 18.94 -2.03
CA ARG A 19 6.38 17.84 -2.36
C ARG A 19 6.34 17.53 -3.85
N THR A 20 7.46 17.04 -4.36
CA THR A 20 7.69 16.65 -5.75
C THR A 20 7.69 15.13 -5.91
N PRO A 21 7.55 14.65 -7.14
CA PRO A 21 7.71 13.22 -7.38
C PRO A 21 9.06 12.72 -6.90
N GLN A 22 9.07 11.46 -6.46
CA GLN A 22 10.29 10.69 -6.20
C GLN A 22 10.56 9.89 -7.47
N GLU A 23 11.53 10.35 -8.26
CA GLU A 23 11.78 9.78 -9.59
C GLU A 23 12.08 8.30 -9.52
N ALA A 24 11.46 7.54 -10.41
CA ALA A 24 11.68 6.10 -10.46
C ALA A 24 12.98 5.78 -11.16
N ILE A 25 13.33 4.50 -11.16
CA ILE A 25 14.60 4.03 -11.67
C ILE A 25 14.37 3.21 -12.95
N THR A 26 14.82 3.76 -14.08
CA THR A 26 14.86 3.15 -15.41
C THR A 26 16.23 2.51 -15.71
N ASP A 27 17.20 2.75 -14.83
CA ASP A 27 18.56 2.28 -14.99
C ASP A 27 18.67 0.76 -15.15
N GLY A 28 17.75 -0.01 -14.58
CA GLY A 28 17.88 -1.46 -14.67
C GLY A 28 18.85 -2.03 -13.66
N LEU A 29 18.84 -1.52 -12.45
CA LEU A 29 19.49 -2.16 -11.34
C LEU A 29 18.68 -3.38 -10.92
N GLU A 30 19.34 -4.32 -10.24
CA GLU A 30 18.68 -5.52 -9.77
C GLU A 30 18.79 -5.63 -8.25
N ILE A 31 17.70 -5.98 -7.60
CA ILE A 31 17.69 -6.13 -6.15
C ILE A 31 17.69 -7.62 -5.85
N VAL A 32 18.30 -8.00 -4.73
CA VAL A 32 18.37 -9.39 -4.29
C VAL A 32 17.39 -9.59 -3.13
N VAL A 33 16.62 -10.67 -3.19
CA VAL A 33 15.50 -10.87 -2.28
C VAL A 33 15.40 -12.35 -1.90
N SER A 34 15.63 -12.67 -0.64
CA SER A 34 15.48 -14.00 -0.05
C SER A 34 14.06 -14.26 0.44
N PRO A 35 13.67 -15.52 0.65
CA PRO A 35 12.34 -15.80 1.26
C PRO A 35 12.21 -15.24 2.69
N ARG A 36 13.33 -14.91 3.31
CA ARG A 36 13.38 -14.29 4.62
C ARG A 36 13.27 -12.78 4.54
N SER A 37 13.88 -12.19 3.52
CA SER A 37 13.82 -10.74 3.34
C SER A 37 12.40 -10.33 2.99
N LEU A 38 11.96 -9.20 3.57
CA LEU A 38 10.56 -8.73 3.50
C LEU A 38 9.55 -9.71 4.10
N HIS A 39 9.97 -10.69 4.91
CA HIS A 39 9.00 -11.71 5.30
C HIS A 39 7.97 -11.13 6.27
N SER A 40 8.33 -10.09 7.02
CA SER A 40 7.39 -9.53 7.96
C SER A 40 6.11 -9.03 7.27
N GLU A 41 6.21 -8.69 5.98
CA GLU A 41 5.12 -8.06 5.24
C GLU A 41 4.37 -9.03 4.35
N LEU A 42 4.94 -10.20 4.09
CA LEU A 42 4.40 -11.13 3.11
C LEU A 42 3.81 -12.37 3.74
N MET A 43 3.92 -12.52 5.05
CA MET A 43 3.50 -13.76 5.71
C MET A 43 2.12 -13.52 6.31
N CYS A 44 1.19 -14.38 5.96
CA CYS A 44 -0.07 -14.49 6.65
C CYS A 44 0.18 -14.87 8.11
N PRO A 45 -0.17 -14.02 9.09
CA PRO A 45 0.10 -14.38 10.49
C PRO A 45 -0.73 -15.55 11.00
N ILE A 46 -1.49 -16.19 10.11
CA ILE A 46 -2.29 -17.36 10.44
C ILE A 46 -1.40 -18.57 10.16
N CYS A 47 -0.91 -18.68 8.92
CA CYS A 47 -0.20 -19.86 8.45
C CYS A 47 1.30 -19.67 8.24
N LEU A 48 1.82 -18.45 8.35
CA LEU A 48 3.26 -18.22 8.40
C LEU A 48 4.00 -18.84 7.20
N ASP A 49 3.32 -18.94 6.07
CA ASP A 49 3.85 -19.17 4.73
C ASP A 49 3.50 -17.96 3.86
N MET A 50 3.70 -18.10 2.56
CA MET A 50 3.41 -17.03 1.63
C MET A 50 1.91 -16.83 1.44
N LEU A 51 1.51 -15.57 1.28
CA LEU A 51 0.11 -15.27 1.03
C LEU A 51 -0.32 -15.89 -0.29
N LYS A 52 -1.34 -16.74 -0.23
CA LYS A 52 -2.05 -17.27 -1.38
C LYS A 52 -3.49 -16.80 -1.28
N ASN A 53 -4.05 -16.38 -2.42
CA ASN A 53 -5.37 -15.77 -2.46
C ASN A 53 -5.57 -14.74 -1.34
N THR A 54 -5.02 -13.56 -1.53
CA THR A 54 -4.95 -12.59 -0.45
C THR A 54 -6.32 -11.92 -0.22
N MET A 55 -6.57 -11.57 1.03
CA MET A 55 -7.74 -10.84 1.46
C MET A 55 -7.29 -9.66 2.30
N THR A 56 -8.03 -8.58 2.26
CA THR A 56 -7.69 -7.41 3.04
C THR A 56 -8.92 -6.88 3.75
N THR A 57 -8.74 -6.44 5.00
CA THR A 57 -9.83 -5.82 5.74
C THR A 57 -9.91 -4.34 5.35
N LYS A 58 -11.13 -3.88 5.06
CA LYS A 58 -11.34 -2.52 4.58
C LYS A 58 -11.19 -1.46 5.67
N GLU A 59 -11.33 -1.85 6.92
CA GLU A 59 -11.26 -0.88 8.01
C GLU A 59 -9.83 -0.60 8.43
N CYS A 60 -8.91 -1.51 8.13
CA CYS A 60 -7.56 -1.47 8.66
C CYS A 60 -6.49 -1.95 7.68
N LEU A 61 -6.86 -2.39 6.48
CA LEU A 61 -5.90 -2.75 5.45
C LEU A 61 -4.90 -3.80 5.96
N HIS A 62 -5.45 -4.92 6.38
CA HIS A 62 -4.66 -6.05 6.84
C HIS A 62 -4.91 -7.21 5.92
N ARG A 63 -3.84 -7.89 5.51
CA ARG A 63 -3.90 -8.93 4.50
C ARG A 63 -3.86 -10.32 5.13
N PHE A 64 -4.69 -11.23 4.62
CA PHE A 64 -4.69 -12.62 5.04
C PHE A 64 -5.00 -13.51 3.84
N CYS A 65 -4.88 -14.81 4.02
CA CYS A 65 -5.27 -15.76 2.99
C CYS A 65 -6.79 -15.87 2.91
N ALA A 66 -7.31 -15.95 1.69
CA ALA A 66 -8.75 -16.13 1.47
C ALA A 66 -9.21 -17.42 2.14
N ASP A 67 -8.46 -18.50 1.91
CA ASP A 67 -8.79 -19.78 2.51
C ASP A 67 -8.54 -19.78 4.02
N CYS A 68 -7.55 -19.00 4.49
CA CYS A 68 -7.23 -19.01 5.91
C CYS A 68 -8.12 -18.09 6.74
N ILE A 69 -8.46 -16.91 6.26
CA ILE A 69 -9.18 -15.95 7.12
C ILE A 69 -10.59 -16.39 7.52
N ILE A 70 -11.20 -17.26 6.71
CA ILE A 70 -12.55 -17.71 7.00
C ILE A 70 -12.66 -18.47 8.33
N THR A 71 -11.58 -19.12 8.73
CA THR A 71 -11.58 -19.91 9.95
C THR A 71 -11.30 -19.10 11.22
N ALA A 72 -10.64 -17.93 11.11
CA ALA A 72 -10.35 -17.14 12.32
C ALA A 72 -11.56 -16.33 12.77
N LEU A 73 -12.38 -15.93 11.81
CA LEU A 73 -13.63 -15.27 12.14
C LEU A 73 -14.66 -16.35 12.49
N ARG A 74 -14.49 -17.55 11.89
CA ARG A 74 -15.38 -18.69 12.13
C ARG A 74 -15.25 -19.23 13.55
N SER A 75 -14.18 -18.89 14.29
CA SER A 75 -13.94 -19.45 15.61
C SER A 75 -14.32 -18.46 16.70
N GLY A 76 -15.14 -17.48 16.36
CA GLY A 76 -15.95 -16.77 17.33
C GLY A 76 -15.42 -15.47 17.87
N ASN A 77 -14.45 -14.83 17.23
CA ASN A 77 -13.97 -13.64 17.89
C ASN A 77 -14.37 -12.34 17.19
N LYS A 78 -14.71 -12.41 15.89
CA LYS A 78 -15.18 -11.27 15.07
C LYS A 78 -14.40 -9.96 15.23
N GLU A 79 -13.12 -10.07 15.52
CA GLU A 79 -12.23 -8.93 15.58
C GLU A 79 -11.08 -9.16 14.60
N CYS A 80 -10.26 -8.13 14.39
CA CYS A 80 -9.09 -8.31 13.52
C CYS A 80 -7.99 -9.08 14.25
N PRO A 81 -7.57 -10.24 13.75
CA PRO A 81 -6.58 -11.06 14.47
C PRO A 81 -5.30 -10.34 14.81
N THR A 82 -5.08 -9.15 14.27
CA THR A 82 -3.81 -8.43 14.43
C THR A 82 -3.91 -7.31 15.46
N CYS A 83 -4.86 -6.39 15.27
CA CYS A 83 -5.01 -5.24 16.14
C CYS A 83 -6.21 -5.36 17.06
N ARG A 84 -6.91 -6.50 17.01
CA ARG A 84 -7.96 -6.82 17.97
C ARG A 84 -9.04 -5.74 17.95
N LYS A 85 -9.57 -5.51 16.75
CA LYS A 85 -10.60 -4.50 16.57
C LYS A 85 -11.82 -5.13 15.89
N LYS A 86 -13.02 -4.75 16.35
CA LYS A 86 -14.24 -5.40 15.87
C LYS A 86 -14.36 -5.25 14.38
N LEU A 87 -14.50 -6.36 13.70
CA LEU A 87 -14.61 -6.36 12.26
C LEU A 87 -16.09 -6.29 11.89
N VAL A 88 -16.50 -5.11 11.48
CA VAL A 88 -17.89 -4.85 11.14
C VAL A 88 -18.23 -5.42 9.75
N SER A 89 -19.44 -5.96 9.63
CA SER A 89 -19.98 -6.46 8.36
C SER A 89 -19.20 -7.59 7.72
N LYS A 90 -19.63 -7.92 6.51
CA LYS A 90 -18.98 -8.92 5.69
C LYS A 90 -18.43 -8.28 4.43
N ARG A 91 -19.00 -7.12 4.03
CA ARG A 91 -18.44 -6.43 2.89
C ARG A 91 -17.11 -5.72 3.26
N SER A 92 -16.69 -5.78 4.52
CA SER A 92 -15.34 -5.31 4.86
C SER A 92 -14.25 -6.24 4.36
N LEU A 93 -14.52 -7.30 3.61
CA LEU A 93 -13.45 -8.19 3.17
C LEU A 93 -13.39 -8.28 1.65
N ARG A 94 -12.32 -7.78 1.04
CA ARG A 94 -12.28 -7.92 -0.41
C ARG A 94 -11.05 -8.72 -0.82
N PRO A 95 -11.16 -9.61 -1.80
CA PRO A 95 -9.97 -10.26 -2.33
C PRO A 95 -9.11 -9.21 -3.01
N ASP A 96 -7.78 -9.42 -2.93
CA ASP A 96 -6.81 -8.43 -3.40
C ASP A 96 -6.03 -8.87 -4.62
N PRO A 97 -6.60 -8.76 -5.82
CA PRO A 97 -5.88 -9.26 -7.01
C PRO A 97 -4.62 -8.47 -7.32
N ASN A 98 -4.63 -7.15 -7.14
CA ASN A 98 -3.42 -6.37 -7.38
C ASN A 98 -2.29 -6.78 -6.44
N PHE A 99 -2.62 -7.35 -5.28
CA PHE A 99 -1.60 -7.85 -4.35
C PHE A 99 -1.12 -9.25 -4.70
N ASP A 100 -2.02 -10.16 -5.09
CA ASP A 100 -1.53 -11.44 -5.56
C ASP A 100 -0.74 -11.28 -6.85
N ALA A 101 -1.09 -10.29 -7.67
CA ALA A 101 -0.28 -10.00 -8.84
C ALA A 101 1.18 -9.82 -8.48
N LEU A 102 1.44 -9.35 -7.26
CA LEU A 102 2.78 -9.05 -6.75
C LEU A 102 3.49 -10.29 -6.20
N ILE A 103 2.75 -11.19 -5.56
CA ILE A 103 3.33 -12.43 -5.06
C ILE A 103 3.89 -13.26 -6.19
N SER A 104 3.15 -13.35 -7.31
CA SER A 104 3.54 -14.19 -8.43
C SER A 104 4.90 -13.85 -9.00
N LYS A 105 5.47 -12.72 -8.63
CA LYS A 105 6.79 -12.33 -9.08
C LYS A 105 7.90 -12.87 -8.19
N ILE A 106 7.55 -13.41 -7.02
CA ILE A 106 8.54 -13.75 -6.01
C ILE A 106 8.26 -15.15 -5.47
N TYR A 107 8.44 -16.16 -6.32
CA TYR A 107 8.16 -17.53 -5.88
C TYR A 107 8.90 -17.92 -4.62
N PRO A 108 10.17 -17.48 -4.38
CA PRO A 108 10.77 -17.70 -3.05
C PRO A 108 10.95 -16.39 -2.28
N THR B 1 16.28 -17.40 -2.88
CA THR B 1 16.71 -16.02 -3.16
C THR B 1 16.92 -15.76 -4.65
N THR B 2 16.39 -14.64 -5.13
CA THR B 2 16.54 -14.26 -6.53
C THR B 2 16.95 -12.80 -6.62
N ARG B 3 17.43 -12.44 -7.80
CA ARG B 3 17.74 -11.06 -8.16
C ARG B 3 16.72 -10.65 -9.19
N ILE B 4 16.13 -9.47 -9.04
CA ILE B 4 15.06 -9.04 -9.94
C ILE B 4 15.42 -7.68 -10.53
N LYS B 5 15.24 -7.52 -11.85
CA LYS B 5 15.35 -6.18 -12.43
C LYS B 5 14.20 -5.33 -11.91
N ILE B 6 14.52 -4.14 -11.40
CA ILE B 6 13.53 -3.24 -10.77
C ILE B 6 12.56 -2.67 -11.78
N THR B 7 12.95 -2.64 -13.04
CA THR B 7 12.03 -2.27 -14.10
C THR B 7 10.82 -3.18 -14.15
N GLU B 8 10.96 -4.42 -13.62
CA GLU B 8 9.88 -5.40 -13.48
C GLU B 8 8.92 -5.09 -12.34
N LEU B 9 9.39 -4.39 -11.29
CA LEU B 9 8.56 -4.07 -10.13
C LEU B 9 7.95 -2.69 -10.17
N ASN B 10 8.58 -1.74 -10.83
CA ASN B 10 8.12 -0.35 -10.91
C ASN B 10 6.62 -0.22 -11.17
N PRO B 11 5.99 -1.02 -12.02
CA PRO B 11 4.51 -0.99 -12.04
C PRO B 11 3.88 -1.18 -10.66
N HIS B 12 4.33 -2.16 -9.88
CA HIS B 12 3.67 -2.43 -8.61
C HIS B 12 4.02 -1.45 -7.52
N LEU B 13 4.96 -0.52 -7.78
CA LEU B 13 5.52 0.36 -6.77
C LEU B 13 5.39 1.84 -7.13
N MET B 14 4.51 2.21 -8.06
CA MET B 14 4.49 3.57 -8.58
C MET B 14 3.07 4.11 -8.59
N CYS B 15 2.97 5.40 -8.30
CA CYS B 15 1.75 6.20 -8.29
C CYS B 15 1.45 6.70 -9.70
N VAL B 16 0.24 6.41 -10.18
CA VAL B 16 -0.10 6.79 -11.54
C VAL B 16 -0.29 8.29 -11.73
N LEU B 17 -0.45 9.04 -10.65
CA LEU B 17 -0.51 10.49 -10.78
C LEU B 17 0.89 11.10 -10.76
N CYS B 18 1.74 10.62 -9.86
CA CYS B 18 3.06 11.18 -9.61
C CYS B 18 4.13 10.70 -10.60
N GLY B 19 3.88 9.60 -11.31
CA GLY B 19 4.83 8.99 -12.21
C GLY B 19 6.07 8.45 -11.52
N GLY B 20 6.02 8.41 -10.19
CA GLY B 20 7.16 8.00 -9.41
C GLY B 20 6.68 7.09 -8.30
N TYR B 21 7.62 6.68 -7.45
CA TYR B 21 7.32 5.76 -6.36
C TYR B 21 6.33 6.33 -5.34
N PHE B 22 5.68 5.41 -4.64
CA PHE B 22 4.75 5.80 -3.61
C PHE B 22 5.49 6.45 -2.45
N ILE B 23 5.02 7.62 -2.04
CA ILE B 23 5.48 8.21 -0.80
C ILE B 23 4.25 8.48 0.05
N ASP B 24 4.28 8.00 1.29
CA ASP B 24 3.10 7.97 2.15
C ASP B 24 1.93 7.28 1.44
N ALA B 25 2.13 6.00 1.10
CA ALA B 25 1.17 5.26 0.30
C ALA B 25 -0.22 5.21 0.93
N THR B 26 -1.24 5.44 0.09
CA THR B 26 -2.64 5.53 0.51
C THR B 26 -3.51 4.71 -0.44
N THR B 27 -4.57 4.12 0.11
CA THR B 27 -5.36 3.08 -0.56
C THR B 27 -6.85 3.39 -0.47
N ILE B 28 -7.55 3.29 -1.59
CA ILE B 28 -9.02 3.31 -1.60
C ILE B 28 -9.52 1.95 -1.12
N ILE B 29 -10.29 1.92 -0.03
CA ILE B 29 -10.68 0.65 0.57
C ILE B 29 -11.82 -0.04 -0.15
N GLU B 30 -12.22 0.47 -1.32
CA GLU B 30 -13.20 -0.23 -2.15
C GLU B 30 -12.59 -1.12 -3.22
N CYS B 31 -11.71 -0.56 -4.04
CA CYS B 31 -11.08 -1.23 -5.16
C CYS B 31 -9.65 -1.64 -4.89
N LEU B 32 -9.10 -1.26 -3.75
CA LEU B 32 -7.71 -1.56 -3.40
C LEU B 32 -6.76 -1.01 -4.45
N HIS B 33 -6.99 0.22 -4.84
CA HIS B 33 -6.03 0.95 -5.65
C HIS B 33 -5.29 1.92 -4.75
N SER B 34 -4.06 2.25 -5.14
CA SER B 34 -3.18 2.95 -4.24
C SER B 34 -2.39 4.03 -4.96
N PHE B 35 -2.14 5.11 -4.22
CA PHE B 35 -1.53 6.34 -4.73
C PHE B 35 -0.80 6.95 -3.54
N CYS B 36 0.09 7.90 -3.84
CA CYS B 36 0.71 8.68 -2.78
C CYS B 36 -0.36 9.40 -2.00
N LYS B 37 -0.08 9.61 -0.71
CA LYS B 37 -1.05 10.31 0.15
C LYS B 37 -1.47 11.63 -0.46
N THR B 38 -0.48 12.43 -0.92
CA THR B 38 -0.80 13.76 -1.44
C THR B 38 -1.47 13.70 -2.79
N CYS B 39 -1.12 12.69 -3.59
CA CYS B 39 -1.63 12.61 -4.95
C CYS B 39 -3.14 12.42 -4.94
N ILE B 40 -3.60 11.47 -4.13
CA ILE B 40 -5.01 11.12 -4.12
C ILE B 40 -5.84 12.16 -3.35
N VAL B 41 -5.26 12.79 -2.34
CA VAL B 41 -6.02 13.82 -1.63
C VAL B 41 -6.32 14.96 -2.57
N ARG B 42 -5.33 15.41 -3.35
CA ARG B 42 -5.61 16.44 -4.33
C ARG B 42 -6.58 15.94 -5.38
N TYR B 43 -6.42 14.69 -5.81
CA TYR B 43 -7.36 14.16 -6.79
C TYR B 43 -8.78 14.19 -6.25
N LEU B 44 -8.98 13.63 -5.06
CA LEU B 44 -10.34 13.54 -4.52
C LEU B 44 -10.93 14.88 -4.20
N GLU B 45 -10.17 15.97 -4.34
CA GLU B 45 -10.73 17.30 -4.21
C GLU B 45 -11.63 17.66 -5.37
N THR B 46 -11.63 16.85 -6.44
CA THR B 46 -12.35 17.15 -7.68
C THR B 46 -13.06 15.92 -8.25
N SER B 47 -12.89 14.73 -7.67
CA SER B 47 -13.61 13.57 -8.14
C SER B 47 -13.97 12.68 -6.95
N LYS B 48 -15.14 12.05 -7.02
CA LYS B 48 -15.51 11.04 -6.04
C LYS B 48 -15.34 9.62 -6.58
N TYR B 49 -14.53 9.47 -7.64
CA TYR B 49 -14.33 8.21 -8.36
C TYR B 49 -12.83 7.92 -8.53
N CYS B 50 -12.47 6.62 -8.52
CA CYS B 50 -11.06 6.20 -8.63
C CYS B 50 -10.42 6.67 -9.93
N PRO B 51 -9.19 7.15 -9.87
CA PRO B 51 -8.51 7.58 -11.10
C PRO B 51 -8.28 6.46 -12.10
N ILE B 52 -8.26 5.22 -11.66
CA ILE B 52 -7.89 4.12 -12.55
C ILE B 52 -9.11 3.26 -12.83
N CYS B 53 -9.61 2.53 -11.83
CA CYS B 53 -10.72 1.65 -12.16
C CYS B 53 -11.97 2.44 -12.45
N ASP B 54 -12.13 3.64 -11.86
CA ASP B 54 -13.25 4.57 -12.07
C ASP B 54 -14.50 4.23 -11.25
N VAL B 55 -14.36 3.51 -10.11
CA VAL B 55 -15.47 3.32 -9.15
C VAL B 55 -15.75 4.60 -8.37
N GLN B 56 -16.98 4.68 -7.81
CA GLN B 56 -17.38 5.77 -6.93
C GLN B 56 -16.87 5.50 -5.52
N VAL B 57 -16.00 6.38 -5.01
CA VAL B 57 -15.37 6.23 -3.69
C VAL B 57 -16.39 6.47 -2.58
N HIS B 58 -17.35 7.33 -2.85
CA HIS B 58 -18.39 7.72 -1.91
C HIS B 58 -19.37 8.60 -2.69
N LYS B 59 -20.62 8.67 -2.24
CA LYS B 59 -21.52 9.63 -2.90
C LYS B 59 -21.12 11.07 -2.54
N THR B 60 -20.59 11.27 -1.32
CA THR B 60 -20.46 12.60 -0.73
C THR B 60 -19.06 12.96 -0.22
N ARG B 61 -18.50 12.16 0.70
CA ARG B 61 -17.21 12.44 1.31
C ARG B 61 -16.19 11.41 0.89
N PRO B 62 -15.48 11.60 -0.22
CA PRO B 62 -14.57 10.54 -0.69
C PRO B 62 -13.49 10.17 0.32
N LEU B 63 -12.92 11.15 1.04
CA LEU B 63 -11.85 10.87 1.99
C LEU B 63 -12.27 9.88 3.06
N LEU B 64 -13.57 9.58 3.13
CA LEU B 64 -14.08 8.65 4.14
C LEU B 64 -13.60 7.24 3.86
N ASN B 65 -13.30 6.93 2.60
CA ASN B 65 -13.06 5.55 2.22
C ASN B 65 -11.68 5.34 1.61
N ILE B 66 -10.68 5.97 2.21
CA ILE B 66 -9.28 5.77 1.86
C ILE B 66 -8.50 5.66 3.17
N ARG B 67 -7.50 4.77 3.19
CA ARG B 67 -6.67 4.57 4.36
C ARG B 67 -5.19 4.59 3.98
N SER B 68 -4.33 4.99 4.93
CA SER B 68 -2.90 4.73 4.77
C SER B 68 -2.65 3.25 4.55
N ASP B 69 -1.69 2.95 3.68
CA ASP B 69 -1.22 1.58 3.45
C ASP B 69 0.23 1.54 3.88
N LYS B 70 0.45 1.36 5.17
CA LYS B 70 1.82 1.25 5.64
C LYS B 70 2.41 -0.07 5.20
N THR B 71 1.59 -1.13 5.13
CA THR B 71 2.08 -2.41 4.64
C THR B 71 2.65 -2.25 3.24
N LEU B 72 1.96 -1.51 2.39
CA LEU B 72 2.45 -1.31 1.04
C LEU B 72 3.64 -0.36 1.01
N GLN B 73 3.59 0.74 1.77
CA GLN B 73 4.70 1.70 1.77
C GLN B 73 5.99 1.08 2.29
N ASP B 74 5.90 0.12 3.18
CA ASP B 74 7.10 -0.50 3.72
C ASP B 74 7.77 -1.37 2.68
N ILE B 75 6.96 -2.06 1.86
CA ILE B 75 7.49 -2.87 0.77
C ILE B 75 8.26 -2.00 -0.21
N VAL B 76 7.79 -0.78 -0.44
CA VAL B 76 8.48 0.12 -1.35
C VAL B 76 9.82 0.55 -0.77
N TYR B 77 9.81 1.00 0.49
CA TYR B 77 11.03 1.51 1.12
C TYR B 77 12.11 0.43 1.19
N LYS B 78 11.69 -0.83 1.29
CA LYS B 78 12.61 -1.97 1.37
C LYS B 78 13.15 -2.39 0.01
N LEU B 79 12.32 -2.41 -1.03
CA LEU B 79 12.78 -2.84 -2.34
C LEU B 79 13.61 -1.77 -3.03
N VAL B 80 13.27 -0.51 -2.80
CA VAL B 80 13.86 0.61 -3.55
C VAL B 80 15.02 1.18 -2.73
N PRO B 81 16.26 1.01 -3.18
CA PRO B 81 17.40 1.34 -2.32
C PRO B 81 17.52 2.83 -2.06
N GLY B 82 17.59 3.18 -0.78
CA GLY B 82 17.80 4.56 -0.40
C GLY B 82 16.66 5.49 -0.72
N LEU B 83 15.50 4.94 -1.05
CA LEU B 83 14.33 5.79 -1.26
C LEU B 83 13.93 6.45 0.04
N PHE B 84 13.92 5.69 1.13
CA PHE B 84 13.63 6.23 2.45
C PHE B 84 14.67 7.26 2.88
N LYS B 85 15.97 6.99 2.68
CA LYS B 85 16.95 8.05 2.93
C LYS B 85 16.59 9.30 2.15
N ASN B 86 16.33 9.13 0.86
CA ASN B 86 16.12 10.28 -0.01
C ASN B 86 14.89 11.06 0.41
N GLU B 87 13.81 10.35 0.71
CA GLU B 87 12.58 11.03 1.04
C GLU B 87 12.69 11.71 2.40
N MET B 88 13.30 11.04 3.39
CA MET B 88 13.46 11.68 4.68
C MET B 88 14.39 12.86 4.58
N LYS B 89 15.47 12.75 3.83
CA LYS B 89 16.37 13.88 3.71
C LYS B 89 15.65 15.06 3.09
N ARG B 90 14.79 14.82 2.08
CA ARG B 90 14.00 15.90 1.46
C ARG B 90 13.18 16.67 2.48
N ARG B 91 12.59 15.98 3.45
CA ARG B 91 11.73 16.63 4.43
C ARG B 91 12.53 17.47 5.42
N ARG B 92 13.65 16.95 5.93
CA ARG B 92 14.52 17.75 6.78
C ARG B 92 14.94 19.03 6.05
N ASP B 93 15.46 18.87 4.83
CA ASP B 93 15.91 20.03 4.07
C ASP B 93 14.83 21.08 4.04
N PHE B 94 13.58 20.64 3.85
CA PHE B 94 12.49 21.60 3.75
C PHE B 94 12.35 22.38 5.06
N TYR B 95 12.22 21.65 6.17
CA TYR B 95 11.99 22.31 7.45
C TYR B 95 13.24 23.01 7.96
N ALA B 96 14.40 22.77 7.35
CA ALA B 96 15.56 23.59 7.62
C ALA B 96 15.45 24.94 6.93
N ALA B 97 14.62 25.05 5.90
CA ALA B 97 14.39 26.30 5.20
C ALA B 97 13.09 26.96 5.58
N HIS B 98 12.22 26.30 6.35
CA HIS B 98 10.91 26.84 6.69
C HIS B 98 10.56 26.52 8.14
N PRO B 99 11.21 27.18 9.11
CA PRO B 99 10.83 27.04 10.52
C PRO B 99 9.92 28.15 11.06
N THR A 9 -9.98 13.39 9.05
CA THR A 9 -9.66 14.38 8.03
C THR A 9 -8.27 14.16 7.45
N TRP A 10 -8.15 14.51 6.18
CA TRP A 10 -6.93 14.34 5.39
C TRP A 10 -6.31 15.69 5.10
N GLU A 11 -6.06 16.48 6.13
CA GLU A 11 -5.48 17.79 5.94
C GLU A 11 -3.97 17.62 5.68
N LEU A 12 -3.45 18.28 4.65
CA LEU A 12 -2.04 18.13 4.29
C LEU A 12 -1.20 19.17 5.04
N SER A 13 -0.17 18.70 5.76
CA SER A 13 0.72 19.58 6.50
C SER A 13 1.49 20.46 5.53
N LEU A 14 2.14 21.51 6.07
CA LEU A 14 2.98 22.34 5.21
C LEU A 14 3.95 21.51 4.39
N TYR A 15 4.60 20.54 5.03
CA TYR A 15 5.49 19.66 4.27
C TYR A 15 4.74 18.99 3.13
N GLU A 16 3.65 18.29 3.45
CA GLU A 16 2.91 17.55 2.44
C GLU A 16 2.40 18.46 1.34
N LEU A 17 2.07 19.71 1.69
CA LEU A 17 1.52 20.61 0.70
C LEU A 17 2.52 20.86 -0.42
N GLN A 18 3.76 21.14 -0.08
CA GLN A 18 4.79 21.38 -1.07
C GLN A 18 5.77 20.20 -1.33
N ARG A 19 5.51 18.98 -0.87
CA ARG A 19 6.47 17.89 -1.12
C ARG A 19 6.60 17.62 -2.61
N THR A 20 7.78 17.14 -3.01
CA THR A 20 8.16 16.81 -4.38
C THR A 20 8.19 15.30 -4.58
N PRO A 21 8.20 14.85 -5.82
CA PRO A 21 8.39 13.42 -6.08
C PRO A 21 9.68 12.92 -5.47
N GLN A 22 9.65 11.64 -5.05
CA GLN A 22 10.84 10.86 -4.69
C GLN A 22 11.26 10.10 -5.94
N GLU A 23 12.31 10.59 -6.61
CA GLU A 23 12.71 10.06 -7.91
C GLU A 23 13.01 8.57 -7.84
N ALA A 24 12.50 7.84 -8.82
CA ALA A 24 12.73 6.41 -8.88
C ALA A 24 14.12 6.11 -9.44
N ILE A 25 14.46 4.83 -9.42
CA ILE A 25 15.79 4.37 -9.80
C ILE A 25 15.70 3.59 -11.12
N THR A 26 16.27 4.18 -12.18
CA THR A 26 16.48 3.60 -13.51
C THR A 26 17.87 2.98 -13.68
N ASP A 27 18.74 3.19 -12.70
CA ASP A 27 20.11 2.74 -12.70
C ASP A 27 20.25 1.22 -12.89
N GLY A 28 19.27 0.43 -12.46
CA GLY A 28 19.43 -1.01 -12.57
C GLY A 28 20.28 -1.61 -11.47
N LEU A 29 20.12 -1.13 -10.25
CA LEU A 29 20.66 -1.79 -9.09
C LEU A 29 19.81 -3.04 -8.80
N GLU A 30 20.39 -3.98 -8.08
CA GLU A 30 19.69 -5.21 -7.71
C GLU A 30 19.63 -5.35 -6.20
N ILE A 31 18.48 -5.73 -5.68
CA ILE A 31 18.30 -5.92 -4.25
C ILE A 31 18.28 -7.41 -3.99
N VAL A 32 18.76 -7.82 -2.82
CA VAL A 32 18.79 -9.22 -2.42
C VAL A 32 17.69 -9.46 -1.37
N VAL A 33 16.93 -10.54 -1.55
CA VAL A 33 15.72 -10.77 -0.78
C VAL A 33 15.59 -12.26 -0.46
N SER A 34 15.68 -12.61 0.82
CA SER A 34 15.48 -13.97 1.35
C SER A 34 14.00 -14.24 1.66
N PRO A 35 13.60 -15.52 1.80
CA PRO A 35 12.22 -15.81 2.25
C PRO A 35 11.93 -15.30 3.66
N ARG A 36 12.96 -14.98 4.42
CA ARG A 36 12.86 -14.39 5.75
C ARG A 36 12.74 -12.88 5.69
N SER A 37 13.46 -12.26 4.75
CA SER A 37 13.42 -10.81 4.62
C SER A 37 12.04 -10.38 4.11
N LEU A 38 11.53 -9.28 4.67
CA LEU A 38 10.15 -8.82 4.46
C LEU A 38 9.08 -9.81 4.92
N HIS A 39 9.41 -10.81 5.73
CA HIS A 39 8.42 -11.84 5.99
C HIS A 39 7.28 -11.30 6.84
N SER A 40 7.54 -10.28 7.66
CA SER A 40 6.49 -9.74 8.51
C SER A 40 5.31 -9.23 7.69
N GLU A 41 5.54 -8.86 6.44
CA GLU A 41 4.54 -8.22 5.59
C GLU A 41 3.90 -9.16 4.60
N LEU A 42 4.51 -10.32 4.36
CA LEU A 42 4.09 -11.22 3.31
C LEU A 42 3.44 -12.48 3.83
N MET A 43 3.40 -12.67 5.14
CA MET A 43 2.92 -13.92 5.71
C MET A 43 1.47 -13.70 6.16
N CYS A 44 0.59 -14.56 5.68
CA CYS A 44 -0.74 -14.69 6.23
C CYS A 44 -0.65 -15.11 7.68
N PRO A 45 -1.12 -14.30 8.64
CA PRO A 45 -0.99 -14.69 10.06
C PRO A 45 -1.87 -15.88 10.44
N ILE A 46 -2.52 -16.49 9.46
CA ILE A 46 -3.34 -17.67 9.65
C ILE A 46 -2.42 -18.87 9.45
N CYS A 47 -1.80 -18.95 8.27
CA CYS A 47 -1.03 -20.11 7.86
C CYS A 47 0.48 -19.91 7.81
N LEU A 48 0.97 -18.70 8.03
CA LEU A 48 2.41 -18.47 8.23
C LEU A 48 3.27 -19.04 7.11
N ASP A 49 2.73 -19.11 5.91
CA ASP A 49 3.42 -19.30 4.63
C ASP A 49 3.15 -18.07 3.76
N MET A 50 3.51 -18.18 2.49
CA MET A 50 3.30 -17.08 1.56
C MET A 50 1.84 -16.89 1.21
N LEU A 51 1.45 -15.63 1.05
CA LEU A 51 0.09 -15.33 0.64
C LEU A 51 -0.18 -15.90 -0.74
N LYS A 52 -1.20 -16.76 -0.81
CA LYS A 52 -1.77 -17.27 -2.05
C LYS A 52 -3.21 -16.80 -2.11
N ASN A 53 -3.64 -16.35 -3.28
CA ASN A 53 -4.97 -15.75 -3.47
C ASN A 53 -5.30 -14.76 -2.35
N THR A 54 -4.73 -13.55 -2.43
CA THR A 54 -4.80 -12.61 -1.33
C THR A 54 -6.18 -11.97 -1.24
N MET A 55 -6.56 -11.65 -0.01
CA MET A 55 -7.80 -10.93 0.30
C MET A 55 -7.45 -9.76 1.19
N THR A 56 -8.20 -8.69 1.10
CA THR A 56 -7.95 -7.53 1.92
C THR A 56 -9.25 -7.03 2.52
N THR A 57 -9.20 -6.60 3.78
CA THR A 57 -10.36 -6.01 4.42
C THR A 57 -10.43 -4.54 4.06
N LYS A 58 -11.63 -4.09 3.65
CA LYS A 58 -11.82 -2.72 3.18
C LYS A 58 -11.79 -1.69 4.28
N GLU A 59 -12.04 -2.08 5.53
CA GLU A 59 -12.08 -1.13 6.62
C GLU A 59 -10.71 -0.84 7.18
N CYS A 60 -9.75 -1.73 6.96
CA CYS A 60 -8.45 -1.67 7.61
C CYS A 60 -7.29 -2.11 6.72
N LEU A 61 -7.54 -2.54 5.49
CA LEU A 61 -6.48 -2.88 4.55
C LEU A 61 -5.52 -3.91 5.14
N HIS A 62 -6.09 -5.05 5.49
CA HIS A 62 -5.31 -6.17 6.01
C HIS A 62 -5.45 -7.33 5.04
N ARG A 63 -4.33 -7.98 4.74
CA ARG A 63 -4.29 -9.00 3.71
C ARG A 63 -4.28 -10.40 4.32
N PHE A 64 -5.04 -11.32 3.71
CA PHE A 64 -5.05 -12.72 4.12
C PHE A 64 -5.24 -13.59 2.88
N CYS A 65 -5.10 -14.89 3.07
CA CYS A 65 -5.39 -15.83 1.99
C CYS A 65 -6.89 -15.96 1.77
N ALA A 66 -7.29 -16.04 0.51
CA ALA A 66 -8.69 -16.23 0.15
C ALA A 66 -9.21 -17.51 0.80
N ASP A 67 -8.43 -18.59 0.67
CA ASP A 67 -8.80 -19.87 1.26
C ASP A 67 -8.72 -19.83 2.78
N CYS A 68 -7.79 -19.03 3.34
CA CYS A 68 -7.64 -19.00 4.79
C CYS A 68 -8.63 -18.07 5.49
N ILE A 69 -8.91 -16.90 4.96
CA ILE A 69 -9.74 -15.95 5.72
C ILE A 69 -11.20 -16.36 5.88
N ILE A 70 -11.76 -17.04 4.88
CA ILE A 70 -13.16 -17.44 4.94
C ILE A 70 -13.46 -18.38 6.10
N THR A 71 -12.47 -19.17 6.50
CA THR A 71 -12.65 -20.13 7.57
C THR A 71 -12.45 -19.55 8.97
N ALA A 72 -11.71 -18.44 9.12
CA ALA A 72 -11.52 -17.87 10.46
C ALA A 72 -12.71 -17.05 10.91
N LEU A 73 -13.41 -16.46 9.96
CA LEU A 73 -14.63 -15.77 10.27
C LEU A 73 -15.74 -16.81 10.41
N ARG A 74 -15.46 -18.03 9.92
CA ARG A 74 -16.41 -19.15 10.00
C ARG A 74 -16.67 -19.61 11.44
N SER A 75 -15.82 -19.22 12.39
CA SER A 75 -15.95 -19.70 13.77
C SER A 75 -16.57 -18.65 14.67
N GLY A 76 -17.24 -17.68 14.07
CA GLY A 76 -18.25 -16.91 14.75
C GLY A 76 -17.85 -15.58 15.34
N ASN A 77 -16.73 -14.99 14.93
CA ASN A 77 -16.41 -13.76 15.63
C ASN A 77 -16.59 -12.51 14.77
N LYS A 78 -16.59 -12.67 13.44
CA LYS A 78 -16.80 -11.56 12.47
C LYS A 78 -16.02 -10.26 12.72
N GLU A 79 -14.78 -10.39 13.12
CA GLU A 79 -13.88 -9.25 13.28
C GLU A 79 -12.65 -9.46 12.40
N CYS A 80 -11.81 -8.45 12.29
CA CYS A 80 -10.58 -8.61 11.52
C CYS A 80 -9.56 -9.41 12.31
N PRO A 81 -9.09 -10.56 11.80
CA PRO A 81 -8.18 -11.41 12.59
C PRO A 81 -6.93 -10.70 13.06
N THR A 82 -6.64 -9.49 12.57
CA THR A 82 -5.39 -8.79 12.85
C THR A 82 -5.58 -7.70 13.90
N CYS A 83 -6.50 -6.77 13.66
CA CYS A 83 -6.72 -5.64 14.55
C CYS A 83 -7.99 -5.79 15.37
N ARG A 84 -8.70 -6.91 15.23
CA ARG A 84 -9.82 -7.26 16.09
C ARG A 84 -10.89 -6.17 16.01
N LYS A 85 -11.32 -5.90 14.77
CA LYS A 85 -12.33 -4.87 14.54
C LYS A 85 -13.48 -5.48 13.74
N LYS A 86 -14.72 -5.10 14.11
CA LYS A 86 -15.90 -5.72 13.52
C LYS A 86 -15.89 -5.53 12.02
N LEU A 87 -15.97 -6.62 11.31
CA LEU A 87 -15.96 -6.58 9.87
C LEU A 87 -17.40 -6.62 9.37
N VAL A 88 -17.88 -5.47 8.93
CA VAL A 88 -19.24 -5.32 8.46
C VAL A 88 -19.45 -6.00 7.10
N SER A 89 -20.60 -6.66 6.94
CA SER A 89 -20.99 -7.27 5.65
C SER A 89 -20.04 -8.33 5.13
N LYS A 90 -20.24 -8.62 3.85
CA LYS A 90 -19.43 -9.56 3.11
C LYS A 90 -18.72 -8.81 1.98
N ARG A 91 -19.23 -7.63 1.60
CA ARG A 91 -18.50 -6.86 0.59
C ARG A 91 -17.24 -6.23 1.18
N SER A 92 -16.97 -6.39 2.48
CA SER A 92 -15.66 -5.99 3.01
C SER A 92 -14.54 -6.90 2.57
N LEU A 93 -14.74 -7.88 1.72
CA LEU A 93 -13.64 -8.76 1.33
C LEU A 93 -13.38 -8.72 -0.15
N ARG A 94 -12.26 -8.14 -0.59
CA ARG A 94 -12.01 -8.16 -2.01
C ARG A 94 -10.71 -8.88 -2.31
N PRO A 95 -10.66 -9.69 -3.37
CA PRO A 95 -9.39 -10.25 -3.79
C PRO A 95 -8.48 -9.12 -4.26
N ASP A 96 -7.16 -9.30 -4.03
CA ASP A 96 -6.19 -8.24 -4.27
C ASP A 96 -5.24 -8.55 -5.43
N PRO A 97 -5.65 -8.35 -6.68
CA PRO A 97 -4.76 -8.72 -7.78
C PRO A 97 -3.51 -7.88 -7.86
N ASN A 98 -3.60 -6.57 -7.58
CA ASN A 98 -2.40 -5.74 -7.58
C ASN A 98 -1.38 -6.19 -6.54
N PHE A 99 -1.83 -6.87 -5.48
CA PHE A 99 -0.93 -7.42 -4.48
C PHE A 99 -0.35 -8.77 -4.87
N ASP A 100 -1.15 -9.66 -5.45
CA ASP A 100 -0.55 -10.89 -5.95
C ASP A 100 0.39 -10.59 -7.10
N ALA A 101 0.12 -9.55 -7.88
CA ALA A 101 1.05 -9.13 -8.91
C ALA A 101 2.45 -8.94 -8.34
N LEU A 102 2.53 -8.56 -7.06
CA LEU A 102 3.78 -8.28 -6.35
C LEU A 102 4.46 -9.53 -5.82
N ILE A 103 3.67 -10.51 -5.36
CA ILE A 103 4.24 -11.76 -4.88
C ILE A 103 4.99 -12.48 -6.00
N SER A 104 4.40 -12.49 -7.20
CA SER A 104 4.96 -13.23 -8.34
C SER A 104 6.37 -12.79 -8.69
N LYS A 105 6.85 -11.67 -8.15
CA LYS A 105 8.19 -11.21 -8.39
C LYS A 105 9.19 -11.79 -7.41
N ILE A 106 8.71 -12.44 -6.35
CA ILE A 106 9.58 -12.83 -5.23
C ILE A 106 9.30 -14.29 -4.86
N TYR A 107 9.63 -15.22 -5.75
CA TYR A 107 9.36 -16.62 -5.47
C TYR A 107 9.93 -17.09 -4.15
N PRO A 108 11.14 -16.64 -3.71
CA PRO A 108 11.58 -16.96 -2.34
C PRO A 108 11.60 -15.71 -1.44
N THR B 1 16.68 -17.29 -1.47
CA THR B 1 17.12 -15.90 -1.66
C THR B 1 17.51 -15.61 -3.11
N THR B 2 17.03 -14.48 -3.61
CA THR B 2 17.33 -14.04 -4.97
C THR B 2 17.72 -12.59 -4.97
N ARG B 3 18.35 -12.19 -6.08
CA ARG B 3 18.69 -10.80 -6.37
C ARG B 3 17.77 -10.36 -7.50
N ILE B 4 17.17 -9.19 -7.37
CA ILE B 4 16.20 -8.74 -8.38
C ILE B 4 16.62 -7.36 -8.88
N LYS B 5 16.59 -7.16 -10.21
CA LYS B 5 16.75 -5.81 -10.74
C LYS B 5 15.54 -4.98 -10.33
N ILE B 6 15.79 -3.80 -9.73
CA ILE B 6 14.73 -2.93 -9.21
C ILE B 6 13.88 -2.33 -10.31
N THR B 7 14.41 -2.26 -11.52
CA THR B 7 13.62 -1.85 -12.66
C THR B 7 12.43 -2.78 -12.87
N GLU B 8 12.50 -4.03 -12.37
CA GLU B 8 11.43 -5.02 -12.38
C GLU B 8 10.34 -4.74 -11.34
N LEU B 9 10.68 -4.08 -10.23
CA LEU B 9 9.73 -3.80 -9.16
C LEU B 9 9.11 -2.43 -9.24
N ASN B 10 9.81 -1.45 -9.79
CA ASN B 10 9.35 -0.06 -9.88
C ASN B 10 7.88 0.08 -10.30
N PRO B 11 7.36 -0.71 -11.24
CA PRO B 11 5.90 -0.67 -11.43
C PRO B 11 5.11 -0.91 -10.14
N HIS B 12 5.47 -1.92 -9.34
CA HIS B 12 4.69 -2.23 -8.16
C HIS B 12 4.90 -1.28 -7.01
N LEU B 13 5.85 -0.33 -7.13
CA LEU B 13 6.28 0.52 -6.04
C LEU B 13 6.19 2.01 -6.38
N MET B 14 5.42 2.39 -7.40
CA MET B 14 5.44 3.76 -7.86
C MET B 14 4.02 4.30 -8.03
N CYS B 15 3.89 5.59 -7.70
CA CYS B 15 2.67 6.38 -7.82
C CYS B 15 2.52 6.91 -9.24
N VAL B 16 1.38 6.64 -9.86
CA VAL B 16 1.19 7.05 -11.24
C VAL B 16 1.01 8.56 -11.40
N LEU B 17 0.73 9.28 -10.33
CA LEU B 17 0.67 10.73 -10.42
C LEU B 17 2.05 11.34 -10.23
N CYS B 18 2.79 10.84 -9.25
CA CYS B 18 4.09 11.40 -8.84
C CYS B 18 5.25 10.95 -9.71
N GLY B 19 5.10 9.87 -10.48
CA GLY B 19 6.15 9.30 -11.28
C GLY B 19 7.30 8.75 -10.46
N GLY B 20 7.10 8.67 -9.15
CA GLY B 20 8.15 8.23 -8.25
C GLY B 20 7.55 7.30 -7.24
N TYR B 21 8.39 6.87 -6.30
CA TYR B 21 7.98 5.91 -5.28
C TYR B 21 6.88 6.44 -4.36
N PHE B 22 6.16 5.51 -3.77
CA PHE B 22 5.12 5.86 -2.83
C PHE B 22 5.71 6.48 -1.59
N ILE B 23 5.20 7.63 -1.19
CA ILE B 23 5.51 8.19 0.11
C ILE B 23 4.18 8.43 0.81
N ASP B 24 4.07 7.90 2.03
CA ASP B 24 2.81 7.85 2.76
C ASP B 24 1.73 7.17 1.90
N ALA B 25 1.98 5.91 1.55
CA ALA B 25 1.12 5.19 0.62
C ALA B 25 -0.33 5.11 1.09
N THR B 26 -1.26 5.37 0.15
CA THR B 26 -2.69 5.42 0.40
C THR B 26 -3.44 4.64 -0.67
N THR B 27 -4.55 4.01 -0.26
CA THR B 27 -5.25 3.00 -1.04
C THR B 27 -6.74 3.30 -1.10
N ILE B 28 -7.32 3.22 -2.30
CA ILE B 28 -8.77 3.24 -2.47
C ILE B 28 -9.31 1.85 -2.10
N ILE B 29 -10.19 1.80 -1.10
CA ILE B 29 -10.64 0.51 -0.59
C ILE B 29 -11.70 -0.16 -1.46
N GLU B 30 -11.95 0.37 -2.65
CA GLU B 30 -12.84 -0.30 -3.60
C GLU B 30 -12.11 -1.16 -4.62
N CYS B 31 -11.13 -0.57 -5.32
CA CYS B 31 -10.37 -1.20 -6.39
C CYS B 31 -8.98 -1.62 -5.96
N LEU B 32 -8.57 -1.26 -4.75
CA LEU B 32 -7.23 -1.56 -4.25
C LEU B 32 -6.16 -0.99 -5.18
N HIS B 33 -6.36 0.26 -5.57
CA HIS B 33 -5.32 1.01 -6.23
C HIS B 33 -4.69 1.96 -5.23
N SER B 34 -3.43 2.31 -5.46
CA SER B 34 -2.67 2.99 -4.44
C SER B 34 -1.80 4.10 -5.04
N PHE B 35 -1.66 5.15 -4.24
CA PHE B 35 -1.00 6.40 -4.65
C PHE B 35 -0.41 6.98 -3.37
N CYS B 36 0.50 7.93 -3.53
CA CYS B 36 0.99 8.69 -2.40
C CYS B 36 -0.17 9.39 -1.71
N LYS B 37 -0.04 9.56 -0.40
CA LYS B 37 -1.11 10.22 0.36
C LYS B 37 -1.46 11.56 -0.24
N THR B 38 -0.45 12.39 -0.57
CA THR B 38 -0.71 13.73 -1.08
C THR B 38 -1.21 13.69 -2.50
N CYS B 39 -0.77 12.72 -3.29
CA CYS B 39 -1.13 12.68 -4.70
C CYS B 39 -2.62 12.48 -4.86
N ILE B 40 -3.16 11.50 -4.14
CA ILE B 40 -4.57 11.14 -4.30
C ILE B 40 -5.48 12.16 -3.60
N VAL B 41 -5.03 12.76 -2.51
CA VAL B 41 -5.87 13.76 -1.87
C VAL B 41 -6.08 14.93 -2.80
N ARG B 42 -5.01 15.40 -3.45
CA ARG B 42 -5.18 16.46 -4.42
C ARG B 42 -6.02 15.99 -5.60
N TYR B 43 -5.81 14.75 -6.05
CA TYR B 43 -6.62 14.24 -7.14
C TYR B 43 -8.09 14.25 -6.75
N LEU B 44 -8.43 13.66 -5.61
CA LEU B 44 -9.83 13.54 -5.24
C LEU B 44 -10.47 14.88 -4.95
N GLU B 45 -9.70 15.97 -4.96
CA GLU B 45 -10.29 17.29 -4.86
C GLU B 45 -11.06 17.69 -6.11
N THR B 46 -10.92 16.91 -7.20
CA THR B 46 -11.51 17.24 -8.50
C THR B 46 -12.13 16.03 -9.18
N SER B 47 -12.02 14.82 -8.62
CA SER B 47 -12.68 13.66 -9.20
C SER B 47 -13.16 12.74 -8.09
N LYS B 48 -14.31 12.10 -8.31
CA LYS B 48 -14.78 11.06 -7.41
C LYS B 48 -14.53 9.66 -7.96
N TYR B 49 -13.62 9.55 -8.93
CA TYR B 49 -13.32 8.32 -9.66
C TYR B 49 -11.80 8.03 -9.67
N CYS B 50 -11.43 6.73 -9.65
CA CYS B 50 -10.03 6.33 -9.61
C CYS B 50 -9.24 6.84 -10.81
N PRO B 51 -8.03 7.31 -10.60
CA PRO B 51 -7.22 7.79 -11.73
C PRO B 51 -6.88 6.70 -12.74
N ILE B 52 -6.89 5.43 -12.33
CA ILE B 52 -6.41 4.38 -13.19
C ILE B 52 -7.59 3.51 -13.65
N CYS B 53 -8.19 2.76 -12.73
CA CYS B 53 -9.25 1.89 -13.20
C CYS B 53 -10.47 2.68 -13.62
N ASP B 54 -10.70 3.86 -13.01
CA ASP B 54 -11.79 4.79 -13.33
C ASP B 54 -13.12 4.41 -12.66
N VAL B 55 -13.12 3.66 -11.53
CA VAL B 55 -14.33 3.44 -10.71
C VAL B 55 -14.70 4.69 -9.92
N GLN B 56 -15.97 4.75 -9.52
CA GLN B 56 -16.49 5.81 -8.65
C GLN B 56 -16.14 5.50 -7.21
N VAL B 57 -15.34 6.37 -6.57
CA VAL B 57 -14.88 6.19 -5.19
C VAL B 57 -16.01 6.38 -4.21
N HIS B 58 -16.94 7.26 -4.55
CA HIS B 58 -18.08 7.61 -3.72
C HIS B 58 -18.96 8.51 -4.59
N LYS B 59 -20.27 8.55 -4.29
CA LYS B 59 -21.09 9.54 -5.01
C LYS B 59 -20.75 10.96 -4.57
N THR B 60 -20.37 11.14 -3.28
CA THR B 60 -20.31 12.45 -2.65
C THR B 60 -18.98 12.79 -1.98
N ARG B 61 -18.53 11.97 -1.02
CA ARG B 61 -17.31 12.25 -0.26
C ARG B 61 -16.25 11.22 -0.60
N PRO B 62 -15.41 11.45 -1.61
CA PRO B 62 -14.45 10.41 -2.00
C PRO B 62 -13.49 10.02 -0.89
N LEU B 63 -13.01 10.99 -0.08
CA LEU B 63 -12.05 10.68 0.99
C LEU B 63 -12.59 9.65 1.96
N LEU B 64 -13.89 9.35 1.89
CA LEU B 64 -14.49 8.38 2.79
C LEU B 64 -13.98 6.98 2.54
N ASN B 65 -13.53 6.71 1.32
CA ASN B 65 -13.25 5.34 0.91
C ASN B 65 -11.80 5.16 0.46
N ILE B 66 -10.88 5.79 1.19
CA ILE B 66 -9.44 5.60 1.01
C ILE B 66 -8.81 5.45 2.38
N ARG B 67 -7.82 4.56 2.49
CA ARG B 67 -7.12 4.33 3.75
C ARG B 67 -5.61 4.37 3.54
N SER B 68 -4.87 4.75 4.59
CA SER B 68 -3.43 4.51 4.59
C SER B 68 -3.14 3.03 4.35
N ASP B 69 -2.09 2.76 3.59
CA ASP B 69 -1.59 1.40 3.37
C ASP B 69 -0.19 1.36 3.97
N LYS B 70 -0.12 1.14 5.26
CA LYS B 70 1.20 1.03 5.88
C LYS B 70 1.85 -0.28 5.48
N THR B 71 1.04 -1.34 5.29
CA THR B 71 1.60 -2.60 4.82
C THR B 71 2.32 -2.40 3.50
N LEU B 72 1.72 -1.65 2.59
CA LEU B 72 2.36 -1.40 1.32
C LEU B 72 3.54 -0.44 1.46
N GLN B 73 3.39 0.64 2.23
CA GLN B 73 4.49 1.60 2.38
C GLN B 73 5.71 0.98 3.02
N ASP B 74 5.53 -0.02 3.88
CA ASP B 74 6.68 -0.64 4.52
C ASP B 74 7.46 -1.48 3.54
N ILE B 75 6.76 -2.15 2.62
CA ILE B 75 7.41 -2.93 1.58
C ILE B 75 8.28 -2.03 0.70
N VAL B 76 7.83 -0.81 0.47
CA VAL B 76 8.61 0.13 -0.34
C VAL B 76 9.87 0.55 0.41
N TYR B 77 9.72 0.97 1.67
CA TYR B 77 10.86 1.47 2.45
C TYR B 77 11.93 0.39 2.61
N LYS B 78 11.51 -0.89 2.63
CA LYS B 78 12.43 -2.02 2.78
C LYS B 78 13.13 -2.39 1.48
N LEU B 79 12.42 -2.39 0.35
CA LEU B 79 13.03 -2.77 -0.90
C LEU B 79 13.92 -1.68 -1.47
N VAL B 80 13.54 -0.43 -1.25
CA VAL B 80 14.20 0.72 -1.90
C VAL B 80 15.26 1.25 -0.93
N PRO B 81 16.54 1.11 -1.24
CA PRO B 81 17.58 1.42 -0.25
C PRO B 81 17.66 2.90 0.07
N GLY B 82 17.58 3.22 1.36
CA GLY B 82 17.73 4.59 1.80
C GLY B 82 16.63 5.52 1.38
N LEU B 83 15.51 4.98 0.91
CA LEU B 83 14.36 5.83 0.58
C LEU B 83 13.82 6.46 1.85
N PHE B 84 13.69 5.65 2.91
CA PHE B 84 13.24 6.16 4.20
C PHE B 84 14.23 7.17 4.79
N LYS B 85 15.54 6.93 4.72
CA LYS B 85 16.47 7.98 5.11
C LYS B 85 16.19 9.25 4.33
N ASN B 86 16.09 9.11 3.02
CA ASN B 86 15.97 10.28 2.15
C ASN B 86 14.70 11.04 2.46
N GLU B 87 13.59 10.32 2.61
CA GLU B 87 12.32 10.99 2.82
C GLU B 87 12.27 11.63 4.20
N MET B 88 12.77 10.93 5.23
CA MET B 88 12.78 11.52 6.57
C MET B 88 13.70 12.73 6.60
N LYS B 89 14.87 12.64 5.97
CA LYS B 89 15.76 13.78 5.99
C LYS B 89 15.11 14.98 5.31
N ARG B 90 14.37 14.75 4.22
CA ARG B 90 13.65 15.85 3.53
C ARG B 90 12.70 16.58 4.48
N ARG B 91 12.02 15.86 5.36
CA ARG B 91 11.05 16.48 6.25
C ARG B 91 11.72 17.29 7.35
N ARG B 92 12.79 16.76 7.96
CA ARG B 92 13.54 17.55 8.93
C ARG B 92 14.03 18.84 8.30
N ASP B 93 14.68 18.73 7.13
CA ASP B 93 15.21 19.92 6.46
C ASP B 93 14.13 20.96 6.34
N PHE B 94 12.92 20.52 6.01
CA PHE B 94 11.84 21.47 5.81
C PHE B 94 11.54 22.20 7.11
N TYR B 95 11.29 21.45 8.18
CA TYR B 95 10.92 22.07 9.44
C TYR B 95 12.09 22.75 10.12
N ALA B 96 13.31 22.54 9.63
CA ALA B 96 14.43 23.37 10.05
C ALA B 96 14.39 24.73 9.39
N ALA B 97 13.68 24.87 8.28
CA ALA B 97 13.52 26.13 7.59
C ALA B 97 12.18 26.78 7.85
N HIS B 98 11.23 26.09 8.48
CA HIS B 98 9.89 26.63 8.69
C HIS B 98 9.38 26.25 10.08
N PRO B 99 9.91 26.88 11.14
CA PRO B 99 9.37 26.70 12.50
C PRO B 99 8.39 27.79 12.96
N THR A 9 -8.95 13.63 9.82
CA THR A 9 -8.73 14.61 8.76
C THR A 9 -7.41 14.36 8.04
N TRP A 10 -7.40 14.69 6.75
CA TRP A 10 -6.27 14.50 5.86
C TRP A 10 -5.68 15.84 5.49
N GLU A 11 -5.33 16.64 6.48
CA GLU A 11 -4.75 17.95 6.20
C GLU A 11 -3.27 17.75 5.80
N LEU A 12 -2.85 18.40 4.71
CA LEU A 12 -1.48 18.23 4.23
C LEU A 12 -0.56 19.26 4.87
N SER A 13 0.52 18.80 5.49
CA SER A 13 1.50 19.69 6.13
C SER A 13 2.16 20.54 5.07
N LEU A 14 2.88 21.59 5.53
CA LEU A 14 3.63 22.41 4.58
C LEU A 14 4.50 21.55 3.68
N TYR A 15 5.22 20.58 4.26
CA TYR A 15 6.02 19.69 3.44
C TYR A 15 5.15 19.02 2.39
N GLU A 16 4.10 18.32 2.83
CA GLU A 16 3.25 17.58 1.90
C GLU A 16 2.64 18.48 0.84
N LEU A 17 2.35 19.73 1.21
CA LEU A 17 1.72 20.63 0.26
C LEU A 17 2.60 20.86 -0.95
N GLN A 18 3.88 21.13 -0.74
CA GLN A 18 4.80 21.34 -1.84
C GLN A 18 5.74 20.15 -2.17
N ARG A 19 5.52 18.94 -1.66
CA ARG A 19 6.44 17.84 -2.00
C ARG A 19 6.43 17.55 -3.49
N THR A 20 7.55 17.05 -3.99
CA THR A 20 7.79 16.69 -5.39
C THR A 20 7.79 15.17 -5.57
N PRO A 21 7.67 14.70 -6.81
CA PRO A 21 7.83 13.28 -7.06
C PRO A 21 9.18 12.78 -6.56
N GLN A 22 9.17 11.51 -6.13
CA GLN A 22 10.38 10.72 -5.87
C GLN A 22 10.67 9.94 -7.15
N GLU A 23 11.65 10.41 -7.93
CA GLU A 23 11.93 9.85 -9.26
C GLU A 23 12.21 8.37 -9.20
N ALA A 24 11.60 7.62 -10.11
CA ALA A 24 11.82 6.19 -10.16
C ALA A 24 13.13 5.87 -10.85
N ILE A 25 13.47 4.58 -10.86
CA ILE A 25 14.76 4.11 -11.36
C ILE A 25 14.53 3.32 -12.65
N THR A 26 15.00 3.88 -13.77
CA THR A 26 15.07 3.28 -15.11
C THR A 26 16.43 2.64 -15.41
N ASP A 27 17.39 2.87 -14.51
CA ASP A 27 18.75 2.40 -14.64
C ASP A 27 18.86 0.88 -14.83
N GLY A 28 17.93 0.10 -14.28
CA GLY A 28 18.06 -1.34 -14.38
C GLY A 28 19.01 -1.93 -13.37
N LEU A 29 18.98 -1.43 -12.15
CA LEU A 29 19.62 -2.09 -11.03
C LEU A 29 18.80 -3.32 -10.64
N GLU A 30 19.44 -4.26 -9.97
CA GLU A 30 18.77 -5.47 -9.52
C GLU A 30 18.86 -5.59 -8.00
N ILE A 31 17.76 -5.95 -7.38
CA ILE A 31 17.72 -6.13 -5.93
C ILE A 31 17.70 -7.62 -5.65
N VAL A 32 18.30 -8.01 -4.52
CA VAL A 32 18.36 -9.41 -4.10
C VAL A 32 17.38 -9.62 -2.95
N VAL A 33 16.59 -10.69 -3.04
CA VAL A 33 15.46 -10.90 -2.15
C VAL A 33 15.35 -12.38 -1.80
N SER A 34 15.56 -12.72 -0.52
CA SER A 34 15.42 -14.06 0.03
C SER A 34 13.97 -14.31 0.50
N PRO A 35 13.57 -15.59 0.69
CA PRO A 35 12.24 -15.86 1.29
C PRO A 35 12.09 -15.33 2.71
N ARG A 36 13.20 -15.01 3.36
CA ARG A 36 13.23 -14.40 4.68
C ARG A 36 13.13 -12.89 4.61
N SER A 37 13.75 -12.29 3.60
CA SER A 37 13.70 -10.85 3.45
C SER A 37 12.29 -10.41 3.07
N LEU A 38 11.83 -9.30 3.67
CA LEU A 38 10.44 -8.83 3.58
C LEU A 38 9.42 -9.80 4.16
N HIS A 39 9.82 -10.79 4.96
CA HIS A 39 8.85 -11.81 5.33
C HIS A 39 7.82 -11.25 6.28
N SER A 40 8.17 -10.22 7.05
CA SER A 40 7.20 -9.66 7.99
C SER A 40 5.95 -9.15 7.28
N GLU A 41 6.06 -8.79 6.00
CA GLU A 41 4.99 -8.16 5.26
C GLU A 41 4.24 -9.12 4.35
N LEU A 42 4.83 -10.27 4.06
CA LEU A 42 4.29 -11.18 3.07
C LEU A 42 3.68 -12.44 3.68
N MET A 43 3.77 -12.61 4.99
CA MET A 43 3.33 -13.84 5.63
C MET A 43 1.95 -13.61 6.21
N CYS A 44 1.02 -14.46 5.84
CA CYS A 44 -0.25 -14.57 6.51
C CYS A 44 -0.02 -14.97 7.96
N PRO A 45 -0.38 -14.14 8.93
CA PRO A 45 -0.13 -14.51 10.35
C PRO A 45 -0.97 -15.69 10.83
N ILE A 46 -1.73 -16.31 9.92
CA ILE A 46 -2.53 -17.49 10.21
C ILE A 46 -1.64 -18.69 9.95
N CYS A 47 -1.14 -18.78 8.70
CA CYS A 47 -0.42 -19.97 8.24
C CYS A 47 1.07 -19.78 8.04
N LEU A 48 1.60 -18.57 8.20
CA LEU A 48 3.05 -18.34 8.25
C LEU A 48 3.80 -18.95 7.05
N ASP A 49 3.13 -19.03 5.91
CA ASP A 49 3.69 -19.25 4.59
C ASP A 49 3.35 -18.03 3.73
N MET A 50 3.57 -18.16 2.42
CA MET A 50 3.30 -17.06 1.50
C MET A 50 1.79 -16.86 1.29
N LEU A 51 1.41 -15.60 1.15
CA LEU A 51 0.01 -15.29 0.87
C LEU A 51 -0.40 -15.89 -0.46
N LYS A 52 -1.43 -16.73 -0.42
CA LYS A 52 -2.11 -17.25 -1.59
C LYS A 52 -3.56 -16.78 -1.51
N ASN A 53 -4.10 -16.34 -2.65
CA ASN A 53 -5.43 -15.73 -2.70
C ASN A 53 -5.63 -14.72 -1.57
N THR A 54 -5.08 -13.52 -1.73
CA THR A 54 -5.03 -12.56 -0.64
C THR A 54 -6.39 -11.90 -0.43
N MET A 55 -6.65 -11.56 0.83
CA MET A 55 -7.84 -10.83 1.25
C MET A 55 -7.39 -9.65 2.08
N THR A 56 -8.15 -8.58 2.05
CA THR A 56 -7.80 -7.40 2.83
C THR A 56 -9.03 -6.89 3.54
N THR A 57 -8.85 -6.44 4.78
CA THR A 57 -9.94 -5.83 5.54
C THR A 57 -10.03 -4.36 5.14
N LYS A 58 -11.25 -3.91 4.86
CA LYS A 58 -11.49 -2.54 4.38
C LYS A 58 -11.35 -1.50 5.47
N GLU A 59 -11.47 -1.87 6.73
CA GLU A 59 -11.40 -0.90 7.80
C GLU A 59 -9.97 -0.60 8.22
N CYS A 60 -9.05 -1.51 7.91
CA CYS A 60 -7.69 -1.45 8.43
C CYS A 60 -6.62 -1.92 7.44
N LEU A 61 -6.99 -2.36 6.25
CA LEU A 61 -6.04 -2.72 5.21
C LEU A 61 -5.04 -3.75 5.72
N HIS A 62 -5.57 -4.89 6.14
CA HIS A 62 -4.76 -6.00 6.60
C HIS A 62 -5.00 -7.18 5.68
N ARG A 63 -3.92 -7.83 5.27
CA ARG A 63 -3.99 -8.88 4.25
C ARG A 63 -3.93 -10.27 4.90
N PHE A 64 -4.75 -11.18 4.38
CA PHE A 64 -4.73 -12.58 4.80
C PHE A 64 -5.05 -13.47 3.60
N CYS A 65 -4.90 -14.78 3.80
CA CYS A 65 -5.30 -15.73 2.77
C CYS A 65 -6.82 -15.85 2.70
N ALA A 66 -7.35 -15.94 1.48
CA ALA A 66 -8.78 -16.14 1.28
C ALA A 66 -9.22 -17.44 1.94
N ASP A 67 -8.46 -18.50 1.70
CA ASP A 67 -8.76 -19.79 2.29
C ASP A 67 -8.53 -19.79 3.80
N CYS A 68 -7.58 -18.99 4.28
CA CYS A 68 -7.27 -18.99 5.71
C CYS A 68 -8.20 -18.12 6.53
N ILE A 69 -8.59 -16.95 6.07
CA ILE A 69 -9.36 -16.03 6.93
C ILE A 69 -10.75 -16.54 7.31
N ILE A 70 -11.35 -17.36 6.48
CA ILE A 70 -12.69 -17.87 6.75
C ILE A 70 -12.76 -18.65 8.07
N THR A 71 -11.67 -19.32 8.44
CA THR A 71 -11.64 -20.13 9.63
C THR A 71 -11.32 -19.33 10.91
N ALA A 72 -10.65 -18.17 10.80
CA ALA A 72 -10.33 -17.40 12.01
C ALA A 72 -11.51 -16.59 12.51
N LEU A 73 -12.36 -16.17 11.57
CA LEU A 73 -13.59 -15.51 11.95
C LEU A 73 -14.60 -16.58 12.37
N ARG A 74 -14.42 -17.81 11.84
CA ARG A 74 -15.28 -18.94 12.16
C ARG A 74 -15.15 -19.40 13.60
N SER A 75 -14.08 -18.99 14.31
CA SER A 75 -13.83 -19.46 15.67
C SER A 75 -14.23 -18.41 16.70
N GLY A 76 -15.07 -17.47 16.30
CA GLY A 76 -15.88 -16.72 17.23
C GLY A 76 -15.37 -15.37 17.69
N ASN A 77 -14.42 -14.76 17.01
CA ASN A 77 -13.96 -13.52 17.59
C ASN A 77 -14.37 -12.27 16.80
N LYS A 78 -14.73 -12.44 15.53
CA LYS A 78 -15.21 -11.35 14.64
C LYS A 78 -14.45 -10.02 14.71
N GLU A 79 -13.16 -10.09 14.97
CA GLU A 79 -12.29 -8.92 14.95
C GLU A 79 -11.17 -9.18 13.95
N CYS A 80 -10.38 -8.14 13.66
CA CYS A 80 -9.24 -8.33 12.77
C CYS A 80 -8.10 -9.04 13.50
N PRO A 81 -7.66 -10.21 13.02
CA PRO A 81 -6.64 -10.99 13.74
C PRO A 81 -5.37 -10.22 14.02
N THR A 82 -5.19 -9.04 13.42
CA THR A 82 -3.93 -8.29 13.50
C THR A 82 -4.03 -7.13 14.49
N CYS A 83 -5.00 -6.24 14.28
CA CYS A 83 -5.15 -5.06 15.11
C CYS A 83 -6.32 -5.18 16.09
N ARG A 84 -7.00 -6.32 16.11
CA ARG A 84 -8.00 -6.64 17.12
C ARG A 84 -9.11 -5.58 17.08
N LYS A 85 -9.69 -5.41 15.89
CA LYS A 85 -10.75 -4.43 15.71
C LYS A 85 -11.97 -5.12 15.10
N LYS A 86 -13.16 -4.75 15.58
CA LYS A 86 -14.38 -5.44 15.17
C LYS A 86 -14.56 -5.35 13.68
N LEU A 87 -14.69 -6.49 13.05
CA LEU A 87 -14.86 -6.55 11.62
C LEU A 87 -16.34 -6.51 11.29
N VAL A 88 -16.79 -5.34 10.88
CA VAL A 88 -18.18 -5.11 10.56
C VAL A 88 -18.56 -5.70 9.20
N SER A 89 -19.78 -6.24 9.12
CA SER A 89 -20.35 -6.75 7.87
C SER A 89 -19.54 -7.85 7.21
N LYS A 90 -19.93 -8.13 5.97
CA LYS A 90 -19.27 -9.09 5.11
C LYS A 90 -18.68 -8.39 3.90
N ARG A 91 -19.22 -7.21 3.54
CA ARG A 91 -18.62 -6.47 2.44
C ARG A 91 -17.31 -5.79 2.87
N SER A 92 -16.90 -5.92 4.15
CA SER A 92 -15.56 -5.49 4.54
C SER A 92 -14.47 -6.39 4.02
N LEU A 93 -14.75 -7.41 3.22
CA LEU A 93 -13.67 -8.29 2.76
C LEU A 93 -13.57 -8.32 1.25
N ARG A 94 -12.50 -7.78 0.67
CA ARG A 94 -12.42 -7.85 -0.78
C ARG A 94 -11.18 -8.63 -1.19
N PRO A 95 -11.27 -9.48 -2.21
CA PRO A 95 -10.06 -10.10 -2.74
C PRO A 95 -9.19 -9.02 -3.36
N ASP A 96 -7.86 -9.23 -3.27
CA ASP A 96 -6.90 -8.20 -3.67
C ASP A 96 -6.09 -8.60 -4.89
N PRO A 97 -6.63 -8.42 -6.10
CA PRO A 97 -5.88 -8.88 -7.28
C PRO A 97 -4.61 -8.08 -7.53
N ASN A 98 -4.63 -6.75 -7.30
CA ASN A 98 -3.42 -5.96 -7.47
C ASN A 98 -2.31 -6.40 -6.53
N PHE A 99 -2.66 -7.02 -5.41
CA PHE A 99 -1.67 -7.57 -4.48
C PHE A 99 -1.17 -8.94 -4.88
N ASP A 100 -2.05 -9.83 -5.33
CA ASP A 100 -1.54 -11.09 -5.84
C ASP A 100 -0.72 -10.88 -7.10
N ALA A 101 -1.07 -9.86 -7.89
CA ALA A 101 -0.23 -9.51 -9.03
C ALA A 101 1.22 -9.33 -8.63
N LEU A 102 1.45 -8.92 -7.38
CA LEU A 102 2.78 -8.64 -6.83
C LEU A 102 3.48 -9.89 -6.33
N ILE A 103 2.73 -10.83 -5.74
CA ILE A 103 3.32 -12.08 -5.28
C ILE A 103 3.90 -12.86 -6.44
N SER A 104 3.18 -12.90 -7.57
CA SER A 104 3.60 -13.69 -8.73
C SER A 104 4.97 -13.32 -9.26
N LYS A 105 5.53 -12.20 -8.82
CA LYS A 105 6.86 -11.78 -9.21
C LYS A 105 7.95 -12.36 -8.33
N ILE A 106 7.58 -12.95 -7.19
CA ILE A 106 8.54 -13.33 -6.17
C ILE A 106 8.27 -14.76 -5.70
N TYR A 107 8.48 -15.72 -6.59
CA TYR A 107 8.19 -17.11 -6.22
C TYR A 107 8.90 -17.56 -4.96
N PRO A 108 10.16 -17.12 -4.67
CA PRO A 108 10.74 -17.39 -3.35
C PRO A 108 10.89 -16.12 -2.51
N THR B 1 16.26 -17.46 -2.90
CA THR B 1 16.69 -16.09 -3.15
C THR B 1 16.93 -15.81 -4.62
N THR B 2 16.41 -14.67 -5.10
CA THR B 2 16.58 -14.28 -6.49
C THR B 2 16.99 -12.81 -6.55
N ARG B 3 17.51 -12.44 -7.72
CA ARG B 3 17.82 -11.06 -8.06
C ARG B 3 16.81 -10.62 -9.09
N ILE B 4 16.23 -9.44 -8.93
CA ILE B 4 15.17 -9.00 -9.84
C ILE B 4 15.54 -7.63 -10.40
N LYS B 5 15.39 -7.45 -11.72
CA LYS B 5 15.51 -6.10 -12.28
C LYS B 5 14.35 -5.26 -11.76
N ILE B 6 14.66 -4.08 -11.23
CA ILE B 6 13.67 -3.18 -10.61
C ILE B 6 12.72 -2.60 -11.63
N THR B 7 13.13 -2.54 -12.88
CA THR B 7 12.23 -2.15 -13.93
C THR B 7 11.02 -3.06 -14.02
N GLU B 8 11.14 -4.30 -13.51
CA GLU B 8 10.05 -5.28 -13.40
C GLU B 8 9.08 -4.98 -12.27
N LEU B 9 9.53 -4.31 -11.21
CA LEU B 9 8.70 -4.01 -10.04
C LEU B 9 8.08 -2.62 -10.07
N ASN B 10 8.74 -1.66 -10.71
CA ASN B 10 8.28 -0.27 -10.78
C ASN B 10 6.78 -0.12 -11.05
N PRO B 11 6.15 -0.92 -11.92
CA PRO B 11 4.68 -0.87 -11.96
C PRO B 11 4.03 -1.09 -10.59
N HIS B 12 4.46 -2.08 -9.83
CA HIS B 12 3.79 -2.38 -8.58
C HIS B 12 4.13 -1.41 -7.47
N LEU B 13 5.08 -0.47 -7.70
CA LEU B 13 5.62 0.39 -6.66
C LEU B 13 5.50 1.87 -7.00
N MET B 14 4.64 2.25 -7.94
CA MET B 14 4.62 3.62 -8.44
C MET B 14 3.20 4.17 -8.46
N CYS B 15 3.11 5.46 -8.15
CA CYS B 15 1.89 6.26 -8.15
C CYS B 15 1.61 6.79 -9.56
N VAL B 16 0.41 6.51 -10.06
CA VAL B 16 0.09 6.91 -11.42
C VAL B 16 -0.09 8.41 -11.58
N LEU B 17 -0.27 9.14 -10.50
CA LEU B 17 -0.31 10.60 -10.60
C LEU B 17 1.09 11.20 -10.56
N CYS B 18 1.92 10.71 -9.65
CA CYS B 18 3.25 11.25 -9.38
C CYS B 18 4.32 10.79 -10.35
N GLY B 19 4.08 9.70 -11.08
CA GLY B 19 5.04 9.10 -11.99
C GLY B 19 6.25 8.54 -11.28
N GLY B 20 6.19 8.49 -9.94
CA GLY B 20 7.32 8.06 -9.16
C GLY B 20 6.82 7.14 -8.07
N TYR B 21 7.75 6.72 -7.22
CA TYR B 21 7.44 5.78 -6.15
C TYR B 21 6.43 6.33 -5.13
N PHE B 22 5.76 5.40 -4.46
CA PHE B 22 4.82 5.78 -3.43
C PHE B 22 5.54 6.41 -2.25
N ILE B 23 5.07 7.57 -1.83
CA ILE B 23 5.52 8.14 -0.57
C ILE B 23 4.28 8.40 0.26
N ASP B 24 4.29 7.90 1.49
CA ASP B 24 3.10 7.87 2.33
C ASP B 24 1.93 7.20 1.59
N ALA B 25 2.13 5.93 1.25
CA ALA B 25 1.18 5.19 0.41
C ALA B 25 -0.21 5.14 1.02
N THR B 26 -1.22 5.40 0.18
CA THR B 26 -2.64 5.47 0.57
C THR B 26 -3.49 4.68 -0.41
N THR B 27 -4.56 4.08 0.12
CA THR B 27 -5.35 3.06 -0.57
C THR B 27 -6.83 3.37 -0.50
N ILE B 28 -7.52 3.28 -1.63
CA ILE B 28 -8.98 3.31 -1.66
C ILE B 28 -9.50 1.94 -1.22
N ILE B 29 -10.27 1.91 -0.14
CA ILE B 29 -10.68 0.63 0.44
C ILE B 29 -11.83 -0.04 -0.31
N GLU B 30 -12.19 0.47 -1.47
CA GLU B 30 -13.17 -0.20 -2.32
C GLU B 30 -12.55 -1.08 -3.40
N CYS B 31 -11.66 -0.50 -4.20
CA CYS B 31 -11.01 -1.16 -5.33
C CYS B 31 -9.58 -1.59 -5.04
N LEU B 32 -9.04 -1.22 -3.88
CA LEU B 32 -7.67 -1.53 -3.52
C LEU B 32 -6.69 -0.97 -4.55
N HIS B 33 -6.92 0.27 -4.93
CA HIS B 33 -5.94 1.00 -5.71
C HIS B 33 -5.21 1.95 -4.78
N SER B 34 -3.98 2.29 -5.14
CA SER B 34 -3.11 2.97 -4.22
C SER B 34 -2.30 4.06 -4.91
N PHE B 35 -2.07 5.13 -4.16
CA PHE B 35 -1.44 6.35 -4.63
C PHE B 35 -0.73 6.96 -3.43
N CYS B 36 0.17 7.90 -3.70
CA CYS B 36 0.79 8.66 -2.63
C CYS B 36 -0.30 9.38 -1.84
N LYS B 37 -0.04 9.56 -0.54
CA LYS B 37 -1.02 10.25 0.31
C LYS B 37 -1.42 11.59 -0.28
N THR B 38 -0.43 12.39 -0.72
CA THR B 38 -0.73 13.73 -1.21
C THR B 38 -1.38 13.69 -2.58
N CYS B 39 -1.02 12.70 -3.40
CA CYS B 39 -1.52 12.64 -4.76
C CYS B 39 -3.02 12.45 -4.77
N ILE B 40 -3.50 11.49 -3.98
CA ILE B 40 -4.91 11.14 -4.00
C ILE B 40 -5.74 12.17 -3.23
N VAL B 41 -5.18 12.80 -2.20
CA VAL B 41 -5.94 13.81 -1.49
C VAL B 41 -6.23 14.96 -2.42
N ARG B 42 -5.23 15.42 -3.17
CA ARG B 42 -5.48 16.48 -4.14
C ARG B 42 -6.45 15.99 -5.22
N TYR B 43 -6.29 14.74 -5.66
CA TYR B 43 -7.22 14.23 -6.67
C TYR B 43 -8.63 14.26 -6.14
N LEU B 44 -8.86 13.68 -4.96
CA LEU B 44 -10.22 13.59 -4.45
C LEU B 44 -10.81 14.94 -4.11
N GLU B 45 -10.04 16.01 -4.22
CA GLU B 45 -10.61 17.35 -4.07
C GLU B 45 -11.49 17.73 -5.25
N THR B 46 -11.48 16.93 -6.33
CA THR B 46 -12.18 17.25 -7.57
C THR B 46 -12.88 16.04 -8.17
N SER B 47 -12.72 14.85 -7.61
CA SER B 47 -13.46 13.68 -8.11
C SER B 47 -13.82 12.79 -6.94
N LYS B 48 -14.99 12.16 -7.04
CA LYS B 48 -15.38 11.14 -6.07
C LYS B 48 -15.21 9.72 -6.63
N TYR B 49 -14.40 9.59 -7.69
CA TYR B 49 -14.19 8.34 -8.43
C TYR B 49 -12.68 8.04 -8.58
N CYS B 50 -12.32 6.74 -8.58
CA CYS B 50 -10.91 6.31 -8.67
C CYS B 50 -10.25 6.81 -9.96
N PRO B 51 -9.02 7.27 -9.88
CA PRO B 51 -8.32 7.73 -11.09
C PRO B 51 -8.08 6.62 -12.11
N ILE B 52 -8.06 5.36 -11.67
CA ILE B 52 -7.70 4.28 -12.58
C ILE B 52 -8.91 3.43 -12.89
N CYS B 53 -9.43 2.69 -11.90
CA CYS B 53 -10.53 1.82 -12.27
C CYS B 53 -11.78 2.63 -12.56
N ASP B 54 -11.94 3.81 -11.97
CA ASP B 54 -13.06 4.75 -12.17
C ASP B 54 -14.33 4.39 -11.37
N VAL B 55 -14.20 3.66 -10.24
CA VAL B 55 -15.33 3.46 -9.31
C VAL B 55 -15.61 4.73 -8.51
N GLN B 56 -16.84 4.81 -7.97
CA GLN B 56 -17.25 5.89 -7.07
C GLN B 56 -16.77 5.59 -5.66
N VAL B 57 -15.90 6.46 -5.12
CA VAL B 57 -15.30 6.29 -3.80
C VAL B 57 -16.33 6.50 -2.71
N HIS B 58 -17.28 7.39 -2.96
CA HIS B 58 -18.33 7.76 -2.04
C HIS B 58 -19.29 8.66 -2.83
N LYS B 59 -20.55 8.72 -2.40
CA LYS B 59 -21.44 9.70 -3.04
C LYS B 59 -21.05 11.12 -2.65
N THR B 60 -20.54 11.31 -1.42
CA THR B 60 -20.40 12.64 -0.82
C THR B 60 -19.01 12.97 -0.28
N ARG B 61 -18.47 12.16 0.64
CA ARG B 61 -17.18 12.43 1.27
C ARG B 61 -16.16 11.40 0.84
N PRO B 62 -15.43 11.60 -0.25
CA PRO B 62 -14.52 10.56 -0.72
C PRO B 62 -13.46 10.16 0.30
N LEU B 63 -12.91 11.13 1.04
CA LEU B 63 -11.84 10.83 2.00
C LEU B 63 -12.28 9.82 3.05
N LEU B 64 -13.58 9.53 3.10
CA LEU B 64 -14.11 8.59 4.08
C LEU B 64 -13.64 7.18 3.79
N ASN B 65 -13.31 6.88 2.54
CA ASN B 65 -13.08 5.51 2.13
C ASN B 65 -11.69 5.30 1.55
N ILE B 66 -10.69 5.93 2.17
CA ILE B 66 -9.29 5.72 1.84
C ILE B 66 -8.52 5.57 3.15
N ARG B 67 -7.53 4.69 3.17
CA ARG B 67 -6.72 4.47 4.36
C ARG B 67 -5.23 4.48 4.00
N SER B 68 -4.39 4.87 4.96
CA SER B 68 -2.96 4.62 4.82
C SER B 68 -2.71 3.14 4.57
N ASP B 69 -1.74 2.83 3.72
CA ASP B 69 -1.27 1.48 3.48
C ASP B 69 0.17 1.43 3.93
N LYS B 70 0.37 1.23 5.22
CA LYS B 70 1.73 1.11 5.70
C LYS B 70 2.33 -0.21 5.25
N THR B 71 1.51 -1.26 5.16
CA THR B 71 2.00 -2.54 4.65
C THR B 71 2.60 -2.37 3.26
N LEU B 72 1.91 -1.61 2.41
CA LEU B 72 2.43 -1.39 1.07
C LEU B 72 3.62 -0.44 1.08
N GLN B 73 3.56 0.64 1.85
CA GLN B 73 4.67 1.60 1.88
C GLN B 73 5.95 0.97 2.40
N ASP B 74 5.85 -0.01 3.29
CA ASP B 74 7.05 -0.63 3.83
C ASP B 74 7.73 -1.50 2.79
N ILE B 75 6.93 -2.17 1.95
CA ILE B 75 7.46 -2.97 0.85
C ILE B 75 8.25 -2.09 -0.11
N VAL B 76 7.80 -0.87 -0.32
CA VAL B 76 8.50 0.04 -1.20
C VAL B 76 9.83 0.47 -0.59
N TYR B 77 9.80 0.90 0.66
CA TYR B 77 11.02 1.40 1.32
C TYR B 77 12.09 0.31 1.39
N LYS B 78 11.66 -0.95 1.47
CA LYS B 78 12.58 -2.08 1.54
C LYS B 78 13.14 -2.50 0.19
N LEU B 79 12.32 -2.49 -0.86
CA LEU B 79 12.80 -2.91 -2.17
C LEU B 79 13.64 -1.83 -2.84
N VAL B 80 13.31 -0.57 -2.60
CA VAL B 80 13.91 0.56 -3.33
C VAL B 80 15.06 1.10 -2.48
N PRO B 81 16.30 0.95 -2.91
CA PRO B 81 17.44 1.26 -2.03
C PRO B 81 17.55 2.73 -1.74
N GLY B 82 17.61 3.07 -0.46
CA GLY B 82 17.82 4.45 -0.06
C GLY B 82 16.69 5.38 -0.37
N LEU B 83 15.53 4.85 -0.73
CA LEU B 83 14.37 5.70 -0.94
C LEU B 83 13.95 6.35 0.36
N PHE B 84 13.92 5.56 1.43
CA PHE B 84 13.61 6.08 2.76
C PHE B 84 14.65 7.10 3.23
N LYS B 85 15.95 6.84 3.04
CA LYS B 85 16.93 7.89 3.32
C LYS B 85 16.59 9.15 2.55
N ASN B 86 16.34 9.00 1.25
CA ASN B 86 16.15 10.15 0.39
C ASN B 86 14.92 10.93 0.82
N GLU B 87 13.83 10.24 1.08
CA GLU B 87 12.59 10.91 1.41
C GLU B 87 12.68 11.57 2.78
N MET B 88 13.29 10.88 3.76
CA MET B 88 13.43 11.49 5.07
C MET B 88 14.37 12.69 5.01
N LYS B 89 15.46 12.57 4.26
CA LYS B 89 16.36 13.71 4.18
C LYS B 89 15.65 14.91 3.56
N ARG B 90 14.82 14.68 2.54
CA ARG B 90 14.04 15.76 1.93
C ARG B 90 13.20 16.52 2.94
N ARG B 91 12.60 15.82 3.90
CA ARG B 91 11.72 16.46 4.86
C ARG B 91 12.50 17.28 5.89
N ARG B 92 13.62 16.74 6.40
CA ARG B 92 14.47 17.54 7.28
C ARG B 92 14.91 18.82 6.58
N ASP B 93 15.44 18.69 5.36
CA ASP B 93 15.92 19.85 4.62
C ASP B 93 14.85 20.91 4.59
N PHE B 94 13.60 20.48 4.39
CA PHE B 94 12.51 21.44 4.28
C PHE B 94 12.35 22.19 5.59
N TYR B 95 12.19 21.46 6.70
CA TYR B 95 11.96 22.09 7.98
C TYR B 95 13.20 22.78 8.52
N ALA B 96 14.37 22.54 7.92
CA ALA B 96 15.53 23.36 8.22
C ALA B 96 15.44 24.72 7.55
N ALA B 97 14.61 24.85 6.51
CA ALA B 97 14.40 26.10 5.82
C ALA B 97 13.09 26.77 6.20
N HIS B 98 12.22 26.10 6.93
CA HIS B 98 10.90 26.64 7.28
C HIS B 98 10.54 26.29 8.71
N PRO B 99 11.17 26.95 9.70
CA PRO B 99 10.76 26.78 11.12
C PRO B 99 9.84 27.89 11.65
N THR A 9 -8.74 13.47 10.21
CA THR A 9 -8.51 14.47 9.17
C THR A 9 -7.21 14.22 8.45
N TRP A 10 -7.20 14.59 7.17
CA TRP A 10 -6.08 14.41 6.26
C TRP A 10 -5.48 15.75 5.91
N GLU A 11 -5.11 16.52 6.93
CA GLU A 11 -4.52 17.83 6.69
C GLU A 11 -3.05 17.63 6.27
N LEU A 12 -2.62 18.30 5.19
CA LEU A 12 -1.26 18.13 4.69
C LEU A 12 -0.33 19.14 5.36
N SER A 13 0.75 18.65 5.97
CA SER A 13 1.74 19.52 6.61
C SER A 13 2.42 20.38 5.57
N LEU A 14 3.14 21.41 6.05
CA LEU A 14 3.90 22.24 5.12
C LEU A 14 4.76 21.41 4.19
N TYR A 15 5.46 20.42 4.74
CA TYR A 15 6.25 19.54 3.89
C TYR A 15 5.37 18.89 2.83
N GLU A 16 4.31 18.20 3.26
CA GLU A 16 3.46 17.49 2.31
C GLU A 16 2.84 18.42 1.29
N LEU A 17 2.57 19.67 1.68
CA LEU A 17 1.94 20.59 0.76
C LEU A 17 2.82 20.84 -0.45
N GLN A 18 4.10 21.09 -0.24
CA GLN A 18 5.02 21.32 -1.33
C GLN A 18 5.95 20.14 -1.70
N ARG A 19 5.71 18.91 -1.22
CA ARG A 19 6.62 17.82 -1.59
C ARG A 19 6.59 17.56 -3.10
N THR A 20 7.70 17.07 -3.61
CA THR A 20 7.94 16.74 -5.01
C THR A 20 7.92 15.23 -5.24
N PRO A 21 7.78 14.79 -6.48
CA PRO A 21 7.93 13.37 -6.77
C PRO A 21 9.27 12.84 -6.31
N GLN A 22 9.26 11.56 -5.90
CA GLN A 22 10.46 10.75 -5.67
C GLN A 22 10.74 10.00 -6.96
N GLU A 23 11.72 10.48 -7.74
CA GLU A 23 11.97 9.96 -9.08
C GLU A 23 12.24 8.46 -9.06
N ALA A 24 11.62 7.75 -9.98
CA ALA A 24 11.82 6.32 -10.08
C ALA A 24 13.13 6.00 -10.79
N ILE A 25 13.45 4.71 -10.82
CA ILE A 25 14.73 4.24 -11.35
C ILE A 25 14.49 3.48 -12.66
N THR A 26 14.96 4.07 -13.77
CA THR A 26 15.00 3.50 -15.12
C THR A 26 16.37 2.86 -15.44
N ASP A 27 17.33 3.05 -14.55
CA ASP A 27 18.69 2.57 -14.70
C ASP A 27 18.78 1.06 -14.92
N GLY A 28 17.84 0.27 -14.39
CA GLY A 28 17.96 -1.17 -14.53
C GLY A 28 18.91 -1.80 -13.54
N LEU A 29 18.88 -1.32 -12.30
CA LEU A 29 19.53 -2.01 -11.21
C LEU A 29 18.71 -3.25 -10.85
N GLU A 30 19.34 -4.21 -10.21
CA GLU A 30 18.66 -5.43 -9.78
C GLU A 30 18.75 -5.59 -8.26
N ILE A 31 17.65 -5.95 -7.64
CA ILE A 31 17.63 -6.16 -6.19
C ILE A 31 17.60 -7.65 -5.95
N VAL A 32 18.20 -8.08 -4.84
CA VAL A 32 18.24 -9.49 -4.46
C VAL A 32 17.26 -9.72 -3.31
N VAL A 33 16.47 -10.78 -3.42
CA VAL A 33 15.33 -11.00 -2.52
C VAL A 33 15.21 -12.50 -2.21
N SER A 34 15.44 -12.86 -0.95
CA SER A 34 15.27 -14.21 -0.42
C SER A 34 13.83 -14.46 0.06
N PRO A 35 13.42 -15.74 0.21
CA PRO A 35 12.09 -16.02 0.81
C PRO A 35 11.95 -15.52 2.24
N ARG A 36 13.07 -15.22 2.89
CA ARG A 36 13.12 -14.65 4.24
C ARG A 36 13.03 -13.13 4.21
N SER A 37 13.66 -12.52 3.21
CA SER A 37 13.62 -11.07 3.09
C SER A 37 12.21 -10.62 2.74
N LEU A 38 11.76 -9.51 3.36
CA LEU A 38 10.39 -9.02 3.30
C LEU A 38 9.36 -10.00 3.85
N HIS A 39 9.75 -11.01 4.62
CA HIS A 39 8.77 -12.03 4.97
C HIS A 39 7.74 -11.48 5.95
N SER A 40 8.11 -10.48 6.74
CA SER A 40 7.16 -9.93 7.70
C SER A 40 5.91 -9.40 7.01
N GLU A 41 6.02 -9.01 5.74
CA GLU A 41 4.94 -8.33 5.02
C GLU A 41 4.19 -9.26 4.09
N LEU A 42 4.75 -10.43 3.78
CA LEU A 42 4.20 -11.30 2.77
C LEU A 42 3.59 -12.57 3.34
N MET A 43 3.68 -12.78 4.65
CA MET A 43 3.24 -14.02 5.25
C MET A 43 1.85 -13.78 5.86
N CYS A 44 0.92 -14.62 5.47
CA CYS A 44 -0.35 -14.73 6.14
C CYS A 44 -0.12 -15.17 7.59
N PRO A 45 -0.47 -14.36 8.59
CA PRO A 45 -0.21 -14.77 9.98
C PRO A 45 -1.06 -15.95 10.44
N ILE A 46 -1.82 -16.54 9.52
CA ILE A 46 -2.64 -17.72 9.79
C ILE A 46 -1.77 -18.92 9.49
N CYS A 47 -1.26 -18.99 8.25
CA CYS A 47 -0.57 -20.16 7.75
C CYS A 47 0.93 -19.98 7.55
N LEU A 48 1.47 -18.78 7.71
CA LEU A 48 2.92 -18.58 7.77
C LEU A 48 3.65 -19.16 6.56
N ASP A 49 2.98 -19.20 5.42
CA ASP A 49 3.52 -19.39 4.08
C ASP A 49 3.19 -18.15 3.25
N MET A 50 3.41 -18.25 1.95
CA MET A 50 3.13 -17.13 1.05
C MET A 50 1.64 -16.91 0.86
N LEU A 51 1.26 -15.63 0.76
CA LEU A 51 -0.13 -15.31 0.50
C LEU A 51 -0.56 -15.86 -0.85
N LYS A 52 -1.59 -16.70 -0.82
CA LYS A 52 -2.29 -17.20 -2.00
C LYS A 52 -3.74 -16.70 -1.90
N ASN A 53 -4.28 -16.23 -3.02
CA ASN A 53 -5.59 -15.60 -3.05
C ASN A 53 -5.79 -14.61 -1.90
N THR A 54 -5.21 -13.42 -2.03
CA THR A 54 -5.15 -12.49 -0.92
C THR A 54 -6.51 -11.83 -0.68
N MET A 55 -6.75 -11.51 0.59
CA MET A 55 -7.93 -10.78 1.03
C MET A 55 -7.47 -9.64 1.90
N THR A 56 -8.21 -8.55 1.90
CA THR A 56 -7.85 -7.40 2.71
C THR A 56 -9.07 -6.90 3.45
N THR A 57 -8.88 -6.48 4.70
CA THR A 57 -9.96 -5.88 5.47
C THR A 57 -10.05 -4.40 5.14
N LYS A 58 -11.27 -3.92 4.87
CA LYS A 58 -11.48 -2.55 4.42
C LYS A 58 -11.32 -1.54 5.55
N GLU A 59 -11.45 -1.95 6.79
CA GLU A 59 -11.36 -1.01 7.90
C GLU A 59 -9.92 -0.75 8.31
N CYS A 60 -9.01 -1.65 7.98
CA CYS A 60 -7.65 -1.62 8.50
C CYS A 60 -6.59 -2.07 7.49
N LEU A 61 -6.97 -2.48 6.28
CA LEU A 61 -6.03 -2.82 5.23
C LEU A 61 -5.03 -3.87 5.70
N HIS A 62 -5.58 -5.02 6.10
CA HIS A 62 -4.77 -6.15 6.52
C HIS A 62 -5.04 -7.30 5.55
N ARG A 63 -3.97 -7.95 5.13
CA ARG A 63 -4.05 -8.97 4.08
C ARG A 63 -4.00 -10.37 4.68
N PHE A 64 -4.83 -11.27 4.14
CA PHE A 64 -4.83 -12.68 4.53
C PHE A 64 -5.18 -13.52 3.31
N CYS A 65 -5.04 -14.84 3.45
CA CYS A 65 -5.45 -15.75 2.40
C CYS A 65 -6.97 -15.85 2.33
N ALA A 66 -7.50 -15.90 1.11
CA ALA A 66 -8.94 -16.07 0.90
C ALA A 66 -9.40 -17.38 1.55
N ASP A 67 -8.65 -18.45 1.29
CA ASP A 67 -8.96 -19.75 1.86
C ASP A 67 -8.71 -19.78 3.37
N CYS A 68 -7.75 -18.98 3.87
CA CYS A 68 -7.45 -19.03 5.29
C CYS A 68 -8.36 -18.16 6.14
N ILE A 69 -8.73 -16.97 5.69
CA ILE A 69 -9.48 -16.06 6.58
C ILE A 69 -10.90 -16.55 6.94
N ILE A 70 -11.47 -17.41 6.12
CA ILE A 70 -12.82 -17.90 6.37
C ILE A 70 -12.92 -18.67 7.70
N THR A 71 -11.84 -19.32 8.10
CA THR A 71 -11.85 -20.12 9.31
C THR A 71 -11.56 -19.31 10.57
N ALA A 72 -10.90 -18.14 10.49
CA ALA A 72 -10.61 -17.36 11.69
C ALA A 72 -11.82 -16.55 12.14
N LEU A 73 -12.64 -16.15 11.18
CA LEU A 73 -13.88 -15.49 11.51
C LEU A 73 -14.91 -16.57 11.88
N ARG A 74 -14.73 -17.77 11.29
CA ARG A 74 -15.61 -18.91 11.55
C ARG A 74 -15.50 -19.43 12.99
N SER A 75 -14.45 -19.06 13.72
CA SER A 75 -14.23 -19.61 15.06
C SER A 75 -14.62 -18.59 16.13
N GLY A 76 -15.45 -17.62 15.76
CA GLY A 76 -16.27 -16.90 16.70
C GLY A 76 -15.76 -15.59 17.23
N ASN A 77 -14.78 -14.95 16.58
CA ASN A 77 -14.32 -13.74 17.23
C ASN A 77 -14.71 -12.46 16.49
N LYS A 78 -15.04 -12.56 15.20
CA LYS A 78 -15.50 -11.44 14.35
C LYS A 78 -14.72 -10.13 14.47
N GLU A 79 -13.43 -10.24 14.75
CA GLU A 79 -12.53 -9.10 14.77
C GLU A 79 -11.39 -9.36 13.78
N CYS A 80 -10.57 -8.33 13.53
CA CYS A 80 -9.42 -8.54 12.66
C CYS A 80 -8.32 -9.30 13.38
N PRO A 81 -7.91 -10.47 12.89
CA PRO A 81 -6.91 -11.29 13.61
C PRO A 81 -5.62 -10.56 13.93
N THR A 82 -5.40 -9.37 13.36
CA THR A 82 -4.13 -8.66 13.48
C THR A 82 -4.21 -7.52 14.49
N CYS A 83 -5.16 -6.60 14.30
CA CYS A 83 -5.30 -5.43 15.15
C CYS A 83 -6.48 -5.53 16.10
N ARG A 84 -7.19 -6.66 16.08
CA ARG A 84 -8.22 -6.97 17.06
C ARG A 84 -9.30 -5.88 17.04
N LYS A 85 -9.85 -5.67 15.85
CA LYS A 85 -10.89 -4.66 15.66
C LYS A 85 -12.10 -5.30 15.01
N LYS A 86 -13.30 -4.91 15.48
CA LYS A 86 -14.53 -5.56 15.04
C LYS A 86 -14.67 -5.43 13.55
N LEU A 87 -14.82 -6.56 12.88
CA LEU A 87 -14.95 -6.58 11.46
C LEU A 87 -16.44 -6.59 11.11
N VAL A 88 -16.93 -5.42 10.74
CA VAL A 88 -18.33 -5.23 10.41
C VAL A 88 -18.69 -5.87 9.07
N SER A 89 -19.92 -6.42 8.99
CA SER A 89 -20.47 -6.98 7.75
C SER A 89 -19.60 -8.03 7.10
N LYS A 90 -19.92 -8.27 5.82
CA LYS A 90 -19.18 -9.18 4.98
C LYS A 90 -18.56 -8.42 3.81
N ARG A 91 -19.09 -7.22 3.51
CA ARG A 91 -18.46 -6.42 2.46
C ARG A 91 -17.14 -5.80 2.95
N SER A 92 -16.76 -5.99 4.21
CA SER A 92 -15.42 -5.60 4.64
C SER A 92 -14.34 -6.48 4.08
N LEU A 93 -14.61 -7.46 3.22
CA LEU A 93 -13.53 -8.33 2.72
C LEU A 93 -13.47 -8.30 1.20
N ARG A 94 -12.38 -7.79 0.63
CA ARG A 94 -12.33 -7.82 -0.82
C ARG A 94 -11.11 -8.61 -1.28
N PRO A 95 -11.25 -9.42 -2.33
CA PRO A 95 -10.06 -10.06 -2.89
C PRO A 95 -9.16 -9.00 -3.48
N ASP A 96 -7.84 -9.25 -3.41
CA ASP A 96 -6.86 -8.24 -3.80
C ASP A 96 -6.07 -8.61 -5.05
N PRO A 97 -6.62 -8.39 -6.25
CA PRO A 97 -5.91 -8.82 -7.45
C PRO A 97 -4.63 -8.06 -7.69
N ASN A 98 -4.61 -6.74 -7.41
CA ASN A 98 -3.37 -5.98 -7.59
C ASN A 98 -2.26 -6.48 -6.67
N PHE A 99 -2.61 -7.13 -5.56
CA PHE A 99 -1.62 -7.73 -4.66
C PHE A 99 -1.17 -9.11 -5.12
N ASP A 100 -2.08 -9.95 -5.58
CA ASP A 100 -1.62 -11.22 -6.14
C ASP A 100 -0.81 -10.99 -7.40
N ALA A 101 -1.13 -9.94 -8.15
CA ALA A 101 -0.31 -9.56 -9.29
C ALA A 101 1.16 -9.45 -8.91
N LEU A 102 1.42 -9.08 -7.65
CA LEU A 102 2.76 -8.86 -7.11
C LEU A 102 3.43 -10.15 -6.66
N ILE A 103 2.66 -11.08 -6.09
CA ILE A 103 3.21 -12.35 -5.68
C ILE A 103 3.76 -13.13 -6.87
N SER A 104 3.03 -13.12 -7.99
CA SER A 104 3.40 -13.88 -9.17
C SER A 104 4.78 -13.53 -9.71
N LYS A 105 5.37 -12.44 -9.24
CA LYS A 105 6.70 -12.05 -9.65
C LYS A 105 7.79 -12.69 -8.80
N ILE A 106 7.42 -13.30 -7.68
CA ILE A 106 8.39 -13.74 -6.68
C ILE A 106 8.07 -15.17 -6.26
N TYR A 107 8.24 -16.12 -7.17
CA TYR A 107 7.92 -17.51 -6.85
C TYR A 107 8.63 -18.01 -5.60
N PRO A 108 9.91 -17.63 -5.32
CA PRO A 108 10.50 -17.95 -4.01
C PRO A 108 10.70 -16.72 -3.14
N THR B 1 16.02 -17.52 -3.47
CA THR B 1 16.47 -16.14 -3.68
C THR B 1 16.71 -15.83 -5.17
N THR B 2 16.20 -14.68 -5.61
CA THR B 2 16.36 -14.25 -6.98
C THR B 2 16.78 -12.79 -7.01
N ARG B 3 17.29 -12.39 -8.18
CA ARG B 3 17.62 -11.01 -8.48
C ARG B 3 16.60 -10.54 -9.50
N ILE B 4 16.04 -9.35 -9.31
CA ILE B 4 14.98 -8.88 -10.19
C ILE B 4 15.36 -7.50 -10.72
N LYS B 5 15.20 -7.28 -12.04
CA LYS B 5 15.33 -5.93 -12.57
C LYS B 5 14.19 -5.08 -12.02
N ILE B 6 14.52 -3.92 -11.45
CA ILE B 6 13.55 -3.03 -10.80
C ILE B 6 12.59 -2.40 -11.79
N THR B 7 12.99 -2.33 -13.05
CA THR B 7 12.09 -1.88 -14.09
C THR B 7 10.86 -2.79 -14.19
N GLU B 8 10.98 -4.05 -13.71
CA GLU B 8 9.87 -5.01 -13.61
C GLU B 8 8.92 -4.73 -12.46
N LEU B 9 9.38 -4.08 -11.39
CA LEU B 9 8.56 -3.81 -10.21
C LEU B 9 7.96 -2.41 -10.20
N ASN B 10 8.62 -1.44 -10.82
CA ASN B 10 8.18 -0.05 -10.86
C ASN B 10 6.68 0.12 -11.11
N PRO B 11 6.04 -0.64 -11.99
CA PRO B 11 4.58 -0.57 -12.02
C PRO B 11 3.93 -0.82 -10.65
N HIS B 12 4.35 -1.84 -9.92
CA HIS B 12 3.68 -2.15 -8.66
C HIS B 12 4.04 -1.22 -7.53
N LEU B 13 5.00 -0.29 -7.75
CA LEU B 13 5.57 0.54 -6.69
C LEU B 13 5.46 2.03 -7.00
N MET B 14 4.59 2.45 -7.92
CA MET B 14 4.60 3.83 -8.38
C MET B 14 3.18 4.40 -8.39
N CYS B 15 3.10 5.68 -8.04
CA CYS B 15 1.90 6.49 -8.01
C CYS B 15 1.60 7.05 -9.40
N VAL B 16 0.40 6.81 -9.90
CA VAL B 16 0.07 7.24 -11.24
C VAL B 16 -0.09 8.76 -11.36
N LEU B 17 -0.24 9.46 -10.27
CA LEU B 17 -0.28 10.92 -10.33
C LEU B 17 1.13 11.50 -10.29
N CYS B 18 1.97 10.98 -9.40
CA CYS B 18 3.30 11.50 -9.12
C CYS B 18 4.36 11.04 -10.12
N GLY B 19 4.10 9.98 -10.88
CA GLY B 19 5.05 9.39 -11.79
C GLY B 19 6.27 8.80 -11.11
N GLY B 20 6.21 8.71 -9.78
CA GLY B 20 7.34 8.25 -9.02
C GLY B 20 6.83 7.31 -7.95
N TYR B 21 7.76 6.86 -7.11
CA TYR B 21 7.45 5.89 -6.06
C TYR B 21 6.46 6.44 -5.03
N PHE B 22 5.80 5.50 -4.37
CA PHE B 22 4.86 5.86 -3.33
C PHE B 22 5.60 6.45 -2.14
N ILE B 23 5.15 7.61 -1.68
CA ILE B 23 5.61 8.14 -0.42
C ILE B 23 4.38 8.40 0.42
N ASP B 24 4.39 7.87 1.65
CA ASP B 24 3.21 7.82 2.50
C ASP B 24 2.03 7.18 1.76
N ALA B 25 2.21 5.92 1.38
CA ALA B 25 1.25 5.22 0.53
C ALA B 25 -0.15 5.17 1.15
N THR B 26 -1.16 5.46 0.33
CA THR B 26 -2.56 5.54 0.74
C THR B 26 -3.43 4.78 -0.25
N THR B 27 -4.51 4.18 0.26
CA THR B 27 -5.31 3.19 -0.45
C THR B 27 -6.79 3.52 -0.35
N ILE B 28 -7.49 3.46 -1.48
CA ILE B 28 -8.96 3.51 -1.49
C ILE B 28 -9.48 2.14 -1.08
N ILE B 29 -10.25 2.08 0.00
CA ILE B 29 -10.67 0.79 0.55
C ILE B 29 -11.83 0.16 -0.21
N GLU B 30 -12.20 0.71 -1.36
CA GLU B 30 -13.20 0.07 -2.22
C GLU B 30 -12.59 -0.79 -3.32
N CYS B 31 -11.69 -0.21 -4.11
CA CYS B 31 -11.07 -0.85 -5.26
C CYS B 31 -9.64 -1.30 -4.99
N LEU B 32 -9.09 -0.96 -3.82
CA LEU B 32 -7.71 -1.30 -3.49
C LEU B 32 -6.74 -0.73 -4.51
N HIS B 33 -6.96 0.52 -4.85
CA HIS B 33 -5.97 1.26 -5.63
C HIS B 33 -5.24 2.19 -4.68
N SER B 34 -3.99 2.51 -5.05
CA SER B 34 -3.10 3.16 -4.12
C SER B 34 -2.29 4.26 -4.78
N PHE B 35 -2.04 5.32 -4.01
CA PHE B 35 -1.41 6.54 -4.46
C PHE B 35 -0.67 7.10 -3.26
N CYS B 36 0.23 8.04 -3.50
CA CYS B 36 0.87 8.77 -2.42
C CYS B 36 -0.20 9.48 -1.60
N LYS B 37 0.07 9.63 -0.30
CA LYS B 37 -0.89 10.30 0.57
C LYS B 37 -1.29 11.66 0.02
N THR B 38 -0.29 12.47 -0.40
CA THR B 38 -0.58 13.82 -0.87
C THR B 38 -1.23 13.82 -2.23
N CYS B 39 -0.89 12.84 -3.07
CA CYS B 39 -1.40 12.83 -4.43
C CYS B 39 -2.91 12.66 -4.43
N ILE B 40 -3.40 11.69 -3.67
CA ILE B 40 -4.81 11.35 -3.67
C ILE B 40 -5.63 12.37 -2.87
N VAL B 41 -5.05 12.96 -1.83
CA VAL B 41 -5.79 13.96 -1.09
C VAL B 41 -6.07 15.15 -1.99
N ARG B 42 -5.07 15.60 -2.73
CA ARG B 42 -5.33 16.69 -3.68
C ARG B 42 -6.29 16.24 -4.76
N TYR B 43 -6.15 15.00 -5.24
CA TYR B 43 -7.10 14.53 -6.25
C TYR B 43 -8.52 14.56 -5.70
N LEU B 44 -8.74 13.96 -4.54
CA LEU B 44 -10.10 13.87 -4.02
C LEU B 44 -10.67 15.21 -3.64
N GLU B 45 -9.89 16.29 -3.73
CA GLU B 45 -10.44 17.62 -3.55
C GLU B 45 -11.32 18.05 -4.70
N THR B 46 -11.32 17.28 -5.81
CA THR B 46 -12.03 17.63 -7.03
C THR B 46 -12.76 16.44 -7.67
N SER B 47 -12.61 15.23 -7.13
CA SER B 47 -13.36 14.10 -7.64
C SER B 47 -13.72 13.17 -6.50
N LYS B 48 -14.90 12.56 -6.60
CA LYS B 48 -15.30 11.51 -5.66
C LYS B 48 -15.15 10.12 -6.25
N TYR B 49 -14.35 9.99 -7.32
CA TYR B 49 -14.16 8.76 -8.09
C TYR B 49 -12.66 8.45 -8.27
N CYS B 50 -12.31 7.15 -8.30
CA CYS B 50 -10.91 6.70 -8.42
C CYS B 50 -10.25 7.23 -9.69
N PRO B 51 -9.02 7.68 -9.61
CA PRO B 51 -8.33 8.15 -10.83
C PRO B 51 -8.10 7.07 -11.87
N ILE B 52 -8.10 5.80 -11.47
CA ILE B 52 -7.74 4.74 -12.40
C ILE B 52 -8.98 3.91 -12.72
N CYS B 53 -9.50 3.16 -11.75
CA CYS B 53 -10.62 2.31 -12.12
C CYS B 53 -11.86 3.13 -12.39
N ASP B 54 -12.00 4.30 -11.76
CA ASP B 54 -13.10 5.26 -11.94
C ASP B 54 -14.36 4.90 -11.13
N VAL B 55 -14.25 4.13 -10.03
CA VAL B 55 -15.37 3.93 -9.09
C VAL B 55 -15.62 5.18 -8.25
N GLN B 56 -16.85 5.26 -7.70
CA GLN B 56 -17.23 6.31 -6.77
C GLN B 56 -16.75 5.98 -5.38
N VAL B 57 -15.87 6.83 -4.82
CA VAL B 57 -15.25 6.61 -3.50
C VAL B 57 -16.27 6.82 -2.40
N HIS B 58 -17.22 7.71 -2.63
CA HIS B 58 -18.26 8.08 -1.69
C HIS B 58 -19.21 9.01 -2.44
N LYS B 59 -20.47 9.07 -2.00
CA LYS B 59 -21.35 10.08 -2.62
C LYS B 59 -20.93 11.48 -2.19
N THR B 60 -20.41 11.64 -0.96
CA THR B 60 -20.26 12.94 -0.33
C THR B 60 -18.85 13.26 0.21
N ARG B 61 -18.32 12.41 1.11
CA ARG B 61 -17.02 12.66 1.73
C ARG B 61 -16.02 11.60 1.27
N PRO B 62 -15.29 11.84 0.17
CA PRO B 62 -14.40 10.79 -0.34
C PRO B 62 -13.34 10.36 0.67
N LEU B 63 -12.76 11.31 1.43
CA LEU B 63 -11.70 10.97 2.38
C LEU B 63 -12.15 9.94 3.41
N LEU B 64 -13.45 9.66 3.46
CA LEU B 64 -13.97 8.70 4.42
C LEU B 64 -13.52 7.29 4.09
N ASN B 65 -13.21 7.03 2.82
CA ASN B 65 -13.00 5.65 2.38
C ASN B 65 -11.60 5.46 1.77
N ILE B 66 -10.60 6.05 2.40
CA ILE B 66 -9.20 5.83 2.07
C ILE B 66 -8.43 5.65 3.35
N ARG B 67 -7.45 4.76 3.36
CA ARG B 67 -6.62 4.49 4.52
C ARG B 67 -5.14 4.50 4.15
N SER B 68 -4.29 4.85 5.12
CA SER B 68 -2.86 4.59 4.95
C SER B 68 -2.63 3.11 4.68
N ASP B 69 -1.67 2.82 3.80
CA ASP B 69 -1.22 1.46 3.52
C ASP B 69 0.22 1.38 3.96
N LYS B 70 0.43 1.14 5.24
CA LYS B 70 1.79 1.00 5.71
C LYS B 70 2.38 -0.31 5.23
N THR B 71 1.54 -1.36 5.11
CA THR B 71 2.01 -2.63 4.57
C THR B 71 2.59 -2.42 3.18
N LEU B 72 1.91 -1.64 2.36
CA LEU B 72 2.41 -1.39 1.02
C LEU B 72 3.62 -0.46 1.04
N GLN B 73 3.59 0.61 1.84
CA GLN B 73 4.71 1.55 1.88
C GLN B 73 5.99 0.90 2.37
N ASP B 74 5.88 -0.11 3.24
CA ASP B 74 7.06 -0.76 3.75
C ASP B 74 7.73 -1.61 2.68
N ILE B 75 6.92 -2.25 1.83
CA ILE B 75 7.43 -3.02 0.71
C ILE B 75 8.23 -2.13 -0.23
N VAL B 76 7.78 -0.89 -0.41
CA VAL B 76 8.49 0.03 -1.28
C VAL B 76 9.82 0.42 -0.67
N TYR B 77 9.82 0.82 0.60
CA TYR B 77 11.04 1.29 1.26
C TYR B 77 12.10 0.19 1.29
N LYS B 78 11.66 -1.08 1.34
CA LYS B 78 12.57 -2.23 1.38
C LYS B 78 13.11 -2.60 0.01
N LEU B 79 12.29 -2.56 -1.03
CA LEU B 79 12.74 -2.94 -2.36
C LEU B 79 13.61 -1.87 -3.00
N VAL B 80 13.28 -0.61 -2.73
CA VAL B 80 13.88 0.53 -3.43
C VAL B 80 15.05 1.04 -2.57
N PRO B 81 16.28 0.88 -3.02
CA PRO B 81 17.43 1.15 -2.15
C PRO B 81 17.57 2.62 -1.83
N GLY B 82 17.64 2.93 -0.53
CA GLY B 82 17.87 4.28 -0.10
C GLY B 82 16.76 5.24 -0.38
N LEU B 83 15.58 4.73 -0.74
CA LEU B 83 14.42 5.60 -0.93
C LEU B 83 14.03 6.22 0.40
N PHE B 84 13.99 5.42 1.45
CA PHE B 84 13.70 5.91 2.79
C PHE B 84 14.76 6.91 3.28
N LYS B 85 16.06 6.63 3.07
CA LYS B 85 17.05 7.66 3.36
C LYS B 85 16.71 8.94 2.64
N ASN B 86 16.46 8.82 1.34
CA ASN B 86 16.27 10.00 0.50
C ASN B 86 15.06 10.79 0.96
N GLU B 87 13.97 10.09 1.23
CA GLU B 87 12.74 10.77 1.58
C GLU B 87 12.84 11.40 2.96
N MET B 88 13.44 10.68 3.92
CA MET B 88 13.61 11.26 5.24
C MET B 88 14.56 12.44 5.20
N LYS B 89 15.64 12.34 4.44
CA LYS B 89 16.56 13.46 4.37
C LYS B 89 15.86 14.68 3.79
N ARG B 90 15.01 14.48 2.77
CA ARG B 90 14.24 15.60 2.19
C ARG B 90 13.41 16.34 3.24
N ARG B 91 12.82 15.62 4.18
CA ARG B 91 11.95 16.25 5.17
C ARG B 91 12.76 17.03 6.21
N ARG B 92 13.88 16.47 6.70
CA ARG B 92 14.75 17.23 7.59
C ARG B 92 15.19 18.53 6.92
N ASP B 93 15.71 18.42 5.69
CA ASP B 93 16.19 19.59 4.98
C ASP B 93 15.13 20.66 4.98
N PHE B 94 13.87 20.25 4.78
CA PHE B 94 12.80 21.23 4.71
C PHE B 94 12.67 21.95 6.03
N TYR B 95 12.51 21.19 7.12
CA TYR B 95 12.29 21.79 8.42
C TYR B 95 13.54 22.45 8.97
N ALA B 96 14.70 22.23 8.36
CA ALA B 96 15.87 23.01 8.66
C ALA B 96 15.79 24.39 8.03
N ALA B 97 14.97 24.55 7.00
CA ALA B 97 14.76 25.83 6.34
C ALA B 97 13.47 26.51 6.75
N HIS B 98 12.59 25.82 7.48
CA HIS B 98 11.28 26.38 7.84
C HIS B 98 10.92 26.00 9.27
N PRO B 99 11.58 26.60 10.28
CA PRO B 99 11.18 26.42 11.69
C PRO B 99 10.27 27.52 12.26
N THR A 9 -8.93 13.41 10.15
CA THR A 9 -8.67 14.42 9.13
C THR A 9 -7.35 14.18 8.43
N TRP A 10 -7.33 14.56 7.16
CA TRP A 10 -6.19 14.38 6.28
C TRP A 10 -5.57 15.73 5.95
N GLU A 11 -5.22 16.49 6.97
CA GLU A 11 -4.63 17.80 6.75
C GLU A 11 -3.15 17.61 6.37
N LEU A 12 -2.70 18.28 5.31
CA LEU A 12 -1.32 18.11 4.83
C LEU A 12 -0.41 19.12 5.52
N SER A 13 0.66 18.63 6.15
CA SER A 13 1.63 19.48 6.83
C SER A 13 2.33 20.36 5.81
N LEU A 14 3.05 21.39 6.31
CA LEU A 14 3.82 22.23 5.40
C LEU A 14 4.69 21.40 4.48
N TYR A 15 5.38 20.39 5.05
CA TYR A 15 6.20 19.52 4.20
C TYR A 15 5.34 18.89 3.11
N GLU A 16 4.27 18.19 3.52
CA GLU A 16 3.43 17.49 2.55
C GLU A 16 2.85 18.44 1.52
N LEU A 17 2.57 19.67 1.91
CA LEU A 17 1.95 20.60 0.99
C LEU A 17 2.86 20.87 -0.20
N GLN A 18 4.14 21.11 0.04
CA GLN A 18 5.08 21.35 -1.03
C GLN A 18 6.01 20.18 -1.40
N ARG A 19 5.77 18.94 -0.93
CA ARG A 19 6.68 17.85 -1.29
C ARG A 19 6.68 17.61 -2.79
N THR A 20 7.81 17.12 -3.30
CA THR A 20 8.08 16.79 -4.69
C THR A 20 8.05 15.29 -4.93
N PRO A 21 7.95 14.86 -6.18
CA PRO A 21 8.10 13.45 -6.47
C PRO A 21 9.43 12.90 -5.98
N GLN A 22 9.41 11.63 -5.59
CA GLN A 22 10.61 10.82 -5.34
C GLN A 22 10.90 10.08 -6.64
N GLU A 23 11.90 10.55 -7.38
CA GLU A 23 12.19 10.05 -8.72
C GLU A 23 12.46 8.55 -8.71
N ALA A 24 11.86 7.85 -9.65
CA ALA A 24 12.06 6.42 -9.76
C ALA A 24 13.39 6.11 -10.44
N ILE A 25 13.71 4.82 -10.48
CA ILE A 25 14.99 4.36 -10.98
C ILE A 25 14.78 3.60 -12.29
N THR A 26 15.27 4.20 -13.39
CA THR A 26 15.35 3.64 -14.75
C THR A 26 16.71 3.00 -15.04
N ASP A 27 17.66 3.18 -14.13
CA ASP A 27 19.02 2.71 -14.26
C ASP A 27 19.12 1.20 -14.49
N GLY A 28 18.17 0.41 -13.98
CA GLY A 28 18.28 -1.04 -14.13
C GLY A 28 19.22 -1.67 -13.13
N LEU A 29 19.17 -1.21 -11.89
CA LEU A 29 19.78 -1.91 -10.79
C LEU A 29 18.95 -3.15 -10.45
N GLU A 30 19.57 -4.11 -9.80
CA GLU A 30 18.88 -5.33 -9.40
C GLU A 30 18.95 -5.50 -7.89
N ILE A 31 17.83 -5.87 -7.28
CA ILE A 31 17.77 -6.09 -5.84
C ILE A 31 17.75 -7.59 -5.61
N VAL A 32 18.33 -8.02 -4.50
CA VAL A 32 18.36 -9.44 -4.11
C VAL A 32 17.35 -9.68 -2.99
N VAL A 33 16.56 -10.74 -3.13
CA VAL A 33 15.41 -10.97 -2.25
C VAL A 33 15.28 -12.46 -1.96
N SER A 34 15.47 -12.84 -0.70
CA SER A 34 15.30 -14.20 -0.18
C SER A 34 13.84 -14.45 0.25
N PRO A 35 13.43 -15.73 0.39
CA PRO A 35 12.09 -16.00 0.96
C PRO A 35 11.92 -15.52 2.40
N ARG A 36 13.03 -15.23 3.08
CA ARG A 36 13.04 -14.67 4.42
C ARG A 36 12.96 -13.16 4.40
N SER A 37 13.61 -12.53 3.42
CA SER A 37 13.58 -11.08 3.31
C SER A 37 12.17 -10.61 2.93
N LEU A 38 11.71 -9.52 3.56
CA LEU A 38 10.33 -9.03 3.46
C LEU A 38 9.29 -10.01 3.99
N HIS A 39 9.68 -11.03 4.76
CA HIS A 39 8.68 -12.05 5.09
C HIS A 39 7.64 -11.51 6.03
N SER A 40 7.99 -10.51 6.85
CA SER A 40 7.01 -9.97 7.79
C SER A 40 5.78 -9.42 7.09
N GLU A 41 5.91 -9.03 5.82
CA GLU A 41 4.86 -8.35 5.08
C GLU A 41 4.12 -9.27 4.13
N LEU A 42 4.69 -10.43 3.82
CA LEU A 42 4.16 -11.30 2.78
C LEU A 42 3.54 -12.57 3.33
N MET A 43 3.60 -12.79 4.64
CA MET A 43 3.14 -14.04 5.24
C MET A 43 1.75 -13.80 5.81
N CYS A 44 0.82 -14.64 5.40
CA CYS A 44 -0.46 -14.75 6.04
C CYS A 44 -0.26 -15.20 7.48
N PRO A 45 -0.63 -14.40 8.48
CA PRO A 45 -0.40 -14.82 9.88
C PRO A 45 -1.26 -16.01 10.31
N ILE A 46 -2.01 -16.59 9.38
CA ILE A 46 -2.82 -17.76 9.61
C ILE A 46 -1.95 -18.97 9.32
N CYS A 47 -1.43 -19.03 8.09
CA CYS A 47 -0.71 -20.20 7.59
C CYS A 47 0.79 -20.02 7.43
N LEU A 48 1.32 -18.82 7.61
CA LEU A 48 2.77 -18.61 7.70
C LEU A 48 3.53 -19.19 6.51
N ASP A 49 2.88 -19.23 5.34
CA ASP A 49 3.46 -19.40 4.02
C ASP A 49 3.14 -18.15 3.20
N MET A 50 3.39 -18.24 1.90
CA MET A 50 3.13 -17.11 1.00
C MET A 50 1.64 -16.89 0.78
N LEU A 51 1.26 -15.62 0.68
CA LEU A 51 -0.12 -15.29 0.39
C LEU A 51 -0.53 -15.84 -0.97
N LYS A 52 -1.56 -16.67 -0.97
CA LYS A 52 -2.24 -17.15 -2.16
C LYS A 52 -3.67 -16.66 -2.09
N ASN A 53 -4.19 -16.17 -3.22
CA ASN A 53 -5.51 -15.55 -3.27
C ASN A 53 -5.73 -14.57 -2.11
N THR A 54 -5.15 -13.37 -2.23
CA THR A 54 -5.11 -12.46 -1.11
C THR A 54 -6.46 -11.80 -0.89
N MET A 55 -6.75 -11.50 0.38
CA MET A 55 -7.93 -10.76 0.80
C MET A 55 -7.48 -9.61 1.68
N THR A 56 -8.22 -8.53 1.67
CA THR A 56 -7.87 -7.39 2.49
C THR A 56 -9.12 -6.87 3.19
N THR A 57 -8.96 -6.46 4.45
CA THR A 57 -10.05 -5.87 5.19
C THR A 57 -10.12 -4.38 4.85
N LYS A 58 -11.33 -3.89 4.56
CA LYS A 58 -11.53 -2.51 4.11
C LYS A 58 -11.38 -1.50 5.24
N GLU A 59 -11.55 -1.92 6.47
CA GLU A 59 -11.49 -0.99 7.59
C GLU A 59 -10.07 -0.73 8.04
N CYS A 60 -9.14 -1.63 7.73
CA CYS A 60 -7.81 -1.62 8.29
C CYS A 60 -6.72 -2.08 7.31
N LEU A 61 -7.07 -2.48 6.10
CA LEU A 61 -6.10 -2.82 5.07
C LEU A 61 -5.13 -3.88 5.57
N HIS A 62 -5.69 -5.02 5.94
CA HIS A 62 -4.91 -6.15 6.38
C HIS A 62 -5.15 -7.30 5.41
N ARG A 63 -4.07 -7.96 5.01
CA ARG A 63 -4.13 -8.97 3.96
C ARG A 63 -4.10 -10.39 4.55
N PHE A 64 -4.92 -11.27 4.00
CA PHE A 64 -4.94 -12.68 4.37
C PHE A 64 -5.25 -13.52 3.14
N CYS A 65 -5.13 -14.83 3.29
CA CYS A 65 -5.52 -15.74 2.22
C CYS A 65 -7.03 -15.84 2.11
N ALA A 66 -7.53 -15.88 0.88
CA ALA A 66 -8.96 -16.04 0.63
C ALA A 66 -9.45 -17.35 1.26
N ASP A 67 -8.71 -18.42 1.00
CA ASP A 67 -9.05 -19.73 1.56
C ASP A 67 -8.83 -19.77 3.06
N CYS A 68 -7.85 -19.01 3.58
CA CYS A 68 -7.56 -19.06 5.00
C CYS A 68 -8.47 -18.18 5.85
N ILE A 69 -8.82 -16.99 5.41
CA ILE A 69 -9.56 -16.07 6.29
C ILE A 69 -10.96 -16.57 6.69
N ILE A 70 -11.57 -17.39 5.85
CA ILE A 70 -12.92 -17.89 6.13
C ILE A 70 -12.98 -18.71 7.43
N THR A 71 -11.88 -19.39 7.75
CA THR A 71 -11.85 -20.24 8.92
C THR A 71 -11.52 -19.49 10.23
N ALA A 72 -10.85 -18.32 10.15
CA ALA A 72 -10.52 -17.60 11.39
C ALA A 72 -11.70 -16.81 11.92
N LEU A 73 -12.56 -16.36 11.01
CA LEU A 73 -13.78 -15.71 11.42
C LEU A 73 -14.78 -16.79 11.82
N ARG A 74 -14.59 -18.01 11.26
CA ARG A 74 -15.45 -19.16 11.56
C ARG A 74 -15.30 -19.64 13.00
N SER A 75 -14.25 -19.24 13.72
CA SER A 75 -13.98 -19.72 15.07
C SER A 75 -14.39 -18.71 16.12
N GLY A 76 -15.23 -17.75 15.74
CA GLY A 76 -16.05 -17.03 16.67
C GLY A 76 -15.55 -15.69 17.16
N ASN A 77 -14.61 -15.05 16.48
CA ASN A 77 -14.16 -13.82 17.10
C ASN A 77 -14.59 -12.57 16.33
N LYS A 78 -14.93 -12.71 15.04
CA LYS A 78 -15.43 -11.62 14.17
C LYS A 78 -14.69 -10.28 14.28
N GLU A 79 -13.41 -10.34 14.56
CA GLU A 79 -12.55 -9.16 14.56
C GLU A 79 -11.41 -9.38 13.58
N CYS A 80 -10.62 -8.34 13.32
CA CYS A 80 -9.46 -8.50 12.44
C CYS A 80 -8.34 -9.21 13.18
N PRO A 81 -7.87 -10.38 12.70
CA PRO A 81 -6.86 -11.14 13.43
C PRO A 81 -5.59 -10.37 13.73
N THR A 82 -5.41 -9.18 13.15
CA THR A 82 -4.17 -8.42 13.27
C THR A 82 -4.30 -7.27 14.26
N CYS A 83 -5.28 -6.39 14.06
CA CYS A 83 -5.46 -5.22 14.90
C CYS A 83 -6.64 -5.36 15.85
N ARG A 84 -7.30 -6.52 15.85
CA ARG A 84 -8.31 -6.85 16.83
C ARG A 84 -9.43 -5.80 16.79
N LYS A 85 -10.00 -5.63 15.60
CA LYS A 85 -11.07 -4.66 15.41
C LYS A 85 -12.27 -5.35 14.77
N LYS A 86 -13.47 -5.00 15.22
CA LYS A 86 -14.68 -5.70 14.79
C LYS A 86 -14.82 -5.60 13.29
N LEU A 87 -14.94 -6.73 12.65
CA LEU A 87 -15.08 -6.77 11.22
C LEU A 87 -16.55 -6.75 10.88
N VAL A 88 -17.01 -5.60 10.43
CA VAL A 88 -18.41 -5.38 10.09
C VAL A 88 -18.72 -5.93 8.69
N SER A 89 -19.96 -6.43 8.53
CA SER A 89 -20.49 -6.89 7.25
C SER A 89 -19.65 -7.95 6.58
N LYS A 90 -20.01 -8.18 5.31
CA LYS A 90 -19.30 -9.10 4.44
C LYS A 90 -18.74 -8.35 3.26
N ARG A 91 -19.32 -7.18 2.92
CA ARG A 91 -18.74 -6.39 1.84
C ARG A 91 -17.46 -5.68 2.30
N SER A 92 -17.07 -5.81 3.57
CA SER A 92 -15.75 -5.33 3.97
C SER A 92 -14.62 -6.18 3.45
N LEU A 93 -14.84 -7.20 2.62
CA LEU A 93 -13.71 -8.01 2.15
C LEU A 93 -13.65 -8.05 0.64
N ARG A 94 -12.56 -7.58 0.04
CA ARG A 94 -12.51 -7.66 -1.41
C ARG A 94 -11.32 -8.51 -1.84
N PRO A 95 -11.48 -9.35 -2.86
CA PRO A 95 -10.33 -10.05 -3.40
C PRO A 95 -9.40 -9.03 -4.04
N ASP A 96 -8.08 -9.31 -3.98
CA ASP A 96 -7.06 -8.35 -4.38
C ASP A 96 -6.30 -8.78 -5.63
N PRO A 97 -6.85 -8.60 -6.82
CA PRO A 97 -6.15 -9.09 -8.02
C PRO A 97 -4.84 -8.36 -8.29
N ASN A 98 -4.78 -7.05 -8.07
CA ASN A 98 -3.53 -6.33 -8.26
C ASN A 98 -2.43 -6.83 -7.33
N PHE A 99 -2.79 -7.43 -6.20
CA PHE A 99 -1.82 -8.03 -5.29
C PHE A 99 -1.41 -9.44 -5.69
N ASP A 100 -2.36 -10.27 -6.12
CA ASP A 100 -1.93 -11.56 -6.64
C ASP A 100 -1.12 -11.40 -7.92
N ALA A 101 -1.42 -10.36 -8.70
CA ALA A 101 -0.59 -10.06 -9.85
C ALA A 101 0.88 -9.98 -9.48
N LEU A 102 1.17 -9.57 -8.24
CA LEU A 102 2.52 -9.37 -7.71
C LEU A 102 3.15 -10.67 -7.21
N ILE A 103 2.34 -11.55 -6.61
CA ILE A 103 2.87 -12.84 -6.15
C ILE A 103 3.38 -13.66 -7.32
N SER A 104 2.65 -13.66 -8.44
CA SER A 104 2.99 -14.47 -9.59
C SER A 104 4.37 -14.18 -10.15
N LYS A 105 5.01 -13.10 -9.72
CA LYS A 105 6.35 -12.76 -10.15
C LYS A 105 7.42 -13.41 -9.28
N ILE A 106 7.04 -13.97 -8.14
CA ILE A 106 7.99 -14.41 -7.13
C ILE A 106 7.64 -15.81 -6.65
N TYR A 107 7.78 -16.79 -7.54
CA TYR A 107 7.42 -18.16 -7.16
C TYR A 107 8.11 -18.64 -5.90
N PRO A 108 9.40 -18.29 -5.64
CA PRO A 108 9.99 -18.58 -4.32
C PRO A 108 10.23 -17.33 -3.49
N THR B 1 16.09 -17.47 -3.18
CA THR B 1 16.54 -16.09 -3.39
C THR B 1 16.81 -15.77 -4.85
N THR B 2 16.31 -14.62 -5.30
CA THR B 2 16.50 -14.17 -6.67
C THR B 2 16.94 -12.71 -6.68
N ARG B 3 17.46 -12.31 -7.84
CA ARG B 3 17.80 -10.93 -8.12
C ARG B 3 16.82 -10.44 -9.16
N ILE B 4 16.24 -9.26 -8.97
CA ILE B 4 15.21 -8.78 -9.87
C ILE B 4 15.60 -7.41 -10.39
N LYS B 5 15.46 -7.17 -11.70
CA LYS B 5 15.61 -5.81 -12.22
C LYS B 5 14.46 -4.97 -11.69
N ILE B 6 14.77 -3.81 -11.11
CA ILE B 6 13.80 -2.92 -10.48
C ILE B 6 12.86 -2.29 -11.48
N THR B 7 13.28 -2.20 -12.73
CA THR B 7 12.41 -1.76 -13.80
C THR B 7 11.18 -2.66 -13.93
N GLU B 8 11.28 -3.92 -13.45
CA GLU B 8 10.18 -4.89 -13.38
C GLU B 8 9.19 -4.61 -12.25
N LEU B 9 9.64 -3.98 -11.16
CA LEU B 9 8.79 -3.70 -10.01
C LEU B 9 8.19 -2.31 -10.00
N ASN B 10 8.87 -1.33 -10.60
CA ASN B 10 8.43 0.06 -10.63
C ASN B 10 6.94 0.24 -10.91
N PRO B 11 6.32 -0.52 -11.82
CA PRO B 11 4.84 -0.46 -11.88
C PRO B 11 4.17 -0.70 -10.53
N HIS B 12 4.58 -1.73 -9.79
CA HIS B 12 3.88 -2.05 -8.55
C HIS B 12 4.22 -1.12 -7.41
N LEU B 13 5.18 -0.20 -7.60
CA LEU B 13 5.73 0.62 -6.53
C LEU B 13 5.63 2.12 -6.83
N MET B 14 4.78 2.54 -7.77
CA MET B 14 4.79 3.92 -8.22
C MET B 14 3.38 4.49 -8.24
N CYS B 15 3.30 5.77 -7.88
CA CYS B 15 2.09 6.59 -7.88
C CYS B 15 1.83 7.16 -9.27
N VAL B 16 0.64 6.92 -9.80
CA VAL B 16 0.33 7.37 -11.15
C VAL B 16 0.18 8.88 -11.27
N LEU B 17 0.00 9.58 -10.17
CA LEU B 17 -0.03 11.03 -10.22
C LEU B 17 1.38 11.61 -10.14
N CYS B 18 2.19 11.09 -9.24
CA CYS B 18 3.51 11.60 -8.93
C CYS B 18 4.60 11.15 -9.90
N GLY B 19 4.36 10.09 -10.68
CA GLY B 19 5.32 9.51 -11.58
C GLY B 19 6.52 8.92 -10.87
N GLY B 20 6.44 8.82 -9.55
CA GLY B 20 7.55 8.35 -8.76
C GLY B 20 7.02 7.40 -7.71
N TYR B 21 7.93 6.93 -6.85
CA TYR B 21 7.59 5.96 -5.82
C TYR B 21 6.58 6.51 -4.80
N PHE B 22 5.90 5.56 -4.16
CA PHE B 22 4.94 5.92 -3.14
C PHE B 22 5.66 6.51 -1.94
N ILE B 23 5.20 7.66 -1.48
CA ILE B 23 5.63 8.19 -0.20
C ILE B 23 4.38 8.43 0.62
N ASP B 24 4.36 7.90 1.84
CA ASP B 24 3.17 7.85 2.67
C ASP B 24 2.00 7.22 1.89
N ALA B 25 2.19 5.95 1.50
CA ALA B 25 1.25 5.26 0.63
C ALA B 25 -0.16 5.21 1.22
N THR B 26 -1.16 5.50 0.37
CA THR B 26 -2.57 5.58 0.76
C THR B 26 -3.41 4.83 -0.26
N THR B 27 -4.50 4.22 0.23
CA THR B 27 -5.29 3.23 -0.51
C THR B 27 -6.78 3.57 -0.44
N ILE B 28 -7.45 3.52 -1.59
CA ILE B 28 -8.91 3.57 -1.64
C ILE B 28 -9.45 2.19 -1.24
N ILE B 29 -10.24 2.14 -0.17
CA ILE B 29 -10.67 0.84 0.36
C ILE B 29 -11.81 0.21 -0.42
N GLU B 30 -12.16 0.77 -1.58
CA GLU B 30 -13.13 0.13 -2.47
C GLU B 30 -12.51 -0.71 -3.56
N CYS B 31 -11.59 -0.13 -4.33
CA CYS B 31 -10.93 -0.76 -5.47
C CYS B 31 -9.52 -1.21 -5.18
N LEU B 32 -9.00 -0.88 -4.00
CA LEU B 32 -7.62 -1.22 -3.62
C LEU B 32 -6.62 -0.64 -4.62
N HIS B 33 -6.83 0.60 -4.97
CA HIS B 33 -5.84 1.35 -5.71
C HIS B 33 -5.11 2.27 -4.75
N SER B 34 -3.87 2.59 -5.08
CA SER B 34 -3.00 3.24 -4.12
C SER B 34 -2.17 4.34 -4.76
N PHE B 35 -1.94 5.38 -3.98
CA PHE B 35 -1.29 6.61 -4.40
C PHE B 35 -0.58 7.17 -3.17
N CYS B 36 0.33 8.10 -3.40
CA CYS B 36 0.93 8.83 -2.30
C CYS B 36 -0.15 9.53 -1.50
N LYS B 37 0.09 9.68 -0.20
CA LYS B 37 -0.89 10.34 0.66
C LYS B 37 -1.26 11.70 0.11
N THR B 38 -0.26 12.51 -0.29
CA THR B 38 -0.54 13.87 -0.75
C THR B 38 -1.16 13.88 -2.12
N CYS B 39 -0.81 12.90 -2.97
CA CYS B 39 -1.29 12.90 -4.34
C CYS B 39 -2.80 12.73 -4.37
N ILE B 40 -3.30 11.75 -3.63
CA ILE B 40 -4.71 11.42 -3.67
C ILE B 40 -5.54 12.44 -2.88
N VAL B 41 -4.98 13.02 -1.82
CA VAL B 41 -5.75 14.02 -1.09
C VAL B 41 -6.00 15.20 -1.99
N ARG B 42 -4.99 15.67 -2.71
CA ARG B 42 -5.22 16.76 -3.65
C ARG B 42 -6.16 16.32 -4.75
N TYR B 43 -6.02 15.09 -5.23
CA TYR B 43 -6.94 14.62 -6.27
C TYR B 43 -8.37 14.65 -5.76
N LEU B 44 -8.62 14.04 -4.60
CA LEU B 44 -9.98 13.95 -4.11
C LEU B 44 -10.56 15.29 -3.74
N GLU B 45 -9.78 16.36 -3.81
CA GLU B 45 -10.33 17.69 -3.63
C GLU B 45 -11.20 18.13 -4.80
N THR B 46 -11.17 17.37 -5.91
CA THR B 46 -11.85 17.73 -7.14
C THR B 46 -12.57 16.55 -7.79
N SER B 47 -12.43 15.33 -7.27
CA SER B 47 -13.16 14.20 -7.81
C SER B 47 -13.56 13.27 -6.68
N LYS B 48 -14.73 12.66 -6.81
CA LYS B 48 -15.16 11.60 -5.89
C LYS B 48 -14.99 10.21 -6.48
N TYR B 49 -14.16 10.09 -7.53
CA TYR B 49 -13.96 8.87 -8.30
C TYR B 49 -12.45 8.57 -8.46
N CYS B 50 -12.11 7.26 -8.49
CA CYS B 50 -10.71 6.81 -8.58
C CYS B 50 -10.01 7.34 -9.83
N PRO B 51 -8.79 7.79 -9.72
CA PRO B 51 -8.07 8.27 -10.91
C PRO B 51 -7.83 7.19 -11.95
N ILE B 52 -7.83 5.92 -11.57
CA ILE B 52 -7.46 4.87 -12.50
C ILE B 52 -8.68 4.05 -12.86
N CYS B 53 -9.22 3.28 -11.90
CA CYS B 53 -10.33 2.44 -12.30
C CYS B 53 -11.57 3.27 -12.59
N ASP B 54 -11.72 4.43 -11.95
CA ASP B 54 -12.82 5.39 -12.15
C ASP B 54 -14.10 5.03 -11.38
N VAL B 55 -14.01 4.25 -10.27
CA VAL B 55 -15.15 4.04 -9.36
C VAL B 55 -15.43 5.29 -8.52
N GLN B 56 -16.66 5.37 -8.00
CA GLN B 56 -17.07 6.42 -7.07
C GLN B 56 -16.60 6.07 -5.67
N VAL B 57 -15.74 6.92 -5.08
CA VAL B 57 -15.15 6.69 -3.76
C VAL B 57 -16.20 6.89 -2.68
N HIS B 58 -17.14 7.80 -2.92
CA HIS B 58 -18.20 8.15 -2.00
C HIS B 58 -19.14 9.08 -2.77
N LYS B 59 -20.40 9.15 -2.36
CA LYS B 59 -21.26 10.16 -2.99
C LYS B 59 -20.86 11.56 -2.55
N THR B 60 -20.36 11.71 -1.30
CA THR B 60 -20.22 13.01 -0.65
C THR B 60 -18.83 13.31 -0.08
N ARG B 61 -18.31 12.46 0.82
CA ARG B 61 -17.04 12.70 1.47
C ARG B 61 -16.03 11.65 1.03
N PRO B 62 -15.28 11.89 -0.05
CA PRO B 62 -14.38 10.84 -0.54
C PRO B 62 -13.33 10.42 0.47
N LEU B 63 -12.77 11.35 1.26
CA LEU B 63 -11.72 11.01 2.23
C LEU B 63 -12.20 9.97 3.23
N LEU B 64 -13.50 9.69 3.26
CA LEU B 64 -14.05 8.73 4.21
C LEU B 64 -13.59 7.33 3.88
N ASN B 65 -13.25 7.06 2.62
CA ASN B 65 -13.04 5.70 2.16
C ASN B 65 -11.64 5.49 1.59
N ILE B 66 -10.65 6.08 2.25
CA ILE B 66 -9.24 5.88 1.93
C ILE B 66 -8.49 5.68 3.25
N ARG B 67 -7.50 4.78 3.26
CA ARG B 67 -6.71 4.51 4.44
C ARG B 67 -5.22 4.52 4.11
N SER B 68 -4.39 4.86 5.09
CA SER B 68 -2.96 4.60 4.97
C SER B 68 -2.72 3.12 4.68
N ASP B 69 -1.75 2.84 3.82
CA ASP B 69 -1.30 1.48 3.54
C ASP B 69 0.15 1.39 4.01
N LYS B 70 0.33 1.15 5.30
CA LYS B 70 1.68 1.00 5.80
C LYS B 70 2.27 -0.31 5.31
N THR B 71 1.43 -1.35 5.17
CA THR B 71 1.92 -2.62 4.63
C THR B 71 2.53 -2.40 3.26
N LEU B 72 1.87 -1.61 2.43
CA LEU B 72 2.40 -1.36 1.10
C LEU B 72 3.61 -0.43 1.15
N GLN B 73 3.55 0.65 1.96
CA GLN B 73 4.68 1.57 2.03
C GLN B 73 5.94 0.92 2.55
N ASP B 74 5.80 -0.09 3.40
CA ASP B 74 6.99 -0.75 3.95
C ASP B 74 7.67 -1.58 2.88
N ILE B 75 6.88 -2.22 2.01
CA ILE B 75 7.42 -2.99 0.90
C ILE B 75 8.24 -2.09 -0.03
N VAL B 76 7.79 -0.86 -0.20
CA VAL B 76 8.52 0.08 -1.05
C VAL B 76 9.85 0.46 -0.41
N TYR B 77 9.81 0.85 0.86
CA TYR B 77 11.03 1.31 1.55
C TYR B 77 12.08 0.22 1.60
N LYS B 78 11.64 -1.04 1.63
CA LYS B 78 12.54 -2.20 1.69
C LYS B 78 13.12 -2.57 0.32
N LEU B 79 12.31 -2.53 -0.73
CA LEU B 79 12.80 -2.90 -2.06
C LEU B 79 13.67 -1.81 -2.68
N VAL B 80 13.34 -0.55 -2.40
CA VAL B 80 13.96 0.59 -3.08
C VAL B 80 15.11 1.09 -2.20
N PRO B 81 16.36 0.93 -2.62
CA PRO B 81 17.49 1.20 -1.71
C PRO B 81 17.61 2.66 -1.38
N GLY B 82 17.66 2.96 -0.08
CA GLY B 82 17.89 4.32 0.36
C GLY B 82 16.76 5.28 0.07
N LEU B 83 15.60 4.77 -0.32
CA LEU B 83 14.45 5.64 -0.53
C LEU B 83 14.03 6.26 0.79
N PHE B 84 13.98 5.43 1.84
CA PHE B 84 13.65 5.92 3.18
C PHE B 84 14.71 6.92 3.69
N LYS B 85 16.00 6.64 3.51
CA LYS B 85 16.99 7.66 3.83
C LYS B 85 16.67 8.96 3.11
N ASN B 86 16.45 8.85 1.80
CA ASN B 86 16.28 10.03 0.97
C ASN B 86 15.05 10.81 1.41
N GLU B 87 13.95 10.12 1.64
CA GLU B 87 12.71 10.80 1.97
C GLU B 87 12.80 11.40 3.36
N MET B 88 13.37 10.69 4.32
CA MET B 88 13.51 11.26 5.66
C MET B 88 14.45 12.43 5.64
N LYS B 89 15.56 12.34 4.91
CA LYS B 89 16.47 13.46 4.87
C LYS B 89 15.78 14.68 4.28
N ARG B 90 14.97 14.50 3.24
CA ARG B 90 14.20 15.61 2.65
C ARG B 90 13.36 16.36 3.68
N ARG B 91 12.74 15.62 4.60
CA ARG B 91 11.86 16.24 5.59
C ARG B 91 12.63 17.02 6.65
N ARG B 92 13.74 16.46 7.16
CA ARG B 92 14.59 17.21 8.07
C ARG B 92 15.05 18.51 7.42
N ASP B 93 15.60 18.41 6.19
CA ASP B 93 16.10 19.59 5.50
C ASP B 93 15.04 20.66 5.49
N PHE B 94 13.80 20.25 5.26
CA PHE B 94 12.71 21.23 5.17
C PHE B 94 12.55 21.94 6.50
N TYR B 95 12.37 21.17 7.58
CA TYR B 95 12.12 21.77 8.88
C TYR B 95 13.36 22.42 9.46
N ALA B 96 14.53 22.20 8.87
CA ALA B 96 15.70 22.99 9.20
C ALA B 96 15.65 24.37 8.58
N ALA B 97 14.83 24.54 7.53
CA ALA B 97 14.64 25.81 6.88
C ALA B 97 13.34 26.50 7.26
N HIS B 98 12.44 25.81 7.97
CA HIS B 98 11.13 26.36 8.31
C HIS B 98 10.74 25.97 9.73
N PRO B 99 11.37 26.58 10.75
CA PRO B 99 10.94 26.38 12.14
C PRO B 99 10.03 27.48 12.70
N THR A 9 -8.85 13.67 9.85
CA THR A 9 -8.66 14.64 8.76
C THR A 9 -7.35 14.39 8.03
N TRP A 10 -7.37 14.71 6.74
CA TRP A 10 -6.26 14.51 5.83
C TRP A 10 -5.68 15.85 5.42
N GLU A 11 -5.32 16.67 6.40
CA GLU A 11 -4.76 17.98 6.10
C GLU A 11 -3.29 17.80 5.67
N LEU A 12 -2.89 18.43 4.57
CA LEU A 12 -1.53 18.27 4.06
C LEU A 12 -0.61 19.31 4.68
N SER A 13 0.49 18.87 5.28
CA SER A 13 1.47 19.77 5.89
C SER A 13 2.12 20.62 4.81
N LEU A 14 2.83 21.67 5.24
CA LEU A 14 3.55 22.48 4.27
C LEU A 14 4.42 21.62 3.37
N TYR A 15 5.15 20.66 3.94
CA TYR A 15 5.95 19.77 3.11
C TYR A 15 5.07 19.08 2.08
N GLU A 16 4.02 18.38 2.55
CA GLU A 16 3.17 17.62 1.65
C GLU A 16 2.53 18.51 0.60
N LEU A 17 2.24 19.76 0.95
CA LEU A 17 1.58 20.63 0.00
C LEU A 17 2.44 20.86 -1.24
N GLN A 18 3.72 21.14 -1.04
CA GLN A 18 4.61 21.35 -2.16
C GLN A 18 5.56 20.17 -2.50
N ARG A 19 5.35 18.96 -1.98
CA ARG A 19 6.28 17.86 -2.31
C ARG A 19 6.23 17.55 -3.81
N THR A 20 7.36 17.06 -4.32
CA THR A 20 7.57 16.68 -5.71
C THR A 20 7.58 15.16 -5.88
N PRO A 21 7.44 14.68 -7.10
CA PRO A 21 7.61 13.25 -7.34
C PRO A 21 8.96 12.76 -6.88
N GLN A 22 8.98 11.50 -6.42
CA GLN A 22 10.20 10.73 -6.18
C GLN A 22 10.47 9.93 -7.45
N GLU A 23 11.43 10.40 -8.25
CA GLU A 23 11.68 9.83 -9.58
C GLU A 23 11.98 8.34 -9.51
N ALA A 24 11.36 7.59 -10.39
CA ALA A 24 11.58 6.15 -10.44
C ALA A 24 12.89 5.83 -11.15
N ILE A 25 13.24 4.55 -11.15
CA ILE A 25 14.52 4.08 -11.67
C ILE A 25 14.27 3.27 -12.95
N THR A 26 14.72 3.83 -14.09
CA THR A 26 14.76 3.22 -15.42
C THR A 26 16.13 2.58 -15.73
N ASP A 27 17.10 2.83 -14.86
CA ASP A 27 18.47 2.36 -15.02
C ASP A 27 18.58 0.85 -15.17
N GLY A 28 17.67 0.06 -14.61
CA GLY A 28 17.81 -1.38 -14.69
C GLY A 28 18.78 -1.95 -13.69
N LEU A 29 18.76 -1.43 -12.48
CA LEU A 29 19.44 -2.08 -11.36
C LEU A 29 18.63 -3.30 -10.94
N GLU A 30 19.29 -4.23 -10.28
CA GLU A 30 18.64 -5.45 -9.80
C GLU A 30 18.76 -5.54 -8.28
N ILE A 31 17.67 -5.91 -7.63
CA ILE A 31 17.66 -6.06 -6.18
C ILE A 31 17.68 -7.55 -5.88
N VAL A 32 18.29 -7.93 -4.76
CA VAL A 32 18.37 -9.32 -4.32
C VAL A 32 17.40 -9.53 -3.15
N VAL A 33 16.63 -10.61 -3.22
CA VAL A 33 15.51 -10.82 -2.30
C VAL A 33 15.43 -12.29 -1.92
N SER A 34 15.66 -12.61 -0.66
CA SER A 34 15.53 -13.95 -0.08
C SER A 34 14.10 -14.21 0.42
N PRO A 35 13.71 -15.48 0.63
CA PRO A 35 12.40 -15.76 1.26
C PRO A 35 12.27 -15.21 2.67
N ARG A 36 13.40 -14.87 3.30
CA ARG A 36 13.44 -14.24 4.61
C ARG A 36 13.33 -12.74 4.52
N SER A 37 13.93 -12.15 3.50
CA SER A 37 13.86 -10.70 3.33
C SER A 37 12.44 -10.28 2.98
N LEU A 38 11.99 -9.17 3.57
CA LEU A 38 10.60 -8.71 3.50
C LEU A 38 9.59 -9.68 4.11
N HIS A 39 10.02 -10.66 4.90
CA HIS A 39 9.06 -11.68 5.30
C HIS A 39 8.03 -11.11 6.27
N SER A 40 8.39 -10.07 7.03
CA SER A 40 7.45 -9.51 7.98
C SER A 40 6.17 -9.02 7.29
N GLU A 41 6.26 -8.68 6.01
CA GLU A 41 5.16 -8.05 5.27
C GLU A 41 4.41 -9.02 4.39
N LEU A 42 5.00 -10.19 4.11
CA LEU A 42 4.46 -11.12 3.14
C LEU A 42 3.87 -12.37 3.76
N MET A 43 3.97 -12.52 5.08
CA MET A 43 3.56 -13.75 5.74
C MET A 43 2.19 -13.52 6.35
N CYS A 44 1.26 -14.39 6.00
CA CYS A 44 0.00 -14.50 6.70
C CYS A 44 0.27 -14.89 8.15
N PRO A 45 -0.09 -14.04 9.12
CA PRO A 45 0.20 -14.39 10.54
C PRO A 45 -0.63 -15.58 11.04
N ILE A 46 -1.39 -16.20 10.16
CA ILE A 46 -2.19 -17.38 10.48
C ILE A 46 -1.29 -18.59 10.21
N CYS A 47 -0.81 -18.70 8.96
CA CYS A 47 -0.09 -19.88 8.50
C CYS A 47 1.40 -19.68 8.27
N LEU A 48 1.92 -18.47 8.39
CA LEU A 48 3.36 -18.22 8.42
C LEU A 48 4.09 -18.84 7.22
N ASP A 49 3.40 -18.93 6.09
CA ASP A 49 3.94 -19.17 4.75
C ASP A 49 3.57 -17.96 3.89
N MET A 50 3.78 -18.09 2.58
CA MET A 50 3.47 -17.02 1.65
C MET A 50 1.97 -16.83 1.48
N LEU A 51 1.57 -15.57 1.33
CA LEU A 51 0.16 -15.28 1.07
C LEU A 51 -0.27 -15.89 -0.24
N LYS A 52 -1.29 -16.75 -0.18
CA LYS A 52 -2.00 -17.29 -1.32
C LYS A 52 -3.44 -16.82 -1.23
N ASN A 53 -4.01 -16.40 -2.36
CA ASN A 53 -5.34 -15.80 -2.40
C ASN A 53 -5.54 -14.78 -1.27
N THR A 54 -4.98 -13.58 -1.46
CA THR A 54 -4.93 -12.61 -0.38
C THR A 54 -6.28 -11.97 -0.15
N MET A 55 -6.53 -11.61 1.11
CA MET A 55 -7.71 -10.88 1.54
C MET A 55 -7.26 -9.68 2.36
N THR A 56 -8.02 -8.61 2.32
CA THR A 56 -7.67 -7.43 3.08
C THR A 56 -8.89 -6.90 3.80
N THR A 57 -8.69 -6.44 5.04
CA THR A 57 -9.77 -5.82 5.79
C THR A 57 -9.88 -4.36 5.39
N LYS A 58 -11.11 -3.92 5.12
CA LYS A 58 -11.36 -2.57 4.62
C LYS A 58 -11.20 -1.50 5.70
N GLU A 59 -11.31 -1.86 6.96
CA GLU A 59 -11.23 -0.88 8.02
C GLU A 59 -9.79 -0.57 8.40
N CYS A 60 -8.87 -1.47 8.10
CA CYS A 60 -7.50 -1.41 8.60
C CYS A 60 -6.45 -1.88 7.60
N LEU A 61 -6.84 -2.33 6.42
CA LEU A 61 -5.90 -2.71 5.37
C LEU A 61 -4.88 -3.72 5.88
N HIS A 62 -5.40 -4.86 6.33
CA HIS A 62 -4.58 -5.95 6.78
C HIS A 62 -4.83 -7.14 5.87
N ARG A 63 -3.75 -7.81 5.46
CA ARG A 63 -3.82 -8.86 4.47
C ARG A 63 -3.75 -10.25 5.12
N PHE A 64 -4.57 -11.18 4.63
CA PHE A 64 -4.53 -12.56 5.07
C PHE A 64 -4.87 -13.47 3.89
N CYS A 65 -4.71 -14.77 4.10
CA CYS A 65 -5.13 -15.73 3.09
C CYS A 65 -6.63 -15.87 3.04
N ALA A 66 -7.19 -15.98 1.83
CA ALA A 66 -8.62 -16.19 1.65
C ALA A 66 -9.04 -17.47 2.34
N ASP A 67 -8.29 -18.55 2.09
CA ASP A 67 -8.58 -19.84 2.70
C ASP A 67 -8.33 -19.81 4.20
N CYS A 68 -7.39 -18.99 4.67
CA CYS A 68 -7.08 -18.97 6.09
C CYS A 68 -8.02 -18.10 6.91
N ILE A 69 -8.41 -16.93 6.43
CA ILE A 69 -9.18 -16.01 7.29
C ILE A 69 -10.60 -16.51 7.64
N ILE A 70 -11.18 -17.33 6.79
CA ILE A 70 -12.53 -17.82 7.02
C ILE A 70 -12.64 -18.61 8.33
N THR A 71 -11.58 -19.30 8.71
CA THR A 71 -11.59 -20.13 9.90
C THR A 71 -11.27 -19.35 11.19
N ALA A 72 -10.59 -18.20 11.11
CA ALA A 72 -10.27 -17.45 12.35
C ALA A 72 -11.45 -16.62 12.81
N LEU A 73 -12.28 -16.19 11.88
CA LEU A 73 -13.50 -15.51 12.23
C LEU A 73 -14.53 -16.56 12.63
N ARG A 74 -14.36 -17.80 12.10
CA ARG A 74 -15.24 -18.92 12.41
C ARG A 74 -15.13 -19.38 13.85
N SER A 75 -14.07 -18.99 14.57
CA SER A 75 -13.84 -19.47 15.94
C SER A 75 -14.23 -18.42 16.97
N GLY A 76 -15.05 -17.47 16.56
CA GLY A 76 -15.86 -16.71 17.48
C GLY A 76 -15.34 -15.38 17.95
N ASN A 77 -14.37 -14.77 17.28
CA ASN A 77 -13.90 -13.54 17.89
C ASN A 77 -14.30 -12.29 17.11
N LYS A 78 -14.63 -12.44 15.80
CA LYS A 78 -15.10 -11.34 14.92
C LYS A 78 -14.31 -10.02 15.00
N GLU A 79 -13.03 -10.12 15.25
CA GLU A 79 -12.12 -8.98 15.23
C GLU A 79 -11.01 -9.26 14.22
N CYS A 80 -10.20 -8.24 13.93
CA CYS A 80 -9.07 -8.46 13.04
C CYS A 80 -7.94 -9.19 13.76
N PRO A 81 -7.55 -10.38 13.28
CA PRO A 81 -6.53 -11.17 14.00
C PRO A 81 -5.24 -10.43 14.27
N THR A 82 -5.03 -9.25 13.67
CA THR A 82 -3.76 -8.53 13.76
C THR A 82 -3.84 -7.37 14.74
N CYS A 83 -4.77 -6.46 14.54
CA CYS A 83 -4.91 -5.28 15.38
C CYS A 83 -6.07 -5.37 16.35
N ARG A 84 -6.77 -6.50 16.37
CA ARG A 84 -7.78 -6.79 17.38
C ARG A 84 -8.87 -5.71 17.36
N LYS A 85 -9.44 -5.52 16.17
CA LYS A 85 -10.48 -4.53 15.99
C LYS A 85 -11.72 -5.18 15.38
N LYS A 86 -12.90 -4.79 15.87
CA LYS A 86 -14.14 -5.45 15.46
C LYS A 86 -14.31 -5.35 13.97
N LEU A 87 -14.47 -6.49 13.35
CA LEU A 87 -14.63 -6.54 11.91
C LEU A 87 -16.13 -6.49 11.59
N VAL A 88 -16.57 -5.31 11.18
CA VAL A 88 -17.96 -5.07 10.88
C VAL A 88 -18.36 -5.67 9.54
N SER A 89 -19.57 -6.24 9.48
CA SER A 89 -20.17 -6.78 8.25
C SER A 89 -19.37 -7.89 7.60
N LYS A 90 -19.78 -8.18 6.37
CA LYS A 90 -19.13 -9.17 5.52
C LYS A 90 -18.56 -8.48 4.29
N ARG A 91 -19.11 -7.30 3.93
CA ARG A 91 -18.52 -6.58 2.80
C ARG A 91 -17.21 -5.90 3.19
N SER A 92 -16.78 -6.02 4.47
CA SER A 92 -15.43 -5.58 4.82
C SER A 92 -14.35 -6.49 4.29
N LEU A 93 -14.64 -7.52 3.51
CA LEU A 93 -13.57 -8.42 3.03
C LEU A 93 -13.49 -8.44 1.52
N ARG A 94 -12.43 -7.89 0.93
CA ARG A 94 -12.37 -7.97 -0.51
C ARG A 94 -11.12 -8.74 -0.93
N PRO A 95 -11.21 -9.59 -1.95
CA PRO A 95 -10.01 -10.20 -2.49
C PRO A 95 -9.15 -9.11 -3.13
N ASP A 96 -7.83 -9.31 -3.06
CA ASP A 96 -6.88 -8.28 -3.47
C ASP A 96 -6.07 -8.65 -4.70
N PRO A 97 -6.63 -8.51 -5.90
CA PRO A 97 -5.90 -8.94 -7.09
C PRO A 97 -4.65 -8.14 -7.36
N ASN A 98 -4.68 -6.81 -7.13
CA ASN A 98 -3.47 -6.01 -7.33
C ASN A 98 -2.35 -6.43 -6.39
N PHE A 99 -2.68 -7.05 -5.26
CA PHE A 99 -1.66 -7.58 -4.34
C PHE A 99 -1.16 -8.96 -4.74
N ASP A 100 -2.03 -9.86 -5.18
CA ASP A 100 -1.52 -11.11 -5.69
C ASP A 100 -0.72 -10.89 -6.97
N ALA A 101 -1.08 -9.89 -7.76
CA ALA A 101 -0.27 -9.53 -8.91
C ALA A 101 1.19 -9.33 -8.51
N LEU A 102 1.44 -8.91 -7.28
CA LEU A 102 2.76 -8.61 -6.75
C LEU A 102 3.48 -9.87 -6.24
N ILE A 103 2.74 -10.80 -5.64
CA ILE A 103 3.35 -12.04 -5.19
C ILE A 103 3.93 -12.84 -6.35
N SER A 104 3.21 -12.88 -7.47
CA SER A 104 3.62 -13.68 -8.63
C SER A 104 4.98 -13.29 -9.18
N LYS A 105 5.53 -12.16 -8.74
CA LYS A 105 6.85 -11.73 -9.17
C LYS A 105 7.95 -12.30 -8.29
N ILE A 106 7.60 -12.88 -7.15
CA ILE A 106 8.58 -13.25 -6.14
C ILE A 106 8.33 -14.67 -5.66
N TYR A 107 8.54 -15.65 -6.54
CA TYR A 107 8.27 -17.04 -6.17
C TYR A 107 9.01 -17.46 -4.90
N PRO A 108 10.25 -17.03 -4.64
CA PRO A 108 10.86 -17.28 -3.32
C PRO A 108 11.01 -16.01 -2.49
N THR B 1 16.37 -17.36 -2.98
CA THR B 1 16.79 -15.98 -3.25
C THR B 1 17.00 -15.72 -4.75
N THR B 2 16.46 -14.60 -5.23
CA THR B 2 16.60 -14.21 -6.62
C THR B 2 16.99 -12.74 -6.70
N ARG B 3 17.48 -12.38 -7.89
CA ARG B 3 17.77 -11.01 -8.25
C ARG B 3 16.74 -10.59 -9.28
N ILE B 4 16.15 -9.41 -9.11
CA ILE B 4 15.08 -8.99 -10.00
C ILE B 4 15.43 -7.62 -10.60
N LYS B 5 15.24 -7.46 -11.91
CA LYS B 5 15.34 -6.12 -12.50
C LYS B 5 14.19 -5.28 -11.96
N ILE B 6 14.50 -4.10 -11.44
CA ILE B 6 13.52 -3.20 -10.82
C ILE B 6 12.54 -2.62 -11.81
N THR B 7 12.92 -2.59 -13.09
CA THR B 7 12.00 -2.20 -14.13
C THR B 7 10.79 -3.14 -14.18
N GLU B 8 10.93 -4.37 -13.66
CA GLU B 8 9.86 -5.35 -13.51
C GLU B 8 8.90 -5.05 -12.36
N LEU B 9 9.37 -4.35 -11.32
CA LEU B 9 8.56 -4.05 -10.15
C LEU B 9 7.93 -2.67 -10.19
N ASN B 10 8.57 -1.70 -10.84
CA ASN B 10 8.09 -0.32 -10.92
C ASN B 10 6.59 -0.20 -11.17
N PRO B 11 5.95 -1.00 -12.02
CA PRO B 11 4.48 -0.97 -12.03
C PRO B 11 3.86 -1.18 -10.64
N HIS B 12 4.32 -2.16 -9.88
CA HIS B 12 3.66 -2.43 -8.60
C HIS B 12 4.01 -1.45 -7.51
N LEU B 13 4.95 -0.52 -7.77
CA LEU B 13 5.52 0.37 -6.76
C LEU B 13 5.37 1.84 -7.12
N MET B 14 4.49 2.20 -8.05
CA MET B 14 4.46 3.56 -8.56
C MET B 14 3.03 4.10 -8.56
N CYS B 15 2.93 5.40 -8.26
CA CYS B 15 1.70 6.18 -8.24
C CYS B 15 1.38 6.68 -9.65
N VAL B 16 0.18 6.40 -10.13
CA VAL B 16 -0.17 6.78 -11.49
C VAL B 16 -0.36 8.28 -11.67
N LEU B 17 -0.52 9.03 -10.59
CA LEU B 17 -0.59 10.47 -10.71
C LEU B 17 0.81 11.09 -10.70
N CYS B 18 1.67 10.62 -9.80
CA CYS B 18 3.00 11.18 -9.56
C CYS B 18 4.06 10.70 -10.55
N GLY B 19 3.81 9.60 -11.27
CA GLY B 19 4.76 9.00 -12.18
C GLY B 19 6.00 8.46 -11.49
N GLY B 20 5.95 8.42 -10.16
CA GLY B 20 7.10 8.01 -9.38
C GLY B 20 6.63 7.11 -8.28
N TYR B 21 7.57 6.70 -7.43
CA TYR B 21 7.29 5.77 -6.35
C TYR B 21 6.29 6.32 -5.32
N PHE B 22 5.65 5.41 -4.62
CA PHE B 22 4.73 5.79 -3.58
C PHE B 22 5.47 6.44 -2.43
N ILE B 23 5.00 7.61 -2.01
CA ILE B 23 5.47 8.20 -0.77
C ILE B 23 4.23 8.46 0.08
N ASP B 24 4.27 7.97 1.33
CA ASP B 24 3.09 7.93 2.20
C ASP B 24 1.93 7.24 1.49
N ALA B 25 2.14 5.97 1.14
CA ALA B 25 1.17 5.22 0.34
C ALA B 25 -0.21 5.17 0.98
N THR B 26 -1.24 5.40 0.15
CA THR B 26 -2.65 5.46 0.57
C THR B 26 -3.51 4.65 -0.38
N THR B 27 -4.57 4.05 0.18
CA THR B 27 -5.35 3.02 -0.49
C THR B 27 -6.84 3.32 -0.39
N ILE B 28 -7.55 3.21 -1.51
CA ILE B 28 -9.01 3.23 -1.51
C ILE B 28 -9.52 1.86 -1.03
N ILE B 29 -10.27 1.83 0.06
CA ILE B 29 -10.65 0.55 0.66
C ILE B 29 -11.80 -0.13 -0.06
N GLU B 30 -12.20 0.37 -1.23
CA GLU B 30 -13.19 -0.32 -2.05
C GLU B 30 -12.58 -1.20 -3.13
N CYS B 31 -11.70 -0.64 -3.96
CA CYS B 31 -11.07 -1.31 -5.08
C CYS B 31 -9.64 -1.71 -4.82
N LEU B 32 -9.09 -1.33 -3.67
CA LEU B 32 -7.70 -1.63 -3.33
C LEU B 32 -6.75 -1.07 -4.39
N HIS B 33 -6.99 0.17 -4.78
CA HIS B 33 -6.04 0.89 -5.59
C HIS B 33 -5.30 1.87 -4.69
N SER B 34 -4.07 2.19 -5.08
CA SER B 34 -3.19 2.90 -4.17
C SER B 34 -2.41 4.00 -4.89
N PHE B 35 -2.17 5.08 -4.16
CA PHE B 35 -1.56 6.30 -4.66
C PHE B 35 -0.83 6.92 -3.49
N CYS B 36 0.06 7.86 -3.78
CA CYS B 36 0.68 8.65 -2.73
C CYS B 36 -0.38 9.37 -1.94
N LYS B 37 -0.11 9.58 -0.64
CA LYS B 37 -1.08 10.25 0.23
C LYS B 37 -1.50 11.58 -0.38
N THR B 38 -0.53 12.38 -0.85
CA THR B 38 -0.84 13.72 -1.35
C THR B 38 -1.52 13.66 -2.71
N CYS B 39 -1.16 12.66 -3.52
CA CYS B 39 -1.69 12.58 -4.87
C CYS B 39 -3.19 12.38 -4.85
N ILE B 40 -3.65 11.42 -4.05
CA ILE B 40 -5.06 11.06 -4.03
C ILE B 40 -5.88 12.10 -3.25
N VAL B 41 -5.30 12.73 -2.24
CA VAL B 41 -6.07 13.75 -1.53
C VAL B 41 -6.37 14.90 -2.46
N ARG B 42 -5.39 15.35 -3.24
CA ARG B 42 -5.69 16.39 -4.22
C ARG B 42 -6.65 15.88 -5.27
N TYR B 43 -6.49 14.63 -5.70
CA TYR B 43 -7.44 14.10 -6.68
C TYR B 43 -8.85 14.12 -6.12
N LEU B 44 -9.04 13.56 -4.93
CA LEU B 44 -10.39 13.46 -4.40
C LEU B 44 -10.99 14.80 -4.07
N GLU B 45 -10.23 15.89 -4.20
CA GLU B 45 -10.81 17.22 -4.07
C GLU B 45 -11.72 17.59 -5.23
N THR B 46 -11.71 16.78 -6.30
CA THR B 46 -12.44 17.07 -7.53
C THR B 46 -13.15 15.84 -8.10
N SER B 47 -12.97 14.65 -7.53
CA SER B 47 -13.70 13.49 -7.99
C SER B 47 -14.04 12.60 -6.81
N LYS B 48 -15.20 11.96 -6.87
CA LYS B 48 -15.56 10.94 -5.89
C LYS B 48 -15.39 9.53 -6.44
N TYR B 49 -14.59 9.38 -7.51
CA TYR B 49 -14.39 8.13 -8.24
C TYR B 49 -12.88 7.85 -8.41
N CYS B 50 -12.52 6.55 -8.41
CA CYS B 50 -11.11 6.13 -8.51
C CYS B 50 -10.48 6.61 -9.82
N PRO B 51 -9.24 7.08 -9.76
CA PRO B 51 -8.58 7.53 -11.00
C PRO B 51 -8.35 6.41 -12.00
N ILE B 52 -8.31 5.17 -11.56
CA ILE B 52 -7.95 4.08 -12.46
C ILE B 52 -9.17 3.21 -12.74
N CYS B 53 -9.66 2.48 -11.73
CA CYS B 53 -10.76 1.60 -12.07
C CYS B 53 -12.03 2.38 -12.34
N ASP B 54 -12.18 3.58 -11.75
CA ASP B 54 -13.31 4.50 -11.96
C ASP B 54 -14.55 4.15 -11.13
N VAL B 55 -14.41 3.42 -9.99
CA VAL B 55 -15.51 3.23 -9.04
C VAL B 55 -15.79 4.51 -8.24
N GLN B 56 -17.01 4.58 -7.69
CA GLN B 56 -17.41 5.67 -6.79
C GLN B 56 -16.89 5.38 -5.39
N VAL B 57 -16.03 6.28 -4.88
CA VAL B 57 -15.40 6.13 -3.56
C VAL B 57 -16.40 6.35 -2.45
N HIS B 58 -17.37 7.23 -2.70
CA HIS B 58 -18.41 7.60 -1.76
C HIS B 58 -19.39 8.47 -2.54
N LYS B 59 -20.65 8.54 -2.09
CA LYS B 59 -21.55 9.49 -2.73
C LYS B 59 -21.16 10.93 -2.37
N THR B 60 -20.63 11.14 -1.15
CA THR B 60 -20.50 12.47 -0.56
C THR B 60 -19.09 12.82 -0.05
N ARG B 61 -18.53 12.03 0.87
CA ARG B 61 -17.23 12.32 1.47
C ARG B 61 -16.22 11.28 1.03
N PRO B 62 -15.50 11.49 -0.08
CA PRO B 62 -14.60 10.43 -0.55
C PRO B 62 -13.51 10.07 0.45
N LEU B 63 -12.95 11.05 1.17
CA LEU B 63 -11.87 10.77 2.12
C LEU B 63 -12.29 9.77 3.18
N LEU B 64 -13.58 9.47 3.27
CA LEU B 64 -14.07 8.53 4.26
C LEU B 64 -13.59 7.12 3.98
N ASN B 65 -13.30 6.82 2.73
CA ASN B 65 -13.06 5.44 2.33
C ASN B 65 -11.67 5.24 1.72
N ILE B 66 -10.67 5.87 2.32
CA ILE B 66 -9.28 5.69 1.97
C ILE B 66 -8.49 5.56 3.26
N ARG B 67 -7.48 4.69 3.27
CA ARG B 67 -6.64 4.48 4.44
C ARG B 67 -5.17 4.51 4.06
N SER B 68 -4.30 4.91 5.00
CA SER B 68 -2.88 4.67 4.83
C SER B 68 -2.62 3.18 4.61
N ASP B 69 -1.66 2.89 3.73
CA ASP B 69 -1.19 1.52 3.49
C ASP B 69 0.26 1.49 3.92
N LYS B 70 0.49 1.30 5.21
CA LYS B 70 1.86 1.20 5.67
C LYS B 70 2.46 -0.11 5.23
N THR B 71 1.65 -1.18 5.15
CA THR B 71 2.14 -2.45 4.66
C THR B 71 2.70 -2.29 3.25
N LEU B 72 2.00 -1.55 2.42
CA LEU B 72 2.48 -1.35 1.06
C LEU B 72 3.66 -0.39 1.03
N GLN B 73 3.61 0.71 1.79
CA GLN B 73 4.72 1.67 1.79
C GLN B 73 6.02 1.07 2.29
N ASP B 74 5.93 0.08 3.18
CA ASP B 74 7.15 -0.51 3.71
C ASP B 74 7.81 -1.39 2.67
N ILE B 75 7.01 -2.07 1.86
CA ILE B 75 7.53 -2.89 0.76
C ILE B 75 8.29 -2.01 -0.24
N VAL B 76 7.81 -0.79 -0.45
CA VAL B 76 8.50 0.11 -1.36
C VAL B 76 9.84 0.55 -0.78
N TYR B 77 9.83 1.00 0.48
CA TYR B 77 11.05 1.51 1.10
C TYR B 77 12.13 0.45 1.17
N LYS B 78 11.72 -0.83 1.26
CA LYS B 78 12.65 -1.96 1.33
C LYS B 78 13.18 -2.38 -0.02
N LEU B 79 12.35 -2.40 -1.06
CA LEU B 79 12.80 -2.82 -2.38
C LEU B 79 13.62 -1.74 -3.07
N VAL B 80 13.28 -0.47 -2.84
CA VAL B 80 13.86 0.65 -3.58
C VAL B 80 15.01 1.21 -2.76
N PRO B 81 16.26 1.05 -3.22
CA PRO B 81 17.41 1.38 -2.37
C PRO B 81 17.51 2.86 -2.10
N GLY B 82 17.60 3.22 -0.82
CA GLY B 82 17.81 4.59 -0.44
C GLY B 82 16.66 5.52 -0.75
N LEU B 83 15.49 4.97 -1.07
CA LEU B 83 14.32 5.81 -1.27
C LEU B 83 13.94 6.48 0.03
N PHE B 84 13.92 5.70 1.10
CA PHE B 84 13.63 6.24 2.43
C PHE B 84 14.68 7.28 2.87
N LYS B 85 15.97 7.01 2.66
CA LYS B 85 16.95 8.07 2.90
C LYS B 85 16.58 9.32 2.14
N ASN B 86 16.31 9.15 0.84
CA ASN B 86 16.09 10.30 -0.03
C ASN B 86 14.86 11.08 0.41
N GLU B 87 13.79 10.36 0.70
CA GLU B 87 12.55 11.04 1.05
C GLU B 87 12.67 11.72 2.41
N MET B 88 13.28 11.04 3.38
CA MET B 88 13.46 11.68 4.69
C MET B 88 14.37 12.87 4.59
N LYS B 89 15.46 12.76 3.82
CA LYS B 89 16.35 13.90 3.71
C LYS B 89 15.62 15.08 3.09
N ARG B 90 14.76 14.83 2.09
CA ARG B 90 13.96 15.91 1.47
C ARG B 90 13.14 16.68 2.49
N ARG B 91 12.56 15.98 3.47
CA ARG B 91 11.70 16.62 4.45
C ARG B 91 12.50 17.47 5.45
N ARG B 92 13.63 16.94 5.94
CA ARG B 92 14.49 17.76 6.79
C ARG B 92 14.90 19.03 6.08
N ASP B 93 15.41 18.88 4.84
CA ASP B 93 15.87 20.04 4.09
C ASP B 93 14.78 21.09 4.06
N PHE B 94 13.53 20.65 3.89
CA PHE B 94 12.43 21.59 3.78
C PHE B 94 12.30 22.37 5.09
N TYR B 95 12.17 21.64 6.21
CA TYR B 95 11.95 22.30 7.49
C TYR B 95 13.19 23.00 8.01
N ALA B 96 14.35 22.77 7.37
CA ALA B 96 15.51 23.60 7.64
C ALA B 96 15.40 24.95 6.95
N ALA B 97 14.55 25.05 5.94
CA ALA B 97 14.31 26.30 5.24
C ALA B 97 13.01 26.97 5.63
N HIS B 98 12.16 26.29 6.39
CA HIS B 98 10.84 26.84 6.75
C HIS B 98 10.51 26.50 8.20
N PRO B 99 11.16 27.16 9.17
CA PRO B 99 10.78 27.01 10.58
C PRO B 99 9.86 28.12 11.13
N THR A 9 -8.89 13.61 9.87
CA THR A 9 -8.71 14.58 8.78
C THR A 9 -7.40 14.34 8.04
N TRP A 10 -7.43 14.66 6.75
CA TRP A 10 -6.32 14.47 5.83
C TRP A 10 -5.76 15.82 5.43
N GLU A 11 -5.39 16.64 6.40
CA GLU A 11 -4.84 17.96 6.10
C GLU A 11 -3.39 17.78 5.67
N LEU A 12 -2.99 18.42 4.56
CA LEU A 12 -1.63 18.28 4.05
C LEU A 12 -0.72 19.33 4.66
N SER A 13 0.39 18.89 5.26
CA SER A 13 1.36 19.79 5.86
C SER A 13 2.00 20.65 4.78
N LEU A 14 2.69 21.71 5.21
CA LEU A 14 3.42 22.53 4.23
C LEU A 14 4.28 21.68 3.32
N TYR A 15 5.03 20.73 3.90
CA TYR A 15 5.83 19.85 3.06
C TYR A 15 4.95 19.14 2.05
N GLU A 16 3.91 18.43 2.52
CA GLU A 16 3.06 17.67 1.62
C GLU A 16 2.41 18.55 0.57
N LEU A 17 2.11 19.79 0.92
CA LEU A 17 1.43 20.67 -0.02
C LEU A 17 2.29 20.90 -1.26
N GLN A 18 3.56 21.18 -1.07
CA GLN A 18 4.45 21.40 -2.19
C GLN A 18 5.41 20.24 -2.54
N ARG A 19 5.22 19.02 -2.01
CA ARG A 19 6.14 17.94 -2.36
C ARG A 19 6.10 17.63 -3.85
N THR A 20 7.23 17.15 -4.37
CA THR A 20 7.44 16.77 -5.76
C THR A 20 7.46 15.25 -5.94
N PRO A 21 7.32 14.77 -7.15
CA PRO A 21 7.49 13.34 -7.39
C PRO A 21 8.86 12.86 -6.93
N GLN A 22 8.89 11.60 -6.48
CA GLN A 22 10.12 10.84 -6.23
C GLN A 22 10.39 10.05 -7.51
N GLU A 23 11.35 10.52 -8.32
CA GLU A 23 11.59 9.96 -9.65
C GLU A 23 11.91 8.48 -9.58
N ALA A 24 11.30 7.72 -10.46
CA ALA A 24 11.52 6.28 -10.51
C ALA A 24 12.84 5.97 -11.23
N ILE A 25 13.20 4.69 -11.23
CA ILE A 25 14.48 4.24 -11.75
C ILE A 25 14.23 3.42 -13.03
N THR A 26 14.67 3.99 -14.17
CA THR A 26 14.72 3.37 -15.50
C THR A 26 16.08 2.75 -15.82
N ASP A 27 17.05 3.00 -14.95
CA ASP A 27 18.43 2.56 -15.11
C ASP A 27 18.55 1.03 -15.28
N GLY A 28 17.64 0.25 -14.71
CA GLY A 28 17.80 -1.20 -14.79
C GLY A 28 18.79 -1.76 -13.79
N LEU A 29 18.77 -1.24 -12.57
CA LEU A 29 19.45 -1.88 -11.47
C LEU A 29 18.67 -3.11 -11.05
N GLU A 30 19.33 -4.04 -10.38
CA GLU A 30 18.69 -5.26 -9.90
C GLU A 30 18.82 -5.36 -8.39
N ILE A 31 17.74 -5.73 -7.72
CA ILE A 31 17.73 -5.88 -6.27
C ILE A 31 17.76 -7.37 -5.98
N VAL A 32 18.39 -7.74 -4.86
CA VAL A 32 18.47 -9.13 -4.42
C VAL A 32 17.52 -9.34 -3.25
N VAL A 33 16.75 -10.43 -3.30
CA VAL A 33 15.64 -10.65 -2.38
C VAL A 33 15.57 -12.14 -2.02
N SER A 34 15.82 -12.45 -0.75
CA SER A 34 15.70 -13.78 -0.17
C SER A 34 14.28 -14.06 0.33
N PRO A 35 13.90 -15.34 0.54
CA PRO A 35 12.59 -15.62 1.18
C PRO A 35 12.47 -15.08 2.59
N ARG A 36 13.58 -14.73 3.22
CA ARG A 36 13.64 -14.11 4.53
C ARG A 36 13.51 -12.60 4.44
N SER A 37 14.10 -12.00 3.42
CA SER A 37 14.03 -10.56 3.24
C SER A 37 12.59 -10.15 2.90
N LEU A 38 12.13 -9.05 3.49
CA LEU A 38 10.74 -8.59 3.43
C LEU A 38 9.74 -9.58 4.05
N HIS A 39 10.18 -10.55 4.84
CA HIS A 39 9.23 -11.58 5.25
C HIS A 39 8.20 -11.02 6.21
N SER A 40 8.57 -9.98 6.97
CA SER A 40 7.61 -9.42 7.93
C SER A 40 6.32 -8.95 7.24
N GLU A 41 6.41 -8.61 5.96
CA GLU A 41 5.30 -7.99 5.22
C GLU A 41 4.56 -8.97 4.34
N LEU A 42 5.15 -10.13 4.07
CA LEU A 42 4.60 -11.06 3.09
C LEU A 42 4.04 -12.32 3.73
N MET A 43 4.15 -12.47 5.03
CA MET A 43 3.75 -13.70 5.70
C MET A 43 2.38 -13.49 6.31
N CYS A 44 1.46 -14.36 5.98
CA CYS A 44 0.21 -14.48 6.66
C CYS A 44 0.48 -14.87 8.12
N PRO A 45 0.12 -14.03 9.10
CA PRO A 45 0.41 -14.37 10.51
C PRO A 45 -0.40 -15.57 11.02
N ILE A 46 -1.17 -16.20 10.14
CA ILE A 46 -1.95 -17.38 10.46
C ILE A 46 -1.04 -18.58 10.19
N CYS A 47 -0.56 -18.68 8.94
CA CYS A 47 0.17 -19.85 8.47
C CYS A 47 1.66 -19.64 8.24
N LEU A 48 2.16 -18.43 8.36
CA LEU A 48 3.61 -18.18 8.38
C LEU A 48 4.33 -18.78 7.18
N ASP A 49 3.64 -18.88 6.05
CA ASP A 49 4.17 -19.11 4.71
C ASP A 49 3.80 -17.91 3.85
N MET A 50 4.00 -18.04 2.54
CA MET A 50 3.67 -16.97 1.60
C MET A 50 2.17 -16.80 1.44
N LEU A 51 1.76 -15.54 1.30
CA LEU A 51 0.35 -15.26 1.05
C LEU A 51 -0.09 -15.88 -0.28
N LYS A 52 -1.09 -16.74 -0.20
CA LYS A 52 -1.80 -17.29 -1.34
C LYS A 52 -3.25 -16.83 -1.24
N ASN A 53 -3.83 -16.42 -2.37
CA ASN A 53 -5.16 -15.83 -2.40
C ASN A 53 -5.35 -14.80 -1.28
N THR A 54 -4.82 -13.60 -1.46
CA THR A 54 -4.76 -12.63 -0.39
C THR A 54 -6.13 -12.00 -0.15
N MET A 55 -6.38 -11.65 1.12
CA MET A 55 -7.56 -10.93 1.55
C MET A 55 -7.12 -9.74 2.38
N THR A 56 -7.87 -8.68 2.35
CA THR A 56 -7.53 -7.49 3.11
C THR A 56 -8.77 -6.99 3.84
N THR A 57 -8.58 -6.53 5.08
CA THR A 57 -9.66 -5.93 5.83
C THR A 57 -9.78 -4.46 5.44
N LYS A 58 -11.01 -4.01 5.16
CA LYS A 58 -11.25 -2.65 4.68
C LYS A 58 -11.10 -1.60 5.76
N GLU A 59 -11.22 -1.97 7.02
CA GLU A 59 -11.14 -1.00 8.10
C GLU A 59 -9.71 -0.69 8.50
N CYS A 60 -8.79 -1.59 8.20
CA CYS A 60 -7.42 -1.52 8.70
C CYS A 60 -6.36 -1.99 7.71
N LEU A 61 -6.74 -2.44 6.52
CA LEU A 61 -5.79 -2.80 5.48
C LEU A 61 -4.78 -3.82 5.98
N HIS A 62 -5.30 -4.96 6.41
CA HIS A 62 -4.47 -6.06 6.86
C HIS A 62 -4.72 -7.24 5.95
N ARG A 63 -3.64 -7.89 5.53
CA ARG A 63 -3.71 -8.94 4.53
C ARG A 63 -3.63 -10.33 5.17
N PHE A 64 -4.44 -11.26 4.67
CA PHE A 64 -4.42 -12.65 5.09
C PHE A 64 -4.74 -13.54 3.90
N CYS A 65 -4.58 -14.84 4.09
CA CYS A 65 -4.99 -15.80 3.07
C CYS A 65 -6.50 -15.93 3.01
N ALA A 66 -7.04 -16.03 1.80
CA ALA A 66 -8.47 -16.24 1.60
C ALA A 66 -8.91 -17.54 2.27
N ASP A 67 -8.16 -18.61 1.99
CA ASP A 67 -8.46 -19.90 2.59
C ASP A 67 -8.24 -19.89 4.10
N CYS A 68 -7.29 -19.09 4.59
CA CYS A 68 -7.01 -19.09 6.02
C CYS A 68 -7.95 -18.19 6.82
N ILE A 69 -8.31 -17.02 6.34
CA ILE A 69 -9.08 -16.09 7.18
C ILE A 69 -10.49 -16.57 7.53
N ILE A 70 -11.08 -17.41 6.69
CA ILE A 70 -12.42 -17.89 6.93
C ILE A 70 -12.55 -18.65 8.26
N THR A 71 -11.47 -19.32 8.67
CA THR A 71 -11.49 -20.11 9.89
C THR A 71 -11.22 -19.29 11.16
N ALA A 72 -10.56 -18.13 11.07
CA ALA A 72 -10.29 -17.35 12.29
C ALA A 72 -11.49 -16.53 12.72
N LEU A 73 -12.32 -16.14 11.75
CA LEU A 73 -13.55 -15.48 12.07
C LEU A 73 -14.58 -16.55 12.45
N ARG A 74 -14.42 -17.76 11.86
CA ARG A 74 -15.29 -18.89 12.14
C ARG A 74 -15.15 -19.40 13.57
N SER A 75 -14.09 -19.04 14.29
CA SER A 75 -13.84 -19.58 15.63
C SER A 75 -14.22 -18.57 16.70
N GLY A 76 -15.05 -17.59 16.33
CA GLY A 76 -15.84 -16.87 17.30
C GLY A 76 -15.32 -15.55 17.81
N ASN A 77 -14.35 -14.92 17.14
CA ASN A 77 -13.88 -13.71 17.78
C ASN A 77 -14.28 -12.44 17.06
N LYS A 78 -14.64 -12.54 15.77
CA LYS A 78 -15.12 -11.41 14.92
C LYS A 78 -14.31 -10.10 15.02
N GLU A 79 -13.04 -10.21 15.28
CA GLU A 79 -12.12 -9.08 15.28
C GLU A 79 -11.01 -9.34 14.26
N CYS A 80 -10.19 -8.32 14.01
CA CYS A 80 -9.06 -8.53 13.11
C CYS A 80 -7.94 -9.29 13.82
N PRO A 81 -7.55 -10.47 13.32
CA PRO A 81 -6.54 -11.27 14.02
C PRO A 81 -5.24 -10.56 14.31
N THR A 82 -5.03 -9.36 13.74
CA THR A 82 -3.75 -8.66 13.83
C THR A 82 -3.82 -7.51 14.85
N CYS A 83 -4.75 -6.60 14.66
CA CYS A 83 -4.88 -5.43 15.52
C CYS A 83 -6.04 -5.53 16.49
N ARG A 84 -6.76 -6.66 16.49
CA ARG A 84 -7.77 -6.96 17.49
C ARG A 84 -8.84 -5.87 17.48
N LYS A 85 -9.42 -5.66 16.30
CA LYS A 85 -10.46 -4.65 16.13
C LYS A 85 -11.69 -5.29 15.51
N LYS A 86 -12.87 -4.89 16.00
CA LYS A 86 -14.12 -5.54 15.58
C LYS A 86 -14.28 -5.41 14.09
N LEU A 87 -14.44 -6.53 13.44
CA LEU A 87 -14.61 -6.56 12.00
C LEU A 87 -16.09 -6.51 11.68
N VAL A 88 -16.54 -5.34 11.25
CA VAL A 88 -17.94 -5.10 10.94
C VAL A 88 -18.33 -5.73 9.59
N SER A 89 -19.55 -6.29 9.54
CA SER A 89 -20.13 -6.83 8.32
C SER A 89 -19.33 -7.95 7.68
N LYS A 90 -19.72 -8.23 6.44
CA LYS A 90 -19.05 -9.20 5.59
C LYS A 90 -18.47 -8.52 4.38
N ARG A 91 -18.97 -7.31 4.03
CA ARG A 91 -18.37 -6.59 2.92
C ARG A 91 -17.02 -5.98 3.32
N SER A 92 -16.59 -6.13 4.58
CA SER A 92 -15.23 -5.73 4.94
C SER A 92 -14.19 -6.68 4.39
N LEU A 93 -14.52 -7.69 3.60
CA LEU A 93 -13.49 -8.61 3.10
C LEU A 93 -13.41 -8.60 1.58
N ARG A 94 -12.37 -8.06 0.99
CA ARG A 94 -12.31 -8.12 -0.45
C ARG A 94 -11.06 -8.87 -0.90
N PRO A 95 -11.16 -9.70 -1.93
CA PRO A 95 -9.95 -10.30 -2.48
C PRO A 95 -9.11 -9.20 -3.11
N ASP A 96 -7.77 -9.38 -3.05
CA ASP A 96 -6.83 -8.34 -3.45
C ASP A 96 -6.05 -8.70 -4.70
N PRO A 97 -6.62 -8.53 -5.90
CA PRO A 97 -5.88 -8.96 -7.09
C PRO A 97 -4.64 -8.13 -7.37
N ASN A 98 -4.67 -6.81 -7.12
CA ASN A 98 -3.48 -5.99 -7.32
C ASN A 98 -2.35 -6.42 -6.39
N PHE A 99 -2.66 -7.06 -5.26
CA PHE A 99 -1.63 -7.59 -4.37
C PHE A 99 -1.12 -8.96 -4.78
N ASP A 100 -2.00 -9.86 -5.23
CA ASP A 100 -1.48 -11.11 -5.76
C ASP A 100 -0.69 -10.86 -7.03
N ALA A 101 -1.06 -9.85 -7.81
CA ALA A 101 -0.26 -9.47 -8.96
C ALA A 101 1.20 -9.27 -8.58
N LEU A 102 1.45 -8.86 -7.33
CA LEU A 102 2.78 -8.56 -6.81
C LEU A 102 3.51 -9.81 -6.34
N ILE A 103 2.79 -10.76 -5.74
CA ILE A 103 3.41 -12.01 -5.30
C ILE A 103 3.98 -12.77 -6.48
N SER A 104 3.25 -12.82 -7.60
CA SER A 104 3.65 -13.59 -8.76
C SER A 104 5.01 -13.18 -9.32
N LYS A 105 5.55 -12.06 -8.88
CA LYS A 105 6.86 -11.61 -9.30
C LYS A 105 7.98 -12.17 -8.45
N ILE A 106 7.65 -12.78 -7.31
CA ILE A 106 8.64 -13.15 -6.30
C ILE A 106 8.40 -14.59 -5.84
N TYR A 107 8.60 -15.55 -6.74
CA TYR A 107 8.36 -16.94 -6.38
C TYR A 107 9.11 -17.38 -5.13
N PRO A 108 10.35 -16.92 -4.87
CA PRO A 108 10.97 -17.20 -3.56
C PRO A 108 11.11 -15.93 -2.71
N THR B 1 16.49 -17.24 -3.08
CA THR B 1 16.89 -15.86 -3.36
C THR B 1 17.10 -15.60 -4.85
N THR B 2 16.55 -14.49 -5.32
CA THR B 2 16.68 -14.10 -6.72
C THR B 2 17.06 -12.63 -6.81
N ARG B 3 17.53 -12.26 -7.99
CA ARG B 3 17.82 -10.88 -8.36
C ARG B 3 16.77 -10.47 -9.37
N ILE B 4 16.18 -9.30 -9.21
CA ILE B 4 15.09 -8.89 -10.09
C ILE B 4 15.43 -7.52 -10.68
N LYS B 5 15.22 -7.35 -11.99
CA LYS B 5 15.31 -6.01 -12.58
C LYS B 5 14.16 -5.19 -12.04
N ILE B 6 14.47 -3.99 -11.51
CA ILE B 6 13.48 -3.10 -10.88
C ILE B 6 12.49 -2.54 -11.88
N THR B 7 12.86 -2.50 -13.14
CA THR B 7 11.93 -2.12 -14.19
C THR B 7 10.72 -3.07 -14.23
N GLU B 8 10.89 -4.29 -13.71
CA GLU B 8 9.82 -5.28 -13.55
C GLU B 8 8.87 -5.00 -12.39
N LEU B 9 9.34 -4.30 -11.36
CA LEU B 9 8.53 -4.00 -10.18
C LEU B 9 7.89 -2.62 -10.20
N ASN B 10 8.52 -1.65 -10.88
CA ASN B 10 8.03 -0.27 -10.94
C ASN B 10 6.52 -0.15 -11.18
N PRO B 11 5.88 -0.97 -12.02
CA PRO B 11 4.43 -0.94 -12.03
C PRO B 11 3.80 -1.16 -10.64
N HIS B 12 4.27 -2.14 -9.88
CA HIS B 12 3.63 -2.42 -8.60
C HIS B 12 3.98 -1.44 -7.50
N LEU B 13 4.91 -0.49 -7.78
CA LEU B 13 5.47 0.39 -6.76
C LEU B 13 5.33 1.87 -7.12
N MET B 14 4.43 2.22 -8.05
CA MET B 14 4.38 3.58 -8.56
C MET B 14 2.95 4.11 -8.55
N CYS B 15 2.84 5.40 -8.25
CA CYS B 15 1.61 6.18 -8.22
C CYS B 15 1.28 6.68 -9.62
N VAL B 16 0.07 6.39 -10.10
CA VAL B 16 -0.29 6.77 -11.45
C VAL B 16 -0.49 8.27 -11.63
N LEU B 17 -0.66 9.01 -10.55
CA LEU B 17 -0.72 10.45 -10.66
C LEU B 17 0.66 11.08 -10.66
N CYS B 18 1.53 10.62 -9.77
CA CYS B 18 2.85 11.18 -9.55
C CYS B 18 3.91 10.72 -10.54
N GLY B 19 3.66 9.62 -11.25
CA GLY B 19 4.61 9.03 -12.17
C GLY B 19 5.86 8.50 -11.49
N GLY B 20 5.83 8.45 -10.16
CA GLY B 20 6.98 8.05 -9.40
C GLY B 20 6.52 7.14 -8.29
N TYR B 21 7.48 6.74 -7.45
CA TYR B 21 7.21 5.80 -6.36
C TYR B 21 6.22 6.36 -5.33
N PHE B 22 5.60 5.43 -4.63
CA PHE B 22 4.67 5.80 -3.58
C PHE B 22 5.41 6.47 -2.43
N ILE B 23 4.95 7.63 -2.00
CA ILE B 23 5.41 8.22 -0.76
C ILE B 23 4.18 8.46 0.09
N ASP B 24 4.23 7.99 1.34
CA ASP B 24 3.07 7.93 2.21
C ASP B 24 1.89 7.24 1.51
N ALA B 25 2.11 5.97 1.16
CA ALA B 25 1.14 5.21 0.37
C ALA B 25 -0.24 5.14 1.02
N THR B 26 -1.26 5.37 0.19
CA THR B 26 -2.66 5.43 0.62
C THR B 26 -3.53 4.60 -0.32
N THR B 27 -4.58 3.99 0.24
CA THR B 27 -5.37 2.96 -0.42
C THR B 27 -6.86 3.25 -0.31
N ILE B 28 -7.57 3.14 -1.42
CA ILE B 28 -9.04 3.14 -1.41
C ILE B 28 -9.52 1.77 -0.93
N ILE B 29 -10.27 1.73 0.18
CA ILE B 29 -10.64 0.45 0.77
C ILE B 29 -11.79 -0.24 0.06
N GLU B 30 -12.19 0.25 -1.10
CA GLU B 30 -13.19 -0.45 -1.92
C GLU B 30 -12.58 -1.32 -3.01
N CYS B 31 -11.71 -0.75 -3.83
CA CYS B 31 -11.09 -1.40 -4.97
C CYS B 31 -9.65 -1.80 -4.72
N LEU B 32 -9.09 -1.42 -3.58
CA LEU B 32 -7.70 -1.70 -3.24
C LEU B 32 -6.76 -1.15 -4.31
N HIS B 33 -7.01 0.09 -4.69
CA HIS B 33 -6.07 0.82 -5.51
C HIS B 33 -5.33 1.81 -4.62
N SER B 34 -4.11 2.15 -5.01
CA SER B 34 -3.23 2.86 -4.12
C SER B 34 -2.46 3.96 -4.85
N PHE B 35 -2.23 5.04 -4.11
CA PHE B 35 -1.63 6.27 -4.61
C PHE B 35 -0.89 6.90 -3.45
N CYS B 36 -0.02 7.85 -3.74
CA CYS B 36 0.62 8.64 -2.70
C CYS B 36 -0.46 9.34 -1.89
N LYS B 37 -0.17 9.56 -0.60
CA LYS B 37 -1.14 10.22 0.26
C LYS B 37 -1.58 11.55 -0.32
N THR B 38 -0.61 12.36 -0.80
CA THR B 38 -0.95 13.69 -1.31
C THR B 38 -1.62 13.62 -2.66
N CYS B 39 -1.28 12.64 -3.47
CA CYS B 39 -1.81 12.55 -4.82
C CYS B 39 -3.31 12.34 -4.78
N ILE B 40 -3.75 11.38 -3.98
CA ILE B 40 -5.16 11.01 -3.95
C ILE B 40 -5.98 12.04 -3.17
N VAL B 41 -5.40 12.68 -2.15
CA VAL B 41 -6.16 13.69 -1.44
C VAL B 41 -6.49 14.83 -2.37
N ARG B 42 -5.52 15.29 -3.16
CA ARG B 42 -5.83 16.32 -4.13
C ARG B 42 -6.80 15.81 -5.18
N TYR B 43 -6.63 14.56 -5.62
CA TYR B 43 -7.58 14.02 -6.59
C TYR B 43 -8.98 14.04 -6.03
N LEU B 44 -9.17 13.47 -4.83
CA LEU B 44 -10.51 13.36 -4.28
C LEU B 44 -11.12 14.70 -3.94
N GLU B 45 -10.38 15.80 -4.09
CA GLU B 45 -10.96 17.12 -3.94
C GLU B 45 -11.87 17.48 -5.10
N THR B 46 -11.88 16.67 -6.17
CA THR B 46 -12.61 16.95 -7.39
C THR B 46 -13.32 15.72 -7.96
N SER B 47 -13.12 14.54 -7.39
CA SER B 47 -13.84 13.37 -7.85
C SER B 47 -14.17 12.47 -6.67
N LYS B 48 -15.33 11.83 -6.73
CA LYS B 48 -15.68 10.81 -5.74
C LYS B 48 -15.50 9.39 -6.29
N TYR B 49 -14.70 9.25 -7.36
CA TYR B 49 -14.50 8.00 -8.09
C TYR B 49 -12.99 7.73 -8.29
N CYS B 50 -12.62 6.43 -8.28
CA CYS B 50 -11.20 6.03 -8.40
C CYS B 50 -10.59 6.51 -9.70
N PRO B 51 -9.35 7.00 -9.66
CA PRO B 51 -8.70 7.45 -10.90
C PRO B 51 -8.47 6.34 -11.91
N ILE B 52 -8.42 5.09 -11.47
CA ILE B 52 -8.06 4.00 -12.37
C ILE B 52 -9.26 3.13 -12.65
N CYS B 53 -9.74 2.39 -11.63
CA CYS B 53 -10.85 1.50 -11.95
C CYS B 53 -12.12 2.28 -12.22
N ASP B 54 -12.27 3.47 -11.63
CA ASP B 54 -13.41 4.39 -11.83
C ASP B 54 -14.65 4.02 -10.99
N VAL B 55 -14.49 3.31 -9.85
CA VAL B 55 -15.59 3.10 -8.89
C VAL B 55 -15.87 4.37 -8.09
N GLN B 56 -17.09 4.43 -7.52
CA GLN B 56 -17.49 5.52 -6.63
C GLN B 56 -16.96 5.24 -5.22
N VAL B 57 -16.09 6.14 -4.72
CA VAL B 57 -15.45 5.99 -3.41
C VAL B 57 -16.45 6.21 -2.29
N HIS B 58 -17.43 7.07 -2.54
CA HIS B 58 -18.47 7.44 -1.59
C HIS B 58 -19.46 8.31 -2.36
N LYS B 59 -20.71 8.36 -1.90
CA LYS B 59 -21.62 9.31 -2.53
C LYS B 59 -21.24 10.74 -2.17
N THR B 60 -20.70 10.96 -0.95
CA THR B 60 -20.57 12.30 -0.37
C THR B 60 -19.18 12.66 0.13
N ARG B 61 -18.60 11.86 1.05
CA ARG B 61 -17.30 12.16 1.63
C ARG B 61 -16.28 11.13 1.19
N PRO B 62 -15.58 11.35 0.08
CA PRO B 62 -14.67 10.30 -0.41
C PRO B 62 -13.57 9.94 0.59
N LEU B 63 -13.00 10.93 1.30
CA LEU B 63 -11.91 10.66 2.25
C LEU B 63 -12.32 9.65 3.31
N LEU B 64 -13.61 9.34 3.41
CA LEU B 64 -14.08 8.40 4.41
C LEU B 64 -13.61 7.00 4.12
N ASN B 65 -13.31 6.69 2.86
CA ASN B 65 -13.07 5.32 2.46
C ASN B 65 -11.69 5.13 1.84
N ILE B 66 -10.68 5.77 2.43
CA ILE B 66 -9.29 5.59 2.07
C ILE B 66 -8.49 5.47 3.36
N ARG B 67 -7.48 4.61 3.36
CA ARG B 67 -6.63 4.40 4.53
C ARG B 67 -5.16 4.44 4.14
N SER B 68 -4.29 4.85 5.07
CA SER B 68 -2.86 4.62 4.89
C SER B 68 -2.59 3.14 4.66
N ASP B 69 -1.65 2.85 3.78
CA ASP B 69 -1.16 1.49 3.53
C ASP B 69 0.30 1.47 3.95
N LYS B 70 0.54 1.28 5.24
CA LYS B 70 1.91 1.20 5.68
C LYS B 70 2.51 -0.12 5.24
N THR B 71 1.71 -1.19 5.18
CA THR B 71 2.21 -2.46 4.67
C THR B 71 2.76 -2.29 3.26
N LEU B 72 2.04 -1.56 2.43
CA LEU B 72 2.52 -1.34 1.07
C LEU B 72 3.69 -0.38 1.04
N GLN B 73 3.64 0.72 1.80
CA GLN B 73 4.74 1.69 1.79
C GLN B 73 6.04 1.09 2.28
N ASP B 74 5.97 0.12 3.17
CA ASP B 74 7.19 -0.49 3.70
C ASP B 74 7.86 -1.35 2.64
N ILE B 75 7.05 -2.04 1.84
CA ILE B 75 7.57 -2.84 0.74
C ILE B 75 8.31 -1.97 -0.26
N VAL B 76 7.84 -0.76 -0.47
CA VAL B 76 8.50 0.17 -1.39
C VAL B 76 9.84 0.61 -0.82
N TYR B 77 9.84 1.06 0.44
CA TYR B 77 11.06 1.58 1.05
C TYR B 77 12.16 0.51 1.11
N LYS B 78 11.76 -0.76 1.21
CA LYS B 78 12.68 -1.88 1.28
C LYS B 78 13.22 -2.30 -0.09
N LEU B 79 12.37 -2.32 -1.11
CA LEU B 79 12.83 -2.73 -2.44
C LEU B 79 13.63 -1.66 -3.14
N VAL B 80 13.28 -0.39 -2.90
CA VAL B 80 13.84 0.73 -3.65
C VAL B 80 15.01 1.30 -2.84
N PRO B 81 16.24 1.16 -3.31
CA PRO B 81 17.40 1.50 -2.46
C PRO B 81 17.49 2.98 -2.19
N GLY B 82 17.58 3.34 -0.92
CA GLY B 82 17.78 4.72 -0.54
C GLY B 82 16.62 5.63 -0.84
N LEU B 83 15.46 5.08 -1.15
CA LEU B 83 14.28 5.90 -1.35
C LEU B 83 13.90 6.57 -0.03
N PHE B 84 13.89 5.79 1.04
CA PHE B 84 13.62 6.33 2.37
C PHE B 84 14.66 7.37 2.80
N LYS B 85 15.96 7.12 2.58
CA LYS B 85 16.92 8.19 2.81
C LYS B 85 16.54 9.43 2.05
N ASN B 86 16.26 9.26 0.76
CA ASN B 86 16.03 10.41 -0.11
C ASN B 86 14.80 11.17 0.34
N GLU B 87 13.73 10.45 0.64
CA GLU B 87 12.49 11.12 1.00
C GLU B 87 12.61 11.80 2.36
N MET B 88 13.24 11.13 3.33
CA MET B 88 13.41 11.76 4.63
C MET B 88 14.32 12.96 4.52
N LYS B 89 15.40 12.86 3.75
CA LYS B 89 16.28 14.01 3.62
C LYS B 89 15.54 15.19 3.01
N ARG B 90 14.67 14.93 2.02
CA ARG B 90 13.87 16.00 1.41
C ARG B 90 13.04 16.76 2.44
N ARG B 91 12.47 16.05 3.43
CA ARG B 91 11.62 16.69 4.41
C ARG B 91 12.41 17.54 5.40
N ARG B 92 13.55 17.02 5.89
CA ARG B 92 14.42 17.85 6.74
C ARG B 92 14.81 19.12 6.02
N ASP B 93 15.31 18.99 4.77
CA ASP B 93 15.75 20.15 4.02
C ASP B 93 14.66 21.18 4.00
N PHE B 94 13.42 20.73 3.83
CA PHE B 94 12.31 21.68 3.75
C PHE B 94 12.17 22.44 5.05
N TYR B 95 12.06 21.71 6.16
CA TYR B 95 11.84 22.37 7.45
C TYR B 95 13.09 23.08 7.96
N ALA B 96 14.24 22.86 7.32
CA ALA B 96 15.40 23.69 7.57
C ALA B 96 15.27 25.04 6.90
N ALA B 97 14.42 25.14 5.88
CA ALA B 97 14.16 26.39 5.19
C ALA B 97 12.86 27.04 5.59
N HIS B 98 12.01 26.36 6.36
CA HIS B 98 10.70 26.89 6.71
C HIS B 98 10.37 26.56 8.17
N PRO B 99 11.03 27.22 9.14
CA PRO B 99 10.66 27.07 10.56
C PRO B 99 9.74 28.17 11.11
N THR A 9 -9.92 13.38 9.16
CA THR A 9 -9.61 14.37 8.14
C THR A 9 -8.23 14.15 7.55
N TRP A 10 -8.11 14.50 6.28
CA TRP A 10 -6.90 14.33 5.48
C TRP A 10 -6.29 15.68 5.19
N GLU A 11 -6.03 16.47 6.22
CA GLU A 11 -5.45 17.80 6.02
C GLU A 11 -3.95 17.61 5.75
N LEU A 12 -3.42 18.28 4.72
CA LEU A 12 -2.02 18.13 4.36
C LEU A 12 -1.18 19.17 5.10
N SER A 13 -0.15 18.70 5.82
CA SER A 13 0.76 19.59 6.55
C SER A 13 1.52 20.47 5.58
N LEU A 14 2.17 21.50 6.11
CA LEU A 14 3.00 22.35 5.25
C LEU A 14 3.96 21.51 4.42
N TYR A 15 4.62 20.54 5.05
CA TYR A 15 5.51 19.68 4.29
C TYR A 15 4.75 19.01 3.16
N GLU A 16 3.66 18.30 3.48
CA GLU A 16 2.92 17.56 2.47
C GLU A 16 2.40 18.48 1.38
N LEU A 17 2.07 19.71 1.73
CA LEU A 17 1.51 20.62 0.74
C LEU A 17 2.50 20.88 -0.38
N GLN A 18 3.76 21.15 -0.04
CA GLN A 18 4.78 21.39 -1.05
C GLN A 18 5.75 20.22 -1.31
N ARG A 19 5.49 19.00 -0.85
CA ARG A 19 6.45 17.91 -1.11
C ARG A 19 6.58 17.64 -2.61
N THR A 20 7.75 17.17 -3.01
CA THR A 20 8.12 16.83 -4.37
C THR A 20 8.15 15.32 -4.58
N PRO A 21 8.16 14.87 -5.83
CA PRO A 21 8.35 13.45 -6.09
C PRO A 21 9.65 12.94 -5.48
N GLN A 22 9.62 11.68 -5.06
CA GLN A 22 10.81 10.89 -4.72
C GLN A 22 11.22 10.13 -5.97
N GLU A 23 12.27 10.62 -6.64
CA GLU A 23 12.67 10.10 -7.95
C GLU A 23 12.96 8.61 -7.88
N ALA A 24 12.44 7.87 -8.86
CA ALA A 24 12.68 6.44 -8.92
C ALA A 24 14.06 6.14 -9.49
N ILE A 25 14.41 4.87 -9.48
CA ILE A 25 15.74 4.41 -9.87
C ILE A 25 15.64 3.64 -11.19
N THR A 26 16.21 4.22 -12.26
CA THR A 26 16.40 3.64 -13.59
C THR A 26 17.79 3.02 -13.76
N ASP A 27 18.66 3.24 -12.79
CA ASP A 27 20.04 2.79 -12.80
C ASP A 27 20.18 1.27 -12.99
N GLY A 28 19.21 0.48 -12.54
CA GLY A 28 19.36 -0.97 -12.66
C GLY A 28 20.22 -1.56 -11.57
N LEU A 29 20.07 -1.08 -10.35
CA LEU A 29 20.61 -1.75 -9.19
C LEU A 29 19.78 -2.99 -8.89
N GLU A 30 20.36 -3.94 -8.18
CA GLU A 30 19.67 -5.16 -7.82
C GLU A 30 19.61 -5.31 -6.30
N ILE A 31 18.45 -5.69 -5.78
CA ILE A 31 18.29 -5.88 -4.35
C ILE A 31 18.27 -7.38 -4.09
N VAL A 32 18.77 -7.79 -2.91
CA VAL A 32 18.80 -9.19 -2.52
C VAL A 32 17.71 -9.43 -1.47
N VAL A 33 16.95 -10.51 -1.64
CA VAL A 33 15.74 -10.75 -0.86
C VAL A 33 15.62 -12.23 -0.55
N SER A 34 15.71 -12.59 0.74
CA SER A 34 15.52 -13.94 1.26
C SER A 34 14.05 -14.22 1.58
N PRO A 35 13.64 -15.50 1.72
CA PRO A 35 12.27 -15.78 2.19
C PRO A 35 11.98 -15.27 3.58
N ARG A 36 13.03 -14.96 4.35
CA ARG A 36 12.93 -14.37 5.67
C ARG A 36 12.81 -12.86 5.62
N SER A 37 13.53 -12.24 4.69
CA SER A 37 13.48 -10.80 4.55
C SER A 37 12.09 -10.36 4.06
N LEU A 38 11.58 -9.27 4.62
CA LEU A 38 10.21 -8.81 4.41
C LEU A 38 9.14 -9.80 4.88
N HIS A 39 9.48 -10.79 5.69
CA HIS A 39 8.49 -11.83 5.95
C HIS A 39 7.35 -11.29 6.82
N SER A 40 7.63 -10.27 7.63
CA SER A 40 6.57 -9.73 8.48
C SER A 40 5.38 -9.23 7.67
N GLU A 41 5.61 -8.85 6.42
CA GLU A 41 4.60 -8.20 5.58
C GLU A 41 3.96 -9.16 4.59
N LEU A 42 4.57 -10.31 4.35
CA LEU A 42 4.14 -11.20 3.29
C LEU A 42 3.50 -12.48 3.82
N MET A 43 3.45 -12.67 5.13
CA MET A 43 2.98 -13.92 5.70
C MET A 43 1.55 -13.71 6.17
N CYS A 44 0.67 -14.56 5.69
CA CYS A 44 -0.66 -14.69 6.24
C CYS A 44 -0.56 -15.11 7.70
N PRO A 45 -1.02 -14.30 8.66
CA PRO A 45 -0.90 -14.69 10.08
C PRO A 45 -1.77 -15.89 10.46
N ILE A 46 -2.43 -16.50 9.48
CA ILE A 46 -3.24 -17.68 9.68
C ILE A 46 -2.33 -18.88 9.47
N CYS A 47 -1.70 -18.95 8.29
CA CYS A 47 -0.94 -20.11 7.87
C CYS A 47 0.57 -19.91 7.82
N LEU A 48 1.07 -18.70 8.03
CA LEU A 48 2.49 -18.46 8.22
C LEU A 48 3.36 -19.04 7.10
N ASP A 49 2.80 -19.11 5.90
CA ASP A 49 3.48 -19.30 4.62
C ASP A 49 3.21 -18.06 3.75
N MET A 50 3.56 -18.17 2.47
CA MET A 50 3.35 -17.07 1.55
C MET A 50 1.88 -16.88 1.21
N LEU A 51 1.49 -15.61 1.05
CA LEU A 51 0.13 -15.31 0.65
C LEU A 51 -0.15 -15.89 -0.73
N LYS A 52 -1.17 -16.75 -0.79
CA LYS A 52 -1.75 -17.26 -2.03
C LYS A 52 -3.19 -16.79 -2.08
N ASN A 53 -3.63 -16.34 -3.25
CA ASN A 53 -4.95 -15.75 -3.42
C ASN A 53 -5.27 -14.74 -2.30
N THR A 54 -4.71 -13.55 -2.39
CA THR A 54 -4.78 -12.61 -1.29
C THR A 54 -6.16 -11.97 -1.19
N MET A 55 -6.53 -11.65 0.05
CA MET A 55 -7.77 -10.92 0.36
C MET A 55 -7.42 -9.76 1.27
N THR A 56 -8.17 -8.70 1.18
CA THR A 56 -7.91 -7.54 2.01
C THR A 56 -9.21 -7.04 2.60
N THR A 57 -9.15 -6.62 3.87
CA THR A 57 -10.32 -6.03 4.52
C THR A 57 -10.39 -4.55 4.15
N LYS A 58 -11.58 -4.10 3.76
CA LYS A 58 -11.77 -2.73 3.28
C LYS A 58 -11.74 -1.70 4.41
N GLU A 59 -11.99 -2.11 5.64
CA GLU A 59 -12.03 -1.16 6.74
C GLU A 59 -10.65 -0.86 7.29
N CYS A 60 -9.70 -1.76 7.06
CA CYS A 60 -8.40 -1.71 7.72
C CYS A 60 -7.23 -2.15 6.84
N LEU A 61 -7.48 -2.57 5.60
CA LEU A 61 -6.42 -2.91 4.66
C LEU A 61 -5.47 -3.94 5.24
N HIS A 62 -6.04 -5.08 5.59
CA HIS A 62 -5.27 -6.20 6.10
C HIS A 62 -5.41 -7.36 5.12
N ARG A 63 -4.29 -8.01 4.82
CA ARG A 63 -4.25 -9.03 3.78
C ARG A 63 -4.24 -10.43 4.40
N PHE A 64 -5.01 -11.34 3.78
CA PHE A 64 -5.02 -12.75 4.18
C PHE A 64 -5.22 -13.61 2.94
N CYS A 65 -5.08 -14.92 3.11
CA CYS A 65 -5.38 -15.84 2.03
C CYS A 65 -6.87 -15.98 1.80
N ALA A 66 -7.27 -16.05 0.54
CA ALA A 66 -8.68 -16.24 0.19
C ALA A 66 -9.21 -17.50 0.87
N ASP A 67 -8.47 -18.58 0.74
CA ASP A 67 -8.85 -19.85 1.35
C ASP A 67 -8.76 -19.78 2.88
N CYS A 68 -7.83 -18.97 3.41
CA CYS A 68 -7.66 -18.91 4.86
C CYS A 68 -8.63 -17.96 5.54
N ILE A 69 -8.91 -16.80 4.99
CA ILE A 69 -9.71 -15.83 5.74
C ILE A 69 -11.19 -16.20 5.88
N ILE A 70 -11.78 -16.80 4.85
CA ILE A 70 -13.19 -17.15 4.88
C ILE A 70 -13.53 -18.10 6.03
N THR A 71 -12.57 -18.91 6.44
CA THR A 71 -12.78 -19.89 7.49
C THR A 71 -12.61 -19.32 8.90
N ALA A 72 -11.84 -18.22 9.08
CA ALA A 72 -11.66 -17.67 10.44
C ALA A 72 -12.85 -16.83 10.87
N LEU A 73 -13.52 -16.23 9.91
CA LEU A 73 -14.73 -15.52 10.21
C LEU A 73 -15.86 -16.52 10.37
N ARG A 74 -15.64 -17.74 9.83
CA ARG A 74 -16.60 -18.84 9.92
C ARG A 74 -16.76 -19.35 11.35
N SER A 75 -15.85 -19.02 12.27
CA SER A 75 -15.90 -19.55 13.62
C SER A 75 -16.43 -18.52 14.61
N GLY A 76 -17.14 -17.52 14.08
CA GLY A 76 -18.08 -16.75 14.86
C GLY A 76 -17.62 -15.46 15.47
N ASN A 77 -16.51 -14.87 15.02
CA ASN A 77 -16.13 -13.68 15.74
C ASN A 77 -16.32 -12.39 14.95
N LYS A 78 -16.42 -12.49 13.61
CA LYS A 78 -16.67 -11.34 12.70
C LYS A 78 -15.89 -10.05 13.00
N GLU A 79 -14.65 -10.19 13.36
CA GLU A 79 -13.74 -9.06 13.55
C GLU A 79 -12.54 -9.23 12.63
N CYS A 80 -11.70 -8.19 12.55
CA CYS A 80 -10.48 -8.32 11.75
C CYS A 80 -9.44 -9.15 12.50
N PRO A 81 -8.98 -10.27 11.95
CA PRO A 81 -8.05 -11.14 12.67
C PRO A 81 -6.79 -10.45 13.15
N THR A 82 -6.52 -9.22 12.71
CA THR A 82 -5.27 -8.52 12.99
C THR A 82 -5.45 -7.47 14.09
N CYS A 83 -6.37 -6.54 13.89
CA CYS A 83 -6.59 -5.45 14.82
C CYS A 83 -7.85 -5.63 15.66
N ARG A 84 -8.54 -6.76 15.49
CA ARG A 84 -9.66 -7.14 16.35
C ARG A 84 -10.72 -6.05 16.34
N LYS A 85 -11.18 -5.74 15.12
CA LYS A 85 -12.20 -4.72 14.94
C LYS A 85 -13.37 -5.29 14.14
N LYS A 86 -14.59 -4.95 14.54
CA LYS A 86 -15.78 -5.55 13.95
C LYS A 86 -15.80 -5.30 12.46
N LEU A 87 -15.89 -6.36 11.71
CA LEU A 87 -15.90 -6.26 10.27
C LEU A 87 -17.34 -6.40 9.79
N VAL A 88 -17.87 -5.30 9.26
CA VAL A 88 -19.24 -5.25 8.80
C VAL A 88 -19.40 -5.94 7.44
N SER A 89 -20.51 -6.65 7.26
CA SER A 89 -20.87 -7.28 5.99
C SER A 89 -19.85 -8.31 5.48
N LYS A 90 -20.06 -8.63 4.22
CA LYS A 90 -19.22 -9.55 3.48
C LYS A 90 -18.56 -8.80 2.33
N ARG A 91 -19.14 -7.65 1.91
CA ARG A 91 -18.48 -6.88 0.88
C ARG A 91 -17.24 -6.16 1.42
N SER A 92 -16.94 -6.27 2.72
CA SER A 92 -15.66 -5.79 3.23
C SER A 92 -14.49 -6.64 2.80
N LEU A 93 -14.65 -7.66 1.98
CA LEU A 93 -13.50 -8.49 1.61
C LEU A 93 -13.29 -8.51 0.11
N ARG A 94 -12.18 -7.97 -0.39
CA ARG A 94 -11.98 -8.04 -1.81
C ARG A 94 -10.69 -8.80 -2.13
N PRO A 95 -10.70 -9.64 -3.16
CA PRO A 95 -9.44 -10.25 -3.59
C PRO A 95 -8.54 -9.16 -4.14
N ASP A 96 -7.22 -9.35 -3.94
CA ASP A 96 -6.24 -8.32 -4.27
C ASP A 96 -5.33 -8.69 -5.42
N PRO A 97 -5.78 -8.53 -6.67
CA PRO A 97 -4.93 -8.96 -7.79
C PRO A 97 -3.66 -8.15 -7.94
N ASN A 98 -3.72 -6.83 -7.70
CA ASN A 98 -2.50 -6.03 -7.78
C ASN A 98 -1.47 -6.45 -6.75
N PHE A 99 -1.89 -7.09 -5.66
CA PHE A 99 -0.97 -7.62 -4.66
C PHE A 99 -0.42 -8.99 -5.02
N ASP A 100 -1.25 -9.89 -5.54
CA ASP A 100 -0.70 -11.14 -6.01
C ASP A 100 0.22 -10.91 -7.20
N ALA A 101 -0.07 -9.89 -8.01
CA ALA A 101 0.84 -9.52 -9.08
C ALA A 101 2.26 -9.34 -8.56
N LEU A 102 2.39 -8.92 -7.31
CA LEU A 102 3.66 -8.62 -6.64
C LEU A 102 4.34 -9.88 -6.10
N ILE A 103 3.55 -10.82 -5.57
CA ILE A 103 4.11 -12.06 -5.07
C ILE A 103 4.79 -12.85 -6.18
N SER A 104 4.18 -12.90 -7.36
CA SER A 104 4.68 -13.68 -8.47
C SER A 104 6.09 -13.27 -8.90
N LYS A 105 6.60 -12.15 -8.41
CA LYS A 105 7.95 -11.71 -8.71
C LYS A 105 8.98 -12.29 -7.74
N ILE A 106 8.52 -12.89 -6.64
CA ILE A 106 9.40 -13.25 -5.54
C ILE A 106 9.11 -14.69 -5.10
N TYR A 107 9.40 -15.65 -5.97
CA TYR A 107 9.11 -17.05 -5.62
C TYR A 107 9.72 -17.48 -4.30
N PRO A 108 10.95 -17.04 -3.91
CA PRO A 108 11.42 -17.30 -2.55
C PRO A 108 11.49 -16.03 -1.70
N THR B 1 16.68 -17.29 -1.73
CA THR B 1 17.12 -15.91 -1.91
C THR B 1 17.50 -15.60 -3.35
N THR B 2 17.01 -14.46 -3.85
CA THR B 2 17.30 -14.02 -5.21
C THR B 2 17.70 -12.56 -5.21
N ARG B 3 18.32 -12.16 -6.31
CA ARG B 3 18.65 -10.77 -6.60
C ARG B 3 17.73 -10.32 -7.72
N ILE B 4 17.13 -9.15 -7.59
CA ILE B 4 16.15 -8.70 -8.58
C ILE B 4 16.56 -7.32 -9.08
N LYS B 5 16.53 -7.11 -10.41
CA LYS B 5 16.69 -5.76 -10.92
C LYS B 5 15.47 -4.93 -10.50
N ILE B 6 15.72 -3.76 -9.91
CA ILE B 6 14.67 -2.89 -9.38
C ILE B 6 13.81 -2.28 -10.46
N THR B 7 14.34 -2.20 -11.67
CA THR B 7 13.54 -1.79 -12.81
C THR B 7 12.34 -2.72 -13.02
N GLU B 8 12.43 -3.98 -12.52
CA GLU B 8 11.35 -4.96 -12.52
C GLU B 8 10.27 -4.69 -11.49
N LEU B 9 10.61 -4.03 -10.37
CA LEU B 9 9.67 -3.76 -9.30
C LEU B 9 9.05 -2.38 -9.36
N ASN B 10 9.74 -1.40 -9.91
CA ASN B 10 9.28 -0.01 -10.00
C ASN B 10 7.82 0.12 -10.40
N PRO B 11 7.28 -0.66 -11.35
CA PRO B 11 5.82 -0.62 -11.52
C PRO B 11 5.05 -0.88 -10.22
N HIS B 12 5.41 -1.89 -9.44
CA HIS B 12 4.63 -2.21 -8.26
C HIS B 12 4.86 -1.26 -7.10
N LEU B 13 5.80 -0.31 -7.22
CA LEU B 13 6.25 0.54 -6.13
C LEU B 13 6.14 2.03 -6.46
N MET B 14 5.36 2.41 -7.46
CA MET B 14 5.39 3.79 -7.93
C MET B 14 3.96 4.33 -8.08
N CYS B 15 3.83 5.61 -7.75
CA CYS B 15 2.61 6.40 -7.85
C CYS B 15 2.45 6.95 -9.26
N VAL B 16 1.31 6.67 -9.88
CA VAL B 16 1.10 7.10 -11.26
C VAL B 16 0.93 8.61 -11.42
N LEU B 17 0.65 9.31 -10.34
CA LEU B 17 0.60 10.77 -10.41
C LEU B 17 1.98 11.38 -10.23
N CYS B 18 2.73 10.89 -9.25
CA CYS B 18 4.02 11.43 -8.86
C CYS B 18 5.19 10.99 -9.74
N GLY B 19 5.03 9.92 -10.50
CA GLY B 19 6.06 9.34 -11.32
C GLY B 19 7.22 8.79 -10.51
N GLY B 20 7.04 8.70 -9.19
CA GLY B 20 8.09 8.27 -8.31
C GLY B 20 7.50 7.32 -7.29
N TYR B 21 8.34 6.89 -6.37
CA TYR B 21 7.95 5.92 -5.35
C TYR B 21 6.84 6.46 -4.42
N PHE B 22 6.13 5.51 -3.83
CA PHE B 22 5.09 5.85 -2.89
C PHE B 22 5.69 6.47 -1.64
N ILE B 23 5.18 7.62 -1.23
CA ILE B 23 5.50 8.17 0.06
C ILE B 23 4.18 8.40 0.78
N ASP B 24 4.07 7.88 2.00
CA ASP B 24 2.81 7.81 2.73
C ASP B 24 1.73 7.14 1.88
N ALA B 25 1.98 5.88 1.53
CA ALA B 25 1.12 5.16 0.58
C ALA B 25 -0.33 5.09 1.07
N THR B 26 -1.26 5.34 0.13
CA THR B 26 -2.70 5.40 0.40
C THR B 26 -3.46 4.62 -0.67
N THR B 27 -4.56 4.00 -0.25
CA THR B 27 -5.27 2.99 -1.04
C THR B 27 -6.76 3.29 -1.09
N ILE B 28 -7.33 3.21 -2.29
CA ILE B 28 -8.80 3.23 -2.46
C ILE B 28 -9.34 1.85 -2.09
N ILE B 29 -10.20 1.78 -1.09
CA ILE B 29 -10.65 0.49 -0.57
C ILE B 29 -11.71 -0.18 -1.44
N GLU B 30 -11.97 0.36 -2.62
CA GLU B 30 -12.86 -0.30 -3.57
C GLU B 30 -12.13 -1.16 -4.61
N CYS B 31 -11.17 -0.56 -5.31
CA CYS B 31 -10.42 -1.19 -6.38
C CYS B 31 -9.02 -1.61 -5.97
N LEU B 32 -8.59 -1.26 -4.76
CA LEU B 32 -7.25 -1.57 -4.27
C LEU B 32 -6.20 -0.98 -5.20
N HIS B 33 -6.40 0.26 -5.58
CA HIS B 33 -5.36 1.02 -6.25
C HIS B 33 -4.73 1.96 -5.24
N SER B 34 -3.47 2.31 -5.47
CA SER B 34 -2.69 3.00 -4.46
C SER B 34 -1.84 4.11 -5.06
N PHE B 35 -1.69 5.16 -4.26
CA PHE B 35 -1.04 6.40 -4.65
C PHE B 35 -0.44 6.98 -3.38
N CYS B 36 0.46 7.93 -3.55
CA CYS B 36 0.96 8.69 -2.41
C CYS B 36 -0.19 9.38 -1.71
N LYS B 37 -0.05 9.54 -0.39
CA LYS B 37 -1.12 10.19 0.38
C LYS B 37 -1.47 11.54 -0.22
N THR B 38 -0.46 12.37 -0.55
CA THR B 38 -0.73 13.71 -1.05
C THR B 38 -1.25 13.69 -2.48
N CYS B 39 -0.80 12.71 -3.27
CA CYS B 39 -1.17 12.69 -4.67
C CYS B 39 -2.67 12.48 -4.82
N ILE B 40 -3.20 11.50 -4.11
CA ILE B 40 -4.60 11.14 -4.26
C ILE B 40 -5.52 12.15 -3.55
N VAL B 41 -5.06 12.76 -2.46
CA VAL B 41 -5.89 13.74 -1.81
C VAL B 41 -6.10 14.92 -2.73
N ARG B 42 -5.04 15.40 -3.38
CA ARG B 42 -5.22 16.47 -4.36
C ARG B 42 -6.06 15.99 -5.52
N TYR B 43 -5.85 14.76 -5.98
CA TYR B 43 -6.68 14.26 -7.08
C TYR B 43 -8.15 14.27 -6.67
N LEU B 44 -8.47 13.66 -5.54
CA LEU B 44 -9.87 13.55 -5.16
C LEU B 44 -10.51 14.88 -4.85
N GLU B 45 -9.75 15.97 -4.87
CA GLU B 45 -10.33 17.29 -4.75
C GLU B 45 -11.11 17.70 -6.00
N THR B 46 -10.98 16.92 -7.08
CA THR B 46 -11.57 17.24 -8.38
C THR B 46 -12.21 16.05 -9.07
N SER B 47 -12.08 14.84 -8.52
CA SER B 47 -12.76 13.69 -9.10
C SER B 47 -13.22 12.76 -7.99
N LYS B 48 -14.36 12.13 -8.20
CA LYS B 48 -14.83 11.08 -7.30
C LYS B 48 -14.59 9.68 -7.87
N TYR B 49 -13.68 9.56 -8.84
CA TYR B 49 -13.39 8.34 -9.58
C TYR B 49 -11.88 8.06 -9.60
N CYS B 50 -11.50 6.76 -9.60
CA CYS B 50 -10.09 6.35 -9.56
C CYS B 50 -9.32 6.88 -10.77
N PRO B 51 -8.11 7.35 -10.56
CA PRO B 51 -7.30 7.84 -11.70
C PRO B 51 -6.96 6.75 -12.72
N ILE B 52 -6.97 5.48 -12.31
CA ILE B 52 -6.50 4.43 -13.19
C ILE B 52 -7.68 3.57 -13.64
N CYS B 53 -8.28 2.81 -12.71
CA CYS B 53 -9.34 1.94 -13.19
C CYS B 53 -10.57 2.73 -13.58
N ASP B 54 -10.78 3.90 -12.98
CA ASP B 54 -11.89 4.83 -13.28
C ASP B 54 -13.22 4.45 -12.61
N VAL B 55 -13.19 3.69 -11.49
CA VAL B 55 -14.40 3.47 -10.66
C VAL B 55 -14.77 4.72 -9.86
N GLN B 56 -16.04 4.77 -9.44
CA GLN B 56 -16.54 5.83 -8.57
C GLN B 56 -16.18 5.52 -7.12
N VAL B 57 -15.39 6.38 -6.49
CA VAL B 57 -14.91 6.19 -5.12
C VAL B 57 -16.04 6.38 -4.12
N HIS B 58 -16.97 7.26 -4.46
CA HIS B 58 -18.11 7.60 -3.63
C HIS B 58 -19.00 8.51 -4.48
N LYS B 59 -20.30 8.55 -4.17
CA LYS B 59 -21.13 9.53 -4.88
C LYS B 59 -20.79 10.95 -4.43
N THR B 60 -20.40 11.12 -3.15
CA THR B 60 -20.34 12.43 -2.51
C THR B 60 -19.00 12.77 -1.84
N ARG B 61 -18.55 11.94 -0.89
CA ARG B 61 -17.32 12.21 -0.13
C ARG B 61 -16.26 11.19 -0.49
N PRO B 62 -15.43 11.43 -1.51
CA PRO B 62 -14.47 10.39 -1.90
C PRO B 62 -13.51 10.00 -0.80
N LEU B 63 -13.02 10.95 0.01
CA LEU B 63 -12.06 10.65 1.07
C LEU B 63 -12.58 9.62 2.04
N LEU B 64 -13.88 9.31 1.97
CA LEU B 64 -14.48 8.34 2.88
C LEU B 64 -13.97 6.95 2.62
N ASN B 65 -13.53 6.67 1.39
CA ASN B 65 -13.25 5.31 0.97
C ASN B 65 -11.81 5.13 0.52
N ILE B 66 -10.88 5.75 1.24
CA ILE B 66 -9.44 5.57 1.04
C ILE B 66 -8.81 5.40 2.41
N ARG B 67 -7.81 4.53 2.52
CA ARG B 67 -7.10 4.28 3.76
C ARG B 67 -5.59 4.33 3.55
N SER B 68 -4.85 4.70 4.59
CA SER B 68 -3.41 4.46 4.58
C SER B 68 -3.12 2.99 4.34
N ASP B 69 -2.07 2.72 3.56
CA ASP B 69 -1.57 1.37 3.33
C ASP B 69 -0.17 1.32 3.93
N LYS B 70 -0.09 1.08 5.22
CA LYS B 70 1.23 0.97 5.83
C LYS B 70 1.87 -0.33 5.41
N THR B 71 1.07 -1.38 5.22
CA THR B 71 1.63 -2.64 4.74
C THR B 71 2.34 -2.44 3.42
N LEU B 72 1.74 -1.68 2.52
CA LEU B 72 2.37 -1.43 1.24
C LEU B 72 3.55 -0.46 1.38
N GLN B 73 3.40 0.61 2.16
CA GLN B 73 4.49 1.57 2.31
C GLN B 73 5.73 0.95 2.94
N ASP B 74 5.56 -0.05 3.79
CA ASP B 74 6.70 -0.68 4.43
C ASP B 74 7.48 -1.52 3.43
N ILE B 75 6.77 -2.17 2.52
CA ILE B 75 7.41 -2.95 1.46
C ILE B 75 8.28 -2.05 0.59
N VAL B 76 7.83 -0.83 0.36
CA VAL B 76 8.61 0.12 -0.44
C VAL B 76 9.87 0.53 0.30
N TYR B 77 9.73 0.95 1.56
CA TYR B 77 10.87 1.43 2.33
C TYR B 77 11.93 0.37 2.48
N LYS B 78 11.52 -0.90 2.50
CA LYS B 78 12.44 -2.04 2.65
C LYS B 78 13.13 -2.42 1.33
N LEU B 79 12.42 -2.41 0.22
CA LEU B 79 13.02 -2.78 -1.06
C LEU B 79 13.90 -1.69 -1.62
N VAL B 80 13.53 -0.42 -1.39
CA VAL B 80 14.18 0.72 -2.04
C VAL B 80 15.25 1.25 -1.06
N PRO B 81 16.53 1.11 -1.39
CA PRO B 81 17.57 1.42 -0.41
C PRO B 81 17.64 2.90 -0.07
N GLY B 82 17.58 3.20 1.22
CA GLY B 82 17.73 4.57 1.66
C GLY B 82 16.63 5.50 1.25
N LEU B 83 15.51 4.96 0.79
CA LEU B 83 14.36 5.81 0.48
C LEU B 83 13.82 6.44 1.75
N PHE B 84 13.71 5.63 2.80
CA PHE B 84 13.26 6.12 4.10
C PHE B 84 14.25 7.14 4.69
N LYS B 85 15.56 6.89 4.61
CA LYS B 85 16.50 7.94 5.00
C LYS B 85 16.21 9.21 4.23
N ASN B 86 16.09 9.09 2.91
CA ASN B 86 15.97 10.26 2.06
C ASN B 86 14.70 11.02 2.38
N GLU B 87 13.60 10.30 2.52
CA GLU B 87 12.33 10.95 2.76
C GLU B 87 12.28 11.59 4.13
N MET B 88 12.79 10.89 5.16
CA MET B 88 12.81 11.48 6.50
C MET B 88 13.73 12.68 6.54
N LYS B 89 14.90 12.60 5.89
CA LYS B 89 15.79 13.74 5.91
C LYS B 89 15.13 14.93 5.25
N ARG B 90 14.38 14.72 4.15
CA ARG B 90 13.66 15.81 3.49
C ARG B 90 12.72 16.55 4.44
N ARG B 91 12.04 15.82 5.32
CA ARG B 91 11.07 16.43 6.22
C ARG B 91 11.75 17.24 7.33
N ARG B 92 12.82 16.71 7.93
CA ARG B 92 13.58 17.49 8.90
C ARG B 92 14.07 18.79 8.27
N ASP B 93 14.71 18.69 7.09
CA ASP B 93 15.24 19.87 6.43
C ASP B 93 14.16 20.91 6.32
N PHE B 94 12.94 20.47 5.98
CA PHE B 94 11.86 21.43 5.80
C PHE B 94 11.58 22.15 7.10
N TYR B 95 11.32 21.40 8.18
CA TYR B 95 10.96 22.00 9.44
C TYR B 95 12.13 22.69 10.12
N ALA B 96 13.36 22.48 9.61
CA ALA B 96 14.48 23.30 10.03
C ALA B 96 14.44 24.67 9.39
N ALA B 97 13.71 24.81 8.27
CA ALA B 97 13.54 26.08 7.60
C ALA B 97 12.20 26.73 7.87
N HIS B 98 11.27 26.03 8.50
CA HIS B 98 9.93 26.56 8.72
C HIS B 98 9.43 26.17 10.12
N PRO B 99 9.96 26.81 11.18
CA PRO B 99 9.42 26.62 12.54
C PRO B 99 8.46 27.71 13.01
N THR A 9 -8.28 14.13 9.78
CA THR A 9 -8.05 15.08 8.70
C THR A 9 -6.76 14.78 7.97
N TRP A 10 -6.76 15.09 6.68
CA TRP A 10 -5.66 14.84 5.76
C TRP A 10 -5.02 16.15 5.36
N GLU A 11 -4.62 16.96 6.33
CA GLU A 11 -4.00 18.24 6.04
C GLU A 11 -2.55 17.99 5.61
N LEU A 12 -2.12 18.60 4.50
CA LEU A 12 -0.76 18.38 3.98
C LEU A 12 0.20 19.39 4.60
N SER A 13 1.29 18.90 5.21
CA SER A 13 2.30 19.76 5.82
C SER A 13 2.98 20.58 4.74
N LEU A 14 3.74 21.60 5.16
CA LEU A 14 4.50 22.38 4.19
C LEU A 14 5.32 21.49 3.28
N TYR A 15 6.01 20.50 3.87
CA TYR A 15 6.77 19.57 3.04
C TYR A 15 5.86 18.91 2.01
N GLU A 16 4.78 18.26 2.48
CA GLU A 16 3.89 17.53 1.58
C GLU A 16 3.30 18.44 0.53
N LEU A 17 3.06 19.70 0.88
CA LEU A 17 2.44 20.61 -0.07
C LEU A 17 3.30 20.79 -1.31
N GLN A 18 4.60 21.02 -1.11
CA GLN A 18 5.51 21.19 -2.23
C GLN A 18 6.40 19.97 -2.57
N ARG A 19 6.14 18.77 -2.04
CA ARG A 19 7.02 17.63 -2.38
C ARG A 19 6.96 17.32 -3.87
N THR A 20 8.05 16.78 -4.38
CA THR A 20 8.26 16.39 -5.78
C THR A 20 8.20 14.88 -5.94
N PRO A 21 8.04 14.39 -7.16
CA PRO A 21 8.14 12.96 -7.40
C PRO A 21 9.49 12.41 -6.93
N GLN A 22 9.44 11.15 -6.48
CA GLN A 22 10.63 10.32 -6.23
C GLN A 22 10.86 9.52 -7.50
N GLU A 23 11.85 9.94 -8.30
CA GLU A 23 12.07 9.36 -9.63
C GLU A 23 12.31 7.86 -9.56
N ALA A 24 11.65 7.13 -10.44
CA ALA A 24 11.82 5.69 -10.49
C ALA A 24 13.11 5.32 -11.20
N ILE A 25 13.40 4.02 -11.19
CA ILE A 25 14.66 3.50 -11.71
C ILE A 25 14.38 2.69 -12.98
N THR A 26 14.84 3.23 -14.12
CA THR A 26 14.86 2.61 -15.46
C THR A 26 16.19 1.92 -15.76
N ASP A 27 17.19 2.12 -14.90
CA ASP A 27 18.54 1.60 -15.04
C ASP A 27 18.58 0.07 -15.21
N GLY A 28 17.63 -0.66 -14.64
CA GLY A 28 17.70 -2.11 -14.72
C GLY A 28 18.65 -2.72 -13.72
N LEU A 29 18.66 -2.21 -12.50
CA LEU A 29 19.30 -2.87 -11.39
C LEU A 29 18.45 -4.06 -10.97
N GLU A 30 19.06 -5.02 -10.29
CA GLU A 30 18.37 -6.20 -9.82
C GLU A 30 18.48 -6.30 -8.30
N ILE A 31 17.38 -6.62 -7.64
CA ILE A 31 17.36 -6.77 -6.20
C ILE A 31 17.30 -8.25 -5.90
N VAL A 32 17.91 -8.65 -4.77
CA VAL A 32 17.92 -10.05 -4.33
C VAL A 32 16.95 -10.20 -3.17
N VAL A 33 16.13 -11.26 -3.23
CA VAL A 33 15.01 -11.41 -2.30
C VAL A 33 14.85 -12.89 -1.94
N SER A 34 15.08 -13.21 -0.67
CA SER A 34 14.89 -14.54 -0.08
C SER A 34 13.45 -14.74 0.41
N PRO A 35 13.01 -15.99 0.63
CA PRO A 35 11.68 -16.20 1.26
C PRO A 35 11.58 -15.65 2.67
N ARG A 36 12.72 -15.37 3.29
CA ARG A 36 12.79 -14.74 4.61
C ARG A 36 12.73 -13.23 4.52
N SER A 37 13.37 -12.66 3.50
CA SER A 37 13.37 -11.22 3.32
C SER A 37 11.95 -10.74 2.97
N LEU A 38 11.56 -9.60 3.56
CA LEU A 38 10.19 -9.09 3.48
C LEU A 38 9.14 -10.01 4.09
N HIS A 39 9.52 -11.01 4.90
CA HIS A 39 8.52 -11.99 5.29
C HIS A 39 7.52 -11.37 6.27
N SER A 40 7.93 -10.35 7.02
CA SER A 40 7.01 -9.74 7.97
C SER A 40 5.75 -9.21 7.27
N GLU A 41 5.86 -8.87 5.99
CA GLU A 41 4.78 -8.20 5.25
C GLU A 41 4.00 -9.15 4.37
N LEU A 42 4.53 -10.33 4.10
CA LEU A 42 3.94 -11.23 3.12
C LEU A 42 3.30 -12.46 3.76
N MET A 43 3.41 -12.61 5.07
CA MET A 43 2.94 -13.82 5.73
C MET A 43 1.58 -13.52 6.34
N CYS A 44 0.61 -14.36 6.00
CA CYS A 44 -0.65 -14.41 6.69
C CYS A 44 -0.40 -14.80 8.14
N PRO A 45 -0.72 -13.94 9.12
CA PRO A 45 -0.45 -14.31 10.53
C PRO A 45 -1.32 -15.45 11.05
N ILE A 46 -2.12 -16.05 10.16
CA ILE A 46 -2.96 -17.20 10.49
C ILE A 46 -2.11 -18.43 10.21
N CYS A 47 -1.64 -18.56 8.97
CA CYS A 47 -0.98 -19.77 8.50
C CYS A 47 0.52 -19.65 8.27
N LEU A 48 1.09 -18.45 8.40
CA LEU A 48 2.54 -18.27 8.42
C LEU A 48 3.25 -18.92 7.23
N ASP A 49 2.56 -19.00 6.10
CA ASP A 49 3.09 -19.24 4.76
C ASP A 49 2.77 -18.03 3.89
N MET A 50 2.96 -18.17 2.58
CA MET A 50 2.70 -17.09 1.65
C MET A 50 1.22 -16.83 1.47
N LEU A 51 0.87 -15.56 1.32
CA LEU A 51 -0.52 -15.21 1.07
C LEU A 51 -0.98 -15.81 -0.26
N LYS A 52 -2.03 -16.62 -0.18
CA LYS A 52 -2.77 -17.13 -1.33
C LYS A 52 -4.18 -16.60 -1.23
N ASN A 53 -4.74 -16.16 -2.36
CA ASN A 53 -6.04 -15.50 -2.40
C ASN A 53 -6.19 -14.46 -1.28
N THR A 54 -5.59 -13.29 -1.47
CA THR A 54 -5.48 -12.32 -0.39
C THR A 54 -6.82 -11.61 -0.16
N MET A 55 -7.04 -11.25 1.10
CA MET A 55 -8.19 -10.46 1.53
C MET A 55 -7.70 -9.29 2.34
N THR A 56 -8.41 -8.20 2.31
CA THR A 56 -8.01 -7.02 3.06
C THR A 56 -9.21 -6.46 3.79
N THR A 57 -8.98 -6.00 5.02
CA THR A 57 -10.04 -5.34 5.79
C THR A 57 -10.09 -3.88 5.39
N LYS A 58 -11.30 -3.38 5.11
CA LYS A 58 -11.50 -2.02 4.62
C LYS A 58 -11.30 -0.96 5.69
N GLU A 59 -11.41 -1.33 6.95
CA GLU A 59 -11.29 -0.34 8.02
C GLU A 59 -9.83 -0.08 8.40
N CYS A 60 -8.95 -1.02 8.10
CA CYS A 60 -7.58 -1.01 8.59
C CYS A 60 -6.55 -1.53 7.58
N LEU A 61 -6.96 -1.97 6.40
CA LEU A 61 -6.04 -2.37 5.35
C LEU A 61 -5.06 -3.44 5.85
N HIS A 62 -5.63 -4.55 6.30
CA HIS A 62 -4.84 -5.68 6.75
C HIS A 62 -5.15 -6.86 5.85
N ARG A 63 -4.10 -7.56 5.44
CA ARG A 63 -4.22 -8.62 4.44
C ARG A 63 -4.20 -10.00 5.08
N PHE A 64 -5.06 -10.89 4.60
CA PHE A 64 -5.08 -12.28 5.04
C PHE A 64 -5.45 -13.17 3.87
N CYS A 65 -5.35 -14.48 4.07
CA CYS A 65 -5.81 -15.42 3.06
C CYS A 65 -7.32 -15.50 3.03
N ALA A 66 -7.88 -15.59 1.82
CA ALA A 66 -9.32 -15.74 1.65
C ALA A 66 -9.77 -17.03 2.29
N ASP A 67 -9.07 -18.12 2.00
CA ASP A 67 -9.39 -19.42 2.56
C ASP A 67 -9.17 -19.45 4.07
N CYS A 68 -8.24 -18.64 4.58
CA CYS A 68 -7.95 -18.67 6.01
C CYS A 68 -8.92 -17.83 6.84
N ILE A 69 -9.32 -16.65 6.40
CA ILE A 69 -10.12 -15.77 7.28
C ILE A 69 -11.51 -16.32 7.63
N ILE A 70 -12.04 -17.22 6.81
CA ILE A 70 -13.36 -17.77 7.05
C ILE A 70 -13.45 -18.54 8.38
N THR A 71 -12.38 -19.23 8.74
CA THR A 71 -12.36 -20.04 9.95
C THR A 71 -12.02 -19.24 11.21
N ALA A 72 -11.32 -18.09 11.10
CA ALA A 72 -10.99 -17.33 12.31
C ALA A 72 -12.15 -16.50 12.80
N LEU A 73 -12.99 -16.07 11.88
CA LEU A 73 -14.21 -15.38 12.24
C LEU A 73 -15.24 -16.43 12.65
N ARG A 74 -15.11 -17.66 12.09
CA ARG A 74 -16.00 -18.77 12.40
C ARG A 74 -15.86 -19.26 13.83
N SER A 75 -14.78 -18.89 14.54
CA SER A 75 -14.54 -19.40 15.89
C SER A 75 -14.89 -18.37 16.94
N GLY A 76 -15.71 -17.39 16.57
CA GLY A 76 -16.49 -16.64 17.51
C GLY A 76 -15.95 -15.32 17.99
N ASN A 77 -14.98 -14.72 17.33
CA ASN A 77 -14.48 -13.51 17.94
C ASN A 77 -14.88 -12.23 17.18
N LYS A 78 -15.23 -12.35 15.90
CA LYS A 78 -15.70 -11.24 15.03
C LYS A 78 -14.87 -9.95 15.09
N GLU A 79 -13.59 -10.09 15.36
CA GLU A 79 -12.65 -8.98 15.31
C GLU A 79 -11.54 -9.31 14.32
N CYS A 80 -10.69 -8.33 14.02
CA CYS A 80 -9.56 -8.61 13.13
C CYS A 80 -8.47 -9.36 13.88
N PRO A 81 -8.10 -10.57 13.43
CA PRO A 81 -7.12 -11.38 14.17
C PRO A 81 -5.80 -10.68 14.44
N THR A 82 -5.55 -9.52 13.82
CA THR A 82 -4.27 -8.85 13.90
C THR A 82 -4.30 -7.66 14.85
N CYS A 83 -5.21 -6.73 14.63
CA CYS A 83 -5.31 -5.52 15.43
C CYS A 83 -6.48 -5.56 16.40
N ARG A 84 -7.22 -6.66 16.44
CA ARG A 84 -8.25 -6.89 17.45
C ARG A 84 -9.29 -5.77 17.39
N LYS A 85 -9.86 -5.59 16.20
CA LYS A 85 -10.86 -4.57 15.98
C LYS A 85 -12.11 -5.19 15.38
N LYS A 86 -13.28 -4.74 15.85
CA LYS A 86 -14.55 -5.37 15.45
C LYS A 86 -14.70 -5.31 13.96
N LEU A 87 -14.89 -6.45 13.35
CA LEU A 87 -15.06 -6.52 11.92
C LEU A 87 -16.54 -6.40 11.59
N VAL A 88 -16.92 -5.20 11.21
CA VAL A 88 -18.31 -4.88 10.90
C VAL A 88 -18.73 -5.50 9.56
N SER A 89 -19.99 -5.96 9.51
CA SER A 89 -20.59 -6.47 8.27
C SER A 89 -19.78 -7.55 7.57
N LYS A 90 -20.13 -7.75 6.30
CA LYS A 90 -19.45 -8.67 5.43
C LYS A 90 -18.83 -7.92 4.26
N ARG A 91 -19.37 -6.71 3.93
CA ARG A 91 -18.73 -5.92 2.90
C ARG A 91 -17.44 -5.27 3.40
N SER A 92 -17.09 -5.46 4.69
CA SER A 92 -15.76 -5.04 5.15
C SER A 92 -14.65 -5.92 4.62
N LEU A 93 -14.88 -6.90 3.77
CA LEU A 93 -13.79 -7.75 3.30
C LEU A 93 -13.71 -7.78 1.80
N ARG A 94 -12.61 -7.30 1.21
CA ARG A 94 -12.54 -7.39 -0.23
C ARG A 94 -11.33 -8.22 -0.65
N PRO A 95 -11.48 -9.06 -1.68
CA PRO A 95 -10.30 -9.75 -2.20
C PRO A 95 -9.38 -8.72 -2.83
N ASP A 96 -8.07 -8.99 -2.74
CA ASP A 96 -7.05 -8.02 -3.15
C ASP A 96 -6.27 -8.44 -4.38
N PRO A 97 -6.82 -8.25 -5.59
CA PRO A 97 -6.09 -8.74 -6.78
C PRO A 97 -4.80 -8.00 -7.03
N ASN A 98 -4.75 -6.68 -6.80
CA ASN A 98 -3.50 -5.95 -6.99
C ASN A 98 -2.41 -6.44 -6.05
N PHE A 99 -2.78 -7.05 -4.91
CA PHE A 99 -1.81 -7.63 -3.99
C PHE A 99 -1.38 -9.03 -4.40
N ASP A 100 -2.30 -9.88 -4.84
CA ASP A 100 -1.86 -11.16 -5.35
C ASP A 100 -1.04 -10.98 -6.62
N ALA A 101 -1.34 -9.96 -7.40
CA ALA A 101 -0.50 -9.65 -8.55
C ALA A 101 0.97 -9.54 -8.15
N LEU A 102 1.22 -9.14 -6.91
CA LEU A 102 2.57 -8.92 -6.37
C LEU A 102 3.21 -10.22 -5.87
N ILE A 103 2.42 -11.10 -5.27
CA ILE A 103 2.94 -12.37 -4.81
C ILE A 103 3.49 -13.19 -5.98
N SER A 104 2.77 -13.21 -7.10
CA SER A 104 3.13 -14.01 -8.25
C SER A 104 4.52 -13.71 -8.80
N LYS A 105 5.13 -12.62 -8.35
CA LYS A 105 6.47 -12.26 -8.77
C LYS A 105 7.54 -12.89 -7.89
N ILE A 106 7.15 -13.46 -6.75
CA ILE A 106 8.10 -13.88 -5.73
C ILE A 106 7.75 -15.29 -5.25
N TYR A 107 7.92 -16.28 -6.14
CA TYR A 107 7.57 -17.64 -5.77
C TYR A 107 8.26 -18.11 -4.50
N PRO A 108 9.54 -17.75 -4.22
CA PRO A 108 10.12 -18.04 -2.90
C PRO A 108 10.34 -16.77 -2.06
N THR B 1 15.63 -17.94 -3.00
CA THR B 1 16.10 -16.59 -3.28
C THR B 1 16.32 -16.33 -4.77
N THR B 2 15.83 -15.19 -5.25
CA THR B 2 16.00 -14.81 -6.64
C THR B 2 16.45 -13.37 -6.73
N ARG B 3 16.94 -13.02 -7.91
CA ARG B 3 17.30 -11.66 -8.28
C ARG B 3 16.28 -11.19 -9.30
N ILE B 4 15.75 -10.00 -9.14
CA ILE B 4 14.69 -9.53 -10.03
C ILE B 4 15.10 -8.19 -10.62
N LYS B 5 14.92 -8.01 -11.94
CA LYS B 5 15.08 -6.68 -12.52
C LYS B 5 13.96 -5.79 -11.99
N ILE B 6 14.32 -4.62 -11.47
CA ILE B 6 13.38 -3.69 -10.85
C ILE B 6 12.43 -3.08 -11.85
N THR B 7 12.81 -3.05 -13.12
CA THR B 7 11.90 -2.64 -14.17
C THR B 7 10.66 -3.52 -14.22
N GLU B 8 10.75 -4.75 -13.69
CA GLU B 8 9.63 -5.68 -13.54
C GLU B 8 8.69 -5.34 -12.39
N LEU B 9 9.19 -4.67 -11.35
CA LEU B 9 8.38 -4.33 -10.18
C LEU B 9 7.82 -2.92 -10.22
N ASN B 10 8.49 -1.99 -10.88
CA ASN B 10 8.08 -0.59 -10.96
C ASN B 10 6.58 -0.39 -11.20
N PRO B 11 5.91 -1.18 -12.06
CA PRO B 11 4.45 -1.08 -12.07
C PRO B 11 3.81 -1.26 -10.68
N HIS B 12 4.23 -2.26 -9.92
CA HIS B 12 3.56 -2.51 -8.64
C HIS B 12 3.96 -1.54 -7.55
N LEU B 13 4.93 -0.65 -7.82
CA LEU B 13 5.52 0.21 -6.80
C LEU B 13 5.45 1.70 -7.16
N MET B 14 4.58 2.09 -8.09
CA MET B 14 4.60 3.45 -8.59
C MET B 14 3.20 4.05 -8.61
N CYS B 15 3.16 5.34 -8.31
CA CYS B 15 1.97 6.19 -8.29
C CYS B 15 1.67 6.70 -9.70
N VAL B 16 0.45 6.46 -10.18
CA VAL B 16 0.12 6.85 -11.54
C VAL B 16 -0.01 8.37 -11.71
N LEU B 17 -0.14 9.12 -10.64
CA LEU B 17 -0.13 10.56 -10.76
C LEU B 17 1.28 11.12 -10.75
N CYS B 18 2.12 10.61 -9.85
CA CYS B 18 3.46 11.12 -9.61
C CYS B 18 4.51 10.60 -10.60
N GLY B 19 4.20 9.51 -11.32
CA GLY B 19 5.14 8.87 -12.22
C GLY B 19 6.35 8.28 -11.53
N GLY B 20 6.30 8.24 -10.20
CA GLY B 20 7.43 7.79 -9.43
C GLY B 20 6.92 6.90 -8.32
N TYR B 21 7.85 6.46 -7.48
CA TYR B 21 7.53 5.53 -6.39
C TYR B 21 6.56 6.14 -5.36
N PHE B 22 5.88 5.25 -4.66
CA PHE B 22 4.96 5.67 -3.63
C PHE B 22 5.73 6.29 -2.47
N ILE B 23 5.32 7.47 -2.05
CA ILE B 23 5.80 8.04 -0.81
C ILE B 23 4.59 8.36 0.04
N ASP B 24 4.59 7.87 1.28
CA ASP B 24 3.43 7.88 2.15
C ASP B 24 2.22 7.24 1.44
N ALA B 25 2.38 5.96 1.10
CA ALA B 25 1.38 5.25 0.29
C ALA B 25 0.00 5.25 0.93
N THR B 26 -1.02 5.52 0.10
CA THR B 26 -2.41 5.66 0.52
C THR B 26 -3.31 4.87 -0.43
N THR B 27 -4.39 4.32 0.13
CA THR B 27 -5.22 3.33 -0.54
C THR B 27 -6.70 3.69 -0.45
N ILE B 28 -7.41 3.60 -1.56
CA ILE B 28 -8.88 3.69 -1.56
C ILE B 28 -9.43 2.34 -1.09
N ILE B 29 -10.18 2.34 0.00
CA ILE B 29 -10.62 1.09 0.60
C ILE B 29 -11.80 0.45 -0.12
N GLU B 30 -12.17 0.96 -1.29
CA GLU B 30 -13.19 0.31 -2.11
C GLU B 30 -12.62 -0.60 -3.18
N CYS B 31 -11.72 -0.06 -4.00
CA CYS B 31 -11.11 -0.77 -5.13
C CYS B 31 -9.70 -1.23 -4.87
N LEU B 32 -9.14 -0.87 -3.72
CA LEU B 32 -7.76 -1.22 -3.38
C LEU B 32 -6.79 -0.71 -4.44
N HIS B 33 -6.98 0.53 -4.83
CA HIS B 33 -6.00 1.22 -5.64
C HIS B 33 -5.21 2.17 -4.74
N SER B 34 -3.97 2.44 -5.12
CA SER B 34 -3.07 3.12 -4.23
C SER B 34 -2.24 4.17 -4.95
N PHE B 35 -1.95 5.24 -4.21
CA PHE B 35 -1.29 6.44 -4.71
C PHE B 35 -0.54 7.03 -3.54
N CYS B 36 0.39 7.94 -3.83
CA CYS B 36 1.04 8.69 -2.79
C CYS B 36 0.01 9.45 -1.98
N LYS B 37 0.29 9.66 -0.69
CA LYS B 37 -0.65 10.37 0.17
C LYS B 37 -1.01 11.72 -0.43
N THR B 38 -0.01 12.48 -0.89
CA THR B 38 -0.27 13.83 -1.40
C THR B 38 -0.95 13.79 -2.76
N CYS B 39 -0.64 12.78 -3.57
CA CYS B 39 -1.17 12.72 -4.93
C CYS B 39 -2.67 12.59 -4.91
N ILE B 40 -3.17 11.65 -4.10
CA ILE B 40 -4.59 11.35 -4.08
C ILE B 40 -5.37 12.42 -3.31
N VAL B 41 -4.77 13.03 -2.29
CA VAL B 41 -5.49 14.08 -1.59
C VAL B 41 -5.74 15.23 -2.52
N ARG B 42 -4.75 15.64 -3.30
CA ARG B 42 -4.99 16.69 -4.28
C ARG B 42 -5.98 16.22 -5.33
N TYR B 43 -5.87 14.97 -5.76
CA TYR B 43 -6.84 14.47 -6.74
C TYR B 43 -8.25 14.56 -6.19
N LEU B 44 -8.47 14.00 -5.00
CA LEU B 44 -9.82 13.97 -4.46
C LEU B 44 -10.36 15.34 -4.13
N GLU B 45 -9.56 16.39 -4.28
CA GLU B 45 -10.08 17.74 -4.13
C GLU B 45 -10.97 18.14 -5.30
N THR B 46 -10.99 17.33 -6.36
CA THR B 46 -11.72 17.65 -7.59
C THR B 46 -12.47 16.46 -8.17
N SER B 47 -12.34 15.26 -7.60
CA SER B 47 -13.12 14.13 -8.06
C SER B 47 -13.49 13.26 -6.88
N LYS B 48 -14.69 12.66 -6.94
CA LYS B 48 -15.09 11.66 -5.96
C LYS B 48 -14.98 10.24 -6.50
N TYR B 49 -14.19 10.06 -7.57
CA TYR B 49 -14.03 8.80 -8.29
C TYR B 49 -12.54 8.45 -8.48
N CYS B 50 -12.23 7.14 -8.46
CA CYS B 50 -10.84 6.66 -8.58
C CYS B 50 -10.18 7.11 -9.87
N PRO B 51 -8.94 7.54 -9.82
CA PRO B 51 -8.25 7.96 -11.06
C PRO B 51 -8.07 6.84 -12.07
N ILE B 52 -8.08 5.58 -11.63
CA ILE B 52 -7.77 4.48 -12.51
C ILE B 52 -9.01 3.66 -12.80
N CYS B 53 -9.53 2.96 -11.79
CA CYS B 53 -10.69 2.12 -12.12
C CYS B 53 -11.91 2.96 -12.40
N ASP B 54 -12.01 4.16 -11.81
CA ASP B 54 -13.10 5.13 -12.02
C ASP B 54 -14.37 4.82 -11.18
N VAL B 55 -14.25 4.11 -10.05
CA VAL B 55 -15.36 3.96 -9.09
C VAL B 55 -15.58 5.25 -8.30
N GLN B 56 -16.80 5.37 -7.74
CA GLN B 56 -17.16 6.47 -6.86
C GLN B 56 -16.65 6.17 -5.44
N VAL B 57 -15.75 7.03 -4.94
CA VAL B 57 -15.13 6.85 -3.61
C VAL B 57 -16.13 7.12 -2.52
N HIS B 58 -17.06 8.02 -2.77
CA HIS B 58 -18.08 8.45 -1.82
C HIS B 58 -19.01 9.37 -2.61
N LYS B 59 -20.27 9.47 -2.16
CA LYS B 59 -21.13 10.47 -2.80
C LYS B 59 -20.69 11.89 -2.43
N THR B 60 -20.14 12.07 -1.21
CA THR B 60 -19.95 13.40 -0.63
C THR B 60 -18.54 13.70 -0.12
N ARG B 61 -18.01 12.88 0.79
CA ARG B 61 -16.70 13.12 1.40
C ARG B 61 -15.73 12.03 0.98
N PRO B 62 -15.01 12.20 -0.14
CA PRO B 62 -14.15 11.12 -0.62
C PRO B 62 -13.09 10.71 0.38
N LEU B 63 -12.47 11.67 1.10
CA LEU B 63 -11.41 11.34 2.06
C LEU B 63 -11.86 10.36 3.13
N LEU B 64 -13.17 10.12 3.21
CA LEU B 64 -13.71 9.20 4.21
C LEU B 64 -13.29 7.77 3.93
N ASN B 65 -13.01 7.46 2.66
CA ASN B 65 -12.83 6.07 2.27
C ASN B 65 -11.45 5.81 1.66
N ILE B 66 -10.42 6.40 2.26
CA ILE B 66 -9.04 6.15 1.91
C ILE B 66 -8.25 5.99 3.21
N ARG B 67 -7.28 5.08 3.22
CA ARG B 67 -6.45 4.84 4.39
C ARG B 67 -4.98 4.80 4.00
N SER B 68 -4.10 5.17 4.95
CA SER B 68 -2.69 4.87 4.78
C SER B 68 -2.49 3.38 4.56
N ASP B 69 -1.54 3.03 3.69
CA ASP B 69 -1.13 1.65 3.44
C ASP B 69 0.32 1.56 3.87
N LYS B 70 0.54 1.37 5.16
CA LYS B 70 1.90 1.22 5.62
C LYS B 70 2.45 -0.13 5.18
N THR B 71 1.59 -1.16 5.12
CA THR B 71 2.03 -2.46 4.62
C THR B 71 2.60 -2.32 3.21
N LEU B 72 1.93 -1.55 2.37
CA LEU B 72 2.42 -1.36 1.02
C LEU B 72 3.65 -0.46 0.99
N GLN B 73 3.64 0.64 1.75
CA GLN B 73 4.79 1.56 1.74
C GLN B 73 6.05 0.90 2.25
N ASP B 74 5.93 -0.07 3.15
CA ASP B 74 7.12 -0.73 3.68
C ASP B 74 7.74 -1.63 2.63
N ILE B 75 6.91 -2.28 1.82
CA ILE B 75 7.39 -3.12 0.72
C ILE B 75 8.19 -2.28 -0.27
N VAL B 76 7.77 -1.04 -0.48
CA VAL B 76 8.49 -0.16 -1.40
C VAL B 76 9.85 0.23 -0.82
N TYR B 77 9.86 0.68 0.44
CA TYR B 77 11.10 1.13 1.06
C TYR B 77 12.14 0.02 1.12
N LYS B 78 11.68 -1.24 1.23
CA LYS B 78 12.55 -2.40 1.31
C LYS B 78 13.08 -2.84 -0.06
N LEU B 79 12.24 -2.82 -1.09
CA LEU B 79 12.68 -3.26 -2.41
C LEU B 79 13.55 -2.23 -3.10
N VAL B 80 13.25 -0.95 -2.87
CA VAL B 80 13.87 0.14 -3.62
C VAL B 80 15.06 0.67 -2.80
N PRO B 81 16.29 0.45 -3.26
CA PRO B 81 17.46 0.73 -2.41
C PRO B 81 17.62 2.22 -2.14
N GLY B 82 17.71 2.56 -0.85
CA GLY B 82 17.98 3.93 -0.48
C GLY B 82 16.88 4.91 -0.79
N LEU B 83 15.68 4.41 -1.11
CA LEU B 83 14.55 5.29 -1.32
C LEU B 83 14.19 5.97 -0.01
N PHE B 84 14.14 5.20 1.07
CA PHE B 84 13.88 5.76 2.39
C PHE B 84 14.97 6.74 2.83
N LYS B 85 16.25 6.43 2.61
CA LYS B 85 17.27 7.44 2.87
C LYS B 85 16.95 8.72 2.10
N ASN B 86 16.68 8.55 0.80
CA ASN B 86 16.51 9.70 -0.07
C ASN B 86 15.31 10.52 0.37
N GLU B 87 14.21 9.87 0.66
CA GLU B 87 13.00 10.59 1.00
C GLU B 87 13.15 11.26 2.36
N MET B 88 13.73 10.57 3.34
CA MET B 88 13.93 11.19 4.64
C MET B 88 14.89 12.35 4.55
N LYS B 89 15.97 12.20 3.77
CA LYS B 89 16.91 13.30 3.66
C LYS B 89 16.23 14.51 3.04
N ARG B 90 15.37 14.29 2.04
CA ARG B 90 14.61 15.39 1.43
C ARG B 90 13.82 16.20 2.45
N ARG B 91 13.21 15.52 3.42
CA ARG B 91 12.38 16.21 4.40
C ARG B 91 13.21 17.01 5.40
N ARG B 92 14.32 16.44 5.90
CA ARG B 92 15.21 17.23 6.75
C ARG B 92 15.68 18.48 6.03
N ASP B 93 16.18 18.31 4.79
CA ASP B 93 16.68 19.46 4.03
C ASP B 93 15.64 20.54 4.01
N PHE B 94 14.38 20.15 3.84
CA PHE B 94 13.33 21.15 3.73
C PHE B 94 13.22 21.93 5.04
N TYR B 95 13.06 21.21 6.16
CA TYR B 95 12.86 21.87 7.43
C TYR B 95 14.13 22.52 7.96
N ALA B 96 15.29 22.24 7.33
CA ALA B 96 16.48 23.02 7.59
C ALA B 96 16.42 24.37 6.91
N ALA B 97 15.59 24.51 5.88
CA ALA B 97 15.39 25.76 5.18
C ALA B 97 14.12 26.48 5.57
N HIS B 98 13.24 25.85 6.33
CA HIS B 98 11.95 26.44 6.69
C HIS B 98 11.60 26.12 8.14
N PRO B 99 12.28 26.76 9.11
CA PRO B 99 11.89 26.63 10.53
C PRO B 99 11.03 27.77 11.07
#